data_7TL1
#
_entry.id   7TL1
#
_cell.length_a   1.00
_cell.length_b   1.00
_cell.length_c   1.00
_cell.angle_alpha   90.00
_cell.angle_beta   90.00
_cell.angle_gamma   90.00
#
_symmetry.space_group_name_H-M   'P 1'
#
loop_
_entity.id
_entity.type
_entity.pdbx_description
1 polymer 'Spike glycoprotein'
2 branched 2-acetamido-2-deoxy-beta-D-glucopyranose-(1-4)-2-acetamido-2-deoxy-beta-D-glucopyranose
3 branched alpha-D-mannopyranose-(1-3)-beta-D-mannopyranose-(1-4)-2-acetamido-2-deoxy-beta-D-glucopyranose-(1-4)-2-acetamido-2-deoxy-beta-D-glucopyranose
4 non-polymer 2-acetamido-2-deoxy-beta-D-glucopyranose
#
_entity_poly.entity_id   1
_entity_poly.type   'polypeptide(L)'
_entity_poly.pdbx_seq_one_letter_code
;MFVFLVLLPLVSSQCVNLTTRTQLPPAYTNSFTRGVYYPDKVFRSSVLHSTQDLFLPFFSNVTWFHVISGTNGTKRFDNP
VLPFNDGVYFASIEKSNIIRGWIFGTTLDSKTQSLLIVNNATNVVIKVCEFQFCNDPFLDHKNNKSWMESEFRVYSSANN
CTFEYVSQPFLMDLEGKQGNFKNLREFVFKNIDGYFKIYSKHTPIIVREPEDLPQGFSALEPLVDLPIGINITRFQTLLA
LHRSYLTPGDSSSGWTAGAAAYYVGYLQPRTFLLKYNENGTITDAVDCALDPLSETKCTLKSFTVEKGIYQTSNFRVQPT
ESIVRFPNITNLCPFDEVFNATRFASVYAWNRKRISNCVADYSVLYNLAPFFTFKCYGVSPTKLNDLCFTNVYADSFVIR
GDEVRQIAPGQTGNIADYNYKLPDDFTGCVIAWNSNKLDSKVSGNYNYLYRLFRKSNLKPFERDISTEIYQAGNKPCNGV
AGFNCYFPLRSYSFRPTYGVGHQPYRVVVLSFELLHAPATVCGPKKSTNLVKNKCVNFNFNGLKGTGVLTESNKKFLPFQ
QFGRDIADTTDAVRDPQTLEILDITPCSFGGVSVITPGTNTSNQVAVLYQGVNCTEVPVAIHADQLTPTWRVYSTGSNVF
QTRAGCLIGAEYVNNSYECDIPIGAGICASYQTQTKSHGSASSVASQSIIAYTMSLGAENSVAYSNNSIAIPTNFTISVT
TEILPVSMTKTSVDCTMYICGDSTECSNLLLQYGSFCTQLKRALTGIAVEQDKNTQEVFAQVKQIYKTPPIKYFGGFNFS
QILPDPSKPSKRSFIEDLLFNKVTLADAGFIKQYGDCLGDIAARDLICAQKFKGLTVLPPLLTDEMIAQYTSALLAGTIT
SGWTFGAGAALQIPFAMQMAYRFNGIGVTQNVLYENQKLIANQFNSAIGKIQDSLSSTASALGKLQDVVNHNAQALNTLV
KQLSSKFGAISSVLNDIFSRLDKVEAEVQIDRLITGRLQSLQTYVTQQLIRAAEIRASANLAATKMSECVLGQSKRVDFC
GKGYHLMSFPQSAPHGVVFLHVTYVPAQEKNFTTAPAICHDGKAHFPREGVFVSNGTHWFVTQRNFYEPQIITTDNTFVS
GNCDVVIGIVNNTVYDPLQPELDS
;
_entity_poly.pdbx_strand_id   A,B,C
#
loop_
_chem_comp.id
_chem_comp.type
_chem_comp.name
_chem_comp.formula
BMA D-saccharide, beta linking beta-D-mannopyranose 'C6 H12 O6'
MAN D-saccharide, alpha linking alpha-D-mannopyranose 'C6 H12 O6'
NAG D-saccharide, beta linking 2-acetamido-2-deoxy-beta-D-glucopyranose 'C8 H15 N O6'
#
# COMPACT_ATOMS: atom_id res chain seq x y z
N ALA A 27 -10.70 10.26 -57.91
CA ALA A 27 -11.60 9.17 -57.54
C ALA A 27 -11.29 8.66 -56.14
N TYR A 28 -12.32 8.52 -55.31
CA TYR A 28 -12.17 8.12 -53.93
C TYR A 28 -13.19 7.04 -53.59
N THR A 29 -12.85 6.19 -52.63
CA THR A 29 -13.77 5.17 -52.14
C THR A 29 -13.43 4.86 -50.69
N ASN A 30 -14.19 3.92 -50.12
CA ASN A 30 -14.09 3.59 -48.70
C ASN A 30 -13.05 2.51 -48.47
N SER A 31 -12.34 2.61 -47.34
CA SER A 31 -11.30 1.65 -46.99
C SER A 31 -11.84 0.43 -46.25
N PHE A 32 -13.00 0.56 -45.61
CA PHE A 32 -13.71 -0.49 -44.83
C PHE A 32 -12.79 -0.92 -43.69
N THR A 33 -12.63 -2.22 -43.43
CA THR A 33 -11.85 -2.71 -42.30
C THR A 33 -10.50 -3.27 -42.71
N ARG A 34 -9.99 -2.86 -43.86
CA ARG A 34 -8.70 -3.35 -44.33
C ARG A 34 -7.55 -2.61 -43.62
N GLY A 35 -6.36 -3.16 -43.77
CA GLY A 35 -5.17 -2.55 -43.20
C GLY A 35 -4.69 -3.16 -41.90
N VAL A 36 -5.16 -4.36 -41.54
CA VAL A 36 -4.76 -5.02 -40.31
C VAL A 36 -3.65 -6.01 -40.63
N TYR A 37 -2.49 -5.83 -39.97
CA TYR A 37 -1.35 -6.69 -40.16
C TYR A 37 -0.84 -7.15 -38.79
N TYR A 38 -0.07 -8.23 -38.80
CA TYR A 38 0.52 -8.73 -37.56
C TYR A 38 1.63 -7.80 -37.12
N PRO A 39 1.55 -7.19 -35.94
CA PRO A 39 2.62 -6.28 -35.51
C PRO A 39 3.84 -6.98 -34.93
N ASP A 40 3.78 -8.29 -34.71
CA ASP A 40 4.89 -9.03 -34.15
C ASP A 40 4.78 -10.48 -34.57
N LYS A 41 5.90 -11.20 -34.46
CA LYS A 41 6.00 -12.59 -34.90
C LYS A 41 5.84 -13.57 -33.75
N VAL A 42 4.99 -13.26 -32.78
CA VAL A 42 4.79 -14.09 -31.59
C VAL A 42 3.42 -14.74 -31.70
N PHE A 43 3.37 -16.04 -31.42
CA PHE A 43 2.11 -16.78 -31.48
C PHE A 43 1.28 -16.48 -30.24
N ARG A 44 0.11 -15.88 -30.45
CA ARG A 44 -0.88 -15.65 -29.41
C ARG A 44 -2.19 -16.24 -29.86
N SER A 45 -2.85 -16.97 -28.95
CA SER A 45 -4.10 -17.65 -29.28
C SER A 45 -5.17 -17.31 -28.24
N SER A 46 -6.34 -16.91 -28.74
CA SER A 46 -7.54 -16.62 -27.94
C SER A 46 -7.28 -15.52 -26.91
N VAL A 47 -6.96 -14.33 -27.41
CA VAL A 47 -6.60 -13.22 -26.53
C VAL A 47 -6.93 -11.91 -27.26
N LEU A 48 -7.40 -10.93 -26.49
CA LEU A 48 -7.57 -9.57 -26.99
C LEU A 48 -6.32 -8.79 -26.64
N HIS A 49 -5.48 -8.51 -27.64
CA HIS A 49 -4.21 -7.83 -27.43
C HIS A 49 -4.29 -6.41 -27.96
N SER A 50 -3.87 -5.45 -27.13
CA SER A 50 -3.85 -4.04 -27.51
C SER A 50 -2.46 -3.66 -27.98
N THR A 51 -2.39 -3.04 -29.15
CA THR A 51 -1.14 -2.61 -29.75
C THR A 51 -1.24 -1.16 -30.19
N GLN A 52 -0.09 -0.54 -30.44
CA GLN A 52 -0.02 0.85 -30.88
C GLN A 52 1.00 0.92 -31.99
N ASP A 53 0.54 1.18 -33.22
CA ASP A 53 1.43 1.11 -34.38
C ASP A 53 0.82 1.94 -35.51
N LEU A 54 1.56 2.04 -36.61
CA LEU A 54 1.08 2.71 -37.81
C LEU A 54 0.11 1.76 -38.52
N PHE A 55 -1.18 2.01 -38.36
CA PHE A 55 -2.22 1.20 -38.97
C PHE A 55 -3.04 2.05 -39.93
N LEU A 56 -3.75 1.38 -40.83
CA LEU A 56 -4.75 2.05 -41.64
C LEU A 56 -6.01 2.24 -40.81
N PRO A 57 -6.50 3.47 -40.64
CA PRO A 57 -7.72 3.69 -39.86
C PRO A 57 -8.94 3.11 -40.54
N PHE A 58 -9.89 2.67 -39.72
CA PHE A 58 -11.14 2.13 -40.25
C PHE A 58 -11.96 3.23 -40.89
N PHE A 59 -12.57 2.90 -42.04
CA PHE A 59 -13.42 3.78 -42.83
C PHE A 59 -12.71 5.06 -43.23
N SER A 60 -11.43 4.95 -43.57
CA SER A 60 -10.68 6.05 -44.15
C SER A 60 -11.00 6.13 -45.65
N ASN A 61 -10.36 7.04 -46.36
CA ASN A 61 -10.85 7.42 -47.68
C ASN A 61 -9.72 7.20 -48.67
N VAL A 62 -9.78 6.08 -49.39
CA VAL A 62 -8.66 5.61 -50.22
C VAL A 62 -8.84 6.07 -51.65
N THR A 63 -7.73 6.42 -52.29
CA THR A 63 -7.77 6.89 -53.68
C THR A 63 -7.80 5.69 -54.62
N TRP A 64 -8.67 5.76 -55.62
CA TRP A 64 -8.87 4.65 -56.56
C TRP A 64 -8.39 5.06 -57.94
N PHE A 65 -7.57 4.20 -58.56
CA PHE A 65 -7.10 4.39 -59.91
C PHE A 65 -7.44 3.16 -60.74
N HIS A 66 -7.77 3.37 -62.01
CA HIS A 66 -8.13 2.30 -62.93
C HIS A 66 -7.10 2.25 -64.06
N VAL A 67 -6.73 1.03 -64.44
CA VAL A 67 -5.72 0.83 -65.47
C VAL A 67 -6.36 1.04 -66.84
N ILE A 68 -5.86 2.03 -67.59
CA ILE A 68 -6.36 2.31 -68.91
C ILE A 68 -5.39 1.78 -69.96
N ASP A 78 -1.76 5.42 -66.40
CA ASP A 78 -2.34 5.96 -65.19
C ASP A 78 -1.49 5.59 -63.97
N ASN A 79 -0.28 6.10 -63.92
CA ASN A 79 0.62 5.90 -62.78
C ASN A 79 1.21 7.23 -62.32
N PRO A 80 0.42 8.05 -61.62
CA PRO A 80 0.93 9.34 -61.15
C PRO A 80 1.84 9.16 -59.94
N VAL A 81 2.72 10.15 -59.76
CA VAL A 81 3.63 10.15 -58.63
C VAL A 81 2.86 10.53 -57.37
N LEU A 82 2.93 9.69 -56.34
CA LEU A 82 2.15 9.94 -55.14
C LEU A 82 3.06 10.07 -53.92
N PRO A 83 2.72 10.91 -52.96
CA PRO A 83 3.51 11.01 -51.73
C PRO A 83 3.39 9.75 -50.89
N PHE A 84 4.47 9.44 -50.17
CA PHE A 84 4.55 8.21 -49.39
C PHE A 84 3.94 8.35 -48.00
N ASN A 85 3.97 9.58 -47.44
CA ASN A 85 3.64 9.89 -46.05
C ASN A 85 4.43 9.01 -45.08
N ASP A 86 3.76 8.42 -44.10
CA ASP A 86 4.40 7.52 -43.16
C ASP A 86 4.15 6.05 -43.46
N GLY A 87 3.40 5.75 -44.52
CA GLY A 87 3.14 4.37 -44.91
C GLY A 87 2.07 4.29 -45.97
N VAL A 88 2.10 3.23 -46.78
CA VAL A 88 1.16 3.07 -47.89
C VAL A 88 0.51 1.70 -47.81
N TYR A 89 -0.82 1.66 -47.78
CA TYR A 89 -1.60 0.46 -48.05
C TYR A 89 -1.95 0.46 -49.53
N PHE A 90 -1.43 -0.51 -50.26
CA PHE A 90 -1.64 -0.65 -51.70
C PHE A 90 -2.47 -1.90 -51.94
N ALA A 91 -3.64 -1.73 -52.56
CA ALA A 91 -4.51 -2.86 -52.88
C ALA A 91 -4.71 -2.92 -54.38
N SER A 92 -4.52 -4.11 -54.96
CA SER A 92 -4.63 -4.29 -56.40
C SER A 92 -5.61 -5.41 -56.69
N ILE A 93 -6.64 -5.10 -57.47
CA ILE A 93 -7.59 -6.09 -57.96
C ILE A 93 -7.27 -6.33 -59.43
N GLU A 94 -6.78 -7.53 -59.74
CA GLU A 94 -6.28 -7.87 -61.06
C GLU A 94 -6.50 -9.35 -61.33
N LYS A 95 -6.31 -9.73 -62.58
CA LYS A 95 -6.20 -11.14 -62.95
C LYS A 95 -5.03 -11.44 -63.89
N SER A 96 -4.51 -10.45 -64.61
CA SER A 96 -3.42 -10.65 -65.55
C SER A 96 -2.09 -10.08 -65.05
N ASN A 97 -2.05 -9.56 -63.82
CA ASN A 97 -0.86 -8.98 -63.18
C ASN A 97 -0.29 -7.82 -64.01
N ILE A 98 -1.11 -6.77 -64.15
CA ILE A 98 -0.66 -5.58 -64.86
C ILE A 98 0.39 -4.84 -64.05
N ILE A 99 0.17 -4.70 -62.74
CA ILE A 99 1.13 -4.04 -61.87
C ILE A 99 2.29 -4.99 -61.62
N ARG A 100 3.51 -4.52 -61.93
CA ARG A 100 4.71 -5.34 -61.77
C ARG A 100 5.59 -4.91 -60.60
N GLY A 101 5.44 -3.69 -60.09
CA GLY A 101 6.25 -3.27 -58.98
C GLY A 101 6.12 -1.78 -58.71
N TRP A 102 7.07 -1.26 -57.96
CA TRP A 102 7.04 0.12 -57.50
C TRP A 102 8.42 0.73 -57.58
N ILE A 103 8.45 2.06 -57.60
CA ILE A 103 9.67 2.83 -57.47
C ILE A 103 9.48 3.84 -56.34
N PHE A 104 10.47 3.97 -55.47
CA PHE A 104 10.42 4.82 -54.30
C PHE A 104 11.56 5.84 -54.37
N GLY A 105 11.40 6.92 -53.63
CA GLY A 105 12.49 7.88 -53.49
C GLY A 105 11.96 9.28 -53.34
N THR A 106 12.91 10.21 -53.16
CA THR A 106 12.56 11.61 -52.97
C THR A 106 12.51 12.38 -54.28
N THR A 107 13.60 12.39 -55.03
CA THR A 107 13.68 13.18 -56.26
C THR A 107 13.56 12.36 -57.53
N LEU A 108 14.08 11.12 -57.53
CA LEU A 108 13.88 10.13 -58.59
C LEU A 108 14.42 10.60 -59.95
N ASP A 109 15.53 11.34 -59.97
CA ASP A 109 16.10 11.82 -61.22
C ASP A 109 17.61 11.69 -61.21
N SER A 110 18.11 10.54 -60.71
CA SER A 110 19.53 10.20 -60.63
C SER A 110 20.34 11.21 -59.83
N LYS A 111 19.74 11.80 -58.80
CA LYS A 111 20.44 12.73 -57.91
C LYS A 111 20.60 12.20 -56.50
N THR A 112 19.86 11.16 -56.11
CA THR A 112 19.99 10.54 -54.80
C THR A 112 19.53 9.10 -54.91
N GLN A 113 19.38 8.44 -53.77
CA GLN A 113 18.97 7.04 -53.74
C GLN A 113 17.52 6.88 -54.17
N SER A 114 17.21 5.72 -54.75
CA SER A 114 15.86 5.44 -55.25
C SER A 114 15.65 3.94 -55.23
N LEU A 115 14.78 3.48 -54.32
CA LEU A 115 14.47 2.06 -54.24
C LEU A 115 13.56 1.65 -55.39
N LEU A 116 13.90 0.54 -56.04
CA LEU A 116 13.15 0.01 -57.17
C LEU A 116 12.86 -1.46 -56.93
N ILE A 117 11.58 -1.83 -56.93
CA ILE A 117 11.14 -3.21 -56.71
C ILE A 117 10.37 -3.66 -57.94
N VAL A 118 10.89 -4.65 -58.65
CA VAL A 118 10.28 -5.19 -59.86
C VAL A 118 10.05 -6.68 -59.66
N ASN A 119 8.90 -7.17 -60.11
CA ASN A 119 8.63 -8.60 -60.20
C ASN A 119 8.13 -8.92 -61.59
N ASN A 120 8.76 -9.89 -62.25
CA ASN A 120 8.38 -10.30 -63.60
C ASN A 120 7.87 -11.74 -63.61
N ALA A 121 7.20 -12.13 -62.51
CA ALA A 121 6.59 -13.44 -62.25
C ALA A 121 7.58 -14.60 -62.19
N THR A 122 8.89 -14.32 -62.27
CA THR A 122 9.92 -15.32 -62.08
C THR A 122 10.84 -14.96 -60.91
N ASN A 123 11.39 -13.74 -60.89
CA ASN A 123 12.32 -13.32 -59.86
C ASN A 123 11.97 -11.91 -59.41
N VAL A 124 12.19 -11.65 -58.12
CA VAL A 124 11.97 -10.33 -57.53
C VAL A 124 13.30 -9.60 -57.45
N VAL A 125 13.36 -8.41 -58.02
CA VAL A 125 14.57 -7.60 -58.06
C VAL A 125 14.33 -6.36 -57.21
N ILE A 126 15.17 -6.15 -56.21
CA ILE A 126 15.12 -4.97 -55.35
C ILE A 126 16.48 -4.29 -55.46
N LYS A 127 16.49 -3.03 -55.89
CA LYS A 127 17.73 -2.29 -56.08
C LYS A 127 17.60 -0.91 -55.45
N VAL A 128 18.76 -0.33 -55.13
CA VAL A 128 18.84 1.03 -54.59
C VAL A 128 19.55 1.96 -55.56
N CYS A 129 19.65 1.55 -56.83
CA CYS A 129 20.42 2.29 -57.82
C CYS A 129 19.76 3.63 -58.16
N GLU A 130 20.58 4.65 -58.33
CA GLU A 130 20.07 5.99 -58.59
C GLU A 130 19.47 6.14 -59.98
N PHE A 131 19.85 5.27 -60.93
CA PHE A 131 19.39 5.38 -62.30
C PHE A 131 17.89 5.13 -62.39
N GLN A 132 17.22 5.91 -63.26
CA GLN A 132 15.79 5.73 -63.46
C GLN A 132 15.50 4.39 -64.11
N PHE A 133 16.21 4.08 -65.21
CA PHE A 133 16.27 2.76 -65.86
C PHE A 133 14.88 2.27 -66.27
N CYS A 134 14.07 3.17 -66.82
CA CYS A 134 12.70 2.84 -67.20
C CYS A 134 12.65 2.18 -68.57
N ASN A 135 13.40 1.09 -68.75
CA ASN A 135 13.36 0.32 -69.99
C ASN A 135 13.20 -1.17 -69.71
N ASP A 136 12.28 -1.79 -70.46
CA ASP A 136 11.84 -3.15 -70.24
C ASP A 136 11.10 -3.59 -71.50
N PRO A 137 10.70 -4.86 -71.60
CA PRO A 137 9.66 -5.20 -72.59
C PRO A 137 8.33 -4.51 -72.36
N PHE A 138 8.02 -4.09 -71.14
CA PHE A 138 6.83 -3.32 -70.83
C PHE A 138 7.20 -1.88 -70.52
N LEU A 139 6.30 -0.95 -70.85
CA LEU A 139 6.57 0.46 -70.65
C LEU A 139 6.41 0.83 -69.18
N ASP A 140 7.34 1.64 -68.68
CA ASP A 140 7.30 2.10 -67.29
C ASP A 140 6.80 3.54 -67.20
N ASN A 160 26.58 2.85 -55.78
CA ASN A 160 25.34 3.36 -56.34
C ASN A 160 24.26 2.30 -56.17
N CYS A 161 24.58 1.08 -56.57
CA CYS A 161 23.76 -0.10 -56.27
C CYS A 161 24.36 -0.80 -55.05
N THR A 162 24.28 -0.11 -53.90
CA THR A 162 24.90 -0.58 -52.67
C THR A 162 24.15 -1.77 -52.07
N PHE A 163 22.91 -2.01 -52.47
CA PHE A 163 22.12 -3.13 -51.98
C PHE A 163 21.30 -3.69 -53.12
N GLU A 164 21.51 -4.97 -53.43
CA GLU A 164 20.73 -5.68 -54.44
C GLU A 164 20.19 -6.95 -53.83
N TYR A 165 18.89 -7.18 -53.98
CA TYR A 165 18.24 -8.37 -53.44
C TYR A 165 17.45 -9.04 -54.56
N VAL A 166 17.83 -10.28 -54.87
CA VAL A 166 17.18 -11.06 -55.93
C VAL A 166 16.57 -12.29 -55.29
N SER A 167 15.26 -12.47 -55.48
CA SER A 167 14.55 -13.62 -54.93
C SER A 167 13.40 -14.03 -55.86
N PHE A 181 -9.86 -9.62 -62.29
CA PHE A 181 -10.41 -9.10 -61.04
C PHE A 181 -10.59 -10.20 -60.01
N LYS A 182 -10.13 -11.41 -60.34
CA LYS A 182 -10.28 -12.54 -59.45
C LYS A 182 -9.18 -12.63 -58.39
N ASN A 183 -8.18 -11.75 -58.44
CA ASN A 183 -7.07 -11.78 -57.50
C ASN A 183 -6.95 -10.42 -56.81
N LEU A 184 -6.95 -10.42 -55.48
CA LEU A 184 -6.76 -9.20 -54.70
C LEU A 184 -5.45 -9.32 -53.93
N ARG A 185 -4.55 -8.38 -54.15
CA ARG A 185 -3.24 -8.36 -53.51
C ARG A 185 -3.13 -7.12 -52.65
N GLU A 186 -2.88 -7.30 -51.36
CA GLU A 186 -2.79 -6.21 -50.41
C GLU A 186 -1.37 -6.13 -49.86
N PHE A 187 -0.82 -4.92 -49.83
CA PHE A 187 0.53 -4.69 -49.37
C PHE A 187 0.56 -3.49 -48.43
N VAL A 188 1.44 -3.56 -47.44
CA VAL A 188 1.71 -2.44 -46.54
C VAL A 188 3.20 -2.14 -46.61
N PHE A 189 3.53 -0.90 -46.98
CA PHE A 189 4.91 -0.44 -47.02
C PHE A 189 5.11 0.61 -45.94
N LYS A 190 6.10 0.40 -45.07
CA LYS A 190 6.42 1.43 -44.11
C LYS A 190 7.91 1.47 -43.83
N ASN A 191 8.46 2.67 -43.70
CA ASN A 191 9.89 2.87 -43.53
C ASN A 191 10.14 3.44 -42.14
N ILE A 192 10.66 2.60 -41.24
CA ILE A 192 10.90 2.98 -39.85
C ILE A 192 12.35 2.70 -39.51
N ASP A 193 13.08 3.75 -39.07
CA ASP A 193 14.44 3.67 -38.55
C ASP A 193 15.42 3.08 -39.56
N GLY A 194 15.25 3.45 -40.83
CA GLY A 194 16.09 2.90 -41.89
C GLY A 194 15.72 1.51 -42.34
N TYR A 195 14.64 0.94 -41.82
CA TYR A 195 14.19 -0.39 -42.19
C TYR A 195 12.89 -0.27 -42.98
N PHE A 196 12.90 -0.79 -44.20
CA PHE A 196 11.72 -0.84 -45.05
C PHE A 196 11.01 -2.16 -44.82
N LYS A 197 9.77 -2.10 -44.36
CA LYS A 197 8.97 -3.27 -44.04
C LYS A 197 7.83 -3.39 -45.04
N ILE A 198 7.75 -4.57 -45.66
CA ILE A 198 6.74 -4.89 -46.66
C ILE A 198 5.93 -6.06 -46.14
N TYR A 199 4.63 -5.83 -45.96
CA TYR A 199 3.68 -6.83 -45.49
C TYR A 199 2.76 -7.19 -46.65
N SER A 200 2.53 -8.48 -46.86
CA SER A 200 1.84 -8.94 -48.06
C SER A 200 0.70 -9.90 -47.71
N LYS A 201 -0.33 -9.88 -48.55
CA LYS A 201 -1.44 -10.82 -48.47
C LYS A 201 -2.06 -10.96 -49.85
N HIS A 202 -2.48 -12.17 -50.20
CA HIS A 202 -3.11 -12.45 -51.48
C HIS A 202 -4.38 -13.25 -51.24
N THR A 203 -5.43 -12.94 -52.01
CA THR A 203 -6.68 -13.69 -51.85
C THR A 203 -7.44 -13.80 -53.17
N PRO A 204 -8.10 -14.94 -53.40
CA PRO A 204 -9.04 -15.05 -54.53
C PRO A 204 -10.42 -14.57 -54.14
N ILE A 205 -10.86 -13.47 -54.74
CA ILE A 205 -12.20 -12.94 -54.52
C ILE A 205 -12.78 -12.53 -55.86
N ILE A 206 -14.05 -12.86 -56.08
CA ILE A 206 -14.77 -12.50 -57.30
C ILE A 206 -15.82 -11.48 -56.93
N VAL A 207 -15.70 -10.28 -57.49
CA VAL A 207 -16.59 -9.16 -57.18
C VAL A 207 -17.30 -8.74 -58.46
N ARG A 208 -18.59 -8.41 -58.33
CA ARG A 208 -19.38 -8.04 -59.50
C ARG A 208 -18.99 -6.68 -60.06
N GLU A 209 -18.50 -5.76 -59.22
CA GLU A 209 -18.01 -4.49 -59.73
C GLU A 209 -16.71 -4.09 -59.02
N PRO A 210 -15.65 -3.80 -59.78
CA PRO A 210 -14.38 -3.39 -59.14
C PRO A 210 -14.30 -1.88 -58.88
N GLU A 211 -15.44 -1.18 -58.97
CA GLU A 211 -15.45 0.26 -58.75
C GLU A 211 -15.23 0.60 -57.28
N ASP A 212 -15.59 -0.31 -56.37
CA ASP A 212 -15.47 -0.07 -54.94
C ASP A 212 -14.61 -1.15 -54.30
N LEU A 213 -14.01 -0.80 -53.17
CA LEU A 213 -13.15 -1.72 -52.45
C LEU A 213 -14.00 -2.81 -51.78
N PRO A 214 -13.58 -4.07 -51.84
CA PRO A 214 -14.41 -5.15 -51.29
C PRO A 214 -14.44 -5.13 -49.77
N GLN A 215 -15.62 -5.42 -49.22
CA GLN A 215 -15.85 -5.36 -47.80
C GLN A 215 -15.50 -6.69 -47.14
N GLY A 216 -14.72 -6.63 -46.09
CA GLY A 216 -14.30 -7.83 -45.38
C GLY A 216 -13.16 -7.52 -44.43
N PHE A 217 -12.66 -8.58 -43.81
CA PHE A 217 -11.54 -8.48 -42.88
C PHE A 217 -10.45 -9.44 -43.30
N SER A 218 -9.22 -8.94 -43.36
CA SER A 218 -8.07 -9.76 -43.73
C SER A 218 -6.86 -9.34 -42.91
N ALA A 219 -6.03 -10.33 -42.58
CA ALA A 219 -4.80 -10.11 -41.83
C ALA A 219 -3.61 -10.27 -42.76
N LEU A 220 -2.68 -9.31 -42.70
CA LEU A 220 -1.53 -9.27 -43.60
C LEU A 220 -0.30 -9.77 -42.86
N GLU A 221 0.28 -10.86 -43.35
CA GLU A 221 1.47 -11.43 -42.76
C GLU A 221 2.72 -10.67 -43.18
N PRO A 222 3.73 -10.57 -42.31
CA PRO A 222 4.97 -9.89 -42.70
C PRO A 222 5.79 -10.72 -43.68
N LEU A 223 6.32 -10.05 -44.70
CA LEU A 223 7.10 -10.72 -45.73
C LEU A 223 8.55 -10.27 -45.78
N VAL A 224 8.82 -8.97 -45.96
CA VAL A 224 10.15 -8.50 -46.33
C VAL A 224 10.58 -7.40 -45.36
N ASP A 225 11.81 -7.50 -44.84
CA ASP A 225 12.45 -6.41 -44.11
C ASP A 225 13.78 -6.10 -44.78
N LEU A 226 14.02 -4.82 -45.07
CA LEU A 226 15.21 -4.39 -45.77
C LEU A 226 15.93 -3.30 -44.98
N PRO A 227 17.24 -3.42 -44.75
CA PRO A 227 18.01 -2.33 -44.11
C PRO A 227 18.60 -1.36 -45.13
N ILE A 228 17.73 -0.75 -45.94
CA ILE A 228 18.21 0.12 -47.01
C ILE A 228 18.67 1.47 -46.45
N GLY A 229 17.93 2.02 -45.48
CA GLY A 229 18.26 3.33 -44.93
C GLY A 229 18.14 4.49 -45.90
N ILE A 230 17.03 4.54 -46.64
CA ILE A 230 16.82 5.54 -47.68
C ILE A 230 15.64 6.42 -47.27
N ASN A 231 15.84 7.74 -47.31
CA ASN A 231 14.74 8.68 -47.18
C ASN A 231 13.79 8.53 -48.36
N ILE A 232 12.53 8.21 -48.08
CA ILE A 232 11.53 7.94 -49.10
C ILE A 232 10.32 8.84 -48.84
N THR A 233 10.01 9.71 -49.81
CA THR A 233 8.86 10.60 -49.72
C THR A 233 7.85 10.41 -50.84
N ARG A 234 8.27 9.94 -52.01
CA ARG A 234 7.37 9.73 -53.13
C ARG A 234 7.53 8.30 -53.65
N PHE A 235 6.49 7.83 -54.33
CA PHE A 235 6.49 6.51 -54.92
C PHE A 235 5.58 6.51 -56.15
N GLN A 236 5.79 5.50 -56.99
CA GLN A 236 5.02 5.35 -58.22
C GLN A 236 4.96 3.89 -58.61
N THR A 237 3.77 3.40 -58.94
CA THR A 237 3.61 2.04 -59.39
C THR A 237 4.00 1.91 -60.85
N LEU A 238 4.28 0.67 -61.27
CA LEU A 238 4.68 0.36 -62.64
C LEU A 238 3.67 -0.60 -63.25
N LEU A 239 3.43 -0.45 -64.54
CA LEU A 239 2.43 -1.23 -65.25
C LEU A 239 3.06 -2.04 -66.37
N ALA A 240 2.37 -3.12 -66.75
CA ALA A 240 2.81 -3.98 -67.84
C ALA A 240 2.02 -3.60 -69.10
N LEU A 241 2.74 -3.12 -70.12
CA LEU A 241 2.12 -2.64 -71.35
C LEU A 241 2.75 -3.33 -72.55
N HIS A 242 1.93 -3.57 -73.57
CA HIS A 242 2.41 -4.17 -74.82
C HIS A 242 1.71 -3.54 -76.01
N ALA A 260 -8.52 -4.69 -63.74
CA ALA A 260 -7.24 -4.20 -63.22
C ALA A 260 -7.40 -2.80 -62.64
N ALA A 261 -7.33 -2.69 -61.31
CA ALA A 261 -7.44 -1.41 -60.64
C ALA A 261 -6.67 -1.47 -59.33
N TYR A 262 -6.37 -0.30 -58.77
CA TYR A 262 -5.65 -0.28 -57.51
C TYR A 262 -6.12 0.88 -56.64
N TYR A 263 -5.83 0.76 -55.35
CA TYR A 263 -6.27 1.68 -54.31
C TYR A 263 -5.07 2.00 -53.42
N VAL A 264 -4.93 3.28 -53.10
CA VAL A 264 -3.84 3.79 -52.28
C VAL A 264 -4.42 4.41 -51.03
N GLY A 265 -3.95 3.97 -49.86
CA GLY A 265 -4.32 4.58 -48.61
C GLY A 265 -3.08 4.87 -47.77
N TYR A 266 -3.23 5.79 -46.84
CA TYR A 266 -2.12 6.26 -46.01
C TYR A 266 -2.35 5.85 -44.56
N LEU A 267 -1.26 5.44 -43.91
CA LEU A 267 -1.32 4.93 -42.55
C LEU A 267 -1.18 6.05 -41.53
N GLN A 268 -1.74 5.82 -40.35
CA GLN A 268 -1.71 6.75 -39.25
C GLN A 268 -1.31 6.04 -37.97
N PRO A 269 -0.68 6.74 -37.02
CA PRO A 269 -0.38 6.12 -35.72
C PRO A 269 -1.65 5.91 -34.89
N ARG A 270 -2.06 4.65 -34.73
CA ARG A 270 -3.31 4.33 -34.07
C ARG A 270 -3.09 3.21 -33.05
N THR A 271 -3.98 3.19 -32.07
CA THR A 271 -4.07 2.10 -31.10
C THR A 271 -5.16 1.15 -31.55
N PHE A 272 -4.83 -0.13 -31.64
CA PHE A 272 -5.75 -1.15 -32.12
C PHE A 272 -5.92 -2.24 -31.07
N LEU A 273 -7.06 -2.92 -31.13
CA LEU A 273 -7.35 -4.08 -30.29
C LEU A 273 -7.59 -5.26 -31.22
N LEU A 274 -6.66 -6.21 -31.22
CA LEU A 274 -6.71 -7.36 -32.12
C LEU A 274 -7.21 -8.59 -31.37
N LYS A 275 -8.06 -9.37 -32.02
CA LYS A 275 -8.62 -10.58 -31.43
C LYS A 275 -7.93 -11.79 -32.06
N TYR A 276 -7.03 -12.41 -31.29
CA TYR A 276 -6.41 -13.64 -31.72
C TYR A 276 -7.29 -14.82 -31.35
N ASN A 277 -7.71 -15.59 -32.37
CA ASN A 277 -8.61 -16.71 -32.17
C ASN A 277 -7.87 -17.97 -31.71
N GLU A 278 -8.53 -19.12 -31.76
CA GLU A 278 -7.90 -20.38 -31.40
C GLU A 278 -6.77 -20.74 -32.36
N ASN A 279 -6.90 -20.38 -33.64
CA ASN A 279 -5.86 -20.61 -34.62
C ASN A 279 -4.69 -19.64 -34.52
N GLY A 280 -4.83 -18.56 -33.76
CA GLY A 280 -3.83 -17.51 -33.74
C GLY A 280 -4.02 -16.44 -34.80
N THR A 281 -5.04 -16.57 -35.65
CA THR A 281 -5.29 -15.61 -36.71
C THR A 281 -6.09 -14.43 -36.17
N ILE A 282 -5.68 -13.22 -36.56
CA ILE A 282 -6.44 -12.03 -36.19
C ILE A 282 -7.76 -12.05 -36.97
N THR A 283 -8.85 -12.40 -36.28
CA THR A 283 -10.15 -12.48 -36.93
C THR A 283 -10.94 -11.19 -36.85
N ASP A 284 -10.60 -10.30 -35.92
CA ASP A 284 -11.29 -9.03 -35.80
C ASP A 284 -10.36 -8.02 -35.14
N ALA A 285 -10.63 -6.75 -35.40
CA ALA A 285 -9.85 -5.66 -34.83
C ALA A 285 -10.76 -4.48 -34.55
N VAL A 286 -10.41 -3.72 -33.52
CA VAL A 286 -11.15 -2.52 -33.12
C VAL A 286 -10.19 -1.35 -33.13
N ASP A 287 -10.51 -0.32 -33.91
CA ASP A 287 -9.74 0.92 -33.92
C ASP A 287 -10.20 1.77 -32.74
N CYS A 288 -9.27 2.09 -31.84
CA CYS A 288 -9.62 2.85 -30.64
C CYS A 288 -9.90 4.32 -30.91
N ALA A 289 -9.58 4.80 -32.11
CA ALA A 289 -9.82 6.20 -32.47
C ALA A 289 -10.83 6.34 -33.62
N LEU A 290 -11.92 5.58 -33.58
CA LEU A 290 -12.97 5.67 -34.58
C LEU A 290 -14.22 6.38 -34.06
N ASP A 291 -14.76 5.94 -32.93
CA ASP A 291 -15.95 6.53 -32.35
C ASP A 291 -15.94 6.24 -30.85
N PRO A 292 -16.77 6.95 -30.06
CA PRO A 292 -16.80 6.68 -28.60
C PRO A 292 -17.19 5.25 -28.22
N LEU A 293 -17.96 4.54 -29.06
CA LEU A 293 -18.26 3.14 -28.77
C LEU A 293 -16.99 2.28 -28.82
N SER A 294 -16.14 2.48 -29.83
CA SER A 294 -14.90 1.71 -29.89
C SER A 294 -13.89 2.20 -28.88
N GLU A 295 -13.95 3.48 -28.50
CA GLU A 295 -13.11 3.96 -27.39
C GLU A 295 -13.51 3.31 -26.08
N THR A 296 -14.82 3.14 -25.85
CA THR A 296 -15.30 2.41 -24.69
C THR A 296 -14.89 0.93 -24.75
N LYS A 297 -14.93 0.34 -25.94
CA LYS A 297 -14.50 -1.04 -26.13
C LYS A 297 -13.01 -1.21 -25.81
N CYS A 298 -12.19 -0.24 -26.20
CA CYS A 298 -10.76 -0.31 -25.93
C CYS A 298 -10.45 -0.07 -24.46
N THR A 299 -11.21 0.82 -23.81
CA THR A 299 -10.97 1.04 -22.38
C THR A 299 -11.46 -0.13 -21.54
N LEU A 300 -12.52 -0.82 -21.98
CA LEU A 300 -12.97 -2.01 -21.27
C LEU A 300 -12.22 -3.27 -21.68
N LYS A 301 -11.39 -3.19 -22.74
CA LYS A 301 -10.65 -4.33 -23.31
C LYS A 301 -11.57 -5.49 -23.66
N SER A 302 -12.69 -5.17 -24.29
CA SER A 302 -13.68 -6.18 -24.64
C SER A 302 -14.34 -5.79 -25.96
N PHE A 303 -14.92 -6.80 -26.62
CA PHE A 303 -15.65 -6.58 -27.86
C PHE A 303 -17.14 -6.37 -27.65
N THR A 304 -17.68 -6.78 -26.50
CA THR A 304 -19.07 -6.61 -26.16
C THR A 304 -19.18 -5.66 -24.97
N VAL A 305 -19.97 -4.60 -25.12
CA VAL A 305 -20.14 -3.59 -24.09
C VAL A 305 -21.59 -3.67 -23.60
N GLU A 306 -21.75 -3.86 -22.30
CA GLU A 306 -23.07 -3.98 -21.70
C GLU A 306 -23.68 -2.59 -21.47
N LYS A 307 -24.92 -2.59 -20.98
CA LYS A 307 -25.67 -1.35 -20.80
C LYS A 307 -25.14 -0.57 -19.59
N GLY A 308 -24.96 0.73 -19.76
CA GLY A 308 -24.61 1.59 -18.66
C GLY A 308 -23.81 2.80 -19.12
N ILE A 309 -23.23 3.48 -18.13
CA ILE A 309 -22.37 4.63 -18.34
C ILE A 309 -20.94 4.22 -17.97
N TYR A 310 -19.99 4.54 -18.84
CA TYR A 310 -18.60 4.16 -18.65
C TYR A 310 -17.70 5.38 -18.77
N GLN A 311 -16.71 5.48 -17.89
CA GLN A 311 -15.70 6.51 -18.00
C GLN A 311 -14.60 6.04 -18.95
N THR A 312 -14.21 6.92 -19.86
CA THR A 312 -13.28 6.60 -20.92
C THR A 312 -12.09 7.56 -20.85
N SER A 313 -11.29 7.57 -21.92
CA SER A 313 -10.12 8.44 -22.00
C SER A 313 -10.55 9.91 -22.02
N ASN A 314 -9.75 10.73 -21.33
CA ASN A 314 -10.12 12.11 -21.08
C ASN A 314 -9.78 12.98 -22.28
N PHE A 315 -10.70 13.89 -22.62
CA PHE A 315 -10.45 14.79 -23.74
C PHE A 315 -9.55 15.94 -23.31
N ARG A 316 -8.64 16.32 -24.20
CA ARG A 316 -7.79 17.49 -24.01
C ARG A 316 -7.33 18.00 -25.36
N VAL A 317 -7.23 19.33 -25.48
CA VAL A 317 -6.82 19.94 -26.73
C VAL A 317 -5.31 19.75 -26.92
N GLN A 318 -4.92 19.26 -28.09
CA GLN A 318 -3.52 19.14 -28.44
C GLN A 318 -2.93 20.50 -28.77
N PRO A 319 -1.62 20.67 -28.59
CA PRO A 319 -0.97 21.91 -29.02
C PRO A 319 -0.98 22.06 -30.53
N THR A 320 -0.99 23.32 -30.98
CA THR A 320 -1.01 23.61 -32.40
C THR A 320 0.41 23.78 -32.96
N GLU A 321 1.16 24.75 -32.44
CA GLU A 321 2.52 25.00 -32.86
C GLU A 321 3.42 25.08 -31.65
N SER A 322 4.73 25.11 -31.90
CA SER A 322 5.74 25.23 -30.85
C SER A 322 6.30 26.65 -30.89
N ILE A 323 6.19 27.36 -29.77
CA ILE A 323 6.63 28.75 -29.64
C ILE A 323 7.82 28.77 -28.70
N VAL A 324 8.93 29.37 -29.16
CA VAL A 324 10.15 29.50 -28.38
C VAL A 324 10.41 30.97 -28.12
N ARG A 325 10.58 31.34 -26.85
CA ARG A 325 10.86 32.72 -26.47
C ARG A 325 12.19 32.76 -25.73
N PHE A 326 13.19 33.35 -26.37
CA PHE A 326 14.53 33.53 -25.84
C PHE A 326 14.90 35.00 -25.93
N PRO A 327 15.73 35.49 -25.01
CA PRO A 327 16.18 36.89 -25.09
C PRO A 327 17.12 37.10 -26.28
N ASN A 328 16.92 38.22 -26.98
CA ASN A 328 17.64 38.48 -28.23
C ASN A 328 18.96 39.21 -27.93
N ILE A 329 19.91 38.45 -27.40
CA ILE A 329 21.24 38.97 -27.15
C ILE A 329 22.11 38.67 -28.37
N THR A 330 22.87 39.67 -28.82
CA THR A 330 23.64 39.56 -30.04
C THR A 330 25.10 39.17 -29.81
N ASN A 331 25.59 39.28 -28.57
CA ASN A 331 26.99 38.98 -28.30
C ASN A 331 27.24 37.48 -28.30
N LEU A 332 28.53 37.12 -28.41
CA LEU A 332 28.97 35.75 -28.31
C LEU A 332 29.95 35.65 -27.13
N CYS A 333 29.89 34.53 -26.43
CA CYS A 333 30.65 34.39 -25.19
C CYS A 333 32.12 34.16 -25.50
N PRO A 334 33.02 34.98 -24.94
CA PRO A 334 34.47 34.89 -25.28
C PRO A 334 35.16 33.69 -24.63
N PHE A 335 34.82 32.50 -25.12
CA PHE A 335 35.54 31.30 -24.71
C PHE A 335 36.93 31.23 -25.34
N ASP A 336 37.14 31.95 -26.45
CA ASP A 336 38.46 31.97 -27.08
C ASP A 336 39.48 32.70 -26.21
N GLU A 337 39.06 33.76 -25.51
CA GLU A 337 39.96 34.51 -24.65
C GLU A 337 40.39 33.71 -23.42
N VAL A 338 39.64 32.68 -23.04
CA VAL A 338 40.01 31.82 -21.93
C VAL A 338 40.78 30.59 -22.39
N PHE A 339 40.24 29.88 -23.40
CA PHE A 339 40.85 28.63 -23.83
C PHE A 339 42.11 28.86 -24.65
N ASN A 340 42.14 29.91 -25.47
CA ASN A 340 43.30 30.27 -26.28
C ASN A 340 44.19 31.31 -25.60
N ALA A 341 44.23 31.30 -24.27
CA ALA A 341 45.08 32.21 -23.53
C ALA A 341 46.53 31.80 -23.65
N THR A 342 47.42 32.74 -23.32
CA THR A 342 48.86 32.48 -23.42
C THR A 342 49.31 31.52 -22.33
N ARG A 343 49.18 31.92 -21.07
CA ARG A 343 49.51 31.07 -19.93
C ARG A 343 48.43 31.22 -18.87
N PHE A 344 48.07 30.11 -18.25
CA PHE A 344 47.13 30.12 -17.15
C PHE A 344 47.84 30.55 -15.87
N ALA A 345 47.04 30.91 -14.87
CA ALA A 345 47.59 31.32 -13.59
C ALA A 345 47.94 30.10 -12.74
N SER A 346 48.43 30.36 -11.53
CA SER A 346 48.78 29.28 -10.62
C SER A 346 47.52 28.63 -10.06
N VAL A 347 47.72 27.46 -9.44
CA VAL A 347 46.60 26.65 -8.97
C VAL A 347 45.93 27.30 -7.76
N TYR A 348 46.72 27.84 -6.83
CA TYR A 348 46.16 28.52 -5.67
C TYR A 348 45.58 29.89 -6.02
N ALA A 349 45.93 30.43 -7.18
CA ALA A 349 45.42 31.72 -7.64
C ALA A 349 44.68 31.55 -8.96
N TRP A 350 43.76 30.58 -9.00
CA TRP A 350 43.09 30.16 -10.22
C TRP A 350 42.28 31.29 -10.86
N ASN A 351 42.27 31.32 -12.19
CA ASN A 351 41.66 32.44 -12.89
C ASN A 351 40.15 32.26 -12.96
N ARG A 352 39.41 33.20 -12.38
CA ARG A 352 37.95 33.20 -12.42
C ARG A 352 37.49 34.32 -13.34
N LYS A 353 36.71 33.97 -14.35
CA LYS A 353 36.15 34.93 -15.28
C LYS A 353 34.64 34.78 -15.32
N ARG A 354 33.92 35.90 -15.23
CA ARG A 354 32.47 35.92 -15.22
C ARG A 354 31.97 36.16 -16.63
N ILE A 355 31.23 35.20 -17.16
CA ILE A 355 30.70 35.23 -18.53
C ILE A 355 29.20 35.44 -18.43
N SER A 356 28.71 36.50 -19.08
CA SER A 356 27.30 36.86 -19.07
C SER A 356 27.01 37.72 -20.29
N ASN A 357 25.70 37.86 -20.58
CA ASN A 357 25.15 38.71 -21.65
C ASN A 357 25.69 38.32 -23.03
N CYS A 358 25.56 37.04 -23.37
CA CYS A 358 26.09 36.53 -24.62
C CYS A 358 25.40 35.21 -24.97
N VAL A 359 25.63 34.76 -26.20
CA VAL A 359 25.13 33.48 -26.69
C VAL A 359 26.27 32.47 -26.61
N ALA A 360 26.02 31.35 -25.95
CA ALA A 360 27.03 30.30 -25.76
C ALA A 360 26.79 29.18 -26.76
N ASP A 361 27.84 28.82 -27.50
CA ASP A 361 27.80 27.73 -28.47
C ASP A 361 29.01 26.81 -28.24
N TYR A 362 28.81 25.80 -27.38
CA TYR A 362 29.89 24.96 -26.89
C TYR A 362 30.49 24.07 -27.98
N SER A 363 29.83 23.94 -29.13
CA SER A 363 30.40 23.25 -30.27
C SER A 363 31.64 23.97 -30.83
N VAL A 364 31.80 25.27 -30.56
CA VAL A 364 33.05 25.93 -30.93
C VAL A 364 34.19 25.45 -30.05
N LEU A 365 33.90 24.99 -28.83
CA LEU A 365 34.92 24.55 -27.88
C LEU A 365 35.69 23.34 -28.39
N TYR A 366 34.99 22.40 -29.04
CA TYR A 366 35.64 21.24 -29.64
C TYR A 366 36.54 21.62 -30.81
N ASN A 367 36.35 22.80 -31.40
CA ASN A 367 37.25 23.30 -32.42
C ASN A 367 38.46 24.04 -31.85
N LEU A 368 38.54 24.18 -30.53
CA LEU A 368 39.62 24.94 -29.91
C LEU A 368 40.79 24.08 -29.46
N ALA A 369 40.53 22.94 -28.82
CA ALA A 369 41.60 22.14 -28.27
C ALA A 369 41.25 20.67 -28.35
N PRO A 370 42.24 19.78 -28.49
CA PRO A 370 41.96 18.33 -28.42
C PRO A 370 41.72 17.87 -26.99
N PHE A 371 40.46 17.97 -26.55
CA PHE A 371 40.10 17.71 -25.16
C PHE A 371 40.37 16.27 -24.75
N PHE A 372 40.99 16.11 -23.58
CA PHE A 372 41.22 14.78 -23.02
C PHE A 372 40.01 14.29 -22.24
N THR A 373 39.57 15.05 -21.24
CA THR A 373 38.39 14.70 -20.46
C THR A 373 37.38 15.84 -20.52
N PHE A 374 36.12 15.47 -20.80
CA PHE A 374 35.00 16.42 -20.89
C PHE A 374 33.86 15.80 -20.09
N LYS A 375 33.76 16.18 -18.82
CA LYS A 375 32.74 15.64 -17.93
C LYS A 375 31.78 16.75 -17.55
N CYS A 376 30.53 16.39 -17.26
CA CYS A 376 29.56 17.38 -16.81
C CYS A 376 28.73 16.78 -15.68
N TYR A 377 28.51 17.58 -14.64
CA TYR A 377 27.74 17.19 -13.46
C TYR A 377 26.44 17.97 -13.45
N GLY A 378 25.32 17.24 -13.50
CA GLY A 378 24.00 17.80 -13.38
C GLY A 378 23.34 18.16 -14.70
N VAL A 379 24.12 18.42 -15.75
CA VAL A 379 23.60 18.79 -17.06
C VAL A 379 24.14 17.79 -18.07
N SER A 380 23.25 17.29 -18.94
CA SER A 380 23.69 16.44 -20.03
C SER A 380 24.40 17.28 -21.09
N PRO A 381 25.65 16.96 -21.44
CA PRO A 381 26.43 17.85 -22.32
C PRO A 381 25.93 17.93 -23.75
N THR A 382 25.06 17.01 -24.18
CA THR A 382 24.43 17.10 -25.48
C THR A 382 23.30 18.12 -25.53
N LYS A 383 22.84 18.62 -24.39
CA LYS A 383 21.71 19.54 -24.35
C LYS A 383 22.09 20.93 -23.85
N LEU A 384 23.38 21.23 -23.76
CA LEU A 384 23.85 22.52 -23.24
C LEU A 384 23.45 23.69 -24.13
N ASN A 385 23.23 23.45 -25.41
CA ASN A 385 22.75 24.50 -26.31
C ASN A 385 21.26 24.79 -26.11
N ASP A 386 20.52 23.94 -25.41
CA ASP A 386 19.07 24.08 -25.31
C ASP A 386 18.62 24.72 -24.01
N LEU A 387 19.53 25.28 -23.23
CA LEU A 387 19.21 25.82 -21.91
C LEU A 387 19.66 27.28 -21.81
N CYS A 388 19.32 27.90 -20.68
CA CYS A 388 19.79 29.24 -20.34
C CYS A 388 20.39 29.22 -18.94
N PHE A 389 21.43 30.01 -18.76
CA PHE A 389 22.06 30.23 -17.47
C PHE A 389 22.11 31.73 -17.19
N THR A 390 21.89 32.09 -15.93
CA THR A 390 21.92 33.50 -15.55
C THR A 390 23.34 34.05 -15.59
N ASN A 391 24.28 33.32 -15.00
CA ASN A 391 25.69 33.69 -15.02
C ASN A 391 26.54 32.44 -15.15
N VAL A 392 27.60 32.53 -15.93
CA VAL A 392 28.56 31.43 -16.10
C VAL A 392 29.88 31.88 -15.50
N TYR A 393 30.59 30.96 -14.85
CA TYR A 393 31.89 31.29 -14.28
C TYR A 393 32.91 30.26 -14.72
N ALA A 394 34.02 30.73 -15.27
CA ALA A 394 35.09 29.88 -15.77
C ALA A 394 36.29 30.00 -14.83
N ASP A 395 36.67 28.88 -14.21
CA ASP A 395 37.83 28.81 -13.35
C ASP A 395 38.89 27.94 -14.02
N SER A 396 40.05 28.53 -14.31
CA SER A 396 41.08 27.87 -15.10
C SER A 396 42.37 27.78 -14.30
N PHE A 397 43.05 26.63 -14.45
CA PHE A 397 44.34 26.38 -13.84
C PHE A 397 45.06 25.28 -14.63
N VAL A 398 46.23 24.88 -14.15
CA VAL A 398 47.07 23.87 -14.80
C VAL A 398 47.48 22.84 -13.76
N ILE A 399 47.13 21.58 -14.00
CA ILE A 399 47.40 20.46 -13.09
C ILE A 399 48.30 19.47 -13.80
N ARG A 400 49.14 18.76 -13.04
CA ARG A 400 49.75 17.53 -13.52
C ARG A 400 48.65 16.56 -13.94
N GLY A 401 48.84 15.94 -15.13
CA GLY A 401 47.71 15.45 -15.91
C GLY A 401 46.94 14.30 -15.29
N ASP A 402 47.56 13.55 -14.38
CA ASP A 402 46.85 12.50 -13.66
C ASP A 402 46.50 12.89 -12.24
N GLU A 403 46.79 14.13 -11.85
CA GLU A 403 46.25 14.69 -10.62
C GLU A 403 45.00 15.52 -10.87
N VAL A 404 44.54 15.58 -12.12
CA VAL A 404 43.26 16.20 -12.46
C VAL A 404 42.11 15.43 -11.81
N ARG A 405 42.26 14.11 -11.69
CA ARG A 405 41.31 13.29 -10.94
C ARG A 405 41.33 13.57 -9.44
N GLN A 406 42.33 14.33 -8.96
CA GLN A 406 42.26 14.87 -7.60
C GLN A 406 41.08 15.83 -7.45
N ILE A 407 40.79 16.64 -8.48
CA ILE A 407 39.64 17.53 -8.42
C ILE A 407 38.42 16.89 -9.09
N ALA A 408 37.33 16.84 -8.33
CA ALA A 408 36.00 16.31 -8.62
C ALA A 408 35.13 16.68 -7.43
N PRO A 409 33.81 16.80 -7.58
CA PRO A 409 32.94 17.04 -6.42
C PRO A 409 32.90 15.81 -5.51
N GLY A 410 33.19 16.03 -4.23
CA GLY A 410 33.21 14.97 -3.25
C GLY A 410 34.48 14.15 -3.20
N GLN A 411 35.52 14.55 -3.92
CA GLN A 411 36.78 13.81 -3.96
C GLN A 411 37.88 14.61 -3.26
N THR A 412 38.73 13.89 -2.53
CA THR A 412 39.80 14.50 -1.75
C THR A 412 41.07 14.62 -2.59
N GLY A 413 42.18 14.92 -1.93
CA GLY A 413 43.45 15.17 -2.59
C GLY A 413 44.02 16.46 -2.03
N ASN A 414 45.35 16.56 -2.07
CA ASN A 414 46.04 17.74 -1.52
C ASN A 414 45.74 18.99 -2.33
N ILE A 415 45.73 18.88 -3.67
CA ILE A 415 45.44 20.02 -4.54
C ILE A 415 44.00 20.46 -4.38
N ALA A 416 43.07 19.51 -4.31
CA ALA A 416 41.66 19.85 -4.15
C ALA A 416 41.37 20.44 -2.77
N ASP A 417 42.04 19.93 -1.74
CA ASP A 417 41.80 20.42 -0.39
C ASP A 417 42.49 21.77 -0.13
N TYR A 418 43.59 22.06 -0.81
CA TYR A 418 44.38 23.24 -0.46
C TYR A 418 44.34 24.37 -1.47
N ASN A 419 43.92 24.11 -2.71
CA ASN A 419 43.95 25.11 -3.77
C ASN A 419 42.57 25.50 -4.27
N TYR A 420 41.80 24.51 -4.72
CA TYR A 420 40.53 24.76 -5.41
C TYR A 420 39.60 23.62 -5.02
N LYS A 421 38.45 23.97 -4.42
CA LYS A 421 37.49 22.99 -3.96
C LYS A 421 36.20 23.15 -4.74
N LEU A 422 35.74 22.05 -5.33
CA LEU A 422 34.43 22.04 -5.97
C LEU A 422 33.35 21.76 -4.92
N PRO A 423 32.17 22.38 -5.06
CA PRO A 423 31.08 22.08 -4.13
C PRO A 423 30.49 20.69 -4.35
N ASP A 424 29.82 20.19 -3.32
CA ASP A 424 29.20 18.87 -3.40
C ASP A 424 27.94 18.89 -4.27
N ASP A 425 27.33 20.06 -4.46
CA ASP A 425 26.15 20.23 -5.31
C ASP A 425 26.51 20.91 -6.64
N PHE A 426 27.72 20.65 -7.14
CA PHE A 426 28.25 21.33 -8.30
C PHE A 426 27.51 20.95 -9.58
N THR A 427 26.98 21.96 -10.27
CA THR A 427 26.23 21.78 -11.52
C THR A 427 26.98 22.54 -12.60
N GLY A 428 27.76 21.81 -13.40
CA GLY A 428 28.58 22.46 -14.41
C GLY A 428 29.31 21.44 -15.25
N CYS A 429 30.46 21.85 -15.77
CA CYS A 429 31.29 20.96 -16.57
C CYS A 429 32.76 21.17 -16.24
N VAL A 430 33.53 20.09 -16.35
CA VAL A 430 34.98 20.08 -16.14
C VAL A 430 35.64 19.63 -17.43
N ILE A 431 36.59 20.43 -17.91
CA ILE A 431 37.31 20.17 -19.16
C ILE A 431 38.79 20.13 -18.83
N ALA A 432 39.48 19.10 -19.30
CA ALA A 432 40.93 19.02 -19.13
C ALA A 432 41.57 18.53 -20.43
N TRP A 433 42.66 19.17 -20.82
CA TRP A 433 43.34 18.80 -22.05
C TRP A 433 44.83 19.11 -21.96
N ASN A 434 45.62 18.36 -22.73
CA ASN A 434 47.07 18.48 -22.70
C ASN A 434 47.53 19.81 -23.31
N SER A 435 48.53 20.41 -22.69
CA SER A 435 49.03 21.73 -23.07
C SER A 435 50.56 21.73 -23.12
N ASN A 436 51.14 20.75 -23.81
CA ASN A 436 52.59 20.70 -23.97
C ASN A 436 53.11 21.78 -24.92
N LYS A 437 52.23 22.39 -25.72
CA LYS A 437 52.62 23.46 -26.62
C LYS A 437 53.07 24.70 -25.85
N LEU A 438 52.37 25.02 -24.76
CA LEU A 438 52.63 26.26 -24.03
C LEU A 438 53.14 26.06 -22.62
N ASP A 439 52.66 25.05 -21.90
CA ASP A 439 52.99 24.88 -20.49
C ASP A 439 54.19 23.99 -20.25
N SER A 440 54.79 23.42 -21.30
CA SER A 440 55.96 22.57 -21.18
C SER A 440 57.16 23.29 -21.79
N LYS A 441 58.26 23.33 -21.05
CA LYS A 441 59.48 23.99 -21.50
C LYS A 441 60.69 23.14 -21.14
N VAL A 442 61.80 23.41 -21.82
CA VAL A 442 63.04 22.68 -21.57
C VAL A 442 63.59 23.06 -20.21
N SER A 443 64.07 22.03 -19.48
CA SER A 443 64.59 22.14 -18.11
C SER A 443 63.54 22.70 -17.14
N GLY A 444 62.28 22.34 -17.34
CA GLY A 444 61.23 22.66 -16.40
C GLY A 444 60.65 24.04 -16.52
N ASN A 445 59.34 24.16 -16.28
CA ASN A 445 58.65 25.44 -16.18
C ASN A 445 58.27 25.65 -14.71
N TYR A 446 58.71 26.77 -14.15
CA TYR A 446 58.63 27.00 -12.71
C TYR A 446 57.54 28.00 -12.34
N ASN A 447 56.69 28.40 -13.29
CA ASN A 447 55.69 29.42 -13.01
C ASN A 447 54.53 28.88 -12.19
N TYR A 448 54.10 27.64 -12.45
CA TYR A 448 52.94 27.08 -11.79
C TYR A 448 53.32 26.56 -10.40
N LEU A 449 52.50 26.90 -9.42
CA LEU A 449 52.77 26.58 -8.01
C LEU A 449 51.61 25.80 -7.42
N TYR A 450 51.94 24.92 -6.48
CA TYR A 450 50.99 24.01 -5.85
C TYR A 450 51.16 24.09 -4.34
N ARG A 451 50.04 24.15 -3.61
CA ARG A 451 50.07 24.18 -2.16
C ARG A 451 50.07 22.77 -1.60
N LEU A 452 50.87 22.57 -0.54
CA LEU A 452 50.93 21.29 0.15
C LEU A 452 50.71 21.40 1.66
N PHE A 453 50.59 22.61 2.20
CA PHE A 453 50.50 22.80 3.65
C PHE A 453 49.42 23.83 3.95
N ARG A 454 48.39 23.40 4.67
CA ARG A 454 47.34 24.30 5.16
C ARG A 454 46.84 23.79 6.50
N LYS A 455 46.19 24.69 7.24
CA LYS A 455 45.65 24.33 8.54
C LYS A 455 44.42 23.43 8.43
N SER A 456 43.64 23.59 7.36
CA SER A 456 42.42 22.81 7.18
C SER A 456 42.08 22.76 5.69
N ASN A 457 41.19 21.83 5.35
CA ASN A 457 40.70 21.74 3.98
C ASN A 457 39.83 22.94 3.64
N LEU A 458 39.92 23.40 2.40
CA LEU A 458 39.22 24.61 1.99
C LEU A 458 37.74 24.37 1.78
N LYS A 459 36.96 25.42 2.04
CA LYS A 459 35.57 25.46 1.62
C LYS A 459 35.51 25.63 0.10
N PRO A 460 34.40 25.25 -0.54
CA PRO A 460 34.29 25.39 -2.00
C PRO A 460 34.39 26.83 -2.48
N PHE A 461 35.07 26.99 -3.63
CA PHE A 461 35.29 28.27 -4.30
C PHE A 461 35.99 29.28 -3.40
N GLU A 462 37.00 28.83 -2.66
CA GLU A 462 37.79 29.68 -1.80
C GLU A 462 39.22 29.76 -2.34
N ARG A 463 39.78 30.97 -2.31
CA ARG A 463 41.10 31.24 -2.86
C ARG A 463 41.98 31.88 -1.78
N ASP A 464 43.16 31.31 -1.57
CA ASP A 464 44.12 31.83 -0.59
C ASP A 464 45.48 31.94 -1.26
N ILE A 465 46.07 33.13 -1.21
CA ILE A 465 47.33 33.41 -1.88
C ILE A 465 48.43 33.78 -0.88
N SER A 466 48.28 33.40 0.37
CA SER A 466 49.29 33.71 1.38
C SER A 466 50.52 32.82 1.18
N THR A 467 51.71 33.44 1.29
CA THR A 467 52.98 32.74 1.12
C THR A 467 53.71 32.55 2.44
N GLU A 468 52.97 32.52 3.54
CA GLU A 468 53.58 32.35 4.85
C GLU A 468 54.07 30.92 5.06
N ILE A 469 55.17 30.78 5.77
CA ILE A 469 55.76 29.47 6.01
C ILE A 469 54.96 28.73 7.07
N TYR A 470 54.56 27.50 6.75
CA TYR A 470 53.77 26.68 7.66
C TYR A 470 54.68 25.92 8.60
N GLN A 471 54.35 25.93 9.89
CA GLN A 471 55.06 25.17 10.90
C GLN A 471 54.51 23.75 10.93
N ALA A 472 55.24 22.81 10.32
CA ALA A 472 54.79 21.42 10.32
C ALA A 472 54.95 20.79 11.69
N GLY A 473 56.07 21.05 12.38
CA GLY A 473 56.30 20.55 13.70
C GLY A 473 56.10 21.62 14.77
N ASN A 474 56.48 21.26 16.00
CA ASN A 474 56.34 22.17 17.15
C ASN A 474 57.61 22.99 17.30
N LYS A 475 57.80 23.92 16.36
CA LYS A 475 58.94 24.81 16.36
C LYS A 475 58.47 26.25 16.13
N PRO A 476 59.02 27.22 16.87
CA PRO A 476 58.72 28.64 16.59
C PRO A 476 59.50 29.12 15.35
N CYS A 477 58.92 28.86 14.19
CA CYS A 477 59.57 29.20 12.93
C CYS A 477 59.63 30.71 12.71
N ASN A 478 58.50 31.39 12.91
CA ASN A 478 58.37 32.86 12.82
C ASN A 478 58.82 33.41 11.47
N GLY A 479 58.48 32.69 10.40
CA GLY A 479 58.87 33.09 9.07
C GLY A 479 60.24 32.66 8.62
N VAL A 480 60.89 31.75 9.34
CA VAL A 480 62.21 31.24 8.98
C VAL A 480 62.05 29.81 8.52
N ALA A 481 62.48 29.52 7.30
CA ALA A 481 62.32 28.19 6.72
C ALA A 481 63.36 27.23 7.28
N GLY A 482 63.17 25.94 6.98
CA GLY A 482 64.08 24.91 7.45
C GLY A 482 63.35 23.62 7.81
N PHE A 483 63.86 22.90 8.79
CA PHE A 483 63.17 21.69 9.26
C PHE A 483 61.95 22.09 10.09
N ASN A 484 60.84 21.38 9.84
CA ASN A 484 59.50 21.61 10.42
C ASN A 484 58.95 23.00 10.09
N CYS A 485 59.48 23.65 9.06
CA CYS A 485 59.02 24.97 8.60
C CYS A 485 59.09 24.94 7.08
N TYR A 486 57.95 24.74 6.43
CA TYR A 486 57.92 24.51 4.99
C TYR A 486 57.09 25.57 4.29
N PHE A 487 57.60 26.01 3.14
CA PHE A 487 56.81 26.88 2.26
C PHE A 487 55.68 26.07 1.64
N PRO A 488 54.50 26.68 1.45
CA PRO A 488 53.40 25.95 0.82
C PRO A 488 53.57 25.77 -0.68
N LEU A 489 54.07 26.80 -1.37
CA LEU A 489 54.08 26.81 -2.83
C LEU A 489 55.29 26.04 -3.35
N ARG A 490 55.03 25.00 -4.15
CA ARG A 490 56.06 24.20 -4.78
C ARG A 490 55.70 23.95 -6.24
N SER A 491 56.70 24.05 -7.12
CA SER A 491 56.53 23.79 -8.54
C SER A 491 56.85 22.34 -8.86
N TYR A 492 56.49 21.92 -10.07
CA TYR A 492 56.66 20.53 -10.48
C TYR A 492 57.71 20.33 -11.58
N SER A 493 58.23 21.41 -12.16
CA SER A 493 59.27 21.40 -13.20
C SER A 493 58.83 20.59 -14.43
N PHE A 494 57.77 21.10 -15.07
CA PHE A 494 57.15 20.41 -16.19
C PHE A 494 58.07 20.42 -17.41
N ARG A 495 58.35 19.24 -17.94
CA ARG A 495 59.25 19.04 -19.06
C ARG A 495 58.58 18.21 -20.14
N PRO A 496 58.94 18.43 -21.42
CA PRO A 496 58.42 17.55 -22.48
C PRO A 496 58.98 16.14 -22.45
N THR A 497 60.08 15.91 -21.73
CA THR A 497 60.66 14.57 -21.61
C THR A 497 60.03 13.74 -20.50
N TYR A 498 59.02 14.28 -19.81
CA TYR A 498 58.33 13.55 -18.76
C TYR A 498 57.36 12.52 -19.36
N GLY A 499 56.61 11.85 -18.48
CA GLY A 499 55.56 10.98 -18.93
C GLY A 499 54.32 11.74 -19.34
N VAL A 500 53.34 11.00 -19.85
CA VAL A 500 52.07 11.61 -20.28
C VAL A 500 51.30 12.13 -19.07
N GLY A 501 51.30 11.37 -17.98
CA GLY A 501 50.64 11.83 -16.76
C GLY A 501 51.36 13.00 -16.11
N HIS A 502 52.69 12.99 -16.14
CA HIS A 502 53.47 14.06 -15.53
C HIS A 502 53.45 15.35 -16.34
N GLN A 503 53.04 15.28 -17.59
CA GLN A 503 52.98 16.47 -18.43
C GLN A 503 51.83 17.38 -17.98
N PRO A 504 51.98 18.70 -18.10
CA PRO A 504 50.94 19.62 -17.63
C PRO A 504 49.69 19.58 -18.50
N TYR A 505 48.53 19.75 -17.85
CA TYR A 505 47.23 19.72 -18.48
C TYR A 505 46.45 20.95 -18.01
N ARG A 506 45.86 21.67 -18.96
CA ARG A 506 45.01 22.80 -18.64
C ARG A 506 43.63 22.31 -18.27
N VAL A 507 43.09 22.82 -17.16
CA VAL A 507 41.77 22.47 -16.66
C VAL A 507 40.93 23.73 -16.56
N VAL A 508 39.76 23.69 -17.19
CA VAL A 508 38.77 24.77 -17.14
C VAL A 508 37.48 24.19 -16.58
N VAL A 509 36.98 24.80 -15.51
CA VAL A 509 35.74 24.40 -14.86
C VAL A 509 34.71 25.48 -15.12
N LEU A 510 33.63 25.12 -15.82
CA LEU A 510 32.51 26.02 -16.09
C LEU A 510 31.42 25.71 -15.07
N SER A 511 31.21 26.63 -14.14
CA SER A 511 30.14 26.53 -13.16
C SER A 511 28.95 27.36 -13.63
N PHE A 512 27.78 26.74 -13.62
CA PHE A 512 26.54 27.36 -14.09
C PHE A 512 25.64 27.67 -12.91
N GLU A 513 24.82 28.70 -13.09
CA GLU A 513 23.76 29.02 -12.15
C GLU A 513 22.42 28.63 -12.78
N LEU A 514 21.64 27.85 -12.05
CA LEU A 514 20.36 27.38 -12.57
C LEU A 514 19.35 28.54 -12.61
N LEU A 515 18.37 28.41 -13.51
CA LEU A 515 17.51 29.53 -13.86
C LEU A 515 16.44 29.69 -12.79
N HIS A 516 16.64 30.65 -11.90
CA HIS A 516 15.62 31.15 -10.99
C HIS A 516 15.69 32.67 -10.93
N ALA A 517 16.00 33.27 -12.08
CA ALA A 517 16.32 34.69 -12.19
C ALA A 517 16.19 35.08 -13.66
N PRO A 518 16.27 36.37 -13.98
CA PRO A 518 16.48 36.75 -15.39
C PRO A 518 17.77 36.16 -15.95
N ALA A 519 17.69 35.66 -17.18
CA ALA A 519 18.77 34.90 -17.80
C ALA A 519 19.54 35.80 -18.76
N THR A 520 20.86 35.77 -18.67
CA THR A 520 21.73 36.54 -19.55
C THR A 520 22.45 35.69 -20.57
N VAL A 521 22.69 34.41 -20.30
CA VAL A 521 23.33 33.50 -21.24
C VAL A 521 22.28 32.51 -21.73
N CYS A 522 22.13 32.42 -23.05
CA CYS A 522 21.21 31.46 -23.64
C CYS A 522 21.81 30.88 -24.92
N GLY A 523 21.22 29.77 -25.36
CA GLY A 523 21.67 29.07 -26.54
C GLY A 523 21.29 29.77 -27.82
N PRO A 524 21.71 29.21 -28.95
CA PRO A 524 21.52 29.88 -30.24
C PRO A 524 20.15 29.70 -30.87
N LYS A 525 19.14 29.25 -30.13
CA LYS A 525 17.81 29.10 -30.68
C LYS A 525 17.15 30.46 -30.90
N LYS A 526 16.59 30.65 -32.09
CA LYS A 526 15.90 31.89 -32.39
C LYS A 526 14.56 31.96 -31.67
N SER A 527 14.18 33.17 -31.29
CA SER A 527 12.91 33.39 -30.59
C SER A 527 11.81 33.64 -31.61
N THR A 528 10.73 32.87 -31.50
CA THR A 528 9.61 32.97 -32.41
C THR A 528 8.62 34.03 -31.94
N ASN A 529 7.59 34.28 -32.73
CA ASN A 529 6.56 35.25 -32.38
C ASN A 529 5.62 34.68 -31.33
N LEU A 530 5.11 35.57 -30.48
CA LEU A 530 4.22 35.16 -29.40
C LEU A 530 2.84 34.79 -29.94
N VAL A 531 2.27 33.74 -29.36
CA VAL A 531 0.92 33.28 -29.69
C VAL A 531 0.12 33.27 -28.39
N LYS A 532 -1.01 33.98 -28.37
CA LYS A 532 -1.87 34.07 -27.21
C LYS A 532 -3.22 33.42 -27.49
N ASN A 533 -3.88 33.03 -26.39
CA ASN A 533 -5.26 32.50 -26.38
C ASN A 533 -5.42 31.26 -27.24
N LYS A 534 -4.39 30.40 -27.28
CA LYS A 534 -4.44 29.17 -28.04
C LYS A 534 -3.56 28.13 -27.38
N CYS A 535 -3.98 26.87 -27.44
CA CYS A 535 -3.22 25.76 -26.86
C CYS A 535 -1.97 25.53 -27.69
N VAL A 536 -0.80 25.86 -27.13
CA VAL A 536 0.48 25.68 -27.79
C VAL A 536 1.49 25.08 -26.83
N ASN A 537 2.53 24.47 -27.39
CA ASN A 537 3.72 24.14 -26.64
C ASN A 537 4.65 25.35 -26.62
N PHE A 538 5.27 25.60 -25.47
CA PHE A 538 6.12 26.76 -25.31
C PHE A 538 7.47 26.35 -24.71
N ASN A 539 8.49 27.16 -25.05
CA ASN A 539 9.86 27.00 -24.58
C ASN A 539 10.31 28.38 -24.11
N PHE A 540 10.11 28.65 -22.82
CA PHE A 540 10.48 29.92 -22.21
C PHE A 540 11.80 29.74 -21.47
N ASN A 541 12.90 30.09 -22.14
CA ASN A 541 14.27 30.07 -21.60
C ASN A 541 14.67 28.70 -21.08
N GLY A 542 14.25 27.65 -21.80
CA GLY A 542 14.49 26.28 -21.41
C GLY A 542 13.31 25.62 -20.70
N LEU A 543 12.37 26.40 -20.19
CA LEU A 543 11.17 25.86 -19.57
C LEU A 543 10.22 25.40 -20.66
N LYS A 544 10.09 24.08 -20.84
CA LYS A 544 9.19 23.51 -21.83
C LYS A 544 7.86 23.18 -21.19
N GLY A 545 6.78 23.48 -21.90
CA GLY A 545 5.47 23.22 -21.34
C GLY A 545 4.40 23.23 -22.42
N THR A 546 3.18 22.91 -21.99
CA THR A 546 2.02 22.85 -22.86
C THR A 546 0.89 23.62 -22.20
N GLY A 547 0.29 24.57 -22.91
CA GLY A 547 -0.83 25.28 -22.35
C GLY A 547 -1.27 26.45 -23.20
N VAL A 548 -2.15 27.25 -22.62
CA VAL A 548 -2.68 28.46 -23.20
C VAL A 548 -2.09 29.64 -22.46
N LEU A 549 -1.54 30.59 -23.20
CA LEU A 549 -0.87 31.76 -22.63
C LEU A 549 -1.83 32.95 -22.72
N THR A 550 -2.37 33.36 -21.58
CA THR A 550 -3.34 34.44 -21.55
C THR A 550 -2.74 35.65 -20.82
N GLU A 551 -3.45 36.76 -20.90
CA GLU A 551 -3.04 37.98 -20.20
C GLU A 551 -3.21 37.80 -18.70
N SER A 552 -2.24 38.32 -17.94
CA SER A 552 -2.15 38.09 -16.52
C SER A 552 -2.42 39.36 -15.73
N ASN A 553 -3.17 39.22 -14.64
CA ASN A 553 -3.39 40.32 -13.70
C ASN A 553 -2.48 40.21 -12.48
N LYS A 554 -1.47 39.35 -12.53
CA LYS A 554 -0.53 39.21 -11.43
C LYS A 554 0.34 40.44 -11.29
N LYS A 555 0.54 40.89 -10.05
CA LYS A 555 1.34 42.07 -9.76
C LYS A 555 2.76 41.62 -9.43
N PHE A 556 3.55 41.39 -10.49
CA PHE A 556 4.92 40.95 -10.30
C PHE A 556 5.81 42.11 -9.85
N LEU A 557 6.62 41.85 -8.82
CA LEU A 557 7.68 42.78 -8.45
C LEU A 557 8.77 42.76 -9.53
N PRO A 558 9.51 43.86 -9.69
CA PRO A 558 10.50 43.93 -10.79
C PRO A 558 11.66 42.95 -10.69
N PHE A 559 11.91 42.34 -9.53
CA PHE A 559 12.96 41.34 -9.39
C PHE A 559 12.43 39.91 -9.50
N GLN A 560 11.18 39.74 -9.90
CA GLN A 560 10.59 38.41 -10.06
C GLN A 560 10.68 37.96 -11.51
N GLN A 561 10.74 36.65 -11.72
CA GLN A 561 10.77 36.07 -13.05
C GLN A 561 9.54 35.22 -13.35
N PHE A 562 9.17 34.33 -12.44
CA PHE A 562 8.01 33.48 -12.68
C PHE A 562 7.36 33.12 -11.34
N GLY A 563 6.08 32.77 -11.41
CA GLY A 563 5.31 32.38 -10.26
C GLY A 563 5.05 30.87 -10.23
N ARG A 564 4.58 30.41 -9.08
CA ARG A 564 4.33 28.98 -8.87
C ARG A 564 2.99 28.77 -8.18
N ASP A 565 2.47 27.56 -8.34
CA ASP A 565 1.16 27.18 -7.83
C ASP A 565 1.31 26.59 -6.43
N ILE A 566 0.24 25.94 -5.93
CA ILE A 566 0.28 25.27 -4.64
C ILE A 566 1.22 24.07 -4.70
N ALA A 567 1.16 23.31 -5.78
CA ALA A 567 1.98 22.09 -5.95
C ALA A 567 3.35 22.38 -6.54
N ASP A 568 3.84 23.62 -6.42
CA ASP A 568 5.13 24.08 -6.95
C ASP A 568 5.25 23.84 -8.46
N THR A 569 4.18 24.14 -9.19
CA THR A 569 4.17 24.10 -10.63
C THR A 569 4.00 25.51 -11.17
N THR A 570 4.67 25.81 -12.28
CA THR A 570 4.68 27.15 -12.82
C THR A 570 3.33 27.51 -13.43
N ASP A 571 2.78 28.66 -13.05
CA ASP A 571 1.50 29.11 -13.56
C ASP A 571 1.54 30.52 -14.15
N ALA A 572 2.61 31.28 -13.92
CA ALA A 572 2.76 32.59 -14.53
C ALA A 572 4.22 32.81 -14.87
N VAL A 573 4.47 33.40 -16.04
CA VAL A 573 5.83 33.64 -16.51
C VAL A 573 5.95 35.09 -16.97
N ARG A 574 7.19 35.54 -17.08
CA ARG A 574 7.52 36.84 -17.66
C ARG A 574 8.31 36.60 -18.93
N ASP A 575 7.88 37.26 -20.01
CA ASP A 575 8.52 37.06 -21.30
C ASP A 575 9.91 37.71 -21.30
N PRO A 576 10.91 37.05 -21.90
CA PRO A 576 12.27 37.63 -21.86
C PRO A 576 12.45 38.83 -22.77
N GLN A 577 11.75 38.89 -23.90
CA GLN A 577 11.97 39.98 -24.85
C GLN A 577 11.18 41.22 -24.45
N THR A 578 9.87 41.09 -24.31
CA THR A 578 9.02 42.17 -23.84
C THR A 578 8.65 41.95 -22.39
N LEU A 579 8.57 43.03 -21.62
CA LEU A 579 8.32 42.94 -20.18
C LEU A 579 6.81 42.80 -19.96
N GLU A 580 6.32 41.58 -20.20
CA GLU A 580 4.90 41.28 -20.08
C GLU A 580 4.75 40.03 -19.23
N ILE A 581 3.61 39.92 -18.53
CA ILE A 581 3.32 38.82 -17.63
C ILE A 581 2.22 37.99 -18.25
N LEU A 582 2.46 36.68 -18.37
CA LEU A 582 1.54 35.77 -19.04
C LEU A 582 1.15 34.64 -18.10
N ASP A 583 -0.15 34.36 -18.05
CA ASP A 583 -0.67 33.24 -17.26
C ASP A 583 -0.75 31.99 -18.12
N ILE A 584 -0.25 30.88 -17.56
CA ILE A 584 -0.25 29.59 -18.23
C ILE A 584 -1.43 28.78 -17.70
N THR A 585 -2.26 28.29 -18.61
CA THR A 585 -3.35 27.41 -18.24
C THR A 585 -3.19 26.08 -18.97
N PRO A 586 -3.50 24.94 -18.35
CA PRO A 586 -3.55 23.69 -19.12
C PRO A 586 -4.65 23.75 -20.17
N CYS A 587 -4.42 23.06 -21.28
CA CYS A 587 -5.33 23.08 -22.41
C CYS A 587 -6.65 22.40 -22.05
N SER A 588 -7.71 22.80 -22.77
CA SER A 588 -9.08 22.51 -22.39
C SER A 588 -9.38 21.01 -22.38
N PHE A 589 -9.73 20.50 -21.20
CA PHE A 589 -9.66 19.08 -20.88
C PHE A 589 -10.87 18.70 -20.03
N GLY A 590 -11.00 17.40 -19.82
CA GLY A 590 -12.03 16.91 -18.91
C GLY A 590 -12.33 15.45 -19.20
N GLY A 591 -13.32 14.93 -18.46
CA GLY A 591 -13.67 13.53 -18.57
C GLY A 591 -14.82 13.30 -19.54
N VAL A 592 -14.74 12.19 -20.27
CA VAL A 592 -15.77 11.77 -21.21
C VAL A 592 -16.44 10.54 -20.64
N SER A 593 -17.77 10.58 -20.51
CA SER A 593 -18.55 9.43 -20.12
C SER A 593 -19.40 9.00 -21.30
N VAL A 594 -19.43 7.70 -21.57
CA VAL A 594 -20.20 7.14 -22.67
C VAL A 594 -21.41 6.42 -22.08
N ILE A 595 -22.60 6.87 -22.47
CA ILE A 595 -23.86 6.28 -22.05
C ILE A 595 -24.35 5.43 -23.22
N THR A 596 -24.47 4.13 -22.98
CA THR A 596 -24.86 3.23 -24.06
C THR A 596 -25.80 2.16 -23.53
N PRO A 597 -26.70 1.65 -24.37
CA PRO A 597 -27.36 0.38 -24.06
C PRO A 597 -26.46 -0.80 -24.38
N GLY A 598 -27.01 -2.02 -24.29
CA GLY A 598 -26.21 -3.19 -24.63
C GLY A 598 -25.89 -3.24 -26.11
N THR A 599 -24.65 -3.62 -26.42
CA THR A 599 -24.21 -3.73 -27.80
C THR A 599 -24.84 -4.93 -28.52
N ASN A 600 -25.42 -5.87 -27.77
CA ASN A 600 -26.27 -6.88 -28.38
C ASN A 600 -27.53 -6.26 -28.96
N THR A 601 -28.04 -5.19 -28.35
CA THR A 601 -29.27 -4.55 -28.81
C THR A 601 -29.00 -3.43 -29.81
N SER A 602 -28.11 -2.50 -29.50
CA SER A 602 -27.91 -1.34 -30.35
C SER A 602 -26.49 -0.80 -30.18
N ASN A 603 -26.09 0.05 -31.12
CA ASN A 603 -24.76 0.65 -31.13
C ASN A 603 -24.80 2.17 -30.96
N GLN A 604 -25.97 2.74 -30.67
CA GLN A 604 -26.06 4.19 -30.49
C GLN A 604 -25.47 4.60 -29.15
N VAL A 605 -24.82 5.76 -29.14
CA VAL A 605 -23.99 6.20 -28.02
C VAL A 605 -24.33 7.66 -27.72
N ALA A 606 -24.58 7.96 -26.44
CA ALA A 606 -24.65 9.33 -25.96
C ALA A 606 -23.35 9.66 -25.24
N VAL A 607 -22.91 10.92 -25.34
CA VAL A 607 -21.63 11.35 -24.79
C VAL A 607 -21.89 12.46 -23.78
N LEU A 608 -21.36 12.30 -22.58
CA LEU A 608 -21.46 13.30 -21.52
C LEU A 608 -20.08 13.87 -21.24
N TYR A 609 -19.96 15.18 -21.33
CA TYR A 609 -18.75 15.89 -20.94
C TYR A 609 -18.99 16.49 -19.55
N GLN A 610 -18.23 16.02 -18.58
CA GLN A 610 -18.52 16.28 -17.17
C GLN A 610 -18.08 17.68 -16.77
N GLY A 611 -18.99 18.45 -16.17
CA GLY A 611 -18.68 19.76 -15.66
C GLY A 611 -18.38 20.81 -16.69
N VAL A 612 -18.81 20.59 -17.93
CA VAL A 612 -18.51 21.49 -19.05
C VAL A 612 -19.83 22.05 -19.57
N ASN A 613 -19.89 23.38 -19.72
CA ASN A 613 -21.03 24.02 -20.34
C ASN A 613 -21.12 23.64 -21.81
N CYS A 614 -22.34 23.64 -22.34
CA CYS A 614 -22.59 23.09 -23.66
C CYS A 614 -22.05 23.98 -24.77
N THR A 615 -21.95 25.29 -24.52
CA THR A 615 -21.43 26.19 -25.55
C THR A 615 -19.92 26.06 -25.71
N GLU A 616 -19.24 25.59 -24.68
CA GLU A 616 -17.78 25.46 -24.70
C GLU A 616 -17.31 24.09 -25.16
N VAL A 617 -18.23 23.22 -25.59
CA VAL A 617 -17.84 21.86 -26.01
C VAL A 617 -16.99 21.82 -27.28
N PRO A 618 -17.35 22.48 -28.40
CA PRO A 618 -16.49 22.38 -29.60
C PRO A 618 -15.11 23.00 -29.44
N VAL A 619 -14.99 24.05 -28.62
CA VAL A 619 -13.67 24.54 -28.24
C VAL A 619 -13.00 23.55 -27.28
N ALA A 620 -13.80 22.85 -26.48
CA ALA A 620 -13.27 22.04 -25.39
C ALA A 620 -12.61 20.76 -25.88
N ILE A 621 -13.24 20.06 -26.82
CA ILE A 621 -12.66 18.82 -27.36
C ILE A 621 -12.22 19.06 -28.80
N HIS A 622 -10.92 18.83 -29.05
CA HIS A 622 -10.32 19.00 -30.37
C HIS A 622 -8.97 18.29 -30.38
N ALA A 623 -8.68 17.63 -31.51
CA ALA A 623 -7.36 17.14 -31.92
C ALA A 623 -6.80 16.00 -31.08
N ASP A 624 -7.49 15.59 -30.02
CA ASP A 624 -7.05 14.43 -29.25
C ASP A 624 -7.35 13.14 -30.00
N GLN A 625 -8.50 13.09 -30.67
CA GLN A 625 -8.95 12.00 -31.50
C GLN A 625 -9.25 12.54 -32.90
N LEU A 626 -9.88 11.73 -33.75
CA LEU A 626 -10.14 12.11 -35.13
C LEU A 626 -11.27 13.15 -35.18
N THR A 627 -10.89 14.38 -35.52
CA THR A 627 -11.82 15.52 -35.52
C THR A 627 -13.08 15.37 -36.39
N PRO A 628 -13.06 14.88 -37.64
CA PRO A 628 -14.33 14.85 -38.39
C PRO A 628 -15.33 13.79 -37.92
N THR A 629 -14.88 12.74 -37.20
CA THR A 629 -15.84 11.74 -36.75
C THR A 629 -16.21 11.94 -35.29
N TRP A 630 -15.41 12.68 -34.52
CA TRP A 630 -15.92 13.32 -33.31
C TRP A 630 -16.50 14.70 -33.58
N ARG A 631 -16.74 15.07 -34.83
CA ARG A 631 -17.44 16.31 -35.12
C ARG A 631 -18.95 16.19 -34.89
N VAL A 632 -19.50 14.99 -35.09
CA VAL A 632 -20.95 14.82 -34.96
C VAL A 632 -21.38 14.92 -33.49
N TYR A 633 -20.59 14.39 -32.57
CA TYR A 633 -20.94 14.44 -31.15
C TYR A 633 -20.63 15.78 -30.50
N SER A 634 -20.22 16.78 -31.30
CA SER A 634 -20.21 18.17 -30.88
C SER A 634 -21.23 19.00 -31.66
N THR A 635 -22.25 18.35 -32.23
CA THR A 635 -23.29 19.09 -32.94
C THR A 635 -24.18 19.84 -31.95
N GLY A 636 -24.96 20.77 -32.48
CA GLY A 636 -25.88 21.56 -31.68
C GLY A 636 -27.33 21.16 -31.75
N SER A 637 -27.66 20.04 -32.39
CA SER A 637 -29.06 19.65 -32.55
C SER A 637 -29.67 19.11 -31.25
N ASN A 638 -28.92 18.27 -30.52
CA ASN A 638 -29.47 17.55 -29.38
C ASN A 638 -28.57 17.68 -28.16
N VAL A 639 -28.11 18.89 -27.87
CA VAL A 639 -27.38 19.13 -26.64
C VAL A 639 -28.36 19.27 -25.48
N PHE A 640 -27.88 18.99 -24.27
CA PHE A 640 -28.64 19.24 -23.07
C PHE A 640 -27.67 19.60 -21.95
N GLN A 641 -28.03 20.59 -21.14
CA GLN A 641 -27.18 21.07 -20.07
C GLN A 641 -27.74 20.60 -18.73
N THR A 642 -27.07 19.63 -18.12
CA THR A 642 -27.37 19.19 -16.77
C THR A 642 -26.41 19.87 -15.81
N ARG A 643 -26.57 19.56 -14.52
CA ARG A 643 -25.59 20.03 -13.55
C ARG A 643 -24.31 19.21 -13.62
N ALA A 644 -24.41 17.96 -14.08
CA ALA A 644 -23.23 17.12 -14.24
C ALA A 644 -22.35 17.58 -15.39
N GLY A 645 -22.96 18.11 -16.45
CA GLY A 645 -22.19 18.55 -17.61
C GLY A 645 -23.10 18.67 -18.83
N CYS A 646 -22.48 18.49 -19.99
CA CYS A 646 -23.18 18.60 -21.27
C CYS A 646 -23.39 17.21 -21.84
N LEU A 647 -24.65 16.86 -22.11
CA LEU A 647 -25.02 15.56 -22.67
C LEU A 647 -25.44 15.76 -24.11
N ILE A 648 -24.71 15.13 -25.02
CA ILE A 648 -24.92 15.27 -26.46
C ILE A 648 -25.22 13.88 -27.04
N GLY A 649 -26.28 13.80 -27.83
CA GLY A 649 -26.68 12.54 -28.44
C GLY A 649 -27.92 11.91 -27.82
N ALA A 650 -28.47 12.49 -26.77
CA ALA A 650 -29.68 11.99 -26.13
C ALA A 650 -30.75 13.08 -26.15
N GLU A 651 -31.96 12.70 -26.54
CA GLU A 651 -33.07 13.64 -26.63
C GLU A 651 -33.73 13.79 -25.26
N TYR A 652 -33.97 15.04 -24.85
CA TYR A 652 -34.64 15.28 -23.59
C TYR A 652 -36.15 15.14 -23.74
N VAL A 653 -36.77 14.44 -22.79
CA VAL A 653 -38.20 14.18 -22.78
C VAL A 653 -38.76 14.76 -21.49
N ASN A 654 -39.89 15.46 -21.59
CA ASN A 654 -40.53 16.07 -20.42
C ASN A 654 -41.11 15.04 -19.46
N ASN A 655 -41.31 13.80 -19.91
CA ASN A 655 -41.85 12.76 -19.05
C ASN A 655 -40.82 12.32 -18.02
N SER A 656 -41.30 11.62 -16.99
CA SER A 656 -40.45 11.14 -15.91
C SER A 656 -40.67 9.64 -15.73
N TYR A 657 -39.58 8.88 -15.73
CA TYR A 657 -39.67 7.43 -15.53
C TYR A 657 -38.72 7.01 -14.41
N GLU A 658 -38.57 5.70 -14.21
CA GLU A 658 -37.56 5.22 -13.28
C GLU A 658 -36.17 5.37 -13.88
N CYS A 659 -35.17 5.37 -13.01
CA CYS A 659 -33.79 5.65 -13.43
C CYS A 659 -33.20 4.40 -14.05
N ASP A 660 -33.07 4.39 -15.38
CA ASP A 660 -32.51 3.24 -16.08
C ASP A 660 -30.99 3.29 -16.08
N ILE A 661 -30.42 4.32 -16.70
CA ILE A 661 -28.98 4.55 -16.69
C ILE A 661 -28.72 5.85 -15.93
N PRO A 662 -28.08 5.81 -14.76
CA PRO A 662 -27.92 7.04 -13.96
C PRO A 662 -26.84 7.94 -14.52
N ILE A 663 -27.21 9.19 -14.79
CA ILE A 663 -26.25 10.22 -15.18
C ILE A 663 -25.84 11.06 -13.99
N GLY A 664 -26.81 11.63 -13.28
CA GLY A 664 -26.52 12.40 -12.09
C GLY A 664 -27.41 13.63 -12.00
N ALA A 665 -27.46 14.21 -10.79
CA ALA A 665 -28.22 15.43 -10.46
C ALA A 665 -29.70 15.29 -10.81
N GLY A 666 -30.24 14.10 -10.58
CA GLY A 666 -31.63 13.84 -10.89
C GLY A 666 -31.91 13.53 -12.35
N ILE A 667 -30.88 13.38 -13.18
CA ILE A 667 -31.03 13.10 -14.60
C ILE A 667 -30.60 11.67 -14.85
N CYS A 668 -31.45 10.90 -15.53
CA CYS A 668 -31.13 9.54 -15.95
C CYS A 668 -31.42 9.41 -17.45
N ALA A 669 -30.99 8.28 -18.03
CA ALA A 669 -31.14 8.05 -19.46
C ALA A 669 -31.64 6.64 -19.70
N SER A 670 -32.24 6.45 -20.88
CA SER A 670 -32.75 5.15 -21.29
C SER A 670 -32.77 5.07 -22.80
N TYR A 671 -33.16 3.92 -23.32
CA TYR A 671 -33.20 3.63 -24.75
C TYR A 671 -34.63 3.22 -25.11
N GLN A 672 -35.42 4.16 -25.62
CA GLN A 672 -36.85 3.94 -25.79
C GLN A 672 -37.30 4.45 -27.15
N THR A 673 -38.58 4.18 -27.47
CA THR A 673 -39.19 4.65 -28.71
C THR A 673 -39.93 5.95 -28.41
N GLN A 674 -39.27 7.08 -28.70
CA GLN A 674 -39.85 8.39 -28.45
C GLN A 674 -39.86 9.29 -29.67
N THR A 675 -39.34 8.84 -30.81
CA THR A 675 -39.36 9.65 -32.02
C THR A 675 -40.77 9.64 -32.61
N LYS A 676 -41.29 10.86 -32.85
CA LYS A 676 -42.67 11.12 -33.34
C LYS A 676 -43.64 10.48 -32.35
N SER A 677 -44.49 9.53 -32.76
CA SER A 677 -45.36 8.83 -31.83
C SER A 677 -44.81 7.47 -31.44
N HIS A 678 -43.99 6.87 -32.28
CA HIS A 678 -43.44 5.55 -32.00
C HIS A 678 -41.91 5.54 -32.13
N SER A 686 -36.81 4.33 -35.05
CA SER A 686 -37.83 4.59 -34.03
C SER A 686 -37.18 4.66 -32.65
N GLN A 687 -36.27 3.72 -32.38
CA GLN A 687 -35.57 3.69 -31.10
C GLN A 687 -34.55 4.83 -31.02
N SER A 688 -34.42 5.41 -29.83
CA SER A 688 -33.45 6.48 -29.61
C SER A 688 -33.12 6.54 -28.12
N ILE A 689 -32.02 7.22 -27.82
CA ILE A 689 -31.57 7.39 -26.44
C ILE A 689 -32.16 8.69 -25.89
N ILE A 690 -32.93 8.58 -24.82
CA ILE A 690 -33.59 9.72 -24.21
C ILE A 690 -33.04 9.94 -22.81
N ALA A 691 -33.17 11.18 -22.35
CA ALA A 691 -32.77 11.59 -21.01
C ALA A 691 -33.93 12.29 -20.34
N TYR A 692 -34.09 12.04 -19.04
CA TYR A 692 -35.25 12.55 -18.33
C TYR A 692 -34.92 12.77 -16.86
N THR A 693 -35.72 13.61 -16.22
CA THR A 693 -35.70 13.71 -14.77
C THR A 693 -36.31 12.44 -14.18
N MET A 694 -35.63 11.85 -13.19
CA MET A 694 -36.09 10.60 -12.62
C MET A 694 -37.33 10.82 -11.75
N SER A 695 -38.19 9.81 -11.74
CA SER A 695 -39.47 9.89 -11.02
C SER A 695 -39.30 9.25 -9.65
N LEU A 696 -39.67 9.99 -8.60
CA LEU A 696 -39.56 9.46 -7.25
C LEU A 696 -40.67 8.45 -6.97
N GLY A 697 -41.86 8.68 -7.50
CA GLY A 697 -42.96 7.76 -7.29
C GLY A 697 -44.28 8.46 -7.56
N ALA A 698 -45.36 7.69 -7.40
CA ALA A 698 -46.70 8.19 -7.61
C ALA A 698 -47.13 9.03 -6.40
N GLU A 699 -47.67 10.21 -6.68
CA GLU A 699 -48.13 11.09 -5.61
C GLU A 699 -49.44 10.57 -5.03
N ASN A 700 -49.52 10.58 -3.71
CA ASN A 700 -50.68 10.06 -2.99
C ASN A 700 -51.15 11.08 -1.97
N SER A 701 -52.44 11.03 -1.67
CA SER A 701 -53.06 11.89 -0.67
C SER A 701 -53.88 11.03 0.28
N VAL A 702 -53.62 11.17 1.57
CA VAL A 702 -54.35 10.44 2.60
C VAL A 702 -55.48 11.34 3.09
N ALA A 703 -56.70 10.80 3.11
CA ALA A 703 -57.88 11.56 3.51
C ALA A 703 -57.95 11.63 5.04
N TYR A 704 -57.08 12.47 5.60
CA TYR A 704 -57.02 12.64 7.04
C TYR A 704 -58.18 13.47 7.55
N SER A 705 -58.81 12.99 8.63
CA SER A 705 -59.85 13.73 9.31
C SER A 705 -59.81 13.35 10.78
N ASN A 706 -60.37 14.22 11.62
CA ASN A 706 -60.29 14.02 13.06
C ASN A 706 -61.30 13.00 13.59
N ASN A 707 -62.21 12.53 12.75
CA ASN A 707 -63.16 11.49 13.16
C ASN A 707 -63.36 10.47 12.04
N SER A 708 -62.26 10.04 11.41
CA SER A 708 -62.34 9.07 10.33
C SER A 708 -61.14 8.13 10.42
N ILE A 709 -61.41 6.82 10.36
CA ILE A 709 -60.36 5.82 10.42
C ILE A 709 -60.59 4.79 9.31
N ALA A 710 -59.51 4.28 8.74
CA ALA A 710 -59.57 3.24 7.72
C ALA A 710 -59.11 1.93 8.35
N ILE A 711 -59.96 0.92 8.28
CA ILE A 711 -59.69 -0.39 8.88
C ILE A 711 -59.74 -1.42 7.77
N PRO A 712 -58.74 -2.31 7.66
CA PRO A 712 -58.82 -3.38 6.67
C PRO A 712 -59.89 -4.40 7.01
N THR A 713 -60.53 -4.94 5.98
CA THR A 713 -61.51 -6.00 6.14
C THR A 713 -61.01 -7.34 5.60
N ASN A 714 -59.79 -7.39 5.09
CA ASN A 714 -59.22 -8.59 4.50
C ASN A 714 -57.71 -8.48 4.59
N PHE A 715 -57.00 -9.45 4.03
CA PHE A 715 -55.55 -9.50 4.16
C PHE A 715 -54.98 -10.31 3.01
N THR A 716 -53.65 -10.45 3.03
CA THR A 716 -52.93 -11.30 2.10
C THR A 716 -51.64 -11.76 2.76
N ILE A 717 -51.13 -12.88 2.26
CA ILE A 717 -49.89 -13.48 2.76
C ILE A 717 -48.86 -13.40 1.65
N SER A 718 -47.73 -12.78 1.93
CA SER A 718 -46.66 -12.63 0.95
C SER A 718 -45.41 -13.33 1.46
N VAL A 719 -44.61 -13.86 0.53
CA VAL A 719 -43.31 -14.42 0.88
C VAL A 719 -42.26 -13.69 0.05
N THR A 720 -41.27 -13.13 0.72
CA THR A 720 -40.28 -12.24 0.12
C THR A 720 -38.90 -12.89 0.20
N THR A 721 -38.16 -12.85 -0.91
CA THR A 721 -36.84 -13.46 -1.01
C THR A 721 -35.78 -12.44 -0.66
N GLU A 722 -34.91 -12.79 0.30
CA GLU A 722 -33.79 -11.95 0.69
C GLU A 722 -32.49 -12.74 0.56
N ILE A 723 -31.51 -12.15 -0.11
CA ILE A 723 -30.26 -12.84 -0.46
C ILE A 723 -29.11 -12.13 0.25
N LEU A 724 -28.28 -12.90 0.95
CA LEU A 724 -27.15 -12.31 1.68
C LEU A 724 -25.89 -13.16 1.51
N PRO A 725 -24.77 -12.56 1.10
CA PRO A 725 -23.52 -13.31 1.06
C PRO A 725 -23.02 -13.66 2.46
N VAL A 726 -22.30 -14.78 2.54
CA VAL A 726 -21.80 -15.32 3.80
C VAL A 726 -20.28 -15.46 3.79
N SER A 727 -19.75 -16.16 2.78
CA SER A 727 -18.31 -16.40 2.68
C SER A 727 -17.88 -16.26 1.24
N MET A 728 -16.58 -16.04 1.04
CA MET A 728 -16.04 -15.91 -0.31
C MET A 728 -14.93 -16.93 -0.54
N THR A 729 -14.23 -16.78 -1.65
CA THR A 729 -13.17 -17.69 -2.06
C THR A 729 -11.95 -17.57 -1.14
N LYS A 730 -11.41 -18.73 -0.73
CA LYS A 730 -10.23 -18.80 0.13
C LYS A 730 -9.00 -18.98 -0.76
N THR A 731 -8.39 -17.86 -1.14
CA THR A 731 -7.24 -17.91 -2.04
C THR A 731 -5.94 -18.10 -1.24
N SER A 732 -4.88 -18.44 -1.97
CA SER A 732 -3.55 -18.60 -1.39
C SER A 732 -2.51 -18.29 -2.47
N VAL A 733 -1.42 -17.65 -2.05
CA VAL A 733 -0.40 -17.13 -2.96
C VAL A 733 0.94 -17.75 -2.62
N ASP A 734 1.64 -18.27 -3.63
CA ASP A 734 3.01 -18.72 -3.52
C ASP A 734 3.93 -17.56 -3.90
N CYS A 735 4.68 -17.04 -2.92
CA CYS A 735 5.41 -15.79 -3.06
C CYS A 735 6.54 -15.91 -4.08
N THR A 736 7.38 -16.95 -3.91
CA THR A 736 8.59 -17.08 -4.70
C THR A 736 8.27 -17.39 -6.15
N MET A 737 7.25 -18.21 -6.40
CA MET A 737 6.88 -18.53 -7.77
C MET A 737 6.13 -17.38 -8.43
N TYR A 738 5.34 -16.60 -7.67
CA TYR A 738 4.71 -15.45 -8.29
C TYR A 738 5.73 -14.37 -8.63
N ILE A 739 6.68 -14.12 -7.72
CA ILE A 739 7.63 -13.03 -7.94
C ILE A 739 8.70 -13.43 -8.93
N CYS A 740 9.44 -14.50 -8.64
CA CYS A 740 10.60 -14.86 -9.47
C CYS A 740 10.22 -15.89 -10.53
N GLY A 741 9.84 -17.09 -10.09
CA GLY A 741 9.36 -18.11 -10.99
C GLY A 741 10.50 -18.89 -11.61
N ASP A 742 10.57 -20.21 -11.32
CA ASP A 742 11.55 -21.19 -11.86
C ASP A 742 13.00 -20.70 -11.89
N SER A 743 13.38 -19.84 -10.95
CA SER A 743 14.68 -19.19 -10.96
C SER A 743 15.34 -19.32 -9.60
N THR A 744 16.65 -19.55 -9.60
CA THR A 744 17.42 -19.74 -8.37
C THR A 744 18.06 -18.46 -7.87
N GLU A 745 18.60 -17.64 -8.79
CA GLU A 745 19.27 -16.41 -8.38
C GLU A 745 18.28 -15.38 -7.85
N CYS A 746 17.09 -15.31 -8.44
CA CYS A 746 16.06 -14.45 -7.90
C CYS A 746 15.54 -14.98 -6.56
N SER A 747 15.50 -16.30 -6.40
CA SER A 747 15.12 -16.89 -5.12
C SER A 747 16.15 -16.60 -4.04
N ASN A 748 17.42 -16.45 -4.42
CA ASN A 748 18.43 -16.01 -3.47
C ASN A 748 18.33 -14.52 -3.18
N LEU A 749 18.00 -13.72 -4.20
CA LEU A 749 17.88 -12.28 -4.00
C LEU A 749 16.62 -11.88 -3.23
N LEU A 750 15.60 -12.74 -3.24
CA LEU A 750 14.36 -12.43 -2.54
C LEU A 750 14.49 -12.54 -1.02
N LEU A 751 15.53 -13.24 -0.54
CA LEU A 751 15.69 -13.45 0.89
C LEU A 751 16.12 -12.18 1.63
N GLN A 752 16.61 -11.17 0.92
CA GLN A 752 17.03 -9.92 1.54
C GLN A 752 15.88 -8.96 1.79
N TYR A 753 14.66 -9.29 1.34
CA TYR A 753 13.53 -8.37 1.43
C TYR A 753 12.70 -8.57 2.69
N GLY A 754 13.04 -9.54 3.54
CA GLY A 754 12.43 -9.63 4.85
C GLY A 754 11.21 -10.51 4.99
N SER A 755 10.34 -10.16 5.94
CA SER A 755 9.19 -10.97 6.33
C SER A 755 7.92 -10.61 5.58
N PHE A 756 8.06 -10.03 4.38
CA PHE A 756 6.90 -9.60 3.59
C PHE A 756 6.06 -10.79 3.17
N CYS A 757 6.70 -11.87 2.70
CA CYS A 757 5.96 -13.05 2.27
C CYS A 757 5.28 -13.74 3.45
N THR A 758 5.95 -13.80 4.59
CA THR A 758 5.36 -14.43 5.78
C THR A 758 4.16 -13.65 6.29
N GLN A 759 4.23 -12.32 6.26
CA GLN A 759 3.07 -11.55 6.73
C GLN A 759 1.92 -11.59 5.72
N LEU A 760 2.22 -11.67 4.41
CA LEU A 760 1.15 -11.85 3.43
C LEU A 760 0.48 -13.22 3.57
N LYS A 761 1.28 -14.26 3.81
CA LYS A 761 0.74 -15.59 4.02
C LYS A 761 -0.07 -15.68 5.30
N ARG A 762 0.37 -14.96 6.35
CA ARG A 762 -0.38 -14.91 7.60
C ARG A 762 -1.73 -14.21 7.43
N ALA A 763 -1.76 -13.10 6.68
CA ALA A 763 -3.01 -12.42 6.42
C ALA A 763 -3.97 -13.28 5.59
N LEU A 764 -3.45 -13.96 4.57
CA LEU A 764 -4.30 -14.82 3.75
C LEU A 764 -4.80 -16.03 4.52
N THR A 765 -3.99 -16.58 5.43
CA THR A 765 -4.44 -17.68 6.28
C THR A 765 -5.52 -17.21 7.26
N GLY A 766 -5.38 -15.99 7.78
CA GLY A 766 -6.42 -15.42 8.64
C GLY A 766 -7.74 -15.23 7.92
N ILE A 767 -7.67 -14.76 6.66
CA ILE A 767 -8.89 -14.62 5.85
C ILE A 767 -9.51 -15.98 5.57
N ALA A 768 -8.68 -16.99 5.27
CA ALA A 768 -9.20 -18.32 4.96
C ALA A 768 -9.85 -18.98 6.19
N VAL A 769 -9.31 -18.74 7.38
CA VAL A 769 -9.95 -19.23 8.59
C VAL A 769 -11.25 -18.47 8.85
N GLU A 770 -11.25 -17.15 8.57
CA GLU A 770 -12.42 -16.30 8.83
C GLU A 770 -13.60 -16.67 7.95
N GLN A 771 -13.35 -17.14 6.73
CA GLN A 771 -14.46 -17.56 5.85
C GLN A 771 -15.20 -18.78 6.41
N ASP A 772 -14.44 -19.78 6.88
CA ASP A 772 -15.05 -20.95 7.51
C ASP A 772 -15.73 -20.60 8.83
N LYS A 773 -15.17 -19.63 9.57
CA LYS A 773 -15.82 -19.16 10.79
C LYS A 773 -17.15 -18.48 10.48
N ASN A 774 -17.20 -17.71 9.39
CA ASN A 774 -18.44 -17.07 8.96
C ASN A 774 -19.51 -18.10 8.58
N THR A 775 -19.11 -19.12 7.81
CA THR A 775 -20.05 -20.16 7.40
C THR A 775 -20.57 -20.96 8.61
N GLN A 776 -19.67 -21.30 9.54
CA GLN A 776 -20.06 -22.01 10.76
C GLN A 776 -21.00 -21.17 11.62
N GLU A 777 -20.70 -19.87 11.76
CA GLU A 777 -21.53 -18.99 12.57
C GLU A 777 -22.92 -18.81 11.97
N VAL A 778 -23.00 -18.70 10.64
CA VAL A 778 -24.31 -18.53 10.00
C VAL A 778 -25.14 -19.81 10.10
N PHE A 779 -24.55 -20.95 9.74
CA PHE A 779 -25.37 -22.15 9.57
C PHE A 779 -25.43 -23.04 10.80
N ALA A 780 -24.30 -23.31 11.47
CA ALA A 780 -24.29 -24.26 12.58
C ALA A 780 -24.76 -23.56 13.86
N GLN A 781 -26.09 -23.40 13.94
CA GLN A 781 -26.70 -22.80 15.13
C GLN A 781 -27.58 -23.77 15.91
N VAL A 782 -27.89 -24.93 15.35
CA VAL A 782 -28.70 -25.94 16.03
C VAL A 782 -27.78 -27.12 16.37
N LYS A 783 -27.90 -27.63 17.60
CA LYS A 783 -27.01 -28.66 18.09
C LYS A 783 -27.39 -30.06 17.66
N GLN A 784 -28.59 -30.26 17.14
CA GLN A 784 -29.05 -31.58 16.71
C GLN A 784 -29.64 -31.49 15.31
N ILE A 785 -29.64 -32.61 14.61
CA ILE A 785 -30.13 -32.67 13.23
C ILE A 785 -31.56 -33.20 13.30
N TYR A 786 -32.52 -32.29 13.32
CA TYR A 786 -33.92 -32.67 13.29
C TYR A 786 -34.33 -33.08 11.88
N LYS A 787 -35.43 -33.82 11.79
CA LYS A 787 -35.96 -34.24 10.51
C LYS A 787 -37.47 -34.38 10.62
N THR A 788 -38.14 -34.29 9.47
CA THR A 788 -39.59 -34.31 9.40
C THR A 788 -40.14 -35.72 9.59
N PRO A 789 -41.37 -35.84 10.09
CA PRO A 789 -42.07 -37.14 10.05
C PRO A 789 -42.39 -37.52 8.61
N PRO A 790 -42.58 -38.82 8.33
CA PRO A 790 -42.89 -39.25 6.95
C PRO A 790 -44.20 -38.69 6.40
N ILE A 791 -45.19 -38.40 7.24
CA ILE A 791 -46.39 -37.72 6.78
C ILE A 791 -46.08 -36.25 6.56
N LYS A 792 -46.66 -35.67 5.51
CA LYS A 792 -46.38 -34.30 5.10
C LYS A 792 -47.65 -33.47 5.06
N TYR A 793 -48.55 -33.67 6.03
CA TYR A 793 -49.76 -32.86 6.15
C TYR A 793 -49.54 -31.86 7.27
N PHE A 794 -49.01 -30.70 6.92
CA PHE A 794 -48.76 -29.63 7.89
C PHE A 794 -49.88 -28.60 7.85
N GLY A 795 -51.09 -29.05 8.18
CA GLY A 795 -52.23 -28.17 8.25
C GLY A 795 -52.72 -27.64 6.92
N GLY A 796 -52.42 -28.31 5.82
CA GLY A 796 -52.80 -27.87 4.50
C GLY A 796 -51.75 -27.08 3.77
N PHE A 797 -50.69 -26.65 4.45
CA PHE A 797 -49.59 -25.95 3.82
C PHE A 797 -48.71 -26.94 3.06
N ASN A 798 -48.22 -26.49 1.91
CA ASN A 798 -47.39 -27.32 1.04
C ASN A 798 -45.94 -26.87 1.18
N PHE A 799 -45.11 -27.76 1.73
CA PHE A 799 -43.70 -27.50 1.95
C PHE A 799 -42.80 -28.36 1.07
N SER A 800 -43.34 -28.94 0.00
CA SER A 800 -42.57 -29.86 -0.83
C SER A 800 -41.49 -29.16 -1.64
N GLN A 801 -41.60 -27.85 -1.86
CA GLN A 801 -40.59 -27.15 -2.63
C GLN A 801 -39.35 -26.83 -1.82
N ILE A 802 -39.48 -26.67 -0.50
CA ILE A 802 -38.34 -26.34 0.35
C ILE A 802 -37.86 -27.53 1.18
N LEU A 803 -38.66 -28.57 1.33
CA LEU A 803 -38.18 -29.79 1.96
C LEU A 803 -37.20 -30.50 1.02
N PRO A 804 -36.25 -31.26 1.56
CA PRO A 804 -35.25 -31.92 0.70
C PRO A 804 -35.86 -32.98 -0.21
N ASP A 805 -35.26 -33.09 -1.39
CA ASP A 805 -35.69 -34.05 -2.40
C ASP A 805 -34.75 -35.23 -2.41
N PRO A 806 -35.19 -36.44 -2.02
CA PRO A 806 -34.28 -37.59 -1.99
C PRO A 806 -33.89 -38.10 -3.37
N SER A 807 -34.57 -37.68 -4.44
CA SER A 807 -34.24 -38.14 -5.78
C SER A 807 -32.91 -37.57 -6.28
N LYS A 808 -32.54 -36.39 -5.80
CA LYS A 808 -31.26 -35.80 -6.16
C LYS A 808 -30.12 -36.56 -5.50
N PRO A 809 -28.94 -36.62 -6.14
CA PRO A 809 -27.78 -37.24 -5.49
C PRO A 809 -27.33 -36.51 -4.24
N SER A 810 -27.43 -35.19 -4.22
CA SER A 810 -27.21 -34.38 -3.03
C SER A 810 -28.54 -33.87 -2.53
N LYS A 811 -28.83 -34.08 -1.25
CA LYS A 811 -30.16 -33.83 -0.69
C LYS A 811 -30.38 -32.33 -0.57
N ARG A 812 -30.80 -31.73 -1.67
CA ARG A 812 -31.15 -30.31 -1.75
C ARG A 812 -32.56 -30.17 -2.31
N SER A 813 -33.23 -29.09 -1.93
CA SER A 813 -34.60 -28.87 -2.36
C SER A 813 -34.64 -28.32 -3.78
N PHE A 814 -35.87 -28.13 -4.28
CA PHE A 814 -36.07 -27.61 -5.63
C PHE A 814 -35.59 -26.17 -5.75
N ILE A 815 -35.89 -25.35 -4.75
CA ILE A 815 -35.46 -23.95 -4.77
C ILE A 815 -33.95 -23.83 -4.61
N GLU A 816 -33.36 -24.71 -3.78
CA GLU A 816 -31.90 -24.74 -3.63
C GLU A 816 -31.22 -25.16 -4.93
N ASP A 817 -31.81 -26.13 -5.64
CA ASP A 817 -31.28 -26.52 -6.95
C ASP A 817 -31.40 -25.38 -7.96
N LEU A 818 -32.50 -24.62 -7.90
CA LEU A 818 -32.68 -23.47 -8.78
C LEU A 818 -31.63 -22.39 -8.51
N LEU A 819 -31.35 -22.11 -7.23
CA LEU A 819 -30.33 -21.12 -6.88
C LEU A 819 -28.93 -21.58 -7.29
N PHE A 820 -28.63 -22.87 -7.08
CA PHE A 820 -27.33 -23.42 -7.47
C PHE A 820 -27.16 -23.42 -8.99
N ASN A 821 -28.25 -23.59 -9.74
CA ASN A 821 -28.17 -23.46 -11.19
C ASN A 821 -28.09 -22.00 -11.63
N LYS A 822 -28.67 -21.07 -10.86
CA LYS A 822 -28.62 -19.66 -11.23
C LYS A 822 -27.23 -19.07 -11.02
N VAL A 823 -26.54 -19.47 -9.94
CA VAL A 823 -25.18 -18.98 -9.73
C VAL A 823 -24.22 -19.84 -10.56
N THR A 824 -23.45 -19.20 -11.43
CA THR A 824 -22.42 -19.87 -12.21
C THR A 824 -21.11 -19.77 -11.44
N LEU A 825 -20.73 -20.84 -10.75
CA LEU A 825 -19.54 -20.87 -9.90
C LEU A 825 -18.32 -21.12 -10.78
N ALA A 826 -17.57 -20.07 -11.07
CA ALA A 826 -16.40 -20.17 -11.93
C ALA A 826 -15.09 -20.36 -11.18
N ASP A 827 -15.09 -20.26 -9.85
CA ASP A 827 -13.87 -20.39 -9.06
C ASP A 827 -13.77 -21.79 -8.48
N ALA A 828 -13.44 -22.74 -9.35
CA ALA A 828 -13.23 -24.15 -8.96
C ALA A 828 -11.73 -24.40 -8.97
N GLY A 829 -11.10 -24.19 -7.82
CA GLY A 829 -9.65 -24.26 -7.73
C GLY A 829 -9.07 -25.66 -7.63
N PHE A 830 -9.41 -26.39 -6.58
CA PHE A 830 -8.86 -27.72 -6.35
C PHE A 830 -9.68 -28.83 -6.98
N ILE A 831 -10.71 -28.50 -7.76
CA ILE A 831 -11.41 -29.51 -8.54
C ILE A 831 -10.50 -30.02 -9.67
N LYS A 832 -9.62 -29.15 -10.17
CA LYS A 832 -8.69 -29.53 -11.24
C LYS A 832 -7.69 -30.57 -10.78
N GLN A 833 -7.18 -30.44 -9.55
CA GLN A 833 -6.20 -31.32 -8.90
C GLN A 833 -4.87 -31.39 -9.66
N TYR A 834 -4.59 -30.39 -10.49
CA TYR A 834 -3.34 -30.15 -11.22
C TYR A 834 -3.02 -31.18 -12.31
N GLY A 835 -3.81 -32.25 -12.42
CA GLY A 835 -3.60 -33.21 -13.49
C GLY A 835 -4.13 -32.67 -14.81
N ASP A 836 -5.30 -32.05 -14.74
CA ASP A 836 -5.90 -31.43 -15.92
C ASP A 836 -5.12 -30.19 -16.34
N CYS A 837 -4.45 -29.53 -15.39
CA CYS A 837 -3.54 -28.45 -15.73
C CYS A 837 -2.23 -28.95 -16.30
N LEU A 838 -1.73 -30.09 -15.81
CA LEU A 838 -0.52 -30.69 -16.35
C LEU A 838 -0.72 -31.18 -17.77
N GLY A 839 -1.93 -31.66 -18.08
CA GLY A 839 -2.25 -31.91 -19.47
C GLY A 839 -2.56 -30.60 -20.17
N ASP A 840 -1.62 -30.09 -20.96
CA ASP A 840 -1.76 -28.75 -21.51
C ASP A 840 -2.61 -28.78 -22.76
N ILE A 841 -3.58 -27.87 -22.84
CA ILE A 841 -4.47 -27.75 -23.98
C ILE A 841 -4.19 -26.40 -24.64
N ALA A 842 -4.46 -26.33 -25.95
CA ALA A 842 -4.25 -25.10 -26.71
C ALA A 842 -5.23 -24.00 -26.31
N ALA A 843 -6.39 -24.36 -25.75
CA ALA A 843 -7.33 -23.36 -25.27
C ALA A 843 -6.79 -22.69 -24.02
N ARG A 844 -7.02 -21.38 -23.91
CA ARG A 844 -6.52 -20.61 -22.79
C ARG A 844 -7.44 -20.82 -21.59
N ASP A 845 -7.04 -21.71 -20.68
CA ASP A 845 -7.80 -21.99 -19.47
C ASP A 845 -7.32 -21.06 -18.37
N LEU A 846 -8.24 -20.30 -17.78
CA LEU A 846 -7.88 -19.26 -16.83
C LEU A 846 -7.47 -19.82 -15.47
N ILE A 847 -8.09 -20.92 -15.04
CA ILE A 847 -7.78 -21.49 -13.74
C ILE A 847 -6.40 -22.13 -13.75
N CYS A 848 -6.05 -22.82 -14.84
CA CYS A 848 -4.72 -23.44 -14.92
C CYS A 848 -3.62 -22.41 -15.12
N ALA A 849 -3.91 -21.32 -15.86
CA ALA A 849 -2.91 -20.28 -16.09
C ALA A 849 -2.57 -19.55 -14.79
N GLN A 850 -3.57 -19.28 -13.95
CA GLN A 850 -3.28 -18.71 -12.65
C GLN A 850 -2.79 -19.75 -11.65
N LYS A 851 -3.09 -21.03 -11.90
CA LYS A 851 -2.54 -22.08 -11.04
C LYS A 851 -1.04 -22.24 -11.26
N PHE A 852 -0.57 -22.03 -12.49
CA PHE A 852 0.86 -22.11 -12.79
C PHE A 852 1.64 -20.95 -12.19
N LYS A 853 0.97 -19.88 -11.77
CA LYS A 853 1.63 -18.69 -11.27
C LYS A 853 1.75 -18.66 -9.75
N GLY A 854 1.34 -19.73 -9.08
CA GLY A 854 1.37 -19.78 -7.63
C GLY A 854 0.09 -19.36 -6.95
N LEU A 855 -0.99 -19.15 -7.71
CA LEU A 855 -2.27 -18.68 -7.19
C LEU A 855 -3.20 -19.88 -7.10
N THR A 856 -3.57 -20.28 -5.88
CA THR A 856 -4.40 -21.47 -5.70
C THR A 856 -5.63 -21.11 -4.87
N VAL A 857 -6.63 -21.98 -4.92
CA VAL A 857 -7.89 -21.79 -4.20
C VAL A 857 -8.10 -23.01 -3.31
N LEU A 858 -8.18 -22.79 -2.00
CA LEU A 858 -8.43 -23.84 -1.05
C LEU A 858 -9.92 -24.17 -1.00
N PRO A 859 -10.28 -25.43 -0.78
CA PRO A 859 -11.70 -25.79 -0.69
C PRO A 859 -12.29 -25.39 0.65
N PRO A 860 -13.59 -25.12 0.71
CA PRO A 860 -14.22 -24.83 2.00
C PRO A 860 -14.29 -26.07 2.88
N LEU A 861 -14.37 -25.81 4.19
CA LEU A 861 -14.42 -26.90 5.16
C LEU A 861 -15.75 -27.64 5.10
N LEU A 862 -16.85 -26.90 5.01
CA LEU A 862 -18.19 -27.49 4.96
C LEU A 862 -18.64 -27.56 3.51
N THR A 863 -19.01 -28.77 3.07
CA THR A 863 -19.48 -28.92 1.71
C THR A 863 -20.98 -28.59 1.62
N ASP A 864 -21.46 -28.56 0.38
CA ASP A 864 -22.84 -28.17 0.10
C ASP A 864 -23.83 -29.18 0.66
N GLU A 865 -23.43 -30.45 0.76
CA GLU A 865 -24.28 -31.47 1.40
C GLU A 865 -24.45 -31.17 2.88
N MET A 866 -23.37 -30.76 3.56
CA MET A 866 -23.48 -30.44 4.98
C MET A 866 -24.25 -29.15 5.22
N ILE A 867 -24.09 -28.18 4.31
CA ILE A 867 -24.88 -26.94 4.40
C ILE A 867 -26.37 -27.23 4.18
N ALA A 868 -26.68 -28.12 3.23
CA ALA A 868 -28.06 -28.53 3.00
C ALA A 868 -28.63 -29.32 4.18
N GLN A 869 -27.79 -30.11 4.86
CA GLN A 869 -28.25 -30.81 6.06
C GLN A 869 -28.53 -29.84 7.21
N TYR A 870 -27.69 -28.80 7.36
CA TYR A 870 -27.97 -27.75 8.35
C TYR A 870 -29.27 -27.03 8.05
N THR A 871 -29.50 -26.65 6.79
CA THR A 871 -30.73 -25.95 6.45
C THR A 871 -31.95 -26.84 6.57
N SER A 872 -31.81 -28.13 6.25
CA SER A 872 -32.90 -29.08 6.41
C SER A 872 -33.25 -29.29 7.88
N ALA A 873 -32.23 -29.39 8.75
CA ALA A 873 -32.48 -29.52 10.18
C ALA A 873 -33.15 -28.29 10.75
N LEU A 874 -32.70 -27.09 10.34
CA LEU A 874 -33.30 -25.85 10.80
C LEU A 874 -34.75 -25.72 10.34
N LEU A 875 -35.03 -26.05 9.08
CA LEU A 875 -36.38 -25.91 8.55
C LEU A 875 -37.33 -26.95 9.14
N ALA A 876 -36.83 -28.18 9.34
CA ALA A 876 -37.65 -29.23 9.96
C ALA A 876 -37.95 -28.91 11.41
N GLY A 877 -36.96 -28.40 12.15
CA GLY A 877 -37.21 -27.99 13.52
C GLY A 877 -38.16 -26.83 13.61
N THR A 878 -38.06 -25.86 12.69
CA THR A 878 -38.96 -24.72 12.65
C THR A 878 -40.39 -25.16 12.40
N ILE A 879 -40.59 -26.06 11.43
CA ILE A 879 -41.93 -26.52 11.09
C ILE A 879 -42.52 -27.36 12.23
N THR A 880 -41.75 -28.30 12.77
CA THR A 880 -42.32 -29.21 13.75
C THR A 880 -42.36 -28.64 15.17
N SER A 881 -41.66 -27.56 15.47
CA SER A 881 -41.65 -27.07 16.85
C SER A 881 -41.82 -25.57 17.02
N GLY A 882 -41.62 -24.74 16.00
CA GLY A 882 -41.82 -23.32 16.18
C GLY A 882 -40.58 -22.64 16.73
N TRP A 883 -40.79 -21.78 17.74
CA TRP A 883 -39.72 -21.02 18.36
C TRP A 883 -39.04 -21.77 19.51
N THR A 884 -39.54 -22.96 19.86
CA THR A 884 -39.08 -23.64 21.07
C THR A 884 -37.70 -24.27 20.91
N PHE A 885 -37.35 -24.73 19.70
CA PHE A 885 -36.05 -25.34 19.49
C PHE A 885 -34.92 -24.32 19.43
N GLY A 886 -35.23 -23.03 19.31
CA GLY A 886 -34.22 -22.00 19.45
C GLY A 886 -33.96 -21.58 20.89
N ALA A 887 -34.81 -22.00 21.82
CA ALA A 887 -34.65 -21.70 23.23
C ALA A 887 -34.26 -22.91 24.06
N GLY A 888 -34.58 -24.11 23.59
CA GLY A 888 -34.26 -25.32 24.32
C GLY A 888 -34.55 -26.57 23.52
N ALA A 889 -35.15 -27.58 24.16
CA ALA A 889 -35.57 -28.78 23.46
C ALA A 889 -36.75 -28.46 22.56
N ALA A 890 -36.81 -29.15 21.42
CA ALA A 890 -37.91 -28.95 20.48
C ALA A 890 -39.20 -29.55 21.04
N LEU A 891 -40.27 -28.78 21.00
CA LEU A 891 -41.56 -29.21 21.53
C LEU A 891 -42.55 -29.26 20.38
N GLN A 892 -43.12 -30.44 20.14
CA GLN A 892 -44.05 -30.62 19.03
C GLN A 892 -45.34 -29.85 19.27
N ILE A 893 -45.91 -29.33 18.19
CA ILE A 893 -47.13 -28.53 18.23
C ILE A 893 -47.76 -28.61 16.84
N PRO A 894 -49.08 -28.75 16.73
CA PRO A 894 -49.72 -28.72 15.41
C PRO A 894 -49.53 -27.38 14.71
N PHE A 895 -49.44 -27.45 13.38
CA PHE A 895 -49.09 -26.28 12.59
C PHE A 895 -50.21 -25.25 12.57
N ALA A 896 -51.46 -25.69 12.70
CA ALA A 896 -52.58 -24.76 12.82
C ALA A 896 -52.48 -23.95 14.12
N MET A 897 -52.16 -24.62 15.23
CA MET A 897 -51.98 -23.90 16.49
C MET A 897 -50.77 -22.97 16.44
N GLN A 898 -49.71 -23.40 15.74
CA GLN A 898 -48.53 -22.56 15.59
C GLN A 898 -48.82 -21.31 14.74
N MET A 899 -49.57 -21.46 13.64
CA MET A 899 -50.00 -20.29 12.86
C MET A 899 -50.92 -19.37 13.65
N ALA A 900 -51.83 -19.94 14.46
CA ALA A 900 -52.67 -19.11 15.31
C ALA A 900 -51.86 -18.33 16.32
N TYR A 901 -50.78 -18.94 16.82
CA TYR A 901 -49.95 -18.24 17.80
C TYR A 901 -49.07 -17.19 17.13
N ARG A 902 -48.65 -17.42 15.88
CA ARG A 902 -47.95 -16.39 15.13
C ARG A 902 -48.85 -15.20 14.81
N PHE A 903 -50.12 -15.45 14.47
CA PHE A 903 -51.07 -14.34 14.33
C PHE A 903 -51.33 -13.63 15.65
N ASN A 904 -51.39 -14.37 16.76
CA ASN A 904 -51.58 -13.71 18.04
C ASN A 904 -50.36 -12.90 18.45
N GLY A 905 -49.19 -13.21 17.90
CA GLY A 905 -48.03 -12.37 18.11
C GLY A 905 -48.16 -10.98 17.51
N ILE A 906 -48.81 -10.86 16.36
CA ILE A 906 -48.90 -9.59 15.65
C ILE A 906 -50.20 -8.84 15.94
N GLY A 907 -50.99 -9.32 16.90
CA GLY A 907 -52.18 -8.60 17.32
C GLY A 907 -53.48 -9.01 16.66
N VAL A 908 -53.50 -10.15 15.97
CA VAL A 908 -54.70 -10.64 15.30
C VAL A 908 -55.12 -11.94 16.00
N THR A 909 -56.41 -12.03 16.34
CA THR A 909 -56.89 -13.13 17.16
C THR A 909 -56.87 -14.46 16.39
N GLN A 910 -56.99 -15.54 17.16
CA GLN A 910 -56.78 -16.89 16.62
C GLN A 910 -57.92 -17.33 15.71
N ASN A 911 -59.14 -16.84 15.97
CA ASN A 911 -60.30 -17.23 15.17
C ASN A 911 -60.23 -16.69 13.74
N VAL A 912 -59.42 -15.66 13.51
CA VAL A 912 -59.17 -15.18 12.15
C VAL A 912 -58.48 -16.26 11.33
N LEU A 913 -57.47 -16.91 11.92
CA LEU A 913 -56.91 -18.10 11.27
C LEU A 913 -57.89 -19.25 11.22
N TYR A 914 -58.50 -19.61 12.35
CA TYR A 914 -59.28 -20.84 12.45
C TYR A 914 -60.57 -20.79 11.62
N GLU A 915 -60.98 -19.61 11.16
CA GLU A 915 -62.06 -19.50 10.20
C GLU A 915 -61.58 -19.20 8.77
N ASN A 916 -60.27 -19.14 8.53
CA ASN A 916 -59.75 -18.86 7.19
C ASN A 916 -58.53 -19.71 6.83
N GLN A 917 -58.38 -20.90 7.44
CA GLN A 917 -57.15 -21.68 7.35
C GLN A 917 -56.91 -22.20 5.94
N LYS A 918 -57.97 -22.64 5.26
CA LYS A 918 -57.85 -23.14 3.89
C LYS A 918 -57.43 -22.04 2.92
N LEU A 919 -58.02 -20.84 3.09
CA LEU A 919 -57.65 -19.70 2.25
C LEU A 919 -56.21 -19.27 2.49
N ILE A 920 -55.76 -19.29 3.75
CA ILE A 920 -54.38 -18.91 4.07
C ILE A 920 -53.39 -19.93 3.51
N ALA A 921 -53.74 -21.22 3.57
CA ALA A 921 -52.89 -22.26 2.98
C ALA A 921 -52.82 -22.13 1.46
N ASN A 922 -53.94 -21.80 0.81
CA ASN A 922 -53.95 -21.58 -0.63
C ASN A 922 -53.08 -20.39 -1.03
N GLN A 923 -53.15 -19.30 -0.25
CA GLN A 923 -52.32 -18.13 -0.53
C GLN A 923 -50.84 -18.44 -0.34
N PHE A 924 -50.50 -19.24 0.68
CA PHE A 924 -49.09 -19.62 0.89
C PHE A 924 -48.56 -20.48 -0.24
N ASN A 925 -49.36 -21.45 -0.70
CA ASN A 925 -48.94 -22.29 -1.83
C ASN A 925 -48.79 -21.49 -3.11
N SER A 926 -49.71 -20.55 -3.36
CA SER A 926 -49.59 -19.69 -4.55
C SER A 926 -48.37 -18.78 -4.46
N ALA A 927 -48.02 -18.32 -3.26
CA ALA A 927 -46.82 -17.50 -3.10
C ALA A 927 -45.54 -18.31 -3.34
N ILE A 928 -45.51 -19.56 -2.90
CA ILE A 928 -44.36 -20.42 -3.16
C ILE A 928 -44.23 -20.71 -4.66
N GLY A 929 -45.36 -20.93 -5.34
CA GLY A 929 -45.34 -21.09 -6.78
C GLY A 929 -44.88 -19.85 -7.53
N LYS A 930 -45.27 -18.66 -7.06
CA LYS A 930 -44.78 -17.43 -7.66
C LYS A 930 -43.29 -17.22 -7.41
N ILE A 931 -42.78 -17.69 -6.25
CA ILE A 931 -41.34 -17.66 -6.01
C ILE A 931 -40.61 -18.55 -7.01
N GLN A 932 -41.15 -19.74 -7.28
CA GLN A 932 -40.58 -20.62 -8.30
C GLN A 932 -40.59 -19.98 -9.69
N ASP A 933 -41.71 -19.36 -10.06
CA ASP A 933 -41.80 -18.74 -11.38
C ASP A 933 -40.91 -17.50 -11.50
N SER A 934 -40.65 -16.80 -10.40
CA SER A 934 -39.73 -15.67 -10.44
C SER A 934 -38.28 -16.14 -10.53
N LEU A 935 -37.92 -17.18 -9.77
CA LEU A 935 -36.53 -17.64 -9.76
C LEU A 935 -36.16 -18.41 -11.02
N SER A 936 -37.14 -19.04 -11.69
CA SER A 936 -36.82 -19.76 -12.92
C SER A 936 -36.60 -18.84 -14.11
N SER A 937 -36.98 -17.55 -14.01
CA SER A 937 -36.86 -16.62 -15.12
C SER A 937 -35.91 -15.48 -14.83
N THR A 938 -36.10 -14.76 -13.73
CA THR A 938 -35.29 -13.58 -13.43
C THR A 938 -34.01 -14.03 -12.73
N ALA A 939 -32.94 -14.13 -13.50
CA ALA A 939 -31.64 -14.53 -12.97
C ALA A 939 -30.80 -13.37 -12.45
N SER A 940 -31.32 -12.14 -12.51
CA SER A 940 -30.59 -10.97 -12.06
C SER A 940 -30.76 -10.72 -10.56
N ALA A 941 -31.54 -11.55 -9.87
CA ALA A 941 -31.76 -11.34 -8.43
C ALA A 941 -30.55 -11.78 -7.61
N LEU A 942 -29.74 -12.70 -8.13
CA LEU A 942 -28.62 -13.27 -7.38
C LEU A 942 -27.30 -12.57 -7.70
N GLY A 943 -27.37 -11.28 -8.04
CA GLY A 943 -26.18 -10.50 -8.29
C GLY A 943 -25.31 -10.30 -7.06
N LYS A 944 -25.89 -10.36 -5.86
CA LYS A 944 -25.12 -10.22 -4.63
C LYS A 944 -24.15 -11.38 -4.41
N LEU A 945 -24.39 -12.54 -5.01
CA LEU A 945 -23.45 -13.65 -4.98
C LEU A 945 -22.64 -13.78 -6.26
N GLN A 946 -23.23 -13.38 -7.40
CA GLN A 946 -22.47 -13.34 -8.64
C GLN A 946 -21.33 -12.33 -8.57
N ASP A 947 -21.53 -11.21 -7.86
CA ASP A 947 -20.45 -10.26 -7.65
C ASP A 947 -19.40 -10.80 -6.69
N VAL A 948 -19.79 -11.66 -5.74
CA VAL A 948 -18.82 -12.30 -4.86
C VAL A 948 -17.91 -13.23 -5.65
N VAL A 949 -18.47 -13.94 -6.63
CA VAL A 949 -17.65 -14.75 -7.53
C VAL A 949 -16.75 -13.86 -8.40
N ASN A 950 -17.34 -12.81 -9.01
CA ASN A 950 -16.63 -12.01 -9.99
C ASN A 950 -15.54 -11.15 -9.39
N HIS A 951 -15.71 -10.67 -8.15
CA HIS A 951 -14.70 -9.83 -7.53
C HIS A 951 -13.43 -10.58 -7.21
N ASN A 952 -13.51 -11.89 -6.99
CA ASN A 952 -12.31 -12.70 -6.80
C ASN A 952 -11.72 -13.15 -8.13
N ALA A 953 -12.58 -13.50 -9.10
CA ALA A 953 -12.08 -13.91 -10.42
C ALA A 953 -11.35 -12.76 -11.13
N GLN A 954 -11.91 -11.55 -11.07
CA GLN A 954 -11.30 -10.39 -11.70
C GLN A 954 -10.01 -10.00 -11.00
N ALA A 955 -9.96 -10.13 -9.68
CA ALA A 955 -8.74 -9.81 -8.94
C ALA A 955 -7.62 -10.79 -9.26
N LEU A 956 -7.94 -12.08 -9.38
CA LEU A 956 -6.92 -13.05 -9.76
C LEU A 956 -6.45 -12.85 -11.19
N ASN A 957 -7.36 -12.49 -12.10
CA ASN A 957 -6.97 -12.21 -13.48
C ASN A 957 -6.10 -10.97 -13.57
N THR A 958 -6.40 -9.94 -12.78
CA THR A 958 -5.57 -8.74 -12.73
C THR A 958 -4.19 -9.05 -12.17
N LEU A 959 -4.12 -9.86 -11.11
CA LEU A 959 -2.85 -10.25 -10.52
C LEU A 959 -2.01 -11.10 -11.47
N VAL A 960 -2.65 -11.88 -12.33
CA VAL A 960 -1.92 -12.56 -13.40
C VAL A 960 -1.42 -11.55 -14.43
N LYS A 961 -2.26 -10.58 -14.80
CA LYS A 961 -1.88 -9.59 -15.81
C LYS A 961 -0.81 -8.62 -15.35
N GLN A 962 -0.54 -8.52 -14.04
CA GLN A 962 0.52 -7.62 -13.58
C GLN A 962 1.93 -8.08 -13.93
N LEU A 963 2.12 -9.34 -14.35
CA LEU A 963 3.47 -9.82 -14.61
C LEU A 963 4.04 -9.27 -15.92
N SER A 964 3.18 -8.89 -16.86
CA SER A 964 3.65 -8.36 -18.13
C SER A 964 4.19 -6.95 -18.03
N SER A 965 3.98 -6.27 -16.91
CA SER A 965 4.54 -4.94 -16.71
C SER A 965 6.04 -5.00 -16.51
N LYS A 966 6.75 -4.08 -17.16
CA LYS A 966 8.21 -4.06 -17.08
C LYS A 966 8.74 -3.36 -15.83
N PHE A 967 7.95 -2.42 -15.28
CA PHE A 967 8.32 -1.60 -14.11
C PHE A 967 9.63 -0.85 -14.33
N GLY A 968 9.83 -0.37 -15.56
CA GLY A 968 11.02 0.39 -15.89
C GLY A 968 12.23 -0.43 -16.26
N ALA A 969 12.15 -1.76 -16.20
CA ALA A 969 13.28 -2.59 -16.57
C ALA A 969 13.33 -2.78 -18.08
N ILE A 970 14.40 -3.42 -18.55
CA ILE A 970 14.57 -3.63 -19.98
C ILE A 970 13.70 -4.78 -20.50
N SER A 971 13.26 -5.68 -19.62
CA SER A 971 12.43 -6.80 -20.03
C SER A 971 11.66 -7.29 -18.81
N SER A 972 10.58 -8.04 -19.08
CA SER A 972 9.79 -8.67 -18.03
C SER A 972 10.13 -10.14 -17.87
N VAL A 973 11.22 -10.60 -18.48
CA VAL A 973 11.64 -12.00 -18.40
C VAL A 973 12.99 -12.00 -17.66
N LEU A 974 12.98 -12.60 -16.47
CA LEU A 974 14.17 -12.58 -15.62
C LEU A 974 15.27 -13.48 -16.17
N ASN A 975 14.90 -14.57 -16.85
CA ASN A 975 15.87 -15.40 -17.55
C ASN A 975 16.55 -14.62 -18.67
N ASP A 976 15.76 -13.79 -19.39
CA ASP A 976 16.32 -12.93 -20.42
C ASP A 976 17.28 -11.90 -19.83
N ILE A 977 16.92 -11.31 -18.70
CA ILE A 977 17.79 -10.31 -18.05
C ILE A 977 19.10 -10.95 -17.58
N PHE A 978 19.01 -12.13 -16.94
CA PHE A 978 20.20 -12.83 -16.47
C PHE A 978 21.07 -13.31 -17.62
N SER A 979 20.47 -13.73 -18.74
CA SER A 979 21.24 -14.15 -19.88
C SER A 979 21.86 -13.00 -20.66
N ARG A 980 21.26 -11.80 -20.59
CA ARG A 980 21.73 -10.67 -21.39
C ARG A 980 22.52 -9.63 -20.60
N LEU A 981 22.67 -9.79 -19.29
CA LEU A 981 23.43 -8.82 -18.50
C LEU A 981 24.33 -9.51 -17.50
N ASP A 982 25.32 -8.77 -17.02
CA ASP A 982 26.09 -9.18 -15.86
C ASP A 982 25.25 -9.07 -14.59
N LYS A 983 25.76 -9.66 -13.51
CA LYS A 983 25.02 -9.66 -12.25
C LYS A 983 24.98 -8.28 -11.60
N VAL A 984 25.97 -7.42 -11.88
CA VAL A 984 26.09 -6.14 -11.20
C VAL A 984 24.96 -5.18 -11.60
N GLU A 985 24.71 -5.06 -12.91
CA GLU A 985 23.56 -4.28 -13.35
C GLU A 985 22.29 -5.13 -13.46
N ALA A 986 22.42 -6.45 -13.45
CA ALA A 986 21.24 -7.31 -13.47
C ALA A 986 20.49 -7.24 -12.15
N GLU A 987 21.21 -7.08 -11.03
CA GLU A 987 20.56 -6.88 -9.74
C GLU A 987 19.80 -5.56 -9.71
N VAL A 988 20.37 -4.52 -10.34
CA VAL A 988 19.70 -3.23 -10.45
C VAL A 988 18.45 -3.33 -11.31
N GLN A 989 18.53 -4.09 -12.41
CA GLN A 989 17.37 -4.26 -13.29
C GLN A 989 16.29 -5.12 -12.65
N ILE A 990 16.69 -6.07 -11.79
CA ILE A 990 15.74 -7.04 -11.24
C ILE A 990 15.14 -6.57 -9.92
N ASP A 991 15.79 -5.63 -9.22
CA ASP A 991 15.23 -5.03 -8.03
C ASP A 991 13.92 -4.29 -8.32
N ARG A 992 13.85 -3.63 -9.49
CA ARG A 992 12.63 -2.95 -9.90
C ARG A 992 11.48 -3.92 -10.10
N LEU A 993 11.74 -5.05 -10.77
CA LEU A 993 10.72 -6.07 -11.00
C LEU A 993 10.25 -6.70 -9.70
N ILE A 994 11.19 -6.99 -8.80
CA ILE A 994 10.87 -7.59 -7.51
C ILE A 994 10.02 -6.64 -6.67
N THR A 995 10.40 -5.36 -6.62
CA THR A 995 9.65 -4.37 -5.86
C THR A 995 8.26 -4.13 -6.45
N GLY A 996 8.14 -4.10 -7.78
CA GLY A 996 6.85 -3.91 -8.41
C GLY A 996 5.89 -5.06 -8.19
N ARG A 997 6.39 -6.30 -8.34
CA ARG A 997 5.54 -7.46 -8.10
C ARG A 997 5.18 -7.61 -6.64
N LEU A 998 6.09 -7.22 -5.73
CA LEU A 998 5.77 -7.27 -4.30
C LEU A 998 4.74 -6.22 -3.92
N GLN A 999 4.81 -5.03 -4.53
CA GLN A 999 3.80 -4.01 -4.29
C GLN A 999 2.44 -4.41 -4.84
N SER A 1000 2.43 -5.08 -6.00
CA SER A 1000 1.18 -5.60 -6.55
C SER A 1000 0.56 -6.66 -5.64
N LEU A 1001 1.40 -7.54 -5.08
CA LEU A 1001 0.91 -8.56 -4.15
C LEU A 1001 0.36 -7.93 -2.87
N GLN A 1002 1.03 -6.90 -2.35
CA GLN A 1002 0.54 -6.20 -1.16
C GLN A 1002 -0.78 -5.48 -1.43
N THR A 1003 -0.93 -4.91 -2.63
CA THR A 1003 -2.19 -4.29 -3.02
C THR A 1003 -3.32 -5.30 -3.08
N TYR A 1004 -3.05 -6.49 -3.64
CA TYR A 1004 -4.06 -7.55 -3.70
C TYR A 1004 -4.46 -8.02 -2.31
N VAL A 1005 -3.48 -8.15 -1.41
CA VAL A 1005 -3.76 -8.59 -0.04
C VAL A 1005 -4.58 -7.55 0.72
N THR A 1006 -4.29 -6.25 0.50
CA THR A 1006 -5.05 -5.18 1.15
C THR A 1006 -6.50 -5.15 0.68
N GLN A 1007 -6.72 -5.29 -0.64
CA GLN A 1007 -8.09 -5.35 -1.15
C GLN A 1007 -8.84 -6.59 -0.66
N GLN A 1008 -8.13 -7.71 -0.54
CA GLN A 1008 -8.76 -8.91 0.03
C GLN A 1008 -9.14 -8.73 1.48
N LEU A 1009 -8.31 -8.00 2.25
CA LEU A 1009 -8.64 -7.72 3.66
C LEU A 1009 -9.89 -6.85 3.78
N ILE A 1010 -10.00 -5.82 2.95
CA ILE A 1010 -11.17 -4.94 3.01
C ILE A 1010 -12.44 -5.70 2.58
N ARG A 1011 -12.33 -6.51 1.52
CA ARG A 1011 -13.47 -7.31 1.09
C ARG A 1011 -13.85 -8.37 2.11
N ALA A 1012 -12.87 -8.93 2.84
CA ALA A 1012 -13.16 -9.88 3.90
C ALA A 1012 -13.87 -9.20 5.07
N ALA A 1013 -13.51 -7.95 5.37
CA ALA A 1013 -14.25 -7.19 6.38
C ALA A 1013 -15.71 -6.97 5.98
N GLU A 1014 -15.95 -6.65 4.70
CA GLU A 1014 -17.33 -6.46 4.23
C GLU A 1014 -18.11 -7.76 4.27
N ILE A 1015 -17.45 -8.87 3.90
CA ILE A 1015 -18.11 -10.18 3.89
C ILE A 1015 -18.42 -10.64 5.32
N ARG A 1016 -17.51 -10.33 6.27
CA ARG A 1016 -17.76 -10.68 7.67
C ARG A 1016 -18.92 -9.89 8.25
N ALA A 1017 -19.05 -8.61 7.87
CA ALA A 1017 -20.20 -7.82 8.29
C ALA A 1017 -21.50 -8.38 7.73
N SER A 1018 -21.50 -8.78 6.45
CA SER A 1018 -22.69 -9.37 5.86
C SER A 1018 -23.02 -10.73 6.47
N ALA A 1019 -22.00 -11.51 6.87
CA ALA A 1019 -22.24 -12.79 7.51
C ALA A 1019 -22.81 -12.61 8.92
N ASN A 1020 -22.35 -11.59 9.64
CA ASN A 1020 -22.93 -11.28 10.94
C ASN A 1020 -24.38 -10.85 10.82
N LEU A 1021 -24.70 -10.05 9.78
CA LEU A 1021 -26.09 -9.67 9.53
C LEU A 1021 -26.95 -10.88 9.18
N ALA A 1022 -26.40 -11.81 8.40
CA ALA A 1022 -27.14 -13.03 8.04
C ALA A 1022 -27.37 -13.92 9.25
N ALA A 1023 -26.38 -14.03 10.13
CA ALA A 1023 -26.55 -14.83 11.35
C ALA A 1023 -27.58 -14.21 12.29
N THR A 1024 -27.58 -12.88 12.41
CA THR A 1024 -28.57 -12.19 13.21
C THR A 1024 -29.98 -12.37 12.64
N LYS A 1025 -30.10 -12.27 11.31
CA LYS A 1025 -31.40 -12.48 10.66
C LYS A 1025 -31.90 -13.91 10.85
N MET A 1026 -31.00 -14.90 10.73
CA MET A 1026 -31.38 -16.29 10.93
C MET A 1026 -31.85 -16.54 12.36
N SER A 1027 -31.08 -16.05 13.34
CA SER A 1027 -31.41 -16.28 14.74
C SER A 1027 -32.69 -15.55 15.16
N GLU A 1028 -32.96 -14.38 14.58
CA GLU A 1028 -34.10 -13.60 15.04
C GLU A 1028 -35.35 -13.75 14.19
N CYS A 1029 -35.27 -14.39 13.01
CA CYS A 1029 -36.46 -14.60 12.21
C CYS A 1029 -36.76 -16.06 11.89
N VAL A 1030 -35.75 -16.94 11.89
CA VAL A 1030 -36.02 -18.36 11.70
C VAL A 1030 -36.30 -19.05 13.03
N LEU A 1031 -35.56 -18.68 14.07
CA LEU A 1031 -35.69 -19.28 15.39
C LEU A 1031 -36.71 -18.57 16.26
N GLY A 1032 -37.51 -17.67 15.68
CA GLY A 1032 -38.52 -16.96 16.44
C GLY A 1032 -39.21 -15.93 15.57
N GLN A 1033 -40.11 -15.20 16.18
CA GLN A 1033 -40.86 -14.15 15.50
C GLN A 1033 -40.28 -12.79 15.85
N SER A 1034 -40.19 -11.91 14.86
CA SER A 1034 -39.55 -10.61 15.01
C SER A 1034 -40.58 -9.50 15.02
N LYS A 1035 -40.45 -8.59 15.98
CA LYS A 1035 -41.29 -7.40 16.07
C LYS A 1035 -40.66 -6.19 15.42
N ARG A 1036 -39.48 -6.33 14.83
CA ARG A 1036 -38.79 -5.20 14.21
C ARG A 1036 -39.40 -4.92 12.84
N VAL A 1037 -39.68 -3.64 12.56
CA VAL A 1037 -40.36 -3.25 11.34
C VAL A 1037 -39.39 -3.31 10.17
N ASP A 1038 -39.78 -4.01 9.10
CA ASP A 1038 -39.05 -4.17 7.85
C ASP A 1038 -37.68 -4.85 8.03
N PHE A 1039 -37.47 -5.54 9.14
CA PHE A 1039 -36.25 -6.32 9.30
C PHE A 1039 -36.32 -7.60 8.47
N CYS A 1040 -37.47 -8.26 8.47
CA CYS A 1040 -37.68 -9.50 7.73
C CYS A 1040 -38.96 -9.35 6.90
N GLY A 1041 -38.82 -8.77 5.72
CA GLY A 1041 -39.94 -8.62 4.80
C GLY A 1041 -40.86 -7.46 5.11
N LYS A 1042 -41.43 -6.86 4.07
CA LYS A 1042 -42.41 -5.80 4.26
C LYS A 1042 -43.73 -6.38 4.74
N GLY A 1043 -44.28 -5.81 5.80
CA GLY A 1043 -45.46 -6.33 6.44
C GLY A 1043 -45.17 -6.83 7.84
N TYR A 1044 -46.14 -7.56 8.38
CA TYR A 1044 -46.01 -8.10 9.73
C TYR A 1044 -45.42 -9.51 9.64
N HIS A 1045 -44.28 -9.72 10.29
CA HIS A 1045 -43.50 -10.94 10.09
C HIS A 1045 -44.14 -12.13 10.78
N LEU A 1046 -44.12 -13.28 10.10
CA LEU A 1046 -44.63 -14.53 10.63
C LEU A 1046 -43.52 -15.57 10.77
N MET A 1047 -42.85 -15.92 9.69
CA MET A 1047 -41.76 -16.88 9.71
C MET A 1047 -40.69 -16.50 8.70
N SER A 1048 -39.72 -17.40 8.54
CA SER A 1048 -38.77 -17.40 7.46
C SER A 1048 -38.30 -18.83 7.26
N PHE A 1049 -37.83 -19.13 6.05
CA PHE A 1049 -37.33 -20.45 5.71
C PHE A 1049 -35.96 -20.29 5.06
N PRO A 1050 -34.88 -20.72 5.71
CA PRO A 1050 -33.55 -20.54 5.14
C PRO A 1050 -33.28 -21.54 4.03
N GLN A 1051 -32.76 -21.02 2.91
CA GLN A 1051 -32.36 -21.85 1.78
C GLN A 1051 -30.90 -21.56 1.46
N SER A 1052 -30.14 -22.63 1.22
CA SER A 1052 -28.73 -22.47 0.94
C SER A 1052 -28.51 -21.93 -0.46
N ALA A 1053 -27.35 -21.30 -0.65
CA ALA A 1053 -26.98 -20.69 -1.92
C ALA A 1053 -25.47 -20.75 -2.03
N PRO A 1054 -24.93 -20.70 -3.25
CA PRO A 1054 -23.46 -20.61 -3.39
C PRO A 1054 -22.97 -19.26 -2.87
N HIS A 1055 -22.06 -19.31 -1.90
CA HIS A 1055 -21.44 -18.14 -1.24
C HIS A 1055 -22.48 -17.23 -0.61
N GLY A 1056 -23.53 -17.80 -0.03
CA GLY A 1056 -24.55 -16.99 0.60
C GLY A 1056 -25.70 -17.82 1.10
N VAL A 1057 -26.75 -17.12 1.53
CA VAL A 1057 -27.96 -17.74 2.08
C VAL A 1057 -29.16 -16.93 1.59
N VAL A 1058 -30.28 -17.61 1.40
CA VAL A 1058 -31.51 -17.01 0.90
C VAL A 1058 -32.63 -17.30 1.88
N PHE A 1059 -33.30 -16.25 2.35
CA PHE A 1059 -34.43 -16.36 3.26
C PHE A 1059 -35.72 -16.10 2.51
N LEU A 1060 -36.78 -16.81 2.90
CA LEU A 1060 -38.12 -16.65 2.36
C LEU A 1060 -39.02 -16.17 3.51
N HIS A 1061 -39.06 -14.85 3.69
CA HIS A 1061 -39.81 -14.27 4.80
C HIS A 1061 -41.30 -14.31 4.51
N VAL A 1062 -42.08 -14.86 5.44
CA VAL A 1062 -43.53 -14.87 5.33
C VAL A 1062 -44.07 -13.66 6.09
N THR A 1063 -44.91 -12.87 5.42
CA THR A 1063 -45.45 -11.64 5.98
C THR A 1063 -46.95 -11.55 5.76
N TYR A 1064 -47.61 -10.88 6.70
CA TYR A 1064 -49.04 -10.60 6.68
C TYR A 1064 -49.20 -9.14 6.28
N VAL A 1065 -50.03 -8.88 5.26
CA VAL A 1065 -50.24 -7.54 4.73
C VAL A 1065 -51.73 -7.27 4.66
N PRO A 1066 -52.25 -6.21 5.29
CA PRO A 1066 -53.67 -5.87 5.13
C PRO A 1066 -53.98 -5.44 3.71
N ALA A 1067 -55.17 -5.84 3.23
CA ALA A 1067 -55.48 -5.70 1.81
C ALA A 1067 -56.65 -4.76 1.53
N GLN A 1068 -57.83 -5.01 2.07
CA GLN A 1068 -59.06 -4.35 1.63
C GLN A 1068 -59.56 -3.40 2.70
N GLU A 1069 -59.39 -2.10 2.47
CA GLU A 1069 -59.65 -1.06 3.44
C GLU A 1069 -61.12 -0.64 3.41
N LYS A 1070 -61.57 -0.05 4.51
CA LYS A 1070 -62.90 0.54 4.58
C LYS A 1070 -62.90 1.68 5.57
N ASN A 1071 -63.62 2.76 5.23
CA ASN A 1071 -63.66 3.97 6.05
C ASN A 1071 -64.80 3.93 7.05
N PHE A 1072 -64.53 4.38 8.27
CA PHE A 1072 -65.53 4.44 9.34
C PHE A 1072 -65.32 5.71 10.15
N THR A 1073 -66.35 6.08 10.90
CA THR A 1073 -66.28 7.20 11.83
C THR A 1073 -65.88 6.67 13.20
N THR A 1074 -64.84 7.27 13.78
CA THR A 1074 -64.25 6.76 15.01
C THR A 1074 -64.46 7.72 16.17
N ALA A 1075 -64.34 7.17 17.37
CA ALA A 1075 -64.44 7.94 18.60
C ALA A 1075 -63.42 7.45 19.60
N PRO A 1076 -62.91 8.33 20.48
CA PRO A 1076 -61.96 7.89 21.50
C PRO A 1076 -62.63 7.22 22.70
N ALA A 1077 -63.84 7.63 23.05
CA ALA A 1077 -64.49 7.10 24.25
C ALA A 1077 -66.01 7.20 24.10
N ILE A 1078 -66.72 6.67 25.09
CA ILE A 1078 -68.18 6.60 25.06
C ILE A 1078 -68.73 7.14 26.38
N CYS A 1079 -69.67 8.09 26.28
CA CYS A 1079 -70.40 8.58 27.46
C CYS A 1079 -71.54 7.62 27.80
N HIS A 1080 -71.50 7.06 28.99
CA HIS A 1080 -72.58 6.22 29.49
C HIS A 1080 -72.78 6.51 30.98
N ASP A 1081 -73.96 7.05 31.32
CA ASP A 1081 -74.35 7.40 32.69
C ASP A 1081 -73.35 8.38 33.33
N GLY A 1082 -72.84 9.30 32.53
CA GLY A 1082 -71.84 10.23 33.02
C GLY A 1082 -70.46 9.65 33.21
N LYS A 1083 -70.20 8.47 32.65
CA LYS A 1083 -68.90 7.82 32.74
C LYS A 1083 -68.29 7.70 31.36
N ALA A 1084 -66.95 7.73 31.30
CA ALA A 1084 -66.22 7.59 30.06
C ALA A 1084 -65.73 6.16 29.93
N HIS A 1085 -66.12 5.49 28.85
CA HIS A 1085 -65.71 4.12 28.56
C HIS A 1085 -64.68 4.14 27.45
N PHE A 1086 -63.54 3.49 27.70
CA PHE A 1086 -62.43 3.36 26.77
C PHE A 1086 -62.26 1.89 26.38
N PRO A 1087 -61.90 1.59 25.13
CA PRO A 1087 -61.72 0.19 24.73
C PRO A 1087 -60.44 -0.40 25.29
N ARG A 1088 -60.49 -1.69 25.59
CA ARG A 1088 -59.30 -2.39 26.08
C ARG A 1088 -58.32 -2.64 24.94
N GLU A 1089 -58.75 -3.38 23.93
CA GLU A 1089 -57.97 -3.59 22.71
C GLU A 1089 -58.95 -3.55 21.54
N GLY A 1090 -59.08 -2.38 20.94
CA GLY A 1090 -60.03 -2.20 19.86
C GLY A 1090 -60.26 -0.72 19.60
N VAL A 1091 -61.06 -0.46 18.57
CA VAL A 1091 -61.35 0.89 18.12
C VAL A 1091 -62.86 1.05 18.10
N PHE A 1092 -63.34 2.18 18.66
CA PHE A 1092 -64.75 2.54 18.61
C PHE A 1092 -65.07 3.11 17.23
N VAL A 1093 -65.55 2.24 16.34
CA VAL A 1093 -65.96 2.64 15.00
C VAL A 1093 -67.48 2.66 14.93
N SER A 1094 -67.99 3.25 13.84
CA SER A 1094 -69.41 3.47 13.64
C SER A 1094 -69.82 3.01 12.26
N ASN A 1095 -70.64 1.98 12.21
CA ASN A 1095 -71.54 1.68 11.11
C ASN A 1095 -72.61 2.77 11.10
N GLY A 1096 -72.30 3.94 10.54
CA GLY A 1096 -73.32 4.96 10.34
C GLY A 1096 -73.89 5.50 11.64
N THR A 1097 -75.03 4.93 12.03
CA THR A 1097 -75.70 5.30 13.27
C THR A 1097 -75.56 4.25 14.37
N HIS A 1098 -74.81 3.18 14.14
CA HIS A 1098 -74.52 2.17 15.15
C HIS A 1098 -73.03 2.19 15.45
N TRP A 1099 -72.69 1.84 16.70
CA TRP A 1099 -71.31 1.89 17.17
C TRP A 1099 -70.85 0.50 17.59
N PHE A 1100 -69.65 0.13 17.17
CA PHE A 1100 -69.04 -1.15 17.53
C PHE A 1100 -67.60 -0.91 17.92
N VAL A 1101 -66.98 -1.94 18.49
CA VAL A 1101 -65.56 -1.94 18.82
C VAL A 1101 -64.90 -3.07 18.04
N THR A 1102 -63.80 -2.76 17.36
CA THR A 1102 -63.15 -3.70 16.46
C THR A 1102 -61.69 -3.91 16.85
N GLN A 1103 -61.06 -4.88 16.20
CA GLN A 1103 -59.62 -5.02 16.27
C GLN A 1103 -58.95 -3.96 15.40
N ARG A 1104 -57.67 -3.71 15.67
CA ARG A 1104 -56.94 -2.69 14.93
C ARG A 1104 -56.55 -3.16 13.53
N ASN A 1105 -56.36 -4.47 13.33
CA ASN A 1105 -55.87 -4.99 12.07
C ASN A 1105 -56.92 -5.76 11.29
N PHE A 1106 -58.14 -5.87 11.79
CA PHE A 1106 -59.19 -6.62 11.11
C PHE A 1106 -60.53 -6.06 11.57
N TYR A 1107 -61.49 -6.03 10.65
CA TYR A 1107 -62.83 -5.53 10.95
C TYR A 1107 -63.66 -6.66 11.52
N GLU A 1108 -63.80 -6.68 12.85
CA GLU A 1108 -64.64 -7.66 13.53
C GLU A 1108 -65.51 -6.91 14.53
N PRO A 1109 -66.68 -6.45 14.11
CA PRO A 1109 -67.51 -5.61 15.00
C PRO A 1109 -68.16 -6.44 16.10
N GLN A 1110 -68.10 -5.89 17.31
CA GLN A 1110 -68.70 -6.51 18.49
C GLN A 1110 -69.59 -5.50 19.19
N ILE A 1111 -70.50 -6.00 20.01
CA ILE A 1111 -71.36 -5.14 20.81
C ILE A 1111 -70.55 -4.51 21.92
N ILE A 1112 -70.68 -3.19 22.09
CA ILE A 1112 -69.94 -2.45 23.11
C ILE A 1112 -70.54 -2.81 24.47
N THR A 1113 -69.81 -3.61 25.24
CA THR A 1113 -70.24 -4.07 26.55
C THR A 1113 -69.26 -3.61 27.61
N THR A 1114 -69.48 -4.05 28.85
CA THR A 1114 -68.62 -3.67 29.96
C THR A 1114 -67.40 -4.58 30.09
N ASP A 1115 -67.36 -5.72 29.40
CA ASP A 1115 -66.21 -6.59 29.49
C ASP A 1115 -65.03 -6.03 28.69
N ASN A 1116 -65.30 -5.49 27.51
CA ASN A 1116 -64.26 -4.99 26.63
C ASN A 1116 -64.04 -3.48 26.72
N THR A 1117 -64.75 -2.79 27.60
CA THR A 1117 -64.55 -1.37 27.86
C THR A 1117 -64.28 -1.16 29.35
N PHE A 1118 -63.37 -0.24 29.66
CA PHE A 1118 -63.05 0.10 31.04
C PHE A 1118 -63.37 1.56 31.30
N VAL A 1119 -63.70 1.86 32.56
CA VAL A 1119 -64.23 3.15 32.96
C VAL A 1119 -63.12 3.99 33.57
N SER A 1120 -63.02 5.25 33.13
CA SER A 1120 -62.04 6.18 33.68
C SER A 1120 -62.59 7.59 33.61
N GLY A 1121 -62.76 8.22 34.77
CA GLY A 1121 -63.14 9.62 34.82
C GLY A 1121 -64.60 9.86 34.47
N ASN A 1122 -64.85 11.02 33.86
CA ASN A 1122 -66.19 11.44 33.48
C ASN A 1122 -66.13 11.97 32.05
N CYS A 1123 -67.22 12.60 31.62
CA CYS A 1123 -67.39 13.02 30.23
C CYS A 1123 -66.87 14.42 29.95
N ASP A 1124 -66.38 15.14 30.95
CA ASP A 1124 -66.03 16.55 30.79
C ASP A 1124 -64.56 16.77 30.48
N VAL A 1125 -63.77 15.71 30.29
CA VAL A 1125 -62.33 15.84 30.10
C VAL A 1125 -61.91 15.45 28.69
N VAL A 1126 -62.45 14.36 28.16
CA VAL A 1126 -62.01 13.83 26.88
C VAL A 1126 -62.57 14.68 25.74
N ILE A 1127 -61.70 15.09 24.82
CA ILE A 1127 -62.11 15.86 23.66
C ILE A 1127 -62.53 14.89 22.55
N GLY A 1128 -63.76 15.05 22.07
CA GLY A 1128 -64.27 14.20 21.01
C GLY A 1128 -65.12 13.03 21.47
N ILE A 1129 -65.57 13.02 22.71
CA ILE A 1129 -66.38 11.92 23.21
C ILE A 1129 -67.79 12.00 22.61
N VAL A 1130 -68.43 10.83 22.43
CA VAL A 1130 -69.76 10.72 21.86
C VAL A 1130 -70.63 9.87 22.78
N ASN A 1131 -71.93 9.91 22.54
CA ASN A 1131 -72.93 9.29 23.41
C ASN A 1131 -73.39 7.96 22.83
N ASN A 1132 -73.42 6.93 23.69
CA ASN A 1132 -74.00 5.64 23.33
C ASN A 1132 -74.32 4.91 24.63
N THR A 1133 -75.21 3.93 24.53
CA THR A 1133 -75.50 3.02 25.64
C THR A 1133 -74.51 1.87 25.61
N VAL A 1134 -74.09 1.42 26.80
CA VAL A 1134 -73.17 0.31 26.93
C VAL A 1134 -73.93 -0.85 27.57
N TYR A 1135 -73.92 -2.00 26.90
CA TYR A 1135 -74.71 -3.14 27.36
C TYR A 1135 -74.05 -3.80 28.58
N ASP A 1136 -74.89 -4.28 29.49
CA ASP A 1136 -74.44 -5.00 30.68
C ASP A 1136 -74.93 -6.43 30.61
N PRO A 1137 -74.03 -7.43 30.59
CA PRO A 1137 -74.49 -8.83 30.51
C PRO A 1137 -75.16 -9.33 31.77
N LEU A 1138 -74.98 -8.66 32.91
CA LEU A 1138 -75.58 -9.10 34.17
C LEU A 1138 -77.09 -8.86 34.22
N GLN A 1139 -77.60 -7.93 33.41
CA GLN A 1139 -79.01 -7.56 33.48
C GLN A 1139 -80.01 -8.66 33.09
N PRO A 1140 -79.81 -9.48 32.04
CA PRO A 1140 -80.75 -10.62 31.87
C PRO A 1140 -80.71 -11.64 32.99
N GLU A 1141 -79.54 -11.86 33.61
CA GLU A 1141 -79.47 -12.76 34.76
C GLU A 1141 -80.19 -12.16 35.97
N LEU A 1142 -80.12 -10.83 36.13
CA LEU A 1142 -80.86 -10.18 37.20
C LEU A 1142 -82.36 -10.18 36.93
N ASP A 1143 -82.76 -10.08 35.66
CA ASP A 1143 -84.17 -10.18 35.31
C ASP A 1143 -84.71 -11.58 35.54
N SER A 1144 -83.92 -12.60 35.23
CA SER A 1144 -84.33 -13.99 35.44
C SER A 1144 -84.28 -14.36 36.92
N ALA B 27 24.50 49.37 23.86
CA ALA B 27 23.40 48.75 24.58
C ALA B 27 22.69 47.71 23.72
N TYR B 28 21.55 47.24 24.19
CA TYR B 28 20.75 46.24 23.48
C TYR B 28 19.32 46.72 23.37
N THR B 29 18.64 46.28 22.31
CA THR B 29 17.22 46.60 22.14
C THR B 29 16.54 45.44 21.44
N ASN B 30 15.21 45.48 21.44
CA ASN B 30 14.41 44.39 20.93
C ASN B 30 14.29 44.47 19.41
N SER B 31 14.50 43.34 18.73
CA SER B 31 14.36 43.27 17.29
C SER B 31 12.91 43.21 16.83
N PHE B 32 12.00 42.79 17.72
CA PHE B 32 10.55 42.63 17.49
C PHE B 32 10.35 41.65 16.33
N THR B 33 9.59 42.00 15.29
CA THR B 33 9.28 41.08 14.21
C THR B 33 10.08 41.36 12.94
N ARG B 34 11.16 42.12 13.05
CA ARG B 34 11.95 42.51 11.88
C ARG B 34 12.95 41.43 11.52
N GLY B 35 13.45 41.50 10.29
CA GLY B 35 14.41 40.54 9.78
C GLY B 35 13.88 39.58 8.74
N VAL B 36 12.71 39.84 8.17
CA VAL B 36 12.08 38.96 7.19
C VAL B 36 12.30 39.52 5.80
N TYR B 37 12.72 38.66 4.87
CA TYR B 37 12.97 39.05 3.50
C TYR B 37 12.38 38.02 2.55
N TYR B 38 12.33 38.37 1.28
CA TYR B 38 11.91 37.42 0.26
C TYR B 38 13.04 36.43 0.00
N PRO B 39 12.81 35.13 0.19
CA PRO B 39 13.93 34.18 0.12
C PRO B 39 14.31 33.81 -1.30
N ASP B 40 13.39 33.92 -2.25
CA ASP B 40 13.67 33.56 -3.63
C ASP B 40 12.81 34.41 -4.56
N LYS B 41 13.23 34.46 -5.82
CA LYS B 41 12.56 35.29 -6.83
C LYS B 41 11.46 34.48 -7.53
N VAL B 42 10.49 34.03 -6.72
CA VAL B 42 9.35 33.25 -7.20
C VAL B 42 8.09 33.89 -6.63
N PHE B 43 7.16 34.25 -7.51
CA PHE B 43 5.92 34.89 -7.09
C PHE B 43 4.97 33.86 -6.50
N ARG B 44 4.43 34.16 -5.32
CA ARG B 44 3.40 33.35 -4.70
C ARG B 44 2.31 34.26 -4.14
N SER B 45 1.07 33.83 -4.29
CA SER B 45 -0.08 34.65 -3.89
C SER B 45 -1.01 33.83 -3.01
N SER B 46 -1.30 34.35 -1.81
CA SER B 46 -2.26 33.79 -0.85
C SER B 46 -1.90 32.36 -0.45
N VAL B 47 -0.74 32.21 0.19
CA VAL B 47 -0.24 30.89 0.54
C VAL B 47 0.61 31.01 1.80
N LEU B 48 0.65 29.93 2.58
CA LEU B 48 1.52 29.83 3.75
C LEU B 48 2.68 28.93 3.36
N HIS B 49 3.83 29.54 3.05
CA HIS B 49 4.99 28.82 2.55
C HIS B 49 6.03 28.68 3.64
N SER B 50 6.45 27.45 3.90
CA SER B 50 7.46 27.17 4.92
C SER B 50 8.82 27.08 4.25
N THR B 51 9.75 27.94 4.65
CA THR B 51 11.09 27.95 4.09
C THR B 51 12.13 28.03 5.19
N GLN B 52 13.28 27.40 4.95
CA GLN B 52 14.38 27.38 5.89
C GLN B 52 15.53 28.18 5.32
N ASP B 53 15.94 29.23 6.02
CA ASP B 53 16.97 30.12 5.51
C ASP B 53 17.60 30.88 6.68
N LEU B 54 18.65 31.63 6.37
CA LEU B 54 19.32 32.48 7.36
C LEU B 54 18.43 33.69 7.62
N PHE B 55 17.69 33.64 8.73
CA PHE B 55 16.78 34.71 9.12
C PHE B 55 17.21 35.28 10.46
N LEU B 56 16.76 36.49 10.72
CA LEU B 56 16.92 37.08 12.06
C LEU B 56 15.85 36.50 12.98
N PRO B 57 16.23 35.92 14.13
CA PRO B 57 15.23 35.37 15.05
C PRO B 57 14.37 36.47 15.66
N PHE B 58 13.11 36.12 15.91
CA PHE B 58 12.17 37.06 16.49
C PHE B 58 12.48 37.32 17.95
N PHE B 59 12.22 38.57 18.38
CA PHE B 59 12.36 39.03 19.76
C PHE B 59 13.77 38.83 20.31
N SER B 60 14.77 39.10 19.47
CA SER B 60 16.17 38.97 19.85
C SER B 60 16.72 40.31 20.32
N ASN B 61 17.91 40.25 20.94
CA ASN B 61 18.59 41.44 21.44
C ASN B 61 19.61 41.88 20.39
N VAL B 62 19.30 42.95 19.68
CA VAL B 62 20.20 43.52 18.69
C VAL B 62 20.98 44.66 19.34
N THR B 63 22.24 44.79 18.94
CA THR B 63 23.16 45.72 19.60
C THR B 63 22.96 47.13 19.05
N TRP B 64 22.86 48.10 19.96
CA TRP B 64 22.50 49.48 19.66
C TRP B 64 23.75 50.34 19.78
N PHE B 65 24.02 51.14 18.74
CA PHE B 65 25.13 52.07 18.75
C PHE B 65 24.65 53.45 18.33
N HIS B 66 25.18 54.48 18.99
CA HIS B 66 24.96 55.86 18.62
C HIS B 66 26.13 56.39 17.80
N VAL B 67 25.96 57.60 17.28
CA VAL B 67 26.98 58.27 16.49
C VAL B 67 27.43 59.51 17.25
N ILE B 68 28.73 59.58 17.54
CA ILE B 68 29.28 60.71 18.30
C ILE B 68 29.42 61.93 17.40
N ASP B 78 31.19 56.60 16.73
CA ASP B 78 31.95 55.41 17.11
C ASP B 78 31.61 54.25 16.19
N ASN B 79 32.63 53.73 15.50
CA ASN B 79 32.47 52.62 14.56
C ASN B 79 33.49 51.53 14.83
N PRO B 80 33.27 50.70 15.85
CA PRO B 80 34.21 49.62 16.15
C PRO B 80 34.04 48.45 15.19
N VAL B 81 35.06 47.59 15.17
CA VAL B 81 35.05 46.40 14.33
C VAL B 81 34.18 45.34 14.98
N LEU B 82 33.27 44.75 14.21
CA LEU B 82 32.32 43.78 14.71
C LEU B 82 32.41 42.48 13.90
N PRO B 83 32.14 41.33 14.52
CA PRO B 83 32.21 40.06 13.78
C PRO B 83 31.10 39.93 12.75
N PHE B 84 31.42 39.27 11.64
CA PHE B 84 30.45 38.91 10.62
C PHE B 84 30.07 37.45 10.83
N ASN B 85 29.22 37.23 11.83
CA ASN B 85 28.86 35.87 12.25
C ASN B 85 27.68 35.38 11.41
N ASP B 86 27.99 35.03 10.16
CA ASP B 86 27.08 34.40 9.18
C ASP B 86 25.85 35.28 8.93
N GLY B 87 26.11 36.45 8.38
CA GLY B 87 25.05 37.38 8.02
C GLY B 87 24.84 38.47 9.05
N VAL B 88 24.55 39.67 8.58
CA VAL B 88 24.36 40.82 9.46
C VAL B 88 23.08 41.54 9.05
N TYR B 89 22.19 41.75 10.01
CA TYR B 89 21.05 42.66 9.87
C TYR B 89 21.47 44.02 10.40
N PHE B 90 21.55 45.00 9.50
CA PHE B 90 22.02 46.35 9.80
C PHE B 90 20.85 47.30 9.65
N ALA B 91 20.38 47.87 10.76
CA ALA B 91 19.25 48.78 10.76
C ALA B 91 19.73 50.18 11.15
N SER B 92 19.74 51.09 10.19
CA SER B 92 20.25 52.44 10.40
C SER B 92 19.09 53.42 10.46
N ILE B 93 19.07 54.23 11.52
CA ILE B 93 18.07 55.29 11.70
C ILE B 93 18.82 56.61 11.77
N GLU B 94 18.59 57.47 10.80
CA GLU B 94 19.22 58.77 10.74
C GLU B 94 18.36 59.70 9.88
N LYS B 95 18.67 60.99 9.96
CA LYS B 95 17.88 61.99 9.26
C LYS B 95 18.44 62.40 7.90
N SER B 96 19.76 62.32 7.72
CA SER B 96 20.38 62.85 6.51
C SER B 96 21.48 61.91 5.98
N ASN B 97 21.30 60.60 6.16
CA ASN B 97 22.18 59.54 5.64
C ASN B 97 23.61 59.70 6.15
N ILE B 98 23.76 59.57 7.47
CA ILE B 98 25.07 59.66 8.10
C ILE B 98 25.90 58.44 7.77
N ILE B 99 25.29 57.25 7.79
CA ILE B 99 25.99 56.02 7.47
C ILE B 99 26.22 55.97 5.96
N ARG B 100 27.47 55.80 5.55
CA ARG B 100 27.84 55.90 4.15
C ARG B 100 28.39 54.62 3.53
N GLY B 101 28.84 53.66 4.31
CA GLY B 101 29.36 52.45 3.70
C GLY B 101 29.82 51.44 4.73
N TRP B 102 30.30 50.31 4.22
CA TRP B 102 30.75 49.20 5.03
C TRP B 102 32.06 48.64 4.47
N ILE B 103 32.87 48.09 5.37
CA ILE B 103 34.11 47.39 5.04
C ILE B 103 34.01 45.97 5.58
N PHE B 104 34.36 45.00 4.74
CA PHE B 104 34.33 43.59 5.10
C PHE B 104 35.71 42.98 4.93
N GLY B 105 36.03 41.99 5.76
CA GLY B 105 37.29 41.30 5.62
C GLY B 105 37.75 40.72 6.95
N THR B 106 38.91 40.04 6.88
CA THR B 106 39.46 39.40 8.06
C THR B 106 40.48 40.27 8.79
N THR B 107 41.27 41.06 8.05
CA THR B 107 42.32 41.87 8.64
C THR B 107 42.11 43.37 8.47
N LEU B 108 41.48 43.81 7.37
CA LEU B 108 41.03 45.19 7.12
C LEU B 108 42.17 46.20 7.08
N ASP B 109 43.41 45.78 6.79
CA ASP B 109 44.53 46.71 6.70
C ASP B 109 45.43 46.37 5.51
N SER B 110 44.80 46.08 4.37
CA SER B 110 45.43 45.81 3.06
C SER B 110 46.33 44.58 3.05
N LYS B 111 46.26 43.73 4.07
CA LYS B 111 47.03 42.49 4.04
C LYS B 111 46.37 41.48 3.09
N THR B 112 45.05 41.32 3.18
CA THR B 112 44.32 40.41 2.32
C THR B 112 43.13 41.12 1.71
N GLN B 113 42.24 40.36 1.06
CA GLN B 113 41.11 40.93 0.35
C GLN B 113 40.08 41.50 1.32
N SER B 114 39.66 42.75 1.06
CA SER B 114 38.73 43.46 1.92
C SER B 114 37.72 44.20 1.06
N LEU B 115 36.44 43.85 1.21
CA LEU B 115 35.36 44.51 0.48
C LEU B 115 35.13 45.93 1.00
N LEU B 116 34.88 46.85 0.08
CA LEU B 116 34.47 48.20 0.42
C LEU B 116 33.20 48.53 -0.36
N ILE B 117 32.15 48.94 0.35
CA ILE B 117 30.88 49.30 -0.27
C ILE B 117 30.51 50.70 0.22
N VAL B 118 30.24 51.60 -0.72
CA VAL B 118 29.80 52.96 -0.42
C VAL B 118 28.42 53.13 -1.03
N ASN B 119 27.42 53.37 -0.18
CA ASN B 119 26.05 53.54 -0.63
C ASN B 119 25.31 54.45 0.35
N ASN B 120 24.54 55.38 -0.20
CA ASN B 120 23.67 56.27 0.57
C ASN B 120 22.27 56.25 -0.01
N ALA B 121 21.83 55.05 -0.42
CA ALA B 121 20.53 54.76 -1.04
C ALA B 121 20.30 55.52 -2.35
N THR B 122 21.35 56.05 -2.96
CA THR B 122 21.27 56.67 -4.28
C THR B 122 22.16 55.97 -5.30
N ASN B 123 23.45 55.80 -4.99
CA ASN B 123 24.39 55.11 -5.86
C ASN B 123 25.24 54.16 -5.02
N VAL B 124 25.60 53.03 -5.63
CA VAL B 124 26.38 51.99 -4.96
C VAL B 124 27.73 51.87 -5.66
N VAL B 125 28.80 51.99 -4.89
CA VAL B 125 30.16 51.83 -5.39
C VAL B 125 30.80 50.69 -4.60
N ILE B 126 31.12 49.60 -5.30
CA ILE B 126 31.66 48.40 -4.68
C ILE B 126 33.05 48.15 -5.24
N LYS B 127 34.02 48.01 -4.34
CA LYS B 127 35.40 47.71 -4.71
C LYS B 127 35.93 46.55 -3.87
N VAL B 128 36.86 45.81 -4.47
CA VAL B 128 37.62 44.79 -3.76
C VAL B 128 39.07 45.22 -3.58
N CYS B 129 39.33 46.52 -3.67
CA CYS B 129 40.70 47.02 -3.59
C CYS B 129 41.22 46.95 -2.17
N GLU B 130 42.47 46.50 -2.03
CA GLU B 130 43.10 46.42 -0.72
C GLU B 130 43.39 47.81 -0.16
N PHE B 131 43.61 48.80 -1.03
CA PHE B 131 43.84 50.17 -0.59
C PHE B 131 42.55 50.75 -0.01
N GLN B 132 42.67 51.38 1.15
CA GLN B 132 41.51 51.87 1.88
C GLN B 132 41.58 53.38 2.03
N PHE B 133 40.45 53.95 2.46
CA PHE B 133 40.34 55.38 2.73
C PHE B 133 40.86 55.65 4.15
N CYS B 134 40.58 56.84 4.67
CA CYS B 134 40.91 57.15 6.05
C CYS B 134 40.07 56.32 7.00
N ASN B 135 40.68 55.92 8.13
CA ASN B 135 39.96 55.14 9.13
C ASN B 135 38.86 55.96 9.80
N ASP B 136 39.05 57.28 9.88
CA ASP B 136 37.99 58.20 10.28
C ASP B 136 37.60 59.01 9.05
N PRO B 137 36.53 58.64 8.34
CA PRO B 137 36.20 59.31 7.08
C PRO B 137 35.66 60.72 7.30
N PHE B 138 35.76 61.52 6.24
CA PHE B 138 35.33 62.91 6.27
C PHE B 138 34.39 63.18 5.11
N LEU B 139 33.51 64.18 5.30
CA LEU B 139 32.56 64.61 4.29
C LEU B 139 32.86 66.05 3.90
N ASP B 140 32.88 66.31 2.60
CA ASP B 140 33.15 67.65 2.10
C ASP B 140 31.96 68.58 2.31
N ASN B 160 45.21 45.78 -8.36
CA ASN B 160 44.87 44.38 -8.13
C ASN B 160 43.42 44.17 -7.67
N CYS B 161 42.51 44.94 -8.25
CA CYS B 161 41.09 44.87 -7.91
C CYS B 161 40.37 44.08 -9.00
N THR B 162 39.83 42.92 -8.63
CA THR B 162 39.18 42.04 -9.60
C THR B 162 37.83 42.60 -10.03
N PHE B 163 37.03 43.08 -9.07
CA PHE B 163 35.68 43.54 -9.32
C PHE B 163 35.52 44.99 -8.85
N GLU B 164 34.96 45.82 -9.72
CA GLU B 164 34.59 47.20 -9.37
C GLU B 164 33.26 47.52 -10.03
N TYR B 165 32.31 48.02 -9.24
CA TYR B 165 30.99 48.38 -9.76
C TYR B 165 30.64 49.78 -9.29
N VAL B 166 30.17 50.61 -10.23
CA VAL B 166 29.69 51.96 -9.94
C VAL B 166 28.28 52.09 -10.51
N SER B 167 27.33 52.48 -9.68
CA SER B 167 25.96 52.69 -10.14
C SER B 167 25.87 53.98 -10.94
N PHE B 181 15.95 59.44 12.01
CA PHE B 181 14.79 59.98 12.72
C PHE B 181 13.56 59.91 11.83
N LYS B 182 13.69 60.44 10.63
CA LYS B 182 12.63 60.38 9.62
C LYS B 182 12.86 59.27 8.60
N ASN B 183 13.89 58.45 8.79
CA ASN B 183 14.25 57.43 7.80
C ASN B 183 14.83 56.21 8.51
N LEU B 184 14.46 55.03 8.03
CA LEU B 184 15.00 53.77 8.51
C LEU B 184 15.40 52.93 7.32
N ARG B 185 16.62 52.41 7.34
CA ARG B 185 17.13 51.54 6.28
C ARG B 185 17.56 50.21 6.90
N GLU B 186 17.01 49.11 6.39
CA GLU B 186 17.32 47.78 6.88
C GLU B 186 18.04 47.00 5.79
N PHE B 187 19.18 46.41 6.15
CA PHE B 187 19.99 45.64 5.21
C PHE B 187 20.28 44.27 5.79
N VAL B 188 20.37 43.28 4.90
CA VAL B 188 20.79 41.93 5.26
C VAL B 188 21.98 41.57 4.38
N PHE B 189 23.10 41.24 5.01
CA PHE B 189 24.30 40.82 4.30
C PHE B 189 24.55 39.35 4.60
N LYS B 190 24.61 38.52 3.55
CA LYS B 190 24.94 37.11 3.70
C LYS B 190 26.10 36.75 2.79
N ASN B 191 26.76 35.64 3.11
CA ASN B 191 27.89 35.15 2.32
C ASN B 191 27.83 33.62 2.31
N ILE B 192 27.41 33.05 1.19
CA ILE B 192 27.28 31.61 1.02
C ILE B 192 28.08 31.18 -0.19
N ASP B 193 29.03 30.26 0.03
CA ASP B 193 29.89 29.64 -1.01
C ASP B 193 30.65 30.75 -1.76
N GLY B 194 31.10 31.75 -1.02
CA GLY B 194 31.80 32.87 -1.61
C GLY B 194 30.94 33.86 -2.37
N TYR B 195 29.61 33.72 -2.31
CA TYR B 195 28.71 34.68 -2.95
C TYR B 195 28.14 35.59 -1.86
N PHE B 196 28.22 36.91 -2.10
CA PHE B 196 27.83 37.91 -1.12
C PHE B 196 26.53 38.55 -1.56
N LYS B 197 25.51 38.47 -0.70
CA LYS B 197 24.16 38.92 -1.02
C LYS B 197 23.77 40.08 -0.14
N ILE B 198 23.24 41.14 -0.76
CA ILE B 198 22.77 42.34 -0.08
C ILE B 198 21.28 42.47 -0.36
N TYR B 199 20.48 42.42 0.72
CA TYR B 199 19.05 42.69 0.72
C TYR B 199 18.82 44.04 1.36
N SER B 200 17.93 44.85 0.78
CA SER B 200 17.72 46.20 1.28
C SER B 200 16.24 46.53 1.34
N LYS B 201 15.89 47.37 2.32
CA LYS B 201 14.54 47.92 2.45
C LYS B 201 14.65 49.31 3.06
N HIS B 202 13.88 50.24 2.52
CA HIS B 202 13.89 51.63 2.96
C HIS B 202 12.48 52.04 3.37
N THR B 203 12.36 52.76 4.48
CA THR B 203 11.05 53.22 4.92
C THR B 203 11.20 54.58 5.60
N PRO B 204 10.16 55.42 5.55
CA PRO B 204 10.17 56.63 6.39
C PRO B 204 9.51 56.38 7.75
N ILE B 205 10.15 56.87 8.81
CA ILE B 205 9.60 56.70 10.15
C ILE B 205 9.44 58.06 10.82
N GLY B 216 6.60 46.51 14.49
CA GLY B 216 6.16 46.57 13.10
C GLY B 216 6.70 45.43 12.26
N PHE B 217 6.09 45.21 11.10
CA PHE B 217 6.49 44.15 10.19
C PHE B 217 6.76 44.75 8.81
N SER B 218 7.92 44.40 8.24
CA SER B 218 8.27 44.85 6.90
C SER B 218 9.15 43.79 6.25
N ALA B 219 9.15 43.76 4.93
CA ALA B 219 9.86 42.75 4.16
C ALA B 219 11.01 43.40 3.40
N LEU B 220 12.18 42.76 3.43
CA LEU B 220 13.34 43.23 2.70
C LEU B 220 13.39 42.56 1.33
N GLU B 221 14.01 43.26 0.36
CA GLU B 221 14.03 42.78 -1.01
C GLU B 221 15.46 42.61 -1.49
N PRO B 222 15.74 41.59 -2.30
CA PRO B 222 17.11 41.36 -2.77
C PRO B 222 17.52 42.37 -3.82
N LEU B 223 18.71 42.94 -3.65
CA LEU B 223 19.25 43.89 -4.63
C LEU B 223 20.57 43.42 -5.23
N VAL B 224 21.58 43.10 -4.42
CA VAL B 224 22.94 43.01 -4.93
C VAL B 224 23.50 41.60 -4.68
N ASP B 225 24.14 41.03 -5.71
CA ASP B 225 24.90 39.79 -5.56
C ASP B 225 26.31 40.00 -6.11
N LEU B 226 27.29 39.49 -5.38
CA LEU B 226 28.71 39.65 -5.73
C LEU B 226 29.41 38.30 -5.71
N PRO B 227 30.07 37.89 -6.80
CA PRO B 227 30.86 36.64 -6.80
C PRO B 227 32.28 36.87 -6.29
N ILE B 228 32.42 37.11 -4.98
CA ILE B 228 33.70 37.51 -4.42
C ILE B 228 34.60 36.31 -4.15
N GLY B 229 34.05 35.19 -3.67
CA GLY B 229 34.80 33.97 -3.45
C GLY B 229 35.89 34.02 -2.39
N ILE B 230 35.69 34.79 -1.32
CA ILE B 230 36.70 34.96 -0.29
C ILE B 230 36.12 34.60 1.07
N ASN B 231 36.96 34.76 2.10
CA ASN B 231 36.61 34.47 3.49
C ASN B 231 36.45 35.78 4.25
N ILE B 232 35.29 35.93 4.91
CA ILE B 232 34.96 37.14 5.66
C ILE B 232 34.63 36.74 7.09
N THR B 233 35.28 37.42 8.05
CA THR B 233 34.97 37.23 9.47
C THR B 233 34.69 38.52 10.22
N ARG B 234 35.11 39.68 9.70
CA ARG B 234 34.92 40.95 10.39
C ARG B 234 34.32 41.99 9.44
N PHE B 235 33.68 42.99 10.02
CA PHE B 235 33.12 44.09 9.25
C PHE B 235 33.07 45.34 10.12
N GLN B 236 32.94 46.47 9.45
CA GLN B 236 32.91 47.77 10.11
C GLN B 236 32.08 48.73 9.26
N THR B 237 31.58 49.78 9.89
CA THR B 237 30.77 50.79 9.20
C THR B 237 31.55 52.09 9.09
N LEU B 238 31.10 52.94 8.18
CA LEU B 238 31.76 54.21 7.87
C LEU B 238 30.87 55.37 8.26
N LEU B 239 31.48 56.39 8.85
CA LEU B 239 30.77 57.58 9.30
C LEU B 239 31.35 58.81 8.61
N ALA B 240 30.49 59.61 7.99
CA ALA B 240 30.89 60.85 7.36
C ALA B 240 30.92 61.97 8.38
N LEU B 241 32.02 62.71 8.42
CA LEU B 241 32.21 63.77 9.41
C LEU B 241 32.61 65.06 8.72
N HIS B 242 32.39 66.17 9.42
CA HIS B 242 32.73 67.50 8.91
C HIS B 242 34.24 67.69 8.81
N ALA B 260 21.52 60.12 15.05
CA ALA B 260 21.91 59.01 14.20
C ALA B 260 22.28 57.79 15.05
N ALA B 261 21.74 56.63 14.68
CA ALA B 261 21.99 55.41 15.42
C ALA B 261 21.87 54.21 14.48
N TYR B 262 22.43 53.08 14.90
CA TYR B 262 22.32 51.87 14.11
C TYR B 262 22.33 50.64 15.02
N TYR B 263 21.63 49.61 14.56
CA TYR B 263 21.45 48.36 15.29
C TYR B 263 22.00 47.22 14.45
N VAL B 264 22.73 46.33 15.12
CA VAL B 264 23.40 45.19 14.48
C VAL B 264 22.83 43.90 15.05
N GLY B 265 22.40 43.00 14.17
CA GLY B 265 21.94 41.70 14.59
C GLY B 265 22.58 40.60 13.75
N TYR B 266 22.65 39.41 14.33
CA TYR B 266 23.28 38.26 13.70
C TYR B 266 22.21 37.27 13.26
N LEU B 267 22.31 36.81 12.01
CA LEU B 267 21.35 35.87 11.46
C LEU B 267 21.62 34.46 11.96
N GLN B 268 20.58 33.64 11.91
CA GLN B 268 20.65 32.23 12.30
C GLN B 268 19.84 31.42 11.31
N PRO B 269 20.20 30.13 11.10
CA PRO B 269 19.36 29.28 10.24
C PRO B 269 18.04 28.92 10.89
N ARG B 270 16.96 29.51 10.41
CA ARG B 270 15.64 29.34 11.01
C ARG B 270 14.62 28.96 9.94
N THR B 271 13.55 28.32 10.41
CA THR B 271 12.42 27.95 9.57
C THR B 271 11.29 28.96 9.80
N PHE B 272 10.75 29.49 8.71
CA PHE B 272 9.74 30.54 8.77
C PHE B 272 8.52 30.11 7.95
N LEU B 273 7.34 30.47 8.45
CA LEU B 273 6.08 30.25 7.73
C LEU B 273 5.63 31.61 7.20
N LEU B 274 6.12 31.94 6.01
CA LEU B 274 5.79 33.22 5.38
C LEU B 274 4.37 33.18 4.83
N LYS B 275 3.67 34.30 4.94
CA LYS B 275 2.30 34.44 4.45
C LYS B 275 2.31 35.37 3.25
N TYR B 276 1.86 34.87 2.10
CA TYR B 276 1.73 35.64 0.88
C TYR B 276 0.26 36.00 0.69
N ASN B 277 -0.02 37.30 0.53
CA ASN B 277 -1.38 37.81 0.40
C ASN B 277 -1.82 37.71 -1.06
N GLU B 278 -2.92 38.38 -1.39
CA GLU B 278 -3.45 38.34 -2.75
C GLU B 278 -2.59 39.13 -3.74
N ASN B 279 -1.75 40.05 -3.26
CA ASN B 279 -0.86 40.82 -4.13
C ASN B 279 0.57 40.31 -4.12
N GLY B 280 0.82 39.17 -3.48
CA GLY B 280 2.16 38.60 -3.46
C GLY B 280 3.11 39.22 -2.46
N THR B 281 2.61 40.09 -1.59
CA THR B 281 3.46 40.75 -0.60
C THR B 281 3.47 39.94 0.69
N ILE B 282 4.66 39.73 1.25
CA ILE B 282 4.78 39.04 2.53
C ILE B 282 4.25 39.94 3.63
N THR B 283 3.16 39.51 4.27
CA THR B 283 2.50 40.31 5.30
C THR B 283 2.75 39.82 6.71
N ASP B 284 3.05 38.53 6.88
CA ASP B 284 3.28 37.97 8.21
C ASP B 284 4.21 36.78 8.11
N ALA B 285 4.81 36.44 9.25
CA ALA B 285 5.71 35.30 9.33
C ALA B 285 5.68 34.75 10.75
N VAL B 286 5.96 33.46 10.87
CA VAL B 286 5.96 32.76 12.14
C VAL B 286 7.32 32.09 12.32
N ASP B 287 8.02 32.47 13.38
CA ASP B 287 9.32 31.88 13.69
C ASP B 287 9.08 30.58 14.45
N CYS B 288 9.38 29.44 13.80
CA CYS B 288 8.99 28.14 14.32
C CYS B 288 9.80 27.68 15.51
N ALA B 289 10.90 28.36 15.85
CA ALA B 289 11.75 27.98 16.96
C ALA B 289 11.65 28.93 18.15
N LEU B 290 10.65 29.81 18.17
CA LEU B 290 10.56 30.80 19.23
C LEU B 290 9.88 30.24 20.48
N ASP B 291 8.73 29.60 20.31
CA ASP B 291 7.94 29.11 21.43
C ASP B 291 7.06 27.96 20.94
N PRO B 292 6.56 27.10 21.85
CA PRO B 292 5.72 25.97 21.42
C PRO B 292 4.44 26.36 20.68
N LEU B 293 3.87 27.53 20.93
CA LEU B 293 2.71 27.97 20.16
C LEU B 293 3.05 28.18 18.69
N SER B 294 4.19 28.82 18.42
CA SER B 294 4.62 29.00 17.04
C SER B 294 5.07 27.68 16.42
N GLU B 295 5.64 26.78 17.23
CA GLU B 295 5.98 25.45 16.71
C GLU B 295 4.73 24.67 16.32
N THR B 296 3.67 24.79 17.12
CA THR B 296 2.39 24.17 16.79
C THR B 296 1.77 24.80 15.55
N LYS B 297 1.91 26.12 15.39
CA LYS B 297 1.43 26.80 14.20
C LYS B 297 2.16 26.33 12.95
N CYS B 298 3.49 26.16 13.04
CA CYS B 298 4.27 25.68 11.91
C CYS B 298 3.97 24.22 11.61
N THR B 299 3.66 23.42 12.63
CA THR B 299 3.25 22.03 12.40
C THR B 299 1.89 21.97 11.71
N LEU B 300 0.93 22.77 12.17
CA LEU B 300 -0.41 22.77 11.61
C LEU B 300 -0.51 23.48 10.27
N LYS B 301 0.53 24.24 9.88
CA LYS B 301 0.54 25.08 8.67
C LYS B 301 -0.63 26.07 8.68
N SER B 302 -0.89 26.65 9.85
CA SER B 302 -2.00 27.58 10.01
C SER B 302 -1.63 28.63 11.04
N PHE B 303 -2.23 29.82 10.92
CA PHE B 303 -2.00 30.90 11.86
C PHE B 303 -2.95 30.87 13.05
N THR B 304 -3.95 30.01 13.02
CA THR B 304 -4.94 29.91 14.09
C THR B 304 -4.95 28.48 14.61
N VAL B 305 -4.85 28.32 15.93
CA VAL B 305 -4.80 27.01 16.58
C VAL B 305 -6.03 26.90 17.47
N GLU B 306 -6.82 25.86 17.26
CA GLU B 306 -8.02 25.62 18.06
C GLU B 306 -7.63 25.01 19.41
N LYS B 307 -8.64 24.83 20.27
CA LYS B 307 -8.41 24.23 21.57
C LYS B 307 -8.13 22.74 21.43
N GLY B 308 -7.06 22.27 22.06
CA GLY B 308 -6.76 20.86 22.06
C GLY B 308 -5.30 20.59 22.38
N ILE B 309 -4.93 19.33 22.22
CA ILE B 309 -3.57 18.84 22.39
C ILE B 309 -3.06 18.39 21.03
N TYR B 310 -1.89 18.90 20.64
CA TYR B 310 -1.30 18.61 19.34
C TYR B 310 0.10 18.05 19.54
N GLN B 311 0.36 16.88 18.96
CA GLN B 311 1.71 16.31 19.01
C GLN B 311 2.57 17.03 17.98
N THR B 312 3.48 17.88 18.46
CA THR B 312 4.19 18.78 17.55
C THR B 312 5.48 18.16 17.01
N SER B 313 6.40 17.78 17.90
CA SER B 313 7.67 17.23 17.49
C SER B 313 8.12 16.20 18.53
N ASN B 314 9.35 15.72 18.37
CA ASN B 314 9.97 14.80 19.30
C ASN B 314 11.30 15.38 19.76
N PHE B 315 11.48 15.50 21.06
CA PHE B 315 12.69 16.05 21.63
C PHE B 315 13.73 14.95 21.82
N ARG B 316 15.00 15.30 21.63
CA ARG B 316 16.10 14.36 21.82
C ARG B 316 17.24 15.09 22.51
N VAL B 317 18.03 14.34 23.28
CA VAL B 317 19.23 14.88 23.91
C VAL B 317 20.38 14.71 22.92
N GLN B 318 20.90 15.84 22.43
CA GLN B 318 22.00 15.81 21.49
C GLN B 318 23.29 15.40 22.19
N PRO B 319 24.23 14.78 21.45
CA PRO B 319 25.50 14.39 22.07
C PRO B 319 26.35 15.58 22.49
N THR B 320 27.15 15.38 23.53
CA THR B 320 27.98 16.44 24.09
C THR B 320 29.38 16.46 23.47
N GLU B 321 30.09 15.34 23.55
CA GLU B 321 31.47 15.25 23.07
C GLU B 321 31.54 14.25 21.91
N SER B 322 32.77 14.06 21.42
CA SER B 322 33.07 13.08 20.39
C SER B 322 34.23 12.21 20.84
N ILE B 323 34.05 10.90 20.77
CA ILE B 323 35.05 9.93 21.22
C ILE B 323 35.45 9.09 20.01
N VAL B 324 36.75 8.99 19.76
CA VAL B 324 37.29 8.16 18.69
C VAL B 324 38.28 7.19 19.33
N ARG B 325 38.03 5.89 19.17
CA ARG B 325 38.90 4.87 19.74
C ARG B 325 39.40 3.96 18.63
N PHE B 326 40.72 3.80 18.58
CA PHE B 326 41.43 3.04 17.56
C PHE B 326 42.41 2.11 18.26
N PRO B 327 42.78 0.99 17.63
CA PRO B 327 43.81 0.12 18.22
C PRO B 327 45.18 0.78 18.26
N ASN B 328 45.97 0.39 19.26
CA ASN B 328 47.26 1.02 19.54
C ASN B 328 48.40 0.41 18.72
N ILE B 329 48.29 0.60 17.40
CA ILE B 329 49.32 0.20 16.45
C ILE B 329 49.92 1.47 15.84
N THR B 330 51.26 1.49 15.73
CA THR B 330 51.97 2.68 15.27
C THR B 330 52.90 2.40 14.10
N ASN B 331 53.00 1.16 13.63
CA ASN B 331 53.95 0.84 12.57
C ASN B 331 53.42 1.30 11.22
N LEU B 332 54.20 2.16 10.56
CA LEU B 332 53.94 2.55 9.18
C LEU B 332 54.39 1.42 8.28
N CYS B 333 53.51 1.02 7.36
CA CYS B 333 53.64 -0.29 6.73
C CYS B 333 54.08 -0.11 5.28
N PRO B 334 55.24 -0.63 4.89
CA PRO B 334 55.83 -0.25 3.60
C PRO B 334 55.09 -0.88 2.43
N PHE B 335 54.87 -0.08 1.38
CA PHE B 335 54.18 -0.53 0.18
C PHE B 335 55.13 -0.73 -0.99
N ASP B 336 56.36 -0.21 -0.90
CA ASP B 336 57.37 -0.38 -1.94
C ASP B 336 57.84 -1.83 -2.06
N GLU B 337 57.60 -2.65 -1.04
CA GLU B 337 57.82 -4.09 -1.16
C GLU B 337 56.84 -4.74 -2.12
N VAL B 338 55.67 -4.12 -2.34
CA VAL B 338 54.67 -4.62 -3.27
C VAL B 338 54.57 -3.74 -4.51
N PHE B 339 54.45 -2.43 -4.32
CA PHE B 339 54.29 -1.51 -5.44
C PHE B 339 55.58 -1.34 -6.24
N ASN B 340 56.70 -1.16 -5.54
CA ASN B 340 57.99 -0.89 -6.17
C ASN B 340 58.84 -2.14 -6.26
N ALA B 341 58.23 -3.30 -6.49
CA ALA B 341 58.99 -4.52 -6.73
C ALA B 341 59.70 -4.45 -8.07
N THR B 342 60.88 -5.06 -8.12
CA THR B 342 61.72 -4.95 -9.31
C THR B 342 61.17 -5.77 -10.48
N ARG B 343 60.74 -6.99 -10.21
CA ARG B 343 60.25 -7.87 -11.27
C ARG B 343 59.01 -8.61 -10.79
N PHE B 344 58.15 -8.96 -11.74
CA PHE B 344 56.94 -9.73 -11.49
C PHE B 344 57.05 -11.09 -12.20
N ALA B 345 56.58 -12.12 -11.52
CA ALA B 345 56.57 -13.48 -12.08
C ALA B 345 55.34 -13.68 -12.96
N SER B 346 55.05 -14.93 -13.30
CA SER B 346 53.92 -15.25 -14.16
C SER B 346 52.60 -15.07 -13.42
N VAL B 347 51.52 -15.03 -14.20
CA VAL B 347 50.19 -14.76 -13.65
C VAL B 347 49.68 -15.96 -12.83
N TYR B 348 49.86 -17.17 -13.36
CA TYR B 348 49.31 -18.35 -12.71
C TYR B 348 50.05 -18.70 -11.42
N ALA B 349 51.35 -18.45 -11.37
CA ALA B 349 52.14 -18.62 -10.15
C ALA B 349 52.33 -17.25 -9.52
N TRP B 350 51.26 -16.75 -8.90
CA TRP B 350 51.26 -15.42 -8.33
C TRP B 350 51.42 -15.49 -6.81
N ASN B 351 52.22 -14.58 -6.26
CA ASN B 351 52.42 -14.49 -4.84
C ASN B 351 51.33 -13.65 -4.19
N ARG B 352 50.98 -14.00 -2.96
CA ARG B 352 50.00 -13.27 -2.17
C ARG B 352 50.71 -12.67 -0.97
N LYS B 353 50.58 -11.36 -0.81
CA LYS B 353 51.27 -10.63 0.25
C LYS B 353 50.29 -10.28 1.36
N ARG B 354 50.67 -10.62 2.59
CA ARG B 354 49.85 -10.37 3.77
C ARG B 354 50.27 -9.05 4.42
N ILE B 355 49.29 -8.23 4.77
CA ILE B 355 49.49 -6.96 5.44
C ILE B 355 48.64 -6.96 6.70
N SER B 356 49.30 -6.91 7.86
CA SER B 356 48.63 -6.94 9.15
C SER B 356 49.50 -6.23 10.16
N ASN B 357 48.86 -5.72 11.21
CA ASN B 357 49.46 -4.86 12.25
C ASN B 357 50.15 -3.65 11.61
N CYS B 358 49.47 -3.06 10.63
CA CYS B 358 50.01 -1.96 9.84
C CYS B 358 49.10 -0.75 9.97
N VAL B 359 49.67 0.42 9.71
CA VAL B 359 48.92 1.66 9.58
C VAL B 359 49.08 2.12 8.14
N ALA B 360 47.98 2.16 7.41
CA ALA B 360 48.00 2.35 5.97
C ALA B 360 47.60 3.78 5.61
N ASP B 361 48.43 4.43 4.81
CA ASP B 361 48.16 5.77 4.27
C ASP B 361 48.22 5.66 2.75
N TYR B 362 47.06 5.48 2.12
CA TYR B 362 47.02 5.27 0.65
C TYR B 362 47.34 6.58 -0.08
N SER B 363 47.37 7.69 0.67
CA SER B 363 47.72 8.99 0.04
C SER B 363 49.14 8.92 -0.51
N VAL B 364 50.05 8.27 0.22
CA VAL B 364 51.48 8.21 -0.20
C VAL B 364 51.60 7.47 -1.54
N LEU B 365 50.93 6.33 -1.68
CA LEU B 365 50.96 5.57 -2.97
C LEU B 365 50.29 6.40 -4.07
N TYR B 366 49.20 7.11 -3.75
CA TYR B 366 48.52 7.96 -4.75
C TYR B 366 49.45 9.10 -5.17
N ASN B 367 50.21 9.65 -4.22
CA ASN B 367 51.11 10.75 -4.54
C ASN B 367 52.36 10.30 -5.28
N LEU B 368 52.54 9.00 -5.48
CA LEU B 368 53.65 8.51 -6.28
C LEU B 368 53.45 8.87 -7.75
N ALA B 369 54.56 9.11 -8.44
CA ALA B 369 54.50 9.51 -9.85
C ALA B 369 53.93 8.47 -10.80
N PRO B 370 54.37 7.15 -10.82
CA PRO B 370 53.85 6.26 -11.88
C PRO B 370 52.41 5.81 -11.72
N PHE B 371 51.99 5.42 -10.51
CA PHE B 371 50.73 4.72 -10.31
C PHE B 371 49.56 5.69 -10.42
N PHE B 372 48.76 5.53 -11.48
CA PHE B 372 47.70 6.47 -11.79
C PHE B 372 46.34 6.01 -11.27
N THR B 373 45.88 4.85 -11.73
CA THR B 373 44.48 4.49 -11.59
C THR B 373 44.19 3.85 -10.24
N PHE B 374 43.00 4.15 -9.72
CA PHE B 374 42.60 3.76 -8.36
C PHE B 374 41.15 3.26 -8.35
N LYS B 375 40.83 2.28 -9.19
CA LYS B 375 39.49 1.68 -9.12
C LYS B 375 39.30 0.97 -7.79
N CYS B 376 38.11 1.10 -7.20
CA CYS B 376 37.79 0.38 -5.97
C CYS B 376 36.36 -0.11 -6.02
N TYR B 377 36.16 -1.36 -5.63
CA TYR B 377 34.88 -2.05 -5.68
C TYR B 377 34.39 -2.26 -4.25
N GLY B 378 33.24 -1.66 -3.93
CA GLY B 378 32.65 -1.79 -2.62
C GLY B 378 33.04 -0.73 -1.62
N VAL B 379 34.14 0.00 -1.86
CA VAL B 379 34.60 1.07 -1.00
C VAL B 379 34.90 2.29 -1.85
N SER B 380 35.00 3.45 -1.20
CA SER B 380 35.37 4.66 -1.88
C SER B 380 36.76 5.11 -1.45
N PRO B 381 37.60 5.53 -2.41
CA PRO B 381 39.00 5.90 -2.08
C PRO B 381 39.13 7.02 -1.06
N THR B 382 38.26 8.04 -1.15
CA THR B 382 38.24 9.12 -0.18
C THR B 382 37.83 8.64 1.21
N LYS B 383 37.13 7.52 1.32
CA LYS B 383 36.81 6.92 2.60
C LYS B 383 37.89 5.98 3.10
N LEU B 384 38.89 5.66 2.27
CA LEU B 384 39.88 4.63 2.62
C LEU B 384 40.83 5.07 3.73
N ASN B 385 40.91 6.36 4.04
CA ASN B 385 41.68 6.83 5.19
C ASN B 385 40.89 6.78 6.49
N ASP B 386 39.62 6.37 6.44
CA ASP B 386 38.76 6.39 7.63
C ASP B 386 38.19 5.01 7.97
N LEU B 387 38.87 3.93 7.59
CA LEU B 387 38.37 2.58 7.79
C LEU B 387 39.42 1.71 8.46
N CYS B 388 38.94 0.60 9.03
CA CYS B 388 39.79 -0.40 9.63
C CYS B 388 39.45 -1.77 9.07
N PHE B 389 40.49 -2.51 8.68
CA PHE B 389 40.36 -3.85 8.15
C PHE B 389 41.10 -4.82 9.06
N THR B 390 40.58 -6.05 9.13
CA THR B 390 41.25 -7.08 9.92
C THR B 390 42.56 -7.51 9.27
N ASN B 391 42.58 -7.64 7.95
CA ASN B 391 43.79 -8.00 7.23
C ASN B 391 43.68 -7.48 5.80
N VAL B 392 44.83 -7.21 5.20
CA VAL B 392 44.90 -6.76 3.81
C VAL B 392 45.71 -7.79 3.03
N TYR B 393 45.27 -8.11 1.81
CA TYR B 393 46.01 -9.02 0.96
C TYR B 393 46.24 -8.39 -0.40
N ALA B 394 47.46 -8.54 -0.91
CA ALA B 394 47.91 -7.82 -2.09
C ALA B 394 48.49 -8.77 -3.12
N ASP B 395 48.11 -8.57 -4.38
CA ASP B 395 48.74 -9.20 -5.53
C ASP B 395 49.13 -8.09 -6.51
N SER B 396 50.24 -8.29 -7.22
CA SER B 396 50.72 -7.26 -8.15
C SER B 396 51.46 -7.94 -9.29
N PHE B 397 50.77 -8.15 -10.42
CA PHE B 397 51.34 -8.93 -11.52
C PHE B 397 50.90 -8.34 -12.85
N VAL B 398 51.44 -8.90 -13.94
CA VAL B 398 51.36 -8.30 -15.26
C VAL B 398 50.24 -8.95 -16.06
N ILE B 399 49.35 -8.13 -16.61
CA ILE B 399 48.20 -8.57 -17.39
C ILE B 399 48.25 -7.86 -18.74
N ARG B 400 47.88 -8.58 -19.80
CA ARG B 400 47.67 -7.95 -21.11
C ARG B 400 46.54 -6.92 -20.99
N GLY B 401 46.74 -5.77 -21.66
CA GLY B 401 45.87 -4.61 -21.46
C GLY B 401 44.42 -4.83 -21.87
N ASP B 402 44.18 -5.66 -22.88
CA ASP B 402 42.81 -6.03 -23.21
C ASP B 402 42.22 -6.96 -22.14
N GLU B 403 43.06 -7.75 -21.49
CA GLU B 403 42.62 -8.67 -20.44
C GLU B 403 42.53 -8.01 -19.07
N VAL B 404 42.96 -6.74 -18.95
CA VAL B 404 42.82 -6.00 -17.70
C VAL B 404 41.34 -5.75 -17.38
N ARG B 405 40.52 -5.59 -18.42
CA ARG B 405 39.08 -5.42 -18.24
C ARG B 405 38.39 -6.65 -17.68
N GLN B 406 39.04 -7.82 -17.71
CA GLN B 406 38.52 -9.02 -17.04
C GLN B 406 38.72 -9.01 -15.53
N ILE B 407 39.52 -8.08 -15.00
CA ILE B 407 39.80 -8.07 -13.57
C ILE B 407 38.67 -7.33 -12.87
N ALA B 408 37.57 -8.06 -12.61
CA ALA B 408 36.32 -7.58 -12.04
C ALA B 408 35.47 -8.82 -11.73
N PRO B 409 34.53 -8.75 -10.79
CA PRO B 409 33.64 -9.89 -10.56
C PRO B 409 32.70 -10.15 -11.72
N GLY B 410 32.39 -11.42 -11.92
CA GLY B 410 31.46 -11.81 -12.96
C GLY B 410 31.99 -11.75 -14.38
N GLN B 411 33.30 -11.79 -14.57
CA GLN B 411 33.90 -11.67 -15.88
C GLN B 411 34.44 -13.01 -16.37
N THR B 412 34.43 -13.19 -17.69
CA THR B 412 34.98 -14.35 -18.34
C THR B 412 36.24 -13.96 -19.11
N GLY B 413 36.79 -14.92 -19.84
CA GLY B 413 38.02 -14.74 -20.58
C GLY B 413 39.09 -15.70 -20.11
N ASN B 414 40.23 -15.63 -20.80
CA ASN B 414 41.34 -16.55 -20.52
C ASN B 414 41.93 -16.33 -19.13
N ILE B 415 42.11 -15.06 -18.74
CA ILE B 415 42.68 -14.73 -17.44
C ILE B 415 41.78 -15.21 -16.31
N ALA B 416 40.49 -14.84 -16.38
CA ALA B 416 39.56 -15.14 -15.31
C ALA B 416 39.18 -16.63 -15.29
N ASP B 417 39.28 -17.30 -16.43
CA ASP B 417 38.94 -18.71 -16.47
C ASP B 417 40.11 -19.64 -16.15
N TYR B 418 41.36 -19.20 -16.33
CA TYR B 418 42.46 -20.13 -16.25
C TYR B 418 43.60 -19.73 -15.34
N ASN B 419 43.75 -18.45 -14.96
CA ASN B 419 44.89 -18.20 -14.07
C ASN B 419 44.53 -17.41 -12.82
N TYR B 420 43.62 -16.44 -12.91
CA TYR B 420 43.29 -15.61 -11.76
C TYR B 420 41.84 -15.17 -11.88
N LYS B 421 41.00 -15.66 -10.97
CA LYS B 421 39.58 -15.34 -10.93
C LYS B 421 39.27 -14.53 -9.68
N LEU B 422 38.46 -13.45 -9.86
CA LEU B 422 38.00 -12.70 -8.70
C LEU B 422 36.62 -13.18 -8.26
N PRO B 423 36.35 -13.21 -6.96
CA PRO B 423 35.04 -13.64 -6.48
C PRO B 423 33.96 -12.60 -6.75
N ASP B 424 32.72 -13.06 -6.73
CA ASP B 424 31.58 -12.17 -6.95
C ASP B 424 31.31 -11.28 -5.75
N ASP B 425 31.74 -11.68 -4.55
CA ASP B 425 31.60 -10.87 -3.34
C ASP B 425 32.86 -10.07 -3.03
N PHE B 426 33.60 -9.68 -4.07
CA PHE B 426 34.88 -9.01 -3.88
C PHE B 426 34.65 -7.55 -3.47
N THR B 427 35.29 -7.15 -2.36
CA THR B 427 35.30 -5.77 -1.92
C THR B 427 36.75 -5.35 -1.67
N GLY B 428 37.30 -4.59 -2.61
CA GLY B 428 38.70 -4.20 -2.55
C GLY B 428 39.03 -3.12 -3.55
N CYS B 429 40.25 -3.13 -4.09
CA CYS B 429 40.65 -2.14 -5.07
C CYS B 429 41.52 -2.77 -6.14
N VAL B 430 41.44 -2.21 -7.35
CA VAL B 430 42.25 -2.59 -8.50
C VAL B 430 42.98 -1.34 -8.98
N ILE B 431 44.30 -1.46 -9.14
CA ILE B 431 45.17 -0.37 -9.55
C ILE B 431 45.94 -0.82 -10.78
N ALA B 432 45.83 -0.07 -11.88
CA ALA B 432 46.47 -0.42 -13.13
C ALA B 432 47.47 0.64 -13.54
N TRP B 433 48.64 0.21 -14.00
CA TRP B 433 49.69 1.13 -14.44
C TRP B 433 50.40 0.53 -15.64
N ASN B 434 50.59 1.32 -16.69
CA ASN B 434 51.21 0.85 -17.93
C ASN B 434 52.66 0.48 -17.68
N SER B 435 53.03 -0.75 -18.08
CA SER B 435 54.37 -1.25 -17.81
C SER B 435 55.41 -0.53 -18.66
N ASN B 436 55.13 -0.38 -19.96
CA ASN B 436 56.00 0.27 -20.96
C ASN B 436 57.39 -0.35 -20.98
N LYS B 437 58.39 0.41 -20.51
CA LYS B 437 59.77 -0.06 -20.51
C LYS B 437 60.09 -0.97 -19.34
N LEU B 438 59.22 -1.07 -18.34
CA LEU B 438 59.52 -1.88 -17.16
C LEU B 438 59.41 -3.38 -17.47
N ASP B 439 58.42 -3.77 -18.26
CA ASP B 439 58.20 -5.19 -18.57
C ASP B 439 58.40 -5.49 -20.05
N SER B 440 57.76 -4.75 -20.94
CA SER B 440 57.91 -4.98 -22.38
C SER B 440 59.24 -4.40 -22.84
N LYS B 441 60.09 -5.26 -23.41
CA LYS B 441 61.44 -4.88 -23.80
C LYS B 441 61.63 -5.09 -25.29
N VAL B 442 62.85 -4.87 -25.75
CA VAL B 442 63.20 -5.13 -27.14
C VAL B 442 63.20 -6.63 -27.38
N SER B 443 62.57 -7.05 -28.48
CA SER B 443 62.36 -8.44 -28.88
C SER B 443 61.59 -9.26 -27.84
N GLY B 444 60.74 -8.62 -27.06
CA GLY B 444 59.81 -9.30 -26.18
C GLY B 444 60.46 -9.81 -24.90
N ASN B 445 59.60 -10.24 -23.98
CA ASN B 445 60.01 -10.88 -22.74
C ASN B 445 59.25 -12.20 -22.60
N TYR B 446 59.98 -13.27 -22.30
CA TYR B 446 59.42 -14.61 -22.25
C TYR B 446 58.93 -15.01 -20.86
N ASN B 447 59.05 -14.14 -19.87
CA ASN B 447 58.79 -14.52 -18.49
C ASN B 447 57.30 -14.52 -18.13
N TYR B 448 56.42 -14.11 -19.04
CA TYR B 448 55.00 -13.99 -18.75
C TYR B 448 54.24 -15.04 -19.55
N LEU B 449 54.01 -16.19 -18.93
CA LEU B 449 53.25 -17.28 -19.55
C LEU B 449 51.78 -17.18 -19.16
N TYR B 450 50.92 -17.60 -20.07
CA TYR B 450 49.48 -17.52 -19.92
C TYR B 450 48.87 -18.87 -20.30
N ARG B 451 47.91 -19.32 -19.47
CA ARG B 451 47.28 -20.62 -19.69
C ARG B 451 46.20 -20.49 -20.77
N LEU B 452 46.36 -21.26 -21.85
CA LEU B 452 45.42 -21.18 -22.96
C LEU B 452 44.06 -21.78 -22.59
N PHE B 453 44.06 -22.98 -22.02
CA PHE B 453 42.83 -23.72 -21.73
C PHE B 453 43.10 -24.78 -20.67
N ARG B 454 41.99 -25.25 -20.08
CA ARG B 454 42.03 -26.28 -19.04
C ARG B 454 40.68 -26.99 -19.04
N LYS B 455 40.62 -28.10 -18.30
CA LYS B 455 39.37 -28.85 -18.19
C LYS B 455 38.32 -28.08 -17.40
N SER B 456 38.70 -27.57 -16.23
CA SER B 456 37.78 -26.87 -15.34
C SER B 456 38.26 -25.44 -15.13
N ASN B 457 37.30 -24.50 -15.17
CA ASN B 457 37.61 -23.12 -14.89
C ASN B 457 37.93 -22.92 -13.40
N LEU B 458 38.83 -21.98 -13.13
CA LEU B 458 39.31 -21.78 -11.77
C LEU B 458 38.26 -21.08 -10.91
N LYS B 459 38.02 -21.64 -9.73
CA LYS B 459 37.32 -20.92 -8.69
C LYS B 459 38.21 -19.78 -8.17
N PRO B 460 37.61 -18.72 -7.61
CA PRO B 460 38.40 -17.56 -7.21
C PRO B 460 39.44 -17.86 -6.12
N PHE B 461 40.60 -17.19 -6.26
CA PHE B 461 41.77 -17.33 -5.38
C PHE B 461 42.26 -18.78 -5.31
N GLU B 462 42.49 -19.36 -6.48
CA GLU B 462 43.03 -20.72 -6.60
C GLU B 462 44.33 -20.64 -7.40
N ARG B 463 45.44 -21.04 -6.78
CA ARG B 463 46.76 -20.93 -7.39
C ARG B 463 47.04 -22.21 -8.18
N ASP B 464 47.07 -22.09 -9.50
CA ASP B 464 47.38 -23.22 -10.39
C ASP B 464 48.78 -23.02 -10.93
N ILE B 465 49.75 -23.68 -10.30
CA ILE B 465 51.16 -23.53 -10.68
C ILE B 465 51.67 -24.72 -11.48
N SER B 466 50.76 -25.59 -11.95
CA SER B 466 51.17 -26.77 -12.70
C SER B 466 51.58 -26.38 -14.12
N THR B 467 52.77 -26.82 -14.53
CA THR B 467 53.31 -26.55 -15.85
C THR B 467 53.47 -27.82 -16.68
N GLU B 468 52.74 -28.88 -16.34
CA GLU B 468 52.81 -30.13 -17.05
C GLU B 468 52.10 -30.03 -18.40
N ILE B 469 52.39 -30.98 -19.29
CA ILE B 469 51.72 -31.03 -20.58
C ILE B 469 50.30 -31.54 -20.38
N TYR B 470 49.34 -30.82 -20.97
CA TYR B 470 47.93 -31.12 -20.79
C TYR B 470 47.35 -31.73 -22.06
N GLN B 471 46.50 -32.75 -21.88
CA GLN B 471 45.87 -33.47 -22.99
C GLN B 471 44.75 -32.60 -23.55
N ALA B 472 44.97 -32.04 -24.75
CA ALA B 472 43.95 -31.21 -25.37
C ALA B 472 42.77 -32.03 -25.86
N GLY B 473 43.04 -33.15 -26.52
CA GLY B 473 41.97 -34.01 -26.98
C GLY B 473 41.49 -34.98 -25.90
N ASN B 474 40.46 -35.75 -26.26
CA ASN B 474 39.95 -36.76 -25.34
C ASN B 474 40.88 -37.97 -25.23
N LYS B 475 41.78 -38.16 -26.19
CA LYS B 475 42.73 -39.26 -26.13
C LYS B 475 43.78 -38.99 -25.06
N PRO B 476 44.24 -40.04 -24.37
CA PRO B 476 45.31 -39.87 -23.38
C PRO B 476 46.66 -39.64 -24.06
N CYS B 477 47.27 -38.49 -23.81
CA CYS B 477 48.57 -38.19 -24.38
C CYS B 477 49.70 -38.92 -23.65
N ASN B 478 49.52 -39.16 -22.35
CA ASN B 478 50.48 -39.86 -21.48
C ASN B 478 51.85 -39.17 -21.47
N GLY B 479 51.85 -37.85 -21.48
CA GLY B 479 53.09 -37.10 -21.42
C GLY B 479 53.89 -37.10 -22.70
N VAL B 480 53.27 -37.39 -23.83
CA VAL B 480 53.93 -37.42 -25.13
C VAL B 480 53.33 -36.33 -26.00
N ALA B 481 54.18 -35.43 -26.48
CA ALA B 481 53.72 -34.31 -27.30
C ALA B 481 53.31 -34.78 -28.70
N GLY B 482 52.44 -33.99 -29.33
CA GLY B 482 51.97 -34.32 -30.67
C GLY B 482 50.69 -33.54 -30.97
N PHE B 483 49.87 -34.13 -31.84
CA PHE B 483 48.58 -33.53 -32.16
C PHE B 483 47.64 -33.65 -30.98
N ASN B 484 47.02 -32.52 -30.61
CA ASN B 484 46.19 -32.35 -29.41
C ASN B 484 46.93 -32.71 -28.13
N CYS B 485 48.26 -32.54 -28.12
CA CYS B 485 49.12 -32.76 -26.95
C CYS B 485 50.19 -31.68 -27.00
N TYR B 486 49.93 -30.57 -26.32
CA TYR B 486 50.81 -29.41 -26.39
C TYR B 486 51.05 -28.85 -24.99
N PHE B 487 52.10 -28.04 -24.89
CA PHE B 487 52.35 -27.27 -23.69
C PHE B 487 51.29 -26.18 -23.58
N PRO B 488 50.49 -26.15 -22.50
CA PRO B 488 49.32 -25.26 -22.50
C PRO B 488 49.66 -23.79 -22.27
N LEU B 489 50.85 -23.49 -21.75
CA LEU B 489 51.20 -22.11 -21.45
C LEU B 489 51.92 -21.48 -22.63
N ARG B 490 51.47 -20.28 -23.02
CA ARG B 490 52.06 -19.56 -24.13
C ARG B 490 52.37 -18.13 -23.70
N SER B 491 53.38 -17.54 -24.31
CA SER B 491 53.79 -16.19 -23.99
C SER B 491 53.16 -15.20 -24.97
N TYR B 492 52.72 -14.06 -24.43
CA TYR B 492 52.17 -13.01 -25.28
C TYR B 492 53.25 -12.20 -25.96
N SER B 493 54.51 -12.29 -25.47
CA SER B 493 55.69 -11.63 -26.04
C SER B 493 55.51 -10.11 -26.10
N PHE B 494 55.41 -9.50 -24.92
CA PHE B 494 55.08 -8.09 -24.81
C PHE B 494 56.22 -7.21 -25.32
N ARG B 495 55.87 -6.26 -26.18
CA ARG B 495 56.80 -5.31 -26.77
C ARG B 495 56.23 -3.90 -26.67
N PRO B 496 57.09 -2.88 -26.60
CA PRO B 496 56.59 -1.49 -26.62
C PRO B 496 55.96 -1.08 -27.94
N THR B 497 56.22 -1.82 -29.03
CA THR B 497 55.61 -1.52 -30.32
C THR B 497 54.16 -1.96 -30.40
N TYR B 498 53.66 -2.69 -29.41
CA TYR B 498 52.25 -3.08 -29.37
C TYR B 498 51.37 -1.87 -29.08
N GLY B 499 50.08 -2.02 -29.37
CA GLY B 499 49.13 -0.97 -29.08
C GLY B 499 48.78 -0.88 -27.60
N VAL B 500 48.02 0.17 -27.28
CA VAL B 500 47.73 0.53 -25.89
C VAL B 500 46.91 -0.55 -25.20
N GLY B 501 45.93 -1.13 -25.91
CA GLY B 501 45.20 -2.25 -25.36
C GLY B 501 45.91 -3.58 -25.42
N HIS B 502 47.05 -3.66 -26.11
CA HIS B 502 47.87 -4.86 -26.13
C HIS B 502 49.19 -4.70 -25.40
N GLN B 503 49.49 -3.50 -24.92
CA GLN B 503 50.66 -3.30 -24.09
C GLN B 503 50.41 -3.88 -22.70
N PRO B 504 51.45 -4.40 -22.03
CA PRO B 504 51.24 -4.98 -20.70
C PRO B 504 51.00 -3.92 -19.64
N TYR B 505 50.12 -4.24 -18.70
CA TYR B 505 49.79 -3.37 -17.57
C TYR B 505 50.09 -4.13 -16.28
N ARG B 506 50.81 -3.48 -15.37
CA ARG B 506 50.96 -4.00 -14.01
C ARG B 506 49.67 -3.71 -13.25
N VAL B 507 49.06 -4.76 -12.70
CA VAL B 507 47.79 -4.67 -11.99
C VAL B 507 48.02 -5.11 -10.56
N VAL B 508 47.63 -4.26 -9.61
CA VAL B 508 47.68 -4.54 -8.18
C VAL B 508 46.26 -4.69 -7.69
N VAL B 509 45.95 -5.86 -7.13
CA VAL B 509 44.65 -6.17 -6.56
C VAL B 509 44.81 -6.22 -5.05
N LEU B 510 44.06 -5.38 -4.35
CA LEU B 510 43.97 -5.39 -2.90
C LEU B 510 42.62 -5.96 -2.52
N SER B 511 42.61 -7.04 -1.74
CA SER B 511 41.38 -7.68 -1.30
C SER B 511 41.17 -7.32 0.18
N PHE B 512 40.33 -6.33 0.42
CA PHE B 512 40.07 -5.88 1.79
C PHE B 512 39.19 -6.89 2.51
N GLU B 513 39.39 -6.98 3.83
CA GLU B 513 38.63 -7.87 4.70
C GLU B 513 37.81 -7.02 5.66
N LEU B 514 36.51 -6.92 5.40
CA LEU B 514 35.60 -6.19 6.28
C LEU B 514 34.92 -7.23 7.19
N LEU B 515 35.43 -7.35 8.41
CA LEU B 515 34.98 -8.39 9.33
C LEU B 515 34.76 -7.76 10.70
N HIS B 516 33.89 -8.38 11.50
CA HIS B 516 33.62 -7.95 12.86
C HIS B 516 34.66 -8.42 13.86
N ALA B 517 35.72 -9.08 13.41
CA ALA B 517 36.85 -9.42 14.25
C ALA B 517 37.61 -8.14 14.64
N PRO B 518 38.39 -8.19 15.73
CA PRO B 518 39.26 -7.06 16.05
C PRO B 518 40.28 -6.79 14.95
N ALA B 519 40.19 -5.59 14.38
CA ALA B 519 40.97 -5.21 13.21
C ALA B 519 42.42 -4.94 13.58
N THR B 520 43.32 -5.30 12.66
CA THR B 520 44.75 -5.06 12.84
C THR B 520 45.29 -3.94 11.97
N VAL B 521 44.64 -3.63 10.85
CA VAL B 521 45.07 -2.56 9.96
C VAL B 521 44.07 -1.42 10.08
N CYS B 522 44.57 -0.19 10.24
CA CYS B 522 43.71 0.96 10.38
C CYS B 522 44.35 2.16 9.69
N GLY B 523 43.51 3.14 9.36
CA GLY B 523 43.98 4.38 8.81
C GLY B 523 44.56 5.29 9.88
N PRO B 524 45.16 6.40 9.45
CA PRO B 524 45.75 7.33 10.41
C PRO B 524 44.71 8.12 11.19
N LYS B 525 44.52 7.75 12.45
CA LYS B 525 43.57 8.43 13.34
C LYS B 525 44.00 8.20 14.78
N LYS B 526 43.88 9.24 15.60
CA LYS B 526 44.30 9.17 17.00
C LYS B 526 43.15 8.68 17.88
N SER B 527 43.52 8.23 19.08
CA SER B 527 42.56 7.75 20.06
C SER B 527 42.41 8.77 21.18
N THR B 528 41.17 9.09 21.52
CA THR B 528 40.88 10.09 22.55
C THR B 528 40.54 9.38 23.87
N ASN B 529 40.15 10.17 24.86
CA ASN B 529 39.77 9.63 26.16
C ASN B 529 38.41 8.95 26.07
N LEU B 530 38.18 8.01 26.98
CA LEU B 530 36.91 7.27 27.04
C LEU B 530 35.98 7.95 28.02
N VAL B 531 34.79 8.32 27.54
CA VAL B 531 33.80 9.03 28.34
C VAL B 531 32.63 8.09 28.59
N LYS B 532 32.28 7.91 29.87
CA LYS B 532 31.20 7.01 30.26
C LYS B 532 30.07 7.79 30.91
N ASN B 533 28.88 7.18 30.86
CA ASN B 533 27.66 7.66 31.53
C ASN B 533 27.24 9.05 31.07
N LYS B 534 27.40 9.32 29.77
CA LYS B 534 26.95 10.57 29.19
C LYS B 534 26.65 10.35 27.72
N CYS B 535 25.63 11.04 27.22
CA CYS B 535 25.22 10.95 25.82
C CYS B 535 26.28 11.62 24.95
N VAL B 536 27.11 10.82 24.29
CA VAL B 536 28.19 11.32 23.45
C VAL B 536 28.19 10.57 22.12
N ASN B 537 28.86 11.17 21.14
CA ASN B 537 29.16 10.50 19.89
C ASN B 537 30.39 9.62 20.04
N PHE B 538 30.39 8.47 19.36
CA PHE B 538 31.49 7.52 19.48
C PHE B 538 31.83 6.95 18.10
N ASN B 539 33.09 6.50 18.00
CA ASN B 539 33.61 5.91 16.77
C ASN B 539 34.60 4.82 17.18
N PHE B 540 34.14 3.57 17.16
CA PHE B 540 34.95 2.41 17.51
C PHE B 540 35.32 1.67 16.23
N ASN B 541 36.57 1.86 15.79
CA ASN B 541 37.18 1.15 14.65
C ASN B 541 36.38 1.33 13.35
N GLY B 542 35.86 2.53 13.15
CA GLY B 542 35.03 2.82 12.00
C GLY B 542 33.54 2.69 12.24
N LEU B 543 33.13 2.04 13.34
CA LEU B 543 31.72 1.94 13.70
C LEU B 543 31.33 3.22 14.42
N LYS B 544 30.56 4.06 13.75
CA LYS B 544 30.15 5.35 14.31
C LYS B 544 28.78 5.22 14.97
N GLY B 545 28.50 6.14 15.89
CA GLY B 545 27.20 6.16 16.52
C GLY B 545 27.11 7.27 17.54
N THR B 546 25.94 7.34 18.18
CA THR B 546 25.66 8.33 19.22
C THR B 546 24.85 7.66 20.31
N GLY B 547 25.33 7.70 21.54
CA GLY B 547 24.62 7.04 22.61
C GLY B 547 25.30 7.24 23.95
N VAL B 548 24.85 6.46 24.92
CA VAL B 548 25.39 6.52 26.28
C VAL B 548 26.20 5.26 26.56
N LEU B 549 27.52 5.35 26.39
CA LEU B 549 28.39 4.21 26.64
C LEU B 549 28.51 3.98 28.13
N THR B 550 27.89 2.92 28.64
CA THR B 550 27.91 2.63 30.06
C THR B 550 28.67 1.35 30.33
N GLU B 551 29.07 1.16 31.58
CA GLU B 551 29.70 -0.08 31.99
C GLU B 551 28.65 -1.19 32.05
N SER B 552 29.08 -2.40 31.70
CA SER B 552 28.16 -3.52 31.52
C SER B 552 28.62 -4.72 32.33
N ASN B 553 27.65 -5.57 32.68
CA ASN B 553 27.89 -6.86 33.29
C ASN B 553 27.64 -8.00 32.31
N LYS B 554 27.68 -7.72 31.00
CA LYS B 554 27.42 -8.73 29.99
C LYS B 554 28.58 -9.71 29.92
N LYS B 555 28.25 -11.00 29.95
CA LYS B 555 29.25 -12.08 29.96
C LYS B 555 29.65 -12.38 28.52
N PHE B 556 30.50 -11.53 27.96
CA PHE B 556 31.00 -11.75 26.62
C PHE B 556 31.98 -12.92 26.59
N LEU B 557 32.15 -13.46 25.42
CA LEU B 557 33.11 -14.52 25.13
C LEU B 557 34.38 -13.91 24.54
N PRO B 558 35.55 -14.54 24.79
CA PRO B 558 36.82 -13.95 24.32
C PRO B 558 36.95 -13.83 22.81
N PHE B 559 36.31 -14.70 22.04
CA PHE B 559 36.36 -14.59 20.59
C PHE B 559 35.31 -13.64 20.01
N GLN B 560 34.42 -13.11 20.85
CA GLN B 560 33.35 -12.24 20.41
C GLN B 560 33.75 -10.78 20.63
N GLN B 561 33.52 -9.94 19.61
CA GLN B 561 33.84 -8.52 19.67
C GLN B 561 32.61 -7.64 19.86
N PHE B 562 31.58 -7.85 19.06
CA PHE B 562 30.40 -7.01 19.07
C PHE B 562 29.19 -7.79 19.58
N GLY B 563 28.22 -7.06 20.10
CA GLY B 563 26.93 -7.64 20.51
C GLY B 563 25.81 -6.98 19.73
N ARG B 564 24.85 -7.80 19.28
CA ARG B 564 23.79 -7.32 18.43
C ARG B 564 22.43 -7.51 19.09
N ASP B 565 21.51 -6.60 18.76
CA ASP B 565 20.18 -6.52 19.35
C ASP B 565 19.27 -7.40 18.49
N ILE B 566 17.95 -7.32 18.69
CA ILE B 566 16.99 -8.11 17.91
C ILE B 566 16.97 -7.64 16.46
N ALA B 567 17.03 -6.32 16.25
CA ALA B 567 16.99 -5.74 14.92
C ALA B 567 18.39 -5.60 14.30
N ASP B 568 19.35 -6.38 14.78
CA ASP B 568 20.75 -6.43 14.30
C ASP B 568 21.45 -5.09 14.38
N THR B 569 21.12 -4.25 15.35
CA THR B 569 21.92 -3.06 15.63
C THR B 569 22.89 -3.36 16.77
N THR B 570 23.91 -2.52 16.88
CA THR B 570 24.95 -2.74 17.87
C THR B 570 24.46 -2.32 19.25
N ASP B 571 24.51 -3.25 20.20
CA ASP B 571 24.09 -3.01 21.57
C ASP B 571 25.25 -2.87 22.54
N ALA B 572 26.30 -3.67 22.39
CA ALA B 572 27.49 -3.58 23.22
C ALA B 572 28.72 -3.72 22.34
N VAL B 573 29.80 -3.04 22.74
CA VAL B 573 31.06 -3.09 22.01
C VAL B 573 32.18 -3.50 22.95
N ARG B 574 33.26 -4.01 22.36
CA ARG B 574 34.51 -4.25 23.05
C ARG B 574 35.48 -3.14 22.69
N ASP B 575 35.96 -2.44 23.70
CA ASP B 575 36.88 -1.32 23.48
C ASP B 575 38.25 -1.86 23.09
N PRO B 576 38.80 -1.47 21.93
CA PRO B 576 40.09 -2.03 21.50
C PRO B 576 41.28 -1.55 22.33
N GLN B 577 41.18 -0.42 23.01
CA GLN B 577 42.30 0.04 23.84
C GLN B 577 42.38 -0.76 25.13
N THR B 578 41.33 -0.70 25.95
CA THR B 578 41.22 -1.50 27.17
C THR B 578 40.08 -2.49 26.98
N LEU B 579 40.38 -3.78 27.08
CA LEU B 579 39.44 -4.83 26.71
C LEU B 579 38.35 -4.95 27.76
N GLU B 580 37.34 -4.09 27.61
CA GLU B 580 36.15 -4.11 28.44
C GLU B 580 34.93 -3.97 27.56
N ILE B 581 33.76 -4.30 28.12
CA ILE B 581 32.51 -4.34 27.37
C ILE B 581 31.69 -3.11 27.77
N LEU B 582 31.28 -2.34 26.76
CA LEU B 582 30.52 -1.11 26.96
C LEU B 582 29.15 -1.25 26.32
N ASP B 583 28.10 -1.00 27.13
CA ASP B 583 26.74 -0.96 26.61
C ASP B 583 26.47 0.35 25.88
N ILE B 584 25.73 0.24 24.78
CA ILE B 584 25.27 1.39 24.01
C ILE B 584 23.78 1.53 24.24
N THR B 585 23.37 2.70 24.75
CA THR B 585 21.97 3.04 24.93
C THR B 585 21.77 4.41 24.30
N PRO B 586 20.79 4.57 23.42
CA PRO B 586 20.53 5.89 22.84
C PRO B 586 20.04 6.88 23.88
N CYS B 587 20.28 8.16 23.61
CA CYS B 587 20.01 9.23 24.55
C CYS B 587 18.51 9.40 24.76
N SER B 588 18.16 10.01 25.89
CA SER B 588 16.77 10.08 26.34
C SER B 588 15.94 10.96 25.42
N PHE B 589 14.75 10.48 25.05
CA PHE B 589 13.93 11.15 24.07
C PHE B 589 12.47 10.86 24.37
N GLY B 590 11.59 11.44 23.57
CA GLY B 590 10.16 11.22 23.72
C GLY B 590 9.39 12.20 22.87
N GLY B 591 8.07 12.07 22.93
CA GLY B 591 7.20 12.95 22.18
C GLY B 591 6.89 14.24 22.92
N VAL B 592 6.64 15.29 22.16
CA VAL B 592 6.31 16.60 22.71
C VAL B 592 4.90 16.96 22.24
N SER B 593 4.00 17.19 23.19
CA SER B 593 2.64 17.59 22.90
C SER B 593 2.40 18.98 23.47
N VAL B 594 1.66 19.79 22.72
CA VAL B 594 1.31 21.15 23.13
C VAL B 594 -0.17 21.13 23.48
N ILE B 595 -0.48 21.47 24.73
CA ILE B 595 -1.85 21.55 25.22
C ILE B 595 -2.19 23.04 25.28
N THR B 596 -3.15 23.47 24.46
CA THR B 596 -3.48 24.87 24.40
C THR B 596 -4.98 25.04 24.27
N PRO B 597 -5.52 26.16 24.74
CA PRO B 597 -6.87 26.57 24.32
C PRO B 597 -6.83 27.19 22.93
N GLY B 598 -7.97 27.71 22.50
CA GLY B 598 -8.02 28.37 21.21
C GLY B 598 -7.25 29.67 21.23
N THR B 599 -6.53 29.94 20.13
CA THR B 599 -5.80 31.19 19.99
C THR B 599 -6.71 32.39 19.80
N ASN B 600 -7.99 32.16 19.48
CA ASN B 600 -8.99 33.23 19.54
C ASN B 600 -9.21 33.71 20.96
N THR B 601 -9.00 32.84 21.96
CA THR B 601 -9.18 33.18 23.35
C THR B 601 -7.88 33.61 24.04
N SER B 602 -6.83 32.78 23.96
CA SER B 602 -5.61 33.06 24.70
C SER B 602 -4.43 32.38 24.00
N ASN B 603 -3.23 32.79 24.41
CA ASN B 603 -1.98 32.24 23.88
C ASN B 603 -1.20 31.44 24.91
N GLN B 604 -1.80 31.14 26.07
CA GLN B 604 -1.11 30.37 27.09
C GLN B 604 -1.00 28.91 26.68
N VAL B 605 0.17 28.32 26.89
CA VAL B 605 0.54 27.02 26.34
C VAL B 605 1.12 26.16 27.46
N ALA B 606 0.64 24.92 27.57
CA ALA B 606 1.28 23.91 28.40
C ALA B 606 1.96 22.88 27.51
N VAL B 607 3.04 22.26 28.01
CA VAL B 607 3.81 21.30 27.24
C VAL B 607 3.87 19.99 28.01
N LEU B 608 3.54 18.88 27.33
CA LEU B 608 3.63 17.55 27.89
C LEU B 608 4.75 16.79 27.19
N TYR B 609 5.73 16.33 27.97
CA TYR B 609 6.75 15.41 27.50
C TYR B 609 6.26 14.00 27.78
N GLN B 610 6.04 13.21 26.73
CA GLN B 610 5.40 11.91 26.85
C GLN B 610 6.43 10.85 27.23
N GLY B 611 6.15 10.12 28.31
CA GLY B 611 6.99 9.01 28.70
C GLY B 611 8.25 9.38 29.45
N VAL B 612 8.36 10.62 29.91
CA VAL B 612 9.57 11.11 30.56
C VAL B 612 9.25 11.46 32.02
N ASN B 613 10.10 11.01 32.93
CA ASN B 613 10.02 11.42 34.33
C ASN B 613 10.33 12.91 34.44
N CYS B 614 9.78 13.54 35.49
CA CYS B 614 9.92 14.98 35.66
C CYS B 614 11.29 15.41 36.17
N THR B 615 12.18 14.47 36.50
CA THR B 615 13.54 14.82 36.89
C THR B 615 14.49 14.91 35.71
N GLU B 616 14.20 14.19 34.62
CA GLU B 616 15.04 14.25 33.43
C GLU B 616 14.78 15.47 32.58
N VAL B 617 13.67 16.18 32.80
CA VAL B 617 13.29 17.33 31.99
C VAL B 617 14.10 18.59 32.36
N PRO B 618 14.42 18.90 33.63
CA PRO B 618 15.43 19.94 33.86
C PRO B 618 16.81 19.61 33.32
N VAL B 619 17.17 18.33 33.22
CA VAL B 619 18.40 17.96 32.53
C VAL B 619 18.25 18.22 31.03
N ALA B 620 17.07 17.94 30.48
CA ALA B 620 16.77 18.21 29.08
C ALA B 620 16.32 19.67 28.94
N ILE B 621 17.29 20.57 29.08
CA ILE B 621 17.08 22.00 29.00
C ILE B 621 18.02 22.55 27.93
N HIS B 622 17.73 23.77 27.47
CA HIS B 622 18.48 24.35 26.36
C HIS B 622 19.89 24.80 26.74
N ALA B 623 20.23 24.81 28.03
CA ALA B 623 21.65 24.91 28.41
C ALA B 623 22.42 23.69 27.93
N ASP B 624 21.80 22.52 28.03
CA ASP B 624 22.30 21.33 27.34
C ASP B 624 21.88 21.39 25.87
N GLN B 625 22.50 20.54 25.06
CA GLN B 625 22.20 20.51 23.63
C GLN B 625 20.97 19.65 23.39
N LEU B 626 19.95 20.24 22.78
CA LEU B 626 18.66 19.59 22.57
C LEU B 626 18.22 19.73 21.12
N THR B 627 17.14 19.03 20.78
CA THR B 627 16.43 19.23 19.52
C THR B 627 15.48 20.43 19.56
N PRO B 628 14.64 20.68 20.58
CA PRO B 628 13.93 21.96 20.60
C PRO B 628 14.82 23.09 21.08
N THR B 629 14.45 24.31 20.68
CA THR B 629 15.23 25.49 20.99
C THR B 629 14.67 26.30 22.15
N TRP B 630 13.36 26.24 22.36
CA TRP B 630 12.73 26.94 23.48
C TRP B 630 13.05 26.28 24.81
N ARG B 631 13.04 27.08 25.87
CA ARG B 631 13.41 26.60 27.21
C ARG B 631 12.52 27.10 28.33
N VAL B 632 11.50 27.94 28.06
CA VAL B 632 10.78 28.64 29.12
C VAL B 632 9.94 27.67 29.95
N TYR B 633 9.33 26.66 29.31
CA TYR B 633 8.63 25.64 30.07
C TYR B 633 9.56 24.54 30.54
N SER B 634 10.77 24.45 29.99
CA SER B 634 11.76 23.53 30.53
C SER B 634 12.29 24.03 31.86
N THR B 635 12.39 25.34 32.05
CA THR B 635 12.81 25.92 33.32
C THR B 635 11.65 26.45 34.15
N GLY B 636 10.41 26.35 33.64
CA GLY B 636 9.28 26.92 34.34
C GLY B 636 8.81 26.11 35.52
N SER B 637 7.88 26.70 36.27
CA SER B 637 7.28 26.09 37.44
C SER B 637 6.01 25.31 37.03
N ASN B 638 5.20 24.95 38.03
CA ASN B 638 3.97 24.15 37.88
C ASN B 638 4.25 22.81 37.20
N VAL B 639 5.35 22.17 37.62
CA VAL B 639 5.71 20.88 37.06
C VAL B 639 4.86 19.79 37.70
N PHE B 640 4.13 19.05 36.86
CA PHE B 640 3.28 17.97 37.33
C PHE B 640 3.67 16.68 36.63
N GLN B 641 3.54 15.57 37.34
CA GLN B 641 3.90 14.25 36.82
C GLN B 641 2.64 13.42 36.61
N THR B 642 2.43 12.95 35.38
CA THR B 642 1.33 12.06 35.06
C THR B 642 1.89 10.71 34.63
N ARG B 643 0.99 9.77 34.36
CA ARG B 643 1.42 8.48 33.83
C ARG B 643 1.83 8.59 32.38
N ALA B 644 1.26 9.55 31.65
CA ALA B 644 1.67 9.79 30.27
C ALA B 644 3.07 10.39 30.21
N GLY B 645 3.41 11.25 31.16
CA GLY B 645 4.72 11.85 31.20
C GLY B 645 4.83 13.00 32.18
N CYS B 646 5.48 14.08 31.75
CA CYS B 646 5.68 15.27 32.57
C CYS B 646 4.99 16.45 31.90
N LEU B 647 4.01 17.02 32.59
CA LEU B 647 3.25 18.16 32.07
C LEU B 647 3.69 19.42 32.82
N ILE B 648 4.18 20.41 32.07
CA ILE B 648 4.64 21.67 32.65
C ILE B 648 3.86 22.81 32.00
N GLY B 649 3.40 23.74 32.82
CA GLY B 649 2.58 24.85 32.38
C GLY B 649 1.17 24.82 32.91
N ALA B 650 0.76 23.71 33.51
CA ALA B 650 -0.56 23.57 34.11
C ALA B 650 -0.40 23.20 35.57
N GLU B 651 -1.22 23.82 36.43
CA GLU B 651 -1.15 23.62 37.87
C GLU B 651 -2.18 22.57 38.27
N TYR B 652 -1.75 21.58 39.05
CA TYR B 652 -2.64 20.52 39.47
C TYR B 652 -3.60 21.01 40.54
N VAL B 653 -4.88 20.69 40.37
CA VAL B 653 -5.95 21.16 41.25
C VAL B 653 -6.63 19.93 41.85
N ASN B 654 -6.86 19.96 43.16
CA ASN B 654 -7.52 18.86 43.85
C ASN B 654 -9.01 18.73 43.50
N ASN B 655 -9.59 19.73 42.85
CA ASN B 655 -10.97 19.63 42.39
C ASN B 655 -11.06 18.68 41.19
N SER B 656 -12.28 18.30 40.86
CA SER B 656 -12.53 17.39 39.75
C SER B 656 -13.74 17.87 38.96
N TYR B 657 -13.54 18.12 37.66
CA TYR B 657 -14.63 18.50 36.77
C TYR B 657 -14.69 17.56 35.58
N GLU B 658 -15.50 17.90 34.59
CA GLU B 658 -15.55 17.12 33.35
C GLU B 658 -14.27 17.31 32.55
N CYS B 659 -14.00 16.35 31.68
CA CYS B 659 -12.76 16.34 30.90
C CYS B 659 -12.90 17.30 29.73
N ASP B 660 -12.13 18.39 29.74
CA ASP B 660 -12.13 19.37 28.67
C ASP B 660 -11.12 19.01 27.59
N ILE B 661 -9.85 18.95 27.95
CA ILE B 661 -8.79 18.52 27.05
C ILE B 661 -8.16 17.26 27.62
N PRO B 662 -8.29 16.11 26.97
CA PRO B 662 -7.78 14.87 27.56
C PRO B 662 -6.26 14.76 27.44
N ILE B 663 -5.64 14.35 28.54
CA ILE B 663 -4.21 14.08 28.59
C ILE B 663 -3.93 12.59 28.69
N GLY B 664 -4.54 11.92 29.66
CA GLY B 664 -4.39 10.49 29.78
C GLY B 664 -4.38 10.05 31.23
N ALA B 665 -4.68 8.76 31.43
CA ALA B 665 -4.71 8.09 32.73
C ALA B 665 -5.65 8.78 33.72
N GLY B 666 -6.79 9.25 33.21
CA GLY B 666 -7.74 9.97 34.03
C GLY B 666 -7.42 11.44 34.25
N ILE B 667 -6.31 11.92 33.71
CA ILE B 667 -5.88 13.31 33.88
C ILE B 667 -6.31 14.10 32.65
N CYS B 668 -6.96 15.24 32.88
CA CYS B 668 -7.38 16.15 31.83
C CYS B 668 -6.93 17.57 32.19
N ALA B 669 -7.16 18.51 31.27
CA ALA B 669 -6.76 19.89 31.47
C ALA B 669 -7.83 20.82 30.93
N SER B 670 -7.83 22.05 31.45
CA SER B 670 -8.81 23.05 31.06
C SER B 670 -8.21 24.44 31.28
N TYR B 671 -8.97 25.46 30.91
CA TYR B 671 -8.56 26.86 30.99
C TYR B 671 -9.62 27.61 31.78
N GLN B 672 -9.34 27.91 33.05
CA GLN B 672 -10.36 28.45 33.94
C GLN B 672 -9.80 29.60 34.77
N THR B 673 -10.70 30.32 35.41
CA THR B 673 -10.36 31.48 36.24
C THR B 673 -10.26 31.09 37.71
N GLN B 674 -9.28 30.24 38.01
CA GLN B 674 -9.04 29.81 39.39
C GLN B 674 -8.14 30.74 40.17
N THR B 675 -7.62 31.79 39.53
CA THR B 675 -6.78 32.77 40.22
C THR B 675 -7.38 34.17 40.09
N SER B 686 -6.10 36.11 36.02
CA SER B 686 -7.05 35.21 36.63
C SER B 686 -7.16 33.91 35.85
N GLN B 687 -7.16 34.01 34.53
CA GLN B 687 -7.25 32.84 33.67
C GLN B 687 -5.94 32.06 33.68
N SER B 688 -6.05 30.74 33.77
CA SER B 688 -4.87 29.87 33.77
C SER B 688 -5.27 28.48 33.31
N ILE B 689 -4.27 27.74 32.83
CA ILE B 689 -4.43 26.35 32.43
C ILE B 689 -4.21 25.47 33.65
N ILE B 690 -5.14 24.57 33.91
CA ILE B 690 -5.10 23.72 35.09
C ILE B 690 -5.31 22.26 34.69
N ALA B 691 -4.59 21.37 35.34
CA ALA B 691 -4.73 19.93 35.16
C ALA B 691 -5.44 19.33 36.37
N TYR B 692 -6.24 18.30 36.13
CA TYR B 692 -7.04 17.70 37.19
C TYR B 692 -7.33 16.25 36.82
N THR B 693 -8.00 15.56 37.74
CA THR B 693 -8.54 14.23 37.50
C THR B 693 -10.00 14.39 37.07
N MET B 694 -10.37 13.69 36.00
CA MET B 694 -11.72 13.81 35.47
C MET B 694 -12.74 13.19 36.41
N SER B 695 -13.97 13.72 36.35
CA SER B 695 -15.05 13.30 37.24
C SER B 695 -16.03 12.44 36.46
N LEU B 696 -16.36 11.27 37.03
CA LEU B 696 -17.27 10.36 36.35
C LEU B 696 -18.71 10.87 36.43
N GLY B 697 -19.11 11.40 37.57
CA GLY B 697 -20.44 11.91 37.73
C GLY B 697 -20.79 12.04 39.20
N ALA B 698 -22.01 12.52 39.44
CA ALA B 698 -22.50 12.70 40.80
C ALA B 698 -22.86 11.35 41.40
N GLU B 699 -22.38 11.11 42.62
CA GLU B 699 -22.67 9.84 43.28
C GLU B 699 -24.09 9.84 43.82
N ASN B 700 -24.75 8.69 43.71
CA ASN B 700 -26.13 8.53 44.14
C ASN B 700 -26.26 7.24 44.95
N SER B 701 -27.23 7.24 45.86
CA SER B 701 -27.52 6.08 46.68
C SER B 701 -29.01 5.81 46.61
N VAL B 702 -29.37 4.70 45.98
CA VAL B 702 -30.78 4.31 45.83
C VAL B 702 -31.26 3.72 47.14
N ALA B 703 -32.34 4.29 47.69
CA ALA B 703 -32.86 3.86 48.99
C ALA B 703 -33.61 2.55 48.79
N TYR B 704 -32.85 1.46 48.77
CA TYR B 704 -33.41 0.14 48.55
C TYR B 704 -33.99 -0.43 49.83
N SER B 705 -35.19 -0.99 49.72
CA SER B 705 -35.82 -1.71 50.82
C SER B 705 -36.73 -2.78 50.21
N ASN B 706 -36.99 -3.82 51.00
CA ASN B 706 -37.75 -4.95 50.49
C ASN B 706 -39.27 -4.80 50.66
N ASN B 707 -39.74 -3.65 51.10
CA ASN B 707 -41.17 -3.32 51.05
C ASN B 707 -41.37 -1.86 50.67
N SER B 708 -40.52 -1.33 49.78
CA SER B 708 -40.60 0.07 49.38
C SER B 708 -40.42 0.17 47.87
N ILE B 709 -41.29 0.94 47.22
CA ILE B 709 -41.24 1.15 45.79
C ILE B 709 -41.40 2.64 45.51
N ALA B 710 -40.98 3.05 44.31
CA ALA B 710 -41.11 4.42 43.86
C ALA B 710 -41.87 4.44 42.54
N ILE B 711 -43.02 5.08 42.52
CA ILE B 711 -43.91 5.11 41.37
C ILE B 711 -44.08 6.55 40.93
N PRO B 712 -43.83 6.88 39.66
CA PRO B 712 -44.01 8.25 39.21
C PRO B 712 -45.48 8.67 39.15
N THR B 713 -45.70 9.97 39.34
CA THR B 713 -47.04 10.55 39.24
C THR B 713 -47.19 11.51 38.07
N ASN B 714 -46.10 12.01 37.50
CA ASN B 714 -46.12 12.97 36.41
C ASN B 714 -45.00 12.61 35.44
N PHE B 715 -45.07 13.13 34.23
CA PHE B 715 -44.14 12.76 33.18
C PHE B 715 -43.70 13.99 32.41
N THR B 716 -42.91 13.75 31.37
CA THR B 716 -42.51 14.80 30.42
C THR B 716 -42.23 14.14 29.07
N ILE B 717 -42.32 14.97 28.03
CA ILE B 717 -42.09 14.54 26.65
C ILE B 717 -40.81 15.22 26.18
N SER B 718 -39.82 14.42 25.82
CA SER B 718 -38.51 14.93 25.42
C SER B 718 -38.21 14.53 24.00
N VAL B 719 -37.89 15.51 23.16
CA VAL B 719 -37.53 15.26 21.77
C VAL B 719 -36.04 15.56 21.63
N THR B 720 -35.26 14.52 21.32
CA THR B 720 -33.82 14.60 21.19
C THR B 720 -33.42 14.55 19.73
N THR B 721 -32.19 14.98 19.46
CA THR B 721 -31.66 15.08 18.11
C THR B 721 -30.53 14.08 17.93
N GLU B 722 -30.59 13.30 16.85
CA GLU B 722 -29.54 12.34 16.52
C GLU B 722 -29.07 12.59 15.09
N ILE B 723 -27.75 12.62 14.90
CA ILE B 723 -27.15 12.93 13.60
C ILE B 723 -26.36 11.73 13.14
N LEU B 724 -26.64 11.26 11.93
CA LEU B 724 -25.96 10.10 11.36
C LEU B 724 -25.47 10.41 9.95
N PRO B 725 -24.17 10.26 9.66
CA PRO B 725 -23.72 10.39 8.28
C PRO B 725 -24.21 9.25 7.42
N VAL B 726 -24.46 9.55 6.14
CA VAL B 726 -25.06 8.60 5.20
C VAL B 726 -24.15 8.38 3.99
N SER B 727 -23.76 9.47 3.33
CA SER B 727 -22.93 9.39 2.13
C SER B 727 -21.83 10.43 2.20
N MET B 728 -20.78 10.21 1.40
CA MET B 728 -19.66 11.13 1.38
C MET B 728 -19.36 11.61 -0.04
N THR B 729 -18.25 12.30 -0.22
CA THR B 729 -17.92 12.91 -1.51
C THR B 729 -17.49 11.85 -2.51
N LYS B 730 -18.10 11.88 -3.69
CA LYS B 730 -17.73 10.98 -4.78
C LYS B 730 -16.66 11.65 -5.63
N THR B 731 -15.48 11.03 -5.68
CA THR B 731 -14.34 11.61 -6.39
C THR B 731 -13.86 10.66 -7.48
N SER B 732 -13.24 11.24 -8.50
CA SER B 732 -12.64 10.50 -9.60
C SER B 732 -11.26 11.08 -9.86
N VAL B 733 -10.31 10.23 -10.22
CA VAL B 733 -8.90 10.61 -10.35
C VAL B 733 -8.43 10.30 -11.76
N ASP B 734 -7.83 11.28 -12.42
CA ASP B 734 -7.18 11.07 -13.72
C ASP B 734 -5.73 10.66 -13.47
N CYS B 735 -5.46 9.36 -13.64
CA CYS B 735 -4.16 8.79 -13.29
C CYS B 735 -3.03 9.33 -14.17
N THR B 736 -3.29 9.44 -15.49
CA THR B 736 -2.25 9.82 -16.44
C THR B 736 -1.77 11.25 -16.23
N MET B 737 -2.71 12.19 -16.10
CA MET B 737 -2.32 13.59 -15.95
C MET B 737 -1.93 13.92 -14.51
N TYR B 738 -2.44 13.16 -13.53
CA TYR B 738 -1.94 13.33 -12.17
C TYR B 738 -0.50 12.86 -12.05
N ILE B 739 -0.14 11.76 -12.71
CA ILE B 739 1.22 11.25 -12.60
C ILE B 739 2.19 12.07 -13.45
N CYS B 740 1.86 12.29 -14.72
CA CYS B 740 2.79 13.01 -15.60
C CYS B 740 2.29 14.40 -15.98
N GLY B 741 1.20 14.49 -16.72
CA GLY B 741 0.58 15.77 -17.01
C GLY B 741 1.14 16.39 -18.28
N ASP B 742 0.38 16.30 -19.38
CA ASP B 742 0.75 16.88 -20.70
C ASP B 742 2.13 16.43 -21.17
N SER B 743 2.44 15.15 -20.97
CA SER B 743 3.76 14.61 -21.29
C SER B 743 3.57 13.27 -21.98
N THR B 744 3.81 13.26 -23.30
CA THR B 744 3.58 12.05 -24.09
C THR B 744 4.63 10.98 -23.78
N GLU B 745 5.88 11.39 -23.57
CA GLU B 745 6.94 10.44 -23.23
C GLU B 745 6.69 9.80 -21.86
N CYS B 746 6.23 10.61 -20.90
CA CYS B 746 5.91 10.05 -19.59
C CYS B 746 4.66 9.19 -19.64
N SER B 747 3.71 9.50 -20.55
CA SER B 747 2.57 8.60 -20.76
C SER B 747 3.01 7.27 -21.34
N ASN B 748 3.97 7.29 -22.28
CA ASN B 748 4.52 6.06 -22.83
C ASN B 748 5.28 5.26 -21.78
N LEU B 749 5.94 5.94 -20.84
CA LEU B 749 6.61 5.22 -19.76
C LEU B 749 5.62 4.70 -18.73
N LEU B 750 4.48 5.39 -18.54
CA LEU B 750 3.44 4.93 -17.63
C LEU B 750 2.67 3.75 -18.22
N LEU B 751 2.64 3.63 -19.55
CA LEU B 751 2.05 2.46 -20.19
C LEU B 751 2.79 1.16 -19.85
N GLN B 752 4.07 1.24 -19.46
CA GLN B 752 4.77 0.08 -18.94
C GLN B 752 4.17 -0.39 -17.62
N TYR B 753 3.82 0.55 -16.74
CA TYR B 753 3.19 0.17 -15.47
C TYR B 753 1.76 -0.34 -15.69
N GLY B 754 0.96 0.40 -16.46
CA GLY B 754 -0.28 -0.17 -16.95
C GLY B 754 -1.47 -0.24 -16.00
N SER B 755 -1.76 -1.44 -15.50
CA SER B 755 -3.05 -1.82 -14.91
C SER B 755 -3.35 -1.14 -13.57
N PHE B 756 -2.37 -0.47 -12.96
CA PHE B 756 -2.58 0.19 -11.67
C PHE B 756 -3.62 1.31 -11.78
N CYS B 757 -3.54 2.11 -12.84
CA CYS B 757 -4.50 3.19 -13.04
C CYS B 757 -5.91 2.64 -13.27
N THR B 758 -6.02 1.53 -14.01
CA THR B 758 -7.31 0.91 -14.26
C THR B 758 -7.93 0.36 -12.97
N GLN B 759 -7.13 -0.27 -12.11
CA GLN B 759 -7.70 -0.81 -10.88
C GLN B 759 -8.04 0.30 -9.88
N LEU B 760 -7.30 1.41 -9.89
CA LEU B 760 -7.66 2.53 -9.02
C LEU B 760 -8.94 3.21 -9.51
N LYS B 761 -9.10 3.35 -10.83
CA LYS B 761 -10.34 3.90 -11.38
C LYS B 761 -11.52 2.98 -11.08
N ARG B 762 -11.31 1.67 -11.12
CA ARG B 762 -12.36 0.71 -10.79
C ARG B 762 -12.78 0.81 -9.33
N ALA B 763 -11.81 0.96 -8.42
CA ALA B 763 -12.12 1.11 -7.00
C ALA B 763 -12.88 2.40 -6.73
N LEU B 764 -12.47 3.51 -7.35
CA LEU B 764 -13.16 4.78 -7.15
C LEU B 764 -14.57 4.77 -7.76
N THR B 765 -14.75 4.08 -8.89
CA THR B 765 -16.08 3.92 -9.47
C THR B 765 -16.98 3.10 -8.55
N GLY B 766 -16.43 2.04 -7.93
CA GLY B 766 -17.22 1.26 -6.98
C GLY B 766 -17.64 2.07 -5.76
N ILE B 767 -16.74 2.91 -5.24
CA ILE B 767 -17.07 3.78 -4.12
C ILE B 767 -18.15 4.79 -4.50
N ALA B 768 -18.04 5.36 -5.71
CA ALA B 768 -19.02 6.33 -6.18
C ALA B 768 -20.40 5.73 -6.40
N VAL B 769 -20.47 4.48 -6.85
CA VAL B 769 -21.77 3.80 -6.93
C VAL B 769 -22.30 3.49 -5.54
N GLU B 770 -21.41 3.10 -4.61
CA GLU B 770 -21.81 2.73 -3.26
C GLU B 770 -22.41 3.90 -2.48
N GLN B 771 -21.93 5.13 -2.73
CA GLN B 771 -22.51 6.30 -2.07
C GLN B 771 -23.97 6.54 -2.48
N ASP B 772 -24.28 6.41 -3.77
CA ASP B 772 -25.66 6.53 -4.22
C ASP B 772 -26.51 5.37 -3.72
N LYS B 773 -25.92 4.18 -3.60
CA LYS B 773 -26.64 3.05 -3.01
C LYS B 773 -27.00 3.32 -1.55
N ASN B 774 -26.07 3.93 -0.80
CA ASN B 774 -26.32 4.26 0.60
C ASN B 774 -27.42 5.30 0.74
N THR B 775 -27.39 6.34 -0.10
CA THR B 775 -28.42 7.38 -0.04
C THR B 775 -29.79 6.83 -0.42
N GLN B 776 -29.85 5.96 -1.44
CA GLN B 776 -31.11 5.33 -1.83
C GLN B 776 -31.64 4.40 -0.74
N GLU B 777 -30.74 3.65 -0.09
CA GLU B 777 -31.14 2.74 0.98
C GLU B 777 -31.68 3.50 2.19
N VAL B 778 -31.08 4.64 2.52
CA VAL B 778 -31.55 5.39 3.68
C VAL B 778 -32.88 6.09 3.38
N PHE B 779 -32.97 6.79 2.24
CA PHE B 779 -34.08 7.71 2.04
C PHE B 779 -35.22 7.16 1.19
N ALA B 780 -35.02 6.10 0.41
CA ALA B 780 -36.02 5.64 -0.54
C ALA B 780 -36.87 4.50 0.00
N GLN B 781 -37.14 4.48 1.30
CA GLN B 781 -37.93 3.41 1.89
C GLN B 781 -39.43 3.62 1.74
N VAL B 782 -39.87 4.82 1.36
CA VAL B 782 -41.30 5.09 1.19
C VAL B 782 -41.71 4.63 -0.20
N LYS B 783 -42.95 4.12 -0.31
CA LYS B 783 -43.39 3.57 -1.58
C LYS B 783 -44.03 4.62 -2.48
N GLN B 784 -44.80 5.54 -1.91
CA GLN B 784 -45.47 6.60 -2.66
C GLN B 784 -45.24 7.92 -1.94
N ILE B 785 -45.18 9.00 -2.72
CA ILE B 785 -44.96 10.33 -2.15
C ILE B 785 -46.29 10.81 -1.57
N TYR B 786 -46.49 10.61 -0.28
CA TYR B 786 -47.68 11.11 0.38
C TYR B 786 -47.58 12.61 0.60
N LYS B 787 -48.70 13.30 0.48
CA LYS B 787 -48.73 14.74 0.75
C LYS B 787 -49.59 15.02 1.97
N THR B 788 -49.21 16.06 2.70
CA THR B 788 -49.91 16.43 3.92
C THR B 788 -51.26 17.06 3.58
N PRO B 789 -52.27 16.92 4.46
CA PRO B 789 -53.52 17.63 4.24
C PRO B 789 -53.34 19.12 4.40
N PRO B 790 -54.18 19.93 3.74
CA PRO B 790 -54.00 21.40 3.81
C PRO B 790 -54.34 22.00 5.17
N ILE B 791 -55.06 21.29 6.03
CA ILE B 791 -55.39 21.78 7.37
C ILE B 791 -54.38 21.21 8.35
N LYS B 792 -53.57 22.08 8.95
CA LYS B 792 -52.48 21.64 9.83
C LYS B 792 -52.93 21.63 11.29
N TYR B 793 -53.92 20.80 11.57
CA TYR B 793 -54.41 20.59 12.94
C TYR B 793 -54.34 19.10 13.24
N PHE B 794 -53.38 18.70 14.09
CA PHE B 794 -53.24 17.31 14.51
C PHE B 794 -53.25 17.28 16.04
N GLY B 795 -54.46 17.33 16.61
CA GLY B 795 -54.62 17.24 18.06
C GLY B 795 -54.01 18.36 18.87
N GLY B 796 -53.73 19.51 18.25
CA GLY B 796 -53.04 20.59 18.91
C GLY B 796 -51.52 20.51 18.82
N PHE B 797 -50.97 19.45 18.25
CA PHE B 797 -49.53 19.31 18.08
C PHE B 797 -49.08 20.21 16.94
N ASN B 798 -48.07 21.04 17.18
CA ASN B 798 -47.57 21.94 16.15
C ASN B 798 -46.48 21.25 15.33
N PHE B 799 -46.69 21.20 14.02
CA PHE B 799 -45.70 20.61 13.11
C PHE B 799 -45.21 21.59 12.06
N SER B 800 -45.37 22.90 12.25
CA SER B 800 -45.01 23.86 11.23
C SER B 800 -43.51 24.00 11.06
N GLN B 801 -42.72 23.63 12.08
CA GLN B 801 -41.27 23.76 11.99
C GLN B 801 -40.61 22.60 11.26
N ILE B 802 -41.31 21.48 11.11
CA ILE B 802 -40.74 20.34 10.40
C ILE B 802 -41.48 20.04 9.08
N LEU B 803 -42.70 20.55 8.90
CA LEU B 803 -43.38 20.41 7.63
C LEU B 803 -42.78 21.39 6.62
N PRO B 804 -42.78 21.05 5.32
CA PRO B 804 -42.13 21.90 4.32
C PRO B 804 -42.80 23.26 4.15
N ASP B 805 -41.98 24.26 3.84
CA ASP B 805 -42.43 25.63 3.70
C ASP B 805 -42.50 25.98 2.22
N PRO B 806 -43.68 26.34 1.70
CA PRO B 806 -43.77 26.77 0.30
C PRO B 806 -43.13 28.13 0.04
N SER B 807 -42.86 28.93 1.08
CA SER B 807 -42.24 30.23 0.88
C SER B 807 -40.79 30.12 0.42
N LYS B 808 -40.08 29.08 0.85
CA LYS B 808 -38.71 28.87 0.42
C LYS B 808 -38.68 28.43 -1.04
N PRO B 809 -37.62 28.76 -1.78
CA PRO B 809 -37.50 28.28 -3.17
C PRO B 809 -37.40 26.77 -3.29
N SER B 810 -36.79 26.10 -2.31
CA SER B 810 -36.79 24.65 -2.24
C SER B 810 -37.82 24.20 -1.21
N LYS B 811 -38.21 22.93 -1.30
CA LYS B 811 -39.22 22.38 -0.40
C LYS B 811 -38.57 21.79 0.85
N ARG B 812 -37.86 22.66 1.57
CA ARG B 812 -37.18 22.32 2.81
C ARG B 812 -37.83 23.06 3.97
N SER B 813 -37.92 22.40 5.12
CA SER B 813 -38.57 22.99 6.28
C SER B 813 -37.62 23.96 6.99
N PHE B 814 -38.11 24.50 8.12
CA PHE B 814 -37.33 25.47 8.89
C PHE B 814 -36.10 24.82 9.52
N ILE B 815 -36.28 23.65 10.13
CA ILE B 815 -35.16 22.95 10.77
C ILE B 815 -34.19 22.42 9.72
N GLU B 816 -34.71 21.98 8.57
CA GLU B 816 -33.83 21.55 7.47
C GLU B 816 -33.01 22.71 6.93
N ASP B 817 -33.61 23.90 6.81
CA ASP B 817 -32.86 25.09 6.41
C ASP B 817 -31.81 25.45 7.45
N LEU B 818 -32.14 25.29 8.74
CA LEU B 818 -31.17 25.54 9.80
C LEU B 818 -29.99 24.58 9.74
N LEU B 819 -30.25 23.30 9.47
CA LEU B 819 -29.17 22.31 9.35
C LEU B 819 -28.31 22.58 8.13
N PHE B 820 -28.93 22.92 7.00
CA PHE B 820 -28.17 23.22 5.78
C PHE B 820 -27.35 24.49 5.92
N ASN B 821 -27.83 25.47 6.71
CA ASN B 821 -27.01 26.64 6.99
C ASN B 821 -25.93 26.36 8.02
N LYS B 822 -26.17 25.43 8.95
CA LYS B 822 -25.18 25.13 9.98
C LYS B 822 -24.00 24.35 9.42
N VAL B 823 -24.27 23.43 8.49
CA VAL B 823 -23.16 22.74 7.81
C VAL B 823 -22.57 23.70 6.79
N THR B 824 -21.29 24.04 6.96
CA THR B 824 -20.58 24.90 6.02
C THR B 824 -19.88 24.08 4.92
N LEU B 825 -20.73 23.34 4.21
CA LEU B 825 -20.28 22.52 3.08
C LEU B 825 -19.77 23.39 1.95
N ALA B 826 -18.64 22.99 1.37
CA ALA B 826 -18.04 23.73 0.28
C ALA B 826 -18.85 23.55 -1.01
N ASP B 827 -18.47 24.33 -2.03
CA ASP B 827 -19.10 24.19 -3.34
C ASP B 827 -18.77 22.84 -3.96
N ALA B 828 -17.53 22.36 -3.77
CA ALA B 828 -17.07 21.00 -4.07
C ALA B 828 -17.21 20.64 -5.55
N GLY B 829 -17.17 21.64 -6.43
CA GLY B 829 -17.33 21.37 -7.84
C GLY B 829 -18.75 20.99 -8.20
N PHE B 830 -18.86 20.06 -9.16
CA PHE B 830 -20.04 19.38 -9.68
C PHE B 830 -21.17 20.29 -10.19
N ILE B 831 -20.92 21.60 -10.27
CA ILE B 831 -21.80 22.55 -10.94
C ILE B 831 -20.95 23.73 -11.41
N LYS B 832 -20.99 24.01 -12.72
CA LYS B 832 -20.08 24.90 -13.43
C LYS B 832 -18.61 24.58 -13.11
N GLN B 833 -17.93 25.52 -12.46
CA GLN B 833 -16.57 25.37 -11.91
C GLN B 833 -15.51 25.03 -12.96
N TYR B 834 -15.78 25.33 -14.22
CA TYR B 834 -14.77 25.13 -15.25
C TYR B 834 -14.53 26.38 -16.08
N GLY B 835 -15.58 27.15 -16.39
CA GLY B 835 -15.38 28.41 -17.08
C GLY B 835 -14.79 29.47 -16.19
N ASP B 836 -14.98 29.34 -14.87
CA ASP B 836 -14.31 30.23 -13.94
C ASP B 836 -12.82 29.91 -13.83
N CYS B 837 -12.47 28.62 -13.90
CA CYS B 837 -11.06 28.25 -13.97
C CYS B 837 -10.45 28.64 -15.30
N LEU B 838 -11.14 28.35 -16.41
CA LEU B 838 -10.70 28.74 -17.74
C LEU B 838 -11.19 30.14 -18.06
N GLY B 839 -10.57 31.11 -17.39
CA GLY B 839 -10.93 32.51 -17.56
C GLY B 839 -10.33 33.41 -16.52
N ASP B 840 -11.13 34.27 -15.91
CA ASP B 840 -10.66 35.12 -14.83
C ASP B 840 -10.42 34.29 -13.59
N ILE B 841 -9.20 34.36 -13.04
CA ILE B 841 -8.86 33.56 -11.87
C ILE B 841 -9.59 34.07 -10.63
N ALA B 842 -9.78 35.38 -10.52
CA ALA B 842 -10.53 36.10 -9.45
C ALA B 842 -9.94 35.71 -8.10
N ALA B 843 -10.74 35.26 -7.14
CA ALA B 843 -10.20 34.69 -5.91
C ALA B 843 -9.85 33.23 -6.15
N ARG B 844 -8.65 32.84 -5.73
CA ARG B 844 -8.17 31.49 -5.99
C ARG B 844 -8.87 30.49 -5.07
N ASP B 845 -9.23 29.35 -5.64
CA ASP B 845 -9.92 28.29 -4.91
C ASP B 845 -9.18 26.98 -5.12
N LEU B 846 -9.39 26.06 -4.17
CA LEU B 846 -8.78 24.74 -4.27
C LEU B 846 -9.41 23.90 -5.37
N ILE B 847 -10.65 24.21 -5.77
CA ILE B 847 -11.38 23.41 -6.75
C ILE B 847 -10.72 23.49 -8.13
N CYS B 848 -10.30 24.70 -8.54
CA CYS B 848 -9.63 24.88 -9.82
C CYS B 848 -8.28 24.15 -9.86
N ALA B 849 -7.54 24.20 -8.75
CA ALA B 849 -6.24 23.54 -8.71
C ALA B 849 -6.39 22.02 -8.71
N GLN B 850 -7.35 21.48 -7.96
CA GLN B 850 -7.60 20.05 -7.96
C GLN B 850 -8.11 19.56 -9.31
N LYS B 851 -8.96 20.36 -9.96
CA LYS B 851 -9.44 20.01 -11.30
C LYS B 851 -8.30 20.03 -12.32
N PHE B 852 -7.43 21.03 -12.23
CA PHE B 852 -6.28 21.13 -13.15
C PHE B 852 -5.31 19.98 -12.93
N LYS B 853 -5.12 19.56 -11.68
CA LYS B 853 -4.28 18.40 -11.41
C LYS B 853 -4.94 17.08 -11.81
N GLY B 854 -6.27 17.04 -11.86
CA GLY B 854 -6.94 15.88 -12.40
C GLY B 854 -7.80 15.12 -11.41
N LEU B 855 -8.30 15.81 -10.39
CA LEU B 855 -9.13 15.20 -9.35
C LEU B 855 -10.51 15.85 -9.40
N THR B 856 -11.46 15.15 -9.98
CA THR B 856 -12.81 15.66 -10.16
C THR B 856 -13.74 15.14 -9.07
N VAL B 857 -14.85 15.84 -8.87
CA VAL B 857 -15.89 15.45 -7.92
C VAL B 857 -17.18 15.26 -8.70
N LEU B 858 -17.74 14.05 -8.64
CA LEU B 858 -18.99 13.74 -9.32
C LEU B 858 -20.18 14.26 -8.51
N PRO B 859 -21.25 14.68 -9.18
CA PRO B 859 -22.46 15.08 -8.46
C PRO B 859 -23.24 13.87 -8.00
N PRO B 860 -24.00 14.00 -6.91
CA PRO B 860 -24.85 12.88 -6.47
C PRO B 860 -26.04 12.69 -7.40
N LEU B 861 -26.57 11.46 -7.40
CA LEU B 861 -27.71 11.14 -8.26
C LEU B 861 -28.98 11.79 -7.75
N LEU B 862 -29.19 11.79 -6.43
CA LEU B 862 -30.38 12.37 -5.82
C LEU B 862 -30.06 13.79 -5.35
N THR B 863 -30.81 14.76 -5.85
CA THR B 863 -30.62 16.14 -5.43
C THR B 863 -31.27 16.38 -4.07
N ASP B 864 -30.95 17.55 -3.50
CA ASP B 864 -31.46 17.92 -2.19
C ASP B 864 -32.97 18.13 -2.20
N GLU B 865 -33.52 18.55 -3.34
CA GLU B 865 -34.97 18.63 -3.48
C GLU B 865 -35.61 17.26 -3.42
N MET B 866 -34.98 16.25 -4.02
CA MET B 866 -35.51 14.90 -3.96
C MET B 866 -35.38 14.28 -2.57
N ILE B 867 -34.27 14.57 -1.88
CA ILE B 867 -34.12 14.12 -0.49
C ILE B 867 -35.16 14.80 0.41
N ALA B 868 -35.42 16.08 0.18
CA ALA B 868 -36.46 16.79 0.92
C ALA B 868 -37.85 16.25 0.61
N GLN B 869 -38.09 15.81 -0.63
CA GLN B 869 -39.38 15.23 -0.97
C GLN B 869 -39.55 13.86 -0.33
N TYR B 870 -38.48 13.06 -0.25
CA TYR B 870 -38.54 11.81 0.50
C TYR B 870 -38.82 12.04 1.98
N THR B 871 -38.16 13.02 2.60
CA THR B 871 -38.43 13.31 4.01
C THR B 871 -39.83 13.86 4.23
N SER B 872 -40.33 14.68 3.29
CA SER B 872 -41.69 15.18 3.37
C SER B 872 -42.72 14.08 3.23
N ALA B 873 -42.48 13.12 2.32
CA ALA B 873 -43.38 11.99 2.16
C ALA B 873 -43.38 11.11 3.41
N LEU B 874 -42.21 10.86 4.00
CA LEU B 874 -42.13 10.08 5.22
C LEU B 874 -42.82 10.78 6.39
N LEU B 875 -42.63 12.10 6.50
CA LEU B 875 -43.27 12.87 7.57
C LEU B 875 -44.79 12.87 7.43
N ALA B 876 -45.28 13.11 6.21
CA ALA B 876 -46.73 13.15 5.97
C ALA B 876 -47.36 11.78 6.18
N GLY B 877 -46.69 10.72 5.74
CA GLY B 877 -47.20 9.37 5.95
C GLY B 877 -47.24 8.99 7.43
N THR B 878 -46.17 9.32 8.17
CA THR B 878 -46.13 9.01 9.60
C THR B 878 -47.20 9.78 10.36
N ILE B 879 -47.32 11.09 10.08
CA ILE B 879 -48.27 11.95 10.78
C ILE B 879 -49.72 11.53 10.49
N THR B 880 -50.03 11.24 9.22
CA THR B 880 -51.41 10.88 8.88
C THR B 880 -51.76 9.45 9.30
N SER B 881 -50.93 8.48 8.94
CA SER B 881 -51.33 7.08 9.02
C SER B 881 -50.62 6.28 10.10
N GLY B 882 -49.78 6.89 10.92
CA GLY B 882 -49.11 6.13 11.98
C GLY B 882 -47.97 5.32 11.44
N TRP B 883 -48.03 4.01 11.65
CA TRP B 883 -47.04 3.08 11.13
C TRP B 883 -47.57 2.18 10.02
N THR B 884 -48.87 2.29 9.70
CA THR B 884 -49.51 1.35 8.80
C THR B 884 -49.06 1.51 7.35
N PHE B 885 -48.52 2.68 6.98
CA PHE B 885 -47.96 2.84 5.65
C PHE B 885 -46.64 2.08 5.49
N GLY B 886 -45.95 1.80 6.60
CA GLY B 886 -44.78 0.95 6.53
C GLY B 886 -45.13 -0.50 6.22
N ALA B 887 -46.23 -0.99 6.80
CA ALA B 887 -46.63 -2.38 6.58
C ALA B 887 -47.37 -2.54 5.26
N GLY B 888 -48.50 -1.86 5.11
CA GLY B 888 -49.27 -1.96 3.88
C GLY B 888 -49.62 -0.60 3.32
N ALA B 889 -50.89 -0.42 2.93
CA ALA B 889 -51.35 0.87 2.47
C ALA B 889 -51.55 1.81 3.66
N ALA B 890 -51.65 3.10 3.35
CA ALA B 890 -51.83 4.10 4.40
C ALA B 890 -53.24 4.04 4.95
N LEU B 891 -53.35 3.92 6.27
CA LEU B 891 -54.63 3.87 6.97
C LEU B 891 -54.77 5.13 7.80
N GLN B 892 -55.65 6.04 7.40
CA GLN B 892 -55.83 7.29 8.11
C GLN B 892 -56.42 7.06 9.49
N ILE B 893 -56.03 7.91 10.42
CA ILE B 893 -56.37 7.75 11.84
C ILE B 893 -56.22 9.12 12.50
N PRO B 894 -57.08 9.50 13.44
CA PRO B 894 -56.86 10.74 14.20
C PRO B 894 -55.58 10.67 15.03
N PHE B 895 -54.96 11.85 15.18
CA PHE B 895 -53.65 11.92 15.81
C PHE B 895 -53.71 11.61 17.30
N ALA B 896 -54.81 11.96 17.97
CA ALA B 896 -55.00 11.58 19.36
C ALA B 896 -55.12 10.08 19.51
N MET B 897 -55.77 9.41 18.55
CA MET B 897 -55.84 7.95 18.59
C MET B 897 -54.49 7.32 18.28
N GLN B 898 -53.67 7.96 17.43
CA GLN B 898 -52.33 7.45 17.19
C GLN B 898 -51.44 7.60 18.42
N MET B 899 -51.53 8.73 19.13
CA MET B 899 -50.84 8.87 20.40
C MET B 899 -51.36 7.91 21.46
N ALA B 900 -52.64 7.55 21.39
CA ALA B 900 -53.17 6.53 22.30
C ALA B 900 -52.57 5.17 21.99
N TYR B 901 -52.36 4.86 20.70
CA TYR B 901 -51.65 3.65 20.30
C TYR B 901 -50.23 3.63 20.86
N ARG B 902 -49.52 4.75 20.73
CA ARG B 902 -48.14 4.82 21.23
C ARG B 902 -48.07 4.70 22.75
N PHE B 903 -49.00 5.36 23.46
CA PHE B 903 -49.03 5.31 24.92
C PHE B 903 -49.36 3.91 25.41
N ASN B 904 -50.31 3.23 24.75
CA ASN B 904 -50.58 1.84 25.09
C ASN B 904 -49.42 0.93 24.68
N GLY B 905 -48.63 1.34 23.70
CA GLY B 905 -47.42 0.61 23.36
C GLY B 905 -46.37 0.65 24.44
N ILE B 906 -46.20 1.81 25.09
CA ILE B 906 -45.16 1.92 26.11
C ILE B 906 -45.67 1.48 27.47
N GLY B 907 -46.89 0.96 27.55
CA GLY B 907 -47.40 0.37 28.77
C GLY B 907 -48.23 1.29 29.64
N VAL B 908 -48.66 2.44 29.13
CA VAL B 908 -49.50 3.38 29.87
C VAL B 908 -50.89 3.36 29.26
N THR B 909 -51.92 3.31 30.11
CA THR B 909 -53.29 3.30 29.62
C THR B 909 -53.64 4.64 28.98
N GLN B 910 -54.53 4.59 28.00
CA GLN B 910 -54.79 5.72 27.11
C GLN B 910 -55.60 6.83 27.78
N ASN B 911 -56.15 6.60 28.98
CA ASN B 911 -56.84 7.66 29.70
C ASN B 911 -55.89 8.75 30.16
N VAL B 912 -54.62 8.41 30.36
CA VAL B 912 -53.60 9.41 30.72
C VAL B 912 -53.43 10.42 29.59
N LEU B 913 -53.36 9.92 28.36
CA LEU B 913 -53.36 10.79 27.18
C LEU B 913 -54.65 11.57 27.06
N TYR B 914 -55.79 10.88 27.10
CA TYR B 914 -57.08 11.54 26.84
C TYR B 914 -57.52 12.47 27.95
N GLU B 915 -56.84 12.47 29.10
CA GLU B 915 -57.03 13.48 30.12
C GLU B 915 -55.90 14.50 30.20
N ASN B 916 -54.76 14.24 29.55
CA ASN B 916 -53.63 15.19 29.56
C ASN B 916 -53.19 15.58 28.16
N GLN B 917 -54.14 15.63 27.21
CA GLN B 917 -53.80 15.85 25.80
C GLN B 917 -53.25 17.25 25.55
N LYS B 918 -53.86 18.26 26.17
CA LYS B 918 -53.41 19.64 26.01
C LYS B 918 -52.02 19.85 26.61
N LEU B 919 -51.77 19.24 27.78
CA LEU B 919 -50.46 19.32 28.42
C LEU B 919 -49.39 18.63 27.58
N ILE B 920 -49.71 17.48 26.99
CA ILE B 920 -48.76 16.76 26.15
C ILE B 920 -48.45 17.56 24.88
N ALA B 921 -49.48 18.19 24.29
CA ALA B 921 -49.26 19.03 23.11
C ALA B 921 -48.39 20.25 23.43
N ASN B 922 -48.64 20.88 24.58
CA ASN B 922 -47.82 22.02 25.00
C ASN B 922 -46.38 21.62 25.26
N GLN B 923 -46.16 20.45 25.88
CA GLN B 923 -44.81 19.96 26.13
C GLN B 923 -44.07 19.64 24.83
N PHE B 924 -44.78 19.06 23.85
CA PHE B 924 -44.14 18.75 22.58
C PHE B 924 -43.79 20.02 21.80
N ASN B 925 -44.67 21.03 21.82
CA ASN B 925 -44.37 22.30 21.16
C ASN B 925 -43.21 23.02 21.84
N SER B 926 -43.14 22.96 23.18
CA SER B 926 -42.02 23.56 23.90
C SER B 926 -40.71 22.85 23.58
N ALA B 927 -40.74 21.52 23.45
CA ALA B 927 -39.53 20.78 23.10
C ALA B 927 -39.08 21.09 21.68
N ILE B 928 -40.02 21.25 20.75
CA ILE B 928 -39.68 21.63 19.37
C ILE B 928 -39.06 23.01 19.33
N GLY B 929 -39.62 23.96 20.09
CA GLY B 929 -39.03 25.29 20.17
C GLY B 929 -37.65 25.30 20.81
N LYS B 930 -37.44 24.41 21.79
CA LYS B 930 -36.12 24.29 22.41
C LYS B 930 -35.09 23.73 21.44
N ILE B 931 -35.49 22.77 20.58
CA ILE B 931 -34.60 22.26 19.55
C ILE B 931 -34.26 23.37 18.54
N GLN B 932 -35.26 24.20 18.18
CA GLN B 932 -35.01 25.31 17.28
C GLN B 932 -34.03 26.32 17.87
N ASP B 933 -34.21 26.65 19.16
CA ASP B 933 -33.30 27.57 19.85
C ASP B 933 -31.89 27.01 19.95
N SER B 934 -31.76 25.71 20.27
CA SER B 934 -30.45 25.08 20.37
C SER B 934 -29.74 25.04 19.03
N LEU B 935 -30.47 24.72 17.95
CA LEU B 935 -29.85 24.66 16.63
C LEU B 935 -29.52 26.05 16.09
N SER B 936 -30.28 27.07 16.49
CA SER B 936 -29.93 28.43 16.08
C SER B 936 -28.72 28.93 16.86
N SER B 937 -28.62 28.61 18.14
CA SER B 937 -27.52 29.10 18.96
C SER B 937 -26.22 28.37 18.66
N THR B 938 -26.25 27.04 18.53
CA THR B 938 -25.05 26.24 18.44
C THR B 938 -24.82 25.79 17.00
N ALA B 939 -23.61 26.04 16.49
CA ALA B 939 -23.21 25.61 15.16
C ALA B 939 -22.28 24.41 15.17
N SER B 940 -21.90 23.93 16.36
CA SER B 940 -20.97 22.81 16.50
C SER B 940 -21.67 21.50 16.80
N ALA B 941 -23.00 21.46 16.73
CA ALA B 941 -23.72 20.23 17.01
C ALA B 941 -23.56 19.22 15.89
N LEU B 942 -23.47 19.68 14.64
CA LEU B 942 -23.32 18.79 13.48
C LEU B 942 -21.84 18.54 13.20
N GLY B 943 -21.21 17.84 14.14
CA GLY B 943 -19.77 17.62 14.03
C GLY B 943 -19.40 16.57 12.99
N LYS B 944 -20.23 15.53 12.85
CA LYS B 944 -19.85 14.38 12.03
C LYS B 944 -19.88 14.70 10.54
N LEU B 945 -20.89 15.45 10.09
CA LEU B 945 -21.01 15.80 8.68
C LEU B 945 -19.89 16.75 8.26
N GLN B 946 -19.60 17.74 9.11
CA GLN B 946 -18.48 18.64 8.89
C GLN B 946 -17.15 17.89 8.93
N ASP B 947 -17.05 16.85 9.77
CA ASP B 947 -15.87 16.01 9.77
C ASP B 947 -15.70 15.27 8.45
N VAL B 948 -16.81 14.77 7.88
CA VAL B 948 -16.77 14.06 6.59
C VAL B 948 -16.28 14.99 5.49
N VAL B 949 -16.82 16.22 5.47
CA VAL B 949 -16.40 17.22 4.48
C VAL B 949 -14.92 17.59 4.68
N ASN B 950 -14.50 17.71 5.94
CA ASN B 950 -13.11 18.05 6.24
C ASN B 950 -12.14 16.93 5.85
N HIS B 951 -12.53 15.66 6.07
CA HIS B 951 -11.67 14.55 5.66
C HIS B 951 -11.53 14.50 4.14
N ASN B 952 -12.62 14.72 3.40
CA ASN B 952 -12.52 14.69 1.94
C ASN B 952 -11.66 15.83 1.41
N ALA B 953 -11.85 17.05 1.95
CA ALA B 953 -11.06 18.20 1.53
C ALA B 953 -9.59 18.04 1.91
N GLN B 954 -9.31 17.52 3.10
CA GLN B 954 -7.94 17.32 3.56
C GLN B 954 -7.22 16.26 2.74
N ALA B 955 -7.92 15.17 2.39
CA ALA B 955 -7.32 14.13 1.56
C ALA B 955 -7.01 14.65 0.16
N LEU B 956 -7.92 15.43 -0.43
CA LEU B 956 -7.67 15.99 -1.76
C LEU B 956 -6.53 17.01 -1.73
N ASN B 957 -6.45 17.83 -0.69
CA ASN B 957 -5.38 18.81 -0.58
C ASN B 957 -4.02 18.14 -0.37
N THR B 958 -3.97 17.07 0.43
CA THR B 958 -2.72 16.32 0.62
C THR B 958 -2.29 15.64 -0.67
N LEU B 959 -3.25 15.07 -1.41
CA LEU B 959 -2.93 14.43 -2.69
C LEU B 959 -2.43 15.43 -3.71
N VAL B 960 -2.95 16.66 -3.68
CA VAL B 960 -2.43 17.71 -4.56
C VAL B 960 -1.03 18.13 -4.14
N LYS B 961 -0.82 18.34 -2.84
CA LYS B 961 0.47 18.82 -2.35
C LYS B 961 1.57 17.76 -2.36
N GLN B 962 1.24 16.50 -2.62
CA GLN B 962 2.29 15.49 -2.78
C GLN B 962 3.09 15.63 -4.07
N LEU B 963 2.64 16.47 -5.02
CA LEU B 963 3.34 16.60 -6.29
C LEU B 963 4.62 17.40 -6.20
N SER B 964 4.77 18.25 -5.17
CA SER B 964 5.97 19.06 -5.04
C SER B 964 7.18 18.27 -4.53
N SER B 965 6.96 17.08 -4.00
CA SER B 965 8.05 16.26 -3.49
C SER B 965 8.87 15.69 -4.63
N LYS B 966 10.19 15.59 -4.42
CA LYS B 966 11.10 15.12 -5.46
C LYS B 966 11.20 13.60 -5.51
N PHE B 967 10.96 12.91 -4.37
CA PHE B 967 11.05 11.45 -4.25
C PHE B 967 12.43 10.93 -4.66
N GLY B 968 13.48 11.65 -4.26
CA GLY B 968 14.83 11.24 -4.56
C GLY B 968 15.38 11.71 -5.89
N ALA B 969 14.61 12.48 -6.66
CA ALA B 969 15.09 12.99 -7.94
C ALA B 969 15.81 14.31 -7.73
N ILE B 970 16.20 14.96 -8.83
CA ILE B 970 16.90 16.24 -8.74
C ILE B 970 15.95 17.42 -8.92
N SER B 971 14.73 17.19 -9.42
CA SER B 971 13.76 18.25 -9.60
C SER B 971 12.37 17.65 -9.62
N SER B 972 11.41 18.35 -9.01
CA SER B 972 10.03 17.90 -9.04
C SER B 972 9.36 18.18 -10.38
N VAL B 973 9.94 19.06 -11.19
CA VAL B 973 9.37 19.39 -12.48
C VAL B 973 9.88 18.39 -13.52
N LEU B 974 8.95 17.78 -14.26
CA LEU B 974 9.28 16.72 -15.20
C LEU B 974 10.02 17.22 -16.43
N ASN B 975 9.57 18.35 -16.98
CA ASN B 975 10.18 18.91 -18.17
C ASN B 975 11.57 19.47 -17.91
N ASP B 976 11.86 19.87 -16.67
CA ASP B 976 13.23 20.26 -16.31
C ASP B 976 14.18 19.08 -16.39
N ILE B 977 13.74 17.91 -15.92
CA ILE B 977 14.54 16.68 -16.04
C ILE B 977 14.70 16.30 -17.51
N PHE B 978 13.62 16.44 -18.29
CA PHE B 978 13.67 16.17 -19.72
C PHE B 978 14.68 17.06 -20.45
N SER B 979 14.68 18.36 -20.14
CA SER B 979 15.56 19.30 -20.80
C SER B 979 16.99 19.22 -20.30
N ARG B 980 17.21 18.82 -19.05
CA ARG B 980 18.55 18.86 -18.47
C ARG B 980 19.30 17.54 -18.51
N LEU B 981 18.61 16.41 -18.70
CA LEU B 981 19.29 15.13 -18.65
C LEU B 981 19.14 14.37 -19.96
N ASP B 982 20.02 13.38 -20.14
CA ASP B 982 19.96 12.48 -21.27
C ASP B 982 18.91 11.39 -21.00
N LYS B 983 18.80 10.44 -21.93
CA LYS B 983 17.68 9.50 -21.92
C LYS B 983 17.74 8.52 -20.75
N VAL B 984 18.93 8.00 -20.44
CA VAL B 984 19.05 6.94 -19.43
C VAL B 984 18.79 7.49 -18.02
N GLU B 985 19.54 8.53 -17.64
CA GLU B 985 19.35 9.11 -16.31
C GLU B 985 18.03 9.85 -16.21
N ALA B 986 17.53 10.39 -17.33
CA ALA B 986 16.19 10.98 -17.34
C ALA B 986 15.12 9.94 -17.05
N GLU B 987 15.26 8.75 -17.65
CA GLU B 987 14.34 7.65 -17.36
C GLU B 987 14.48 7.18 -15.92
N VAL B 988 15.67 7.26 -15.34
CA VAL B 988 15.87 6.91 -13.94
C VAL B 988 15.09 7.86 -13.02
N GLN B 989 15.26 9.16 -13.23
CA GLN B 989 14.56 10.14 -12.37
C GLN B 989 13.04 10.10 -12.60
N ILE B 990 12.62 9.89 -13.84
CA ILE B 990 11.20 9.79 -14.15
C ILE B 990 10.60 8.53 -13.52
N ASP B 991 11.36 7.42 -13.49
CA ASP B 991 10.91 6.22 -12.81
C ASP B 991 10.75 6.43 -11.32
N ARG B 992 11.68 7.18 -10.70
CA ARG B 992 11.55 7.53 -9.29
C ARG B 992 10.30 8.37 -9.01
N LEU B 993 10.06 9.39 -9.86
CA LEU B 993 8.89 10.25 -9.68
C LEU B 993 7.59 9.49 -9.89
N ILE B 994 7.55 8.60 -10.91
CA ILE B 994 6.35 7.83 -11.21
C ILE B 994 6.05 6.85 -10.07
N THR B 995 7.08 6.21 -9.52
CA THR B 995 6.89 5.29 -8.40
C THR B 995 6.37 6.03 -7.16
N GLY B 996 6.93 7.21 -6.86
CA GLY B 996 6.46 7.97 -5.72
C GLY B 996 5.03 8.45 -5.85
N ARG B 997 4.67 8.97 -7.04
CA ARG B 997 3.31 9.47 -7.24
C ARG B 997 2.29 8.34 -7.27
N LEU B 998 2.66 7.18 -7.83
CA LEU B 998 1.77 6.03 -7.82
C LEU B 998 1.56 5.48 -6.42
N GLN B 999 2.61 5.48 -5.59
CA GLN B 999 2.46 5.05 -4.20
C GLN B 999 1.57 6.00 -3.40
N SER B 1000 1.71 7.31 -3.63
CA SER B 1000 0.85 8.29 -2.96
C SER B 1000 -0.61 8.12 -3.38
N LEU B 1001 -0.85 7.86 -4.66
CA LEU B 1001 -2.23 7.69 -5.14
C LEU B 1001 -2.84 6.40 -4.61
N GLN B 1002 -2.03 5.34 -4.49
CA GLN B 1002 -2.50 4.10 -3.87
C GLN B 1002 -2.87 4.30 -2.40
N THR B 1003 -2.07 5.11 -1.69
CA THR B 1003 -2.37 5.42 -0.30
C THR B 1003 -3.70 6.17 -0.17
N TYR B 1004 -3.93 7.13 -1.08
CA TYR B 1004 -5.20 7.86 -1.08
C TYR B 1004 -6.39 6.94 -1.35
N VAL B 1005 -6.23 6.01 -2.30
CA VAL B 1005 -7.33 5.09 -2.64
C VAL B 1005 -7.63 4.13 -1.48
N THR B 1006 -6.58 3.66 -0.79
CA THR B 1006 -6.78 2.78 0.36
C THR B 1006 -7.49 3.49 1.51
N GLN B 1007 -7.09 4.74 1.79
CA GLN B 1007 -7.77 5.51 2.83
C GLN B 1007 -9.22 5.80 2.47
N GLN B 1008 -9.49 6.08 1.19
CA GLN B 1008 -10.87 6.28 0.74
C GLN B 1008 -11.70 5.01 0.84
N LEU B 1009 -11.09 3.85 0.60
CA LEU B 1009 -11.83 2.58 0.75
C LEU B 1009 -12.21 2.30 2.20
N ILE B 1010 -11.28 2.55 3.13
CA ILE B 1010 -11.59 2.36 4.55
C ILE B 1010 -12.66 3.34 5.02
N ARG B 1011 -12.56 4.60 4.57
CA ARG B 1011 -13.56 5.61 4.91
C ARG B 1011 -14.93 5.26 4.32
N ALA B 1012 -14.95 4.69 3.12
CA ALA B 1012 -16.20 4.27 2.50
C ALA B 1012 -16.84 3.12 3.25
N ALA B 1013 -16.02 2.20 3.78
CA ALA B 1013 -16.56 1.11 4.59
C ALA B 1013 -17.20 1.64 5.88
N GLU B 1014 -16.54 2.60 6.53
CA GLU B 1014 -17.10 3.21 7.75
C GLU B 1014 -18.40 3.97 7.45
N ILE B 1015 -18.44 4.70 6.33
CA ILE B 1015 -19.63 5.45 5.94
C ILE B 1015 -20.77 4.50 5.58
N ARG B 1016 -20.44 3.35 4.96
CA ARG B 1016 -21.46 2.34 4.65
C ARG B 1016 -22.05 1.72 5.91
N ALA B 1017 -21.21 1.48 6.92
CA ALA B 1017 -21.73 0.98 8.20
C ALA B 1017 -22.66 1.98 8.87
N SER B 1018 -22.28 3.27 8.84
CA SER B 1018 -23.15 4.32 9.40
C SER B 1018 -24.45 4.46 8.61
N ALA B 1019 -24.40 4.28 7.29
CA ALA B 1019 -25.60 4.36 6.47
C ALA B 1019 -26.53 3.17 6.71
N ASN B 1020 -25.97 1.99 6.95
CA ASN B 1020 -26.78 0.84 7.32
C ASN B 1020 -27.46 1.05 8.67
N LEU B 1021 -26.74 1.64 9.62
CA LEU B 1021 -27.36 1.99 10.91
C LEU B 1021 -28.48 3.01 10.75
N ALA B 1022 -28.28 4.01 9.89
CA ALA B 1022 -29.30 5.02 9.65
C ALA B 1022 -30.53 4.43 8.96
N ALA B 1023 -30.32 3.50 8.02
CA ALA B 1023 -31.43 2.83 7.36
C ALA B 1023 -32.21 1.95 8.34
N THR B 1024 -31.51 1.29 9.25
CA THR B 1024 -32.18 0.50 10.28
C THR B 1024 -33.02 1.39 11.20
N LYS B 1025 -32.47 2.55 11.59
CA LYS B 1025 -33.21 3.48 12.45
C LYS B 1025 -34.42 4.06 11.73
N MET B 1026 -34.29 4.33 10.44
CA MET B 1026 -35.43 4.85 9.67
C MET B 1026 -36.49 3.77 9.48
N SER B 1027 -36.09 2.52 9.33
CA SER B 1027 -37.06 1.44 9.16
C SER B 1027 -37.79 1.13 10.47
N GLU B 1028 -37.10 1.22 11.61
CA GLU B 1028 -37.67 0.74 12.86
C GLU B 1028 -38.27 1.83 13.73
N CYS B 1029 -37.77 3.07 13.67
CA CYS B 1029 -38.25 4.12 14.55
C CYS B 1029 -39.14 5.15 13.87
N VAL B 1030 -38.92 5.42 12.58
CA VAL B 1030 -39.82 6.31 11.86
C VAL B 1030 -41.06 5.56 11.40
N LEU B 1031 -40.88 4.36 10.88
CA LEU B 1031 -41.97 3.56 10.32
C LEU B 1031 -42.64 2.66 11.36
N GLY B 1032 -42.38 2.88 12.65
CA GLY B 1032 -42.97 2.06 13.68
C GLY B 1032 -42.47 2.48 15.04
N GLN B 1033 -42.89 1.72 16.05
CA GLN B 1033 -42.48 1.96 17.42
C GLN B 1033 -41.44 0.93 17.83
N SER B 1034 -40.38 1.39 18.48
CA SER B 1034 -39.25 0.54 18.84
C SER B 1034 -39.29 0.24 20.33
N LYS B 1035 -39.20 -1.05 20.68
CA LYS B 1035 -39.15 -1.49 22.06
C LYS B 1035 -37.72 -1.69 22.56
N ARG B 1036 -36.72 -1.47 21.72
CA ARG B 1036 -35.33 -1.61 22.14
C ARG B 1036 -34.92 -0.45 23.03
N VAL B 1037 -34.20 -0.76 24.10
CA VAL B 1037 -33.83 0.23 25.10
C VAL B 1037 -32.67 1.08 24.56
N ASP B 1038 -32.87 2.40 24.57
CA ASP B 1038 -31.90 3.42 24.16
C ASP B 1038 -31.46 3.28 22.70
N PHE B 1039 -32.25 2.61 21.86
CA PHE B 1039 -31.96 2.58 20.43
C PHE B 1039 -32.34 3.91 19.79
N CYS B 1040 -33.48 4.48 20.19
CA CYS B 1040 -33.96 5.75 19.66
C CYS B 1040 -34.33 6.65 20.83
N GLY B 1041 -33.33 7.36 21.36
CA GLY B 1041 -33.56 8.32 22.42
C GLY B 1041 -33.67 7.72 23.81
N LYS B 1042 -33.23 8.47 24.82
CA LYS B 1042 -33.38 8.02 26.20
C LYS B 1042 -34.83 8.17 26.64
N GLY B 1043 -35.32 7.17 27.36
CA GLY B 1043 -36.71 7.11 27.75
C GLY B 1043 -37.48 6.10 26.92
N TYR B 1044 -38.80 6.13 27.07
CA TYR B 1044 -39.66 5.23 26.33
C TYR B 1044 -40.02 5.85 24.99
N HIS B 1045 -39.74 5.13 23.90
CA HIS B 1045 -39.84 5.69 22.56
C HIS B 1045 -41.28 5.81 22.11
N LEU B 1046 -41.64 6.94 21.49
CA LEU B 1046 -42.97 7.16 20.96
C LEU B 1046 -42.96 7.37 19.45
N MET B 1047 -42.18 8.33 18.94
CA MET B 1047 -42.04 8.53 17.52
C MET B 1047 -40.61 8.85 17.14
N SER B 1048 -40.43 9.17 15.87
CA SER B 1048 -39.23 9.79 15.35
C SER B 1048 -39.62 10.59 14.11
N PHE B 1049 -38.84 11.61 13.81
CA PHE B 1049 -39.08 12.45 12.65
C PHE B 1049 -37.78 12.58 11.86
N PRO B 1050 -37.74 12.20 10.59
CA PRO B 1050 -36.52 12.34 9.81
C PRO B 1050 -36.38 13.74 9.23
N GLN B 1051 -35.16 14.27 9.29
CA GLN B 1051 -34.82 15.55 8.70
C GLN B 1051 -33.55 15.39 7.88
N SER B 1052 -33.53 15.99 6.70
CA SER B 1052 -32.38 15.87 5.83
C SER B 1052 -31.26 16.81 6.29
N ALA B 1053 -30.04 16.45 5.92
CA ALA B 1053 -28.85 17.20 6.29
C ALA B 1053 -27.83 16.99 5.19
N PRO B 1054 -26.85 17.91 5.05
CA PRO B 1054 -25.77 17.68 4.09
C PRO B 1054 -24.90 16.50 4.51
N HIS B 1055 -24.82 15.50 3.61
CA HIS B 1055 -24.07 14.26 3.79
C HIS B 1055 -24.51 13.49 5.04
N GLY B 1056 -25.81 13.49 5.32
CA GLY B 1056 -26.29 12.78 6.47
C GLY B 1056 -27.78 12.96 6.68
N VAL B 1057 -28.24 12.48 7.83
CA VAL B 1057 -29.65 12.50 8.21
C VAL B 1057 -29.73 12.87 9.69
N VAL B 1058 -30.85 13.50 10.05
CA VAL B 1058 -31.10 13.97 11.41
C VAL B 1058 -32.46 13.45 11.85
N PHE B 1059 -32.47 12.75 12.99
CA PHE B 1059 -33.70 12.22 13.58
C PHE B 1059 -34.09 13.04 14.80
N LEU B 1060 -35.40 13.24 14.96
CA LEU B 1060 -35.98 13.90 16.12
C LEU B 1060 -36.77 12.85 16.90
N HIS B 1061 -36.11 12.21 17.86
CA HIS B 1061 -36.71 11.13 18.63
C HIS B 1061 -37.61 11.70 19.72
N VAL B 1062 -38.88 11.30 19.72
CA VAL B 1062 -39.84 11.70 20.75
C VAL B 1062 -39.92 10.60 21.79
N THR B 1063 -39.73 10.96 23.06
CA THR B 1063 -39.67 9.98 24.13
C THR B 1063 -40.49 10.47 25.33
N TYR B 1064 -40.91 9.50 26.13
CA TYR B 1064 -41.67 9.68 27.36
C TYR B 1064 -40.72 9.41 28.52
N VAL B 1065 -40.66 10.34 29.48
CA VAL B 1065 -39.77 10.24 30.62
C VAL B 1065 -40.57 10.50 31.89
N PRO B 1066 -40.58 9.59 32.85
CA PRO B 1066 -41.26 9.85 34.13
C PRO B 1066 -40.47 10.84 34.98
N ALA B 1067 -41.17 11.76 35.63
CA ALA B 1067 -40.52 12.89 36.29
C ALA B 1067 -40.72 12.90 37.81
N GLN B 1068 -41.95 12.90 38.31
CA GLN B 1068 -42.25 13.20 39.71
C GLN B 1068 -42.57 11.91 40.46
N GLU B 1069 -41.66 11.51 41.34
CA GLU B 1069 -41.74 10.24 42.03
C GLU B 1069 -42.47 10.38 43.37
N LYS B 1070 -42.78 9.23 43.97
CA LYS B 1070 -43.40 9.18 45.28
C LYS B 1070 -43.15 7.81 45.90
N ASN B 1071 -42.67 7.80 47.14
CA ASN B 1071 -42.41 6.53 47.83
C ASN B 1071 -43.71 5.87 48.28
N PHE B 1072 -43.75 4.54 48.20
CA PHE B 1072 -44.92 3.79 48.61
C PHE B 1072 -44.50 2.48 49.27
N THR B 1073 -45.31 2.02 50.22
CA THR B 1073 -45.08 0.73 50.87
C THR B 1073 -45.86 -0.34 50.10
N THR B 1074 -45.16 -1.37 49.65
CA THR B 1074 -45.64 -2.27 48.62
C THR B 1074 -45.63 -3.73 49.07
N ALA B 1075 -46.44 -4.53 48.38
CA ALA B 1075 -46.57 -5.95 48.69
C ALA B 1075 -46.65 -6.77 47.42
N PRO B 1076 -46.19 -8.03 47.44
CA PRO B 1076 -46.32 -8.90 46.27
C PRO B 1076 -47.72 -9.50 46.12
N ALA B 1077 -48.40 -9.79 47.23
CA ALA B 1077 -49.66 -10.49 47.19
C ALA B 1077 -50.45 -10.14 48.45
N ILE B 1078 -51.76 -10.46 48.43
CA ILE B 1078 -52.68 -10.10 49.51
C ILE B 1078 -53.54 -11.31 49.85
N CYS B 1079 -53.50 -11.73 51.11
CA CYS B 1079 -54.38 -12.80 51.60
C CYS B 1079 -55.82 -12.33 51.64
N HIS B 1080 -56.72 -13.21 51.19
CA HIS B 1080 -58.16 -12.97 51.35
C HIS B 1080 -58.84 -14.33 51.33
N ASP B 1081 -59.26 -14.81 52.51
CA ASP B 1081 -59.83 -16.14 52.72
C ASP B 1081 -58.90 -17.25 52.22
N GLY B 1082 -57.61 -17.10 52.53
CA GLY B 1082 -56.61 -18.07 52.11
C GLY B 1082 -56.35 -18.11 50.61
N LYS B 1083 -56.41 -16.95 49.95
CA LYS B 1083 -56.12 -16.84 48.53
C LYS B 1083 -55.02 -15.81 48.32
N ALA B 1084 -54.12 -16.10 47.37
CA ALA B 1084 -52.92 -15.29 47.21
C ALA B 1084 -53.20 -13.95 46.54
N HIS B 1085 -54.06 -13.94 45.51
CA HIS B 1085 -54.60 -12.74 44.86
C HIS B 1085 -53.49 -11.85 44.27
N PHE B 1086 -52.78 -12.41 43.28
CA PHE B 1086 -51.72 -11.67 42.62
C PHE B 1086 -52.30 -10.62 41.67
N PRO B 1087 -51.62 -9.48 41.49
CA PRO B 1087 -52.12 -8.47 40.55
C PRO B 1087 -51.95 -8.88 39.10
N ARG B 1088 -52.77 -8.27 38.24
CA ARG B 1088 -52.80 -8.62 36.83
C ARG B 1088 -51.81 -7.79 36.01
N GLU B 1089 -51.91 -6.46 36.09
CA GLU B 1089 -51.01 -5.58 35.35
C GLU B 1089 -50.59 -4.38 36.21
N GLY B 1090 -50.65 -4.53 37.53
CA GLY B 1090 -50.34 -3.42 38.41
C GLY B 1090 -49.48 -3.81 39.59
N VAL B 1091 -49.29 -2.84 40.49
CA VAL B 1091 -48.46 -2.98 41.68
C VAL B 1091 -49.36 -2.76 42.89
N PHE B 1092 -49.23 -3.63 43.90
CA PHE B 1092 -49.89 -3.42 45.20
C PHE B 1092 -49.07 -2.45 46.02
N VAL B 1093 -49.56 -1.21 46.12
CA VAL B 1093 -48.96 -0.19 46.96
C VAL B 1093 -49.97 0.22 48.02
N SER B 1094 -49.49 0.98 49.00
CA SER B 1094 -50.34 1.50 50.06
C SER B 1094 -49.90 2.91 50.41
N ASN B 1095 -50.88 3.73 50.79
CA ASN B 1095 -50.61 5.11 51.21
C ASN B 1095 -50.48 5.23 52.72
N GLY B 1096 -50.54 4.12 53.45
CA GLY B 1096 -50.42 4.11 54.89
C GLY B 1096 -51.54 3.41 55.61
N THR B 1097 -52.76 3.45 55.06
CA THR B 1097 -53.92 2.83 55.67
C THR B 1097 -54.65 1.86 54.74
N HIS B 1098 -54.71 2.17 53.45
CA HIS B 1098 -55.46 1.35 52.50
C HIS B 1098 -54.53 0.90 51.38
N TRP B 1099 -54.86 -0.25 50.80
CA TRP B 1099 -54.07 -0.84 49.73
C TRP B 1099 -54.75 -0.61 48.39
N PHE B 1100 -53.95 -0.30 47.37
CA PHE B 1100 -54.43 -0.12 46.01
C PHE B 1100 -53.50 -0.83 45.05
N VAL B 1101 -53.99 -1.03 43.82
CA VAL B 1101 -53.19 -1.56 42.73
C VAL B 1101 -53.13 -0.50 41.62
N THR B 1102 -51.92 -0.22 41.15
CA THR B 1102 -51.69 0.86 40.21
C THR B 1102 -50.99 0.33 38.96
N GLN B 1103 -50.84 1.22 37.98
CA GLN B 1103 -49.96 0.95 36.86
C GLN B 1103 -48.50 1.08 37.30
N ARG B 1104 -47.61 0.44 36.54
CA ARG B 1104 -46.21 0.46 36.91
C ARG B 1104 -45.54 1.78 36.55
N ASN B 1105 -45.95 2.39 35.44
CA ASN B 1105 -45.31 3.59 34.92
C ASN B 1105 -46.05 4.87 35.26
N PHE B 1106 -47.17 4.79 35.98
CA PHE B 1106 -47.95 5.96 36.33
C PHE B 1106 -48.73 5.65 37.60
N TYR B 1107 -48.99 6.68 38.40
CA TYR B 1107 -49.72 6.50 39.64
C TYR B 1107 -51.21 6.76 39.39
N GLU B 1108 -52.00 5.69 39.44
CA GLU B 1108 -53.45 5.79 39.30
C GLU B 1108 -54.07 4.74 40.19
N PRO B 1109 -54.30 5.05 41.46
CA PRO B 1109 -54.77 4.03 42.41
C PRO B 1109 -56.22 3.65 42.18
N GLN B 1110 -56.50 2.36 42.27
CA GLN B 1110 -57.84 1.81 42.11
C GLN B 1110 -58.14 0.87 43.26
N ILE B 1111 -59.43 0.67 43.52
CA ILE B 1111 -59.86 -0.24 44.56
C ILE B 1111 -59.59 -1.67 44.11
N ILE B 1112 -58.97 -2.46 44.99
CA ILE B 1112 -58.59 -3.83 44.64
C ILE B 1112 -59.85 -4.69 44.60
N THR B 1113 -60.17 -5.20 43.42
CA THR B 1113 -61.34 -6.03 43.19
C THR B 1113 -60.90 -7.41 42.71
N THR B 1114 -61.88 -8.24 42.35
CA THR B 1114 -61.58 -9.55 41.78
C THR B 1114 -61.36 -9.49 40.27
N ASP B 1115 -61.69 -8.37 39.63
CA ASP B 1115 -61.47 -8.24 38.19
C ASP B 1115 -60.01 -7.97 37.84
N ASN B 1116 -59.29 -7.25 38.70
CA ASN B 1116 -57.91 -6.88 38.45
C ASN B 1116 -56.90 -7.71 39.24
N THR B 1117 -57.34 -8.76 39.91
CA THR B 1117 -56.46 -9.70 40.60
C THR B 1117 -56.87 -11.12 40.22
N PHE B 1118 -55.93 -12.06 40.36
CA PHE B 1118 -56.23 -13.47 40.10
C PHE B 1118 -55.70 -14.33 41.24
N VAL B 1119 -56.42 -15.41 41.52
CA VAL B 1119 -56.14 -16.29 42.66
C VAL B 1119 -55.25 -17.43 42.18
N SER B 1120 -54.15 -17.65 42.90
CA SER B 1120 -53.25 -18.77 42.58
C SER B 1120 -52.65 -19.29 43.89
N GLY B 1121 -53.20 -20.40 44.40
CA GLY B 1121 -52.63 -21.03 45.56
C GLY B 1121 -53.19 -20.48 46.87
N ASN B 1122 -52.42 -20.66 47.95
CA ASN B 1122 -52.83 -20.22 49.27
C ASN B 1122 -51.77 -19.31 49.89
N CYS B 1123 -51.95 -18.97 51.17
CA CYS B 1123 -51.15 -17.93 51.81
C CYS B 1123 -49.81 -18.42 52.32
N ASP B 1124 -49.57 -19.73 52.37
CA ASP B 1124 -48.38 -20.25 53.04
C ASP B 1124 -47.12 -20.09 52.20
N VAL B 1125 -47.23 -20.13 50.88
CA VAL B 1125 -46.03 -20.26 50.04
C VAL B 1125 -45.38 -18.91 49.78
N VAL B 1126 -46.18 -17.87 49.54
CA VAL B 1126 -45.65 -16.58 49.09
C VAL B 1126 -44.98 -15.85 50.26
N ILE B 1127 -43.79 -15.31 50.00
CA ILE B 1127 -43.01 -14.61 51.01
C ILE B 1127 -43.33 -13.12 50.94
N GLY B 1128 -43.64 -12.52 52.08
CA GLY B 1128 -43.94 -11.10 52.14
C GLY B 1128 -45.39 -10.75 51.93
N ILE B 1129 -46.30 -11.71 52.06
CA ILE B 1129 -47.71 -11.45 51.81
C ILE B 1129 -48.33 -10.72 53.00
N VAL B 1130 -49.29 -9.84 52.72
CA VAL B 1130 -49.98 -9.07 53.74
C VAL B 1130 -51.44 -9.46 53.73
N ASN B 1131 -52.25 -8.87 54.61
CA ASN B 1131 -53.67 -9.13 54.67
C ASN B 1131 -54.46 -7.86 54.37
N ASN B 1132 -55.42 -7.97 53.46
CA ASN B 1132 -56.32 -6.87 53.13
C ASN B 1132 -57.58 -7.45 52.50
N THR B 1133 -58.70 -6.76 52.69
CA THR B 1133 -59.95 -7.20 52.09
C THR B 1133 -59.96 -6.91 50.60
N VAL B 1134 -60.60 -7.80 49.83
CA VAL B 1134 -60.72 -7.65 48.39
C VAL B 1134 -62.21 -7.46 48.07
N TYR B 1135 -62.53 -6.35 47.41
CA TYR B 1135 -63.92 -6.05 47.07
C TYR B 1135 -64.40 -6.96 45.94
N ASP B 1136 -65.70 -7.21 45.92
CA ASP B 1136 -66.33 -7.99 44.87
C ASP B 1136 -67.52 -7.19 44.34
N PRO B 1137 -67.51 -6.77 43.08
CA PRO B 1137 -68.65 -6.00 42.56
C PRO B 1137 -69.93 -6.81 42.40
N LEU B 1138 -69.84 -8.14 42.33
CA LEU B 1138 -71.02 -8.97 42.16
C LEU B 1138 -71.87 -9.09 43.42
N GLN B 1139 -71.26 -8.91 44.59
CA GLN B 1139 -71.99 -9.06 45.85
C GLN B 1139 -73.09 -8.02 46.07
N PRO B 1140 -72.89 -6.69 45.88
CA PRO B 1140 -74.05 -5.79 46.02
C PRO B 1140 -75.08 -5.92 44.92
N GLU B 1141 -74.70 -6.42 43.75
CA GLU B 1141 -75.67 -6.68 42.70
C GLU B 1141 -76.54 -7.89 43.03
N LEU B 1142 -75.93 -8.94 43.59
CA LEU B 1142 -76.68 -10.15 43.92
C LEU B 1142 -77.39 -10.07 45.27
N ASP B 1143 -77.02 -9.11 46.12
CA ASP B 1143 -77.73 -8.95 47.39
C ASP B 1143 -79.06 -8.21 47.24
N SER B 1144 -79.32 -7.60 46.09
CA SER B 1144 -80.58 -6.90 45.86
C SER B 1144 -81.68 -7.89 45.48
N ALA C 27 32.96 -48.79 9.48
CA ALA C 27 31.65 -48.87 10.11
C ALA C 27 30.97 -47.51 10.11
N TYR C 28 29.70 -47.49 10.53
CA TYR C 28 28.92 -46.28 10.61
C TYR C 28 28.24 -46.20 11.98
N THR C 29 28.05 -44.98 12.47
CA THR C 29 27.31 -44.80 13.70
C THR C 29 26.54 -43.48 13.65
N ASN C 30 25.58 -43.35 14.55
CA ASN C 30 24.70 -42.18 14.57
C ASN C 30 25.45 -40.97 15.12
N SER C 31 25.34 -39.84 14.41
CA SER C 31 26.00 -38.61 14.83
C SER C 31 25.25 -37.89 15.94
N PHE C 32 23.98 -38.22 16.14
CA PHE C 32 23.05 -37.62 17.13
C PHE C 32 22.96 -36.11 16.84
N THR C 33 22.99 -35.26 17.86
CA THR C 33 22.81 -33.82 17.69
C THR C 33 24.13 -33.06 17.76
N ARG C 34 25.26 -33.74 17.74
CA ARG C 34 26.56 -33.08 17.79
C ARG C 34 26.88 -32.43 16.45
N GLY C 35 27.69 -31.37 16.50
CA GLY C 35 28.11 -30.69 15.30
C GLY C 35 27.59 -29.28 15.17
N VAL C 36 27.38 -28.60 16.31
CA VAL C 36 26.86 -27.25 16.34
C VAL C 36 27.98 -26.32 16.80
N TYR C 37 28.27 -25.29 16.00
CA TYR C 37 29.31 -24.32 16.30
C TYR C 37 28.73 -22.92 16.21
N TYR C 38 29.51 -21.95 16.67
CA TYR C 38 29.12 -20.55 16.59
C TYR C 38 29.30 -20.06 15.16
N PRO C 39 28.25 -19.60 14.47
CA PRO C 39 28.42 -19.14 13.09
C PRO C 39 28.98 -17.73 12.97
N ASP C 40 29.05 -16.98 14.07
CA ASP C 40 29.53 -15.60 14.02
C ASP C 40 30.17 -15.24 15.34
N LYS C 41 31.00 -14.20 15.31
CA LYS C 41 31.64 -13.67 16.51
C LYS C 41 30.81 -12.56 17.13
N VAL C 42 29.54 -12.84 17.37
CA VAL C 42 28.57 -11.85 17.83
C VAL C 42 27.86 -12.39 19.06
N PHE C 43 27.88 -11.62 20.15
CA PHE C 43 27.18 -12.01 21.37
C PHE C 43 25.69 -11.73 21.24
N ARG C 44 24.88 -12.70 21.64
CA ARG C 44 23.43 -12.55 21.71
C ARG C 44 22.95 -13.15 23.02
N SER C 45 21.82 -12.64 23.51
CA SER C 45 21.31 -13.05 24.82
C SER C 45 19.83 -13.35 24.73
N SER C 46 19.47 -14.61 25.00
CA SER C 46 18.10 -15.11 25.11
C SER C 46 17.29 -14.86 23.83
N VAL C 47 17.75 -15.48 22.74
CA VAL C 47 17.17 -15.24 21.42
C VAL C 47 17.10 -16.58 20.69
N LEU C 48 16.16 -16.67 19.74
CA LEU C 48 16.03 -17.83 18.87
C LEU C 48 16.44 -17.39 17.47
N HIS C 49 17.74 -17.49 17.19
CA HIS C 49 18.30 -17.01 15.94
C HIS C 49 18.18 -18.09 14.86
N SER C 50 18.16 -17.65 13.61
CA SER C 50 18.12 -18.54 12.45
C SER C 50 19.32 -18.24 11.56
N THR C 51 20.10 -19.26 11.23
CA THR C 51 21.28 -19.10 10.39
C THR C 51 21.28 -20.17 9.31
N GLN C 52 22.09 -19.95 8.27
CA GLN C 52 22.24 -20.90 7.17
C GLN C 52 23.72 -21.01 6.85
N ASP C 53 24.30 -22.19 7.09
CA ASP C 53 25.73 -22.38 6.88
C ASP C 53 26.01 -23.87 6.73
N LEU C 54 27.28 -24.22 6.61
CA LEU C 54 27.70 -25.61 6.49
C LEU C 54 27.69 -26.23 7.89
N PHE C 55 26.73 -27.12 8.14
CA PHE C 55 26.59 -27.77 9.43
C PHE C 55 26.57 -29.28 9.23
N LEU C 56 26.81 -30.00 10.31
CA LEU C 56 26.60 -31.44 10.32
C LEU C 56 25.12 -31.72 10.53
N PRO C 57 24.46 -32.45 9.62
CA PRO C 57 23.03 -32.73 9.79
C PRO C 57 22.76 -33.63 10.99
N PHE C 58 21.58 -33.43 11.58
CA PHE C 58 21.20 -34.19 12.76
C PHE C 58 20.88 -35.63 12.40
N PHE C 59 21.31 -36.56 13.27
CA PHE C 59 21.12 -38.01 13.13
C PHE C 59 21.69 -38.55 11.82
N SER C 60 22.83 -38.00 11.42
CA SER C 60 23.51 -38.47 10.22
C SER C 60 24.44 -39.63 10.56
N ASN C 61 25.04 -40.20 9.53
CA ASN C 61 25.96 -41.32 9.67
C ASN C 61 27.40 -40.80 9.65
N VAL C 62 28.14 -41.08 10.71
CA VAL C 62 29.55 -40.73 10.79
C VAL C 62 30.37 -42.01 10.82
N THR C 63 31.48 -42.00 10.09
CA THR C 63 32.30 -43.19 9.93
C THR C 63 33.18 -43.38 11.17
N TRP C 64 33.23 -44.61 11.67
CA TRP C 64 33.83 -44.95 12.96
C TRP C 64 35.12 -45.71 12.72
N PHE C 65 36.20 -45.29 13.39
CA PHE C 65 37.48 -45.97 13.30
C PHE C 65 38.08 -46.15 14.69
N HIS C 66 38.79 -47.25 14.86
CA HIS C 66 39.53 -47.57 16.07
C HIS C 66 41.03 -47.47 15.81
N VAL C 67 41.79 -47.26 16.88
CA VAL C 67 43.24 -47.19 16.82
C VAL C 67 43.81 -48.56 17.14
N ILE C 68 44.56 -49.14 16.21
CA ILE C 68 45.17 -50.44 16.41
C ILE C 68 46.44 -50.32 17.25
N ASP C 78 44.08 -47.58 13.08
CA ASP C 78 44.24 -47.42 11.65
C ASP C 78 43.91 -46.00 11.22
N ASN C 79 44.62 -45.51 10.20
CA ASN C 79 44.44 -44.14 9.70
C ASN C 79 44.29 -44.11 8.17
N PRO C 80 43.15 -44.54 7.65
CA PRO C 80 42.95 -44.53 6.20
C PRO C 80 42.68 -43.13 5.66
N VAL C 81 42.80 -43.00 4.35
CA VAL C 81 42.63 -41.73 3.66
C VAL C 81 41.15 -41.50 3.38
N LEU C 82 40.65 -40.33 3.75
CA LEU C 82 39.24 -40.01 3.57
C LEU C 82 39.10 -38.72 2.77
N PRO C 83 37.99 -38.55 2.06
CA PRO C 83 37.78 -37.28 1.34
C PRO C 83 37.43 -36.15 2.29
N PHE C 84 37.59 -34.92 1.78
CA PHE C 84 37.29 -33.72 2.55
C PHE C 84 35.86 -33.23 2.34
N ASN C 85 35.38 -33.28 1.09
CA ASN C 85 34.07 -32.80 0.63
C ASN C 85 33.97 -31.31 0.95
N ASP C 86 32.87 -30.84 1.54
CA ASP C 86 32.71 -29.42 1.86
C ASP C 86 33.09 -29.08 3.29
N GLY C 87 33.54 -30.07 4.07
CA GLY C 87 33.89 -29.84 5.46
C GLY C 87 33.94 -31.13 6.24
N VAL C 88 34.79 -31.18 7.27
CA VAL C 88 35.03 -32.41 8.01
C VAL C 88 34.78 -32.17 9.49
N TYR C 89 33.91 -32.98 10.07
CA TYR C 89 33.71 -33.04 11.53
C TYR C 89 34.48 -34.24 12.06
N PHE C 90 35.47 -33.98 12.90
CA PHE C 90 36.38 -34.99 13.44
C PHE C 90 36.18 -35.04 14.95
N ALA C 91 35.62 -36.13 15.44
CA ALA C 91 35.36 -36.29 16.87
C ALA C 91 36.16 -37.47 17.38
N SER C 92 37.16 -37.20 18.21
CA SER C 92 38.04 -38.23 18.72
C SER C 92 37.86 -38.37 20.23
N ILE C 93 37.58 -39.59 20.68
CA ILE C 93 37.48 -39.89 22.11
C ILE C 93 38.68 -40.75 22.47
N GLU C 94 39.50 -40.24 23.39
CA GLU C 94 40.77 -40.88 23.74
C GLU C 94 40.98 -40.77 25.24
N LYS C 95 42.04 -41.44 25.72
CA LYS C 95 42.41 -41.37 27.13
C LYS C 95 43.56 -40.40 27.38
N SER C 96 44.54 -40.33 26.47
CA SER C 96 45.68 -39.45 26.66
C SER C 96 46.10 -38.78 25.35
N ASN C 97 45.12 -38.50 24.46
CA ASN C 97 45.30 -37.80 23.19
C ASN C 97 46.32 -38.53 22.29
N ILE C 98 45.90 -39.72 21.86
CA ILE C 98 46.77 -40.59 21.06
C ILE C 98 47.01 -39.98 19.67
N ILE C 99 46.00 -39.33 19.09
CA ILE C 99 46.19 -38.65 17.82
C ILE C 99 47.08 -37.44 18.01
N ARG C 100 47.76 -37.04 16.94
CA ARG C 100 48.64 -35.88 16.96
C ARG C 100 48.23 -34.78 16.00
N GLY C 101 47.52 -35.10 14.92
CA GLY C 101 47.11 -34.07 13.99
C GLY C 101 46.56 -34.67 12.71
N TRP C 102 46.48 -33.81 11.69
CA TRP C 102 45.89 -34.16 10.41
C TRP C 102 46.75 -33.64 9.27
N ILE C 103 46.61 -34.29 8.12
CA ILE C 103 47.22 -33.85 6.87
C ILE C 103 46.10 -33.66 5.84
N PHE C 104 46.01 -32.45 5.30
CA PHE C 104 45.03 -32.08 4.29
C PHE C 104 45.73 -31.83 2.97
N GLY C 105 45.03 -32.11 1.87
CA GLY C 105 45.59 -31.79 0.57
C GLY C 105 44.83 -32.50 -0.54
N THR C 106 45.37 -32.35 -1.75
CA THR C 106 44.80 -32.99 -2.94
C THR C 106 45.49 -34.28 -3.30
N THR C 107 46.82 -34.26 -3.47
CA THR C 107 47.55 -35.42 -3.94
C THR C 107 48.55 -35.98 -2.92
N LEU C 108 49.10 -35.14 -2.05
CA LEU C 108 50.00 -35.52 -0.94
C LEU C 108 51.26 -36.23 -1.44
N ASP C 109 51.71 -35.91 -2.65
CA ASP C 109 52.84 -36.58 -3.28
C ASP C 109 54.10 -35.72 -3.31
N SER C 110 54.16 -34.69 -2.46
CA SER C 110 55.25 -33.71 -2.37
C SER C 110 55.48 -32.97 -3.68
N LYS C 111 54.43 -32.80 -4.49
CA LYS C 111 54.49 -31.99 -5.69
C LYS C 111 53.66 -30.71 -5.56
N THR C 112 52.77 -30.65 -4.57
CA THR C 112 51.98 -29.46 -4.29
C THR C 112 51.98 -29.23 -2.79
N GLN C 113 51.45 -28.08 -2.37
CA GLN C 113 51.43 -27.73 -0.96
C GLN C 113 50.42 -28.59 -0.21
N SER C 114 50.85 -29.17 0.91
CA SER C 114 50.01 -30.02 1.73
C SER C 114 50.01 -29.49 3.15
N LEU C 115 48.81 -29.36 3.73
CA LEU C 115 48.66 -28.78 5.06
C LEU C 115 48.89 -29.84 6.11
N LEU C 116 49.77 -29.56 7.07
CA LEU C 116 50.06 -30.44 8.19
C LEU C 116 49.76 -29.68 9.47
N ILE C 117 48.83 -30.20 10.28
CA ILE C 117 48.44 -29.59 11.53
C ILE C 117 48.72 -30.59 12.66
N VAL C 118 49.44 -30.14 13.68
CA VAL C 118 49.72 -30.93 14.86
C VAL C 118 49.17 -30.19 16.07
N ASN C 119 48.23 -30.82 16.77
CA ASN C 119 47.61 -30.24 17.95
C ASN C 119 47.43 -31.32 19.00
N ASN C 120 47.76 -30.98 20.25
CA ASN C 120 47.56 -31.87 21.38
C ASN C 120 46.99 -31.11 22.58
N ALA C 121 46.19 -30.08 22.30
CA ALA C 121 45.55 -29.16 23.26
C ALA C 121 46.54 -28.37 24.11
N THR C 122 47.82 -28.35 23.73
CA THR C 122 48.82 -27.52 24.39
C THR C 122 49.45 -26.51 23.45
N ASN C 123 49.99 -26.98 22.31
CA ASN C 123 50.61 -26.11 21.33
C ASN C 123 50.28 -26.64 19.93
N VAL C 124 50.13 -25.72 18.98
CA VAL C 124 49.71 -26.04 17.63
C VAL C 124 50.86 -25.72 16.67
N VAL C 125 51.22 -26.70 15.84
CA VAL C 125 52.25 -26.53 14.83
C VAL C 125 51.60 -26.76 13.47
N ILE C 126 51.58 -25.73 12.63
CA ILE C 126 50.90 -25.76 11.34
C ILE C 126 51.90 -25.41 10.26
N LYS C 127 52.00 -26.28 9.25
CA LYS C 127 52.87 -26.07 8.11
C LYS C 127 52.10 -26.34 6.83
N VAL C 128 52.58 -25.78 5.72
CA VAL C 128 52.00 -26.02 4.40
C VAL C 128 53.04 -26.59 3.44
N CYS C 129 54.09 -27.20 3.99
CA CYS C 129 55.23 -27.64 3.19
C CYS C 129 54.87 -28.85 2.33
N GLU C 130 55.55 -28.96 1.18
CA GLU C 130 55.26 -30.02 0.22
C GLU C 130 55.71 -31.37 0.74
N PHE C 131 56.94 -31.45 1.25
CA PHE C 131 57.46 -32.71 1.77
C PHE C 131 56.80 -33.07 3.09
N GLN C 132 56.57 -34.36 3.28
CA GLN C 132 55.71 -34.87 4.34
C GLN C 132 56.46 -35.23 5.61
N PHE C 133 57.77 -34.99 5.67
CA PHE C 133 58.69 -35.41 6.75
C PHE C 133 58.58 -36.93 6.85
N CYS C 134 58.27 -37.50 8.00
CA CYS C 134 57.98 -38.91 8.11
C CYS C 134 56.57 -39.20 7.60
N ASN C 135 56.41 -40.35 6.93
CA ASN C 135 55.10 -40.76 6.46
C ASN C 135 54.16 -41.08 7.62
N ASP C 136 54.68 -41.74 8.65
CA ASP C 136 53.93 -42.00 9.88
C ASP C 136 54.70 -41.41 11.05
N PRO C 137 54.12 -40.48 11.81
CA PRO C 137 54.82 -39.95 12.98
C PRO C 137 54.96 -41.00 14.08
N PHE C 138 56.05 -40.87 14.83
CA PHE C 138 56.40 -41.84 15.87
C PHE C 138 56.80 -41.10 17.14
N LEU C 139 56.85 -41.85 18.23
CA LEU C 139 57.16 -41.27 19.54
C LEU C 139 58.63 -40.87 19.62
N ASP C 140 58.88 -39.65 20.05
CA ASP C 140 60.24 -39.12 20.14
C ASP C 140 60.69 -39.06 21.60
N ASN C 160 61.26 -24.09 0.97
CA ASN C 160 60.25 -23.61 0.04
C ASN C 160 58.85 -23.77 0.61
N CYS C 161 58.72 -23.52 1.91
CA CYS C 161 57.45 -23.68 2.62
C CYS C 161 56.93 -22.29 2.96
N THR C 162 55.77 -21.92 2.40
CA THR C 162 55.35 -20.53 2.38
C THR C 162 54.85 -20.05 3.74
N PHE C 163 54.07 -20.86 4.44
CA PHE C 163 53.40 -20.43 5.66
C PHE C 163 53.66 -21.40 6.79
N GLU C 164 53.97 -20.87 7.97
CA GLU C 164 54.15 -21.67 9.17
C GLU C 164 53.51 -20.95 10.35
N TYR C 165 53.10 -21.73 11.34
CA TYR C 165 52.40 -21.17 12.50
C TYR C 165 52.74 -22.01 13.72
N VAL C 166 53.31 -21.36 14.74
CA VAL C 166 53.70 -22.02 15.99
C VAL C 166 52.96 -21.35 17.13
N SER C 167 52.27 -22.15 17.94
CA SER C 167 51.56 -21.64 19.11
C SER C 167 51.48 -22.70 20.20
N PHE C 181 39.31 -43.18 26.88
CA PHE C 181 38.05 -42.60 26.42
C PHE C 181 37.67 -41.44 27.34
N LYS C 182 38.68 -40.88 28.01
CA LYS C 182 38.43 -39.84 29.02
C LYS C 182 38.02 -38.52 28.38
N ASN C 183 38.74 -38.10 27.35
CA ASN C 183 38.57 -36.78 26.74
C ASN C 183 38.01 -36.92 25.34
N LEU C 184 36.99 -36.14 25.03
CA LEU C 184 36.39 -36.06 23.70
C LEU C 184 36.74 -34.71 23.10
N ARG C 185 37.36 -34.72 21.94
CA ARG C 185 37.74 -33.51 21.22
C ARG C 185 37.00 -33.49 19.89
N GLU C 186 36.21 -32.44 19.66
CA GLU C 186 35.44 -32.28 18.44
C GLU C 186 36.00 -31.10 17.67
N PHE C 187 36.27 -31.32 16.37
CA PHE C 187 36.85 -30.32 15.50
C PHE C 187 36.03 -30.24 14.22
N VAL C 188 35.91 -29.03 13.69
CA VAL C 188 35.23 -28.78 12.43
C VAL C 188 36.19 -28.02 11.53
N PHE C 189 36.51 -28.59 10.38
CA PHE C 189 37.35 -27.95 9.39
C PHE C 189 36.52 -27.62 8.16
N LYS C 190 36.65 -26.40 7.65
CA LYS C 190 36.02 -26.07 6.37
C LYS C 190 36.93 -25.15 5.57
N ASN C 191 36.73 -25.16 4.26
CA ASN C 191 37.53 -24.38 3.33
C ASN C 191 36.60 -23.48 2.52
N ILE C 192 36.62 -22.18 2.82
CA ILE C 192 35.77 -21.21 2.14
C ILE C 192 36.67 -20.14 1.55
N ASP C 193 36.68 -20.05 0.21
CA ASP C 193 37.45 -19.07 -0.57
C ASP C 193 38.94 -19.12 -0.26
N GLY C 194 39.46 -20.32 -0.07
CA GLY C 194 40.85 -20.51 0.30
C GLY C 194 41.15 -20.29 1.77
N TYR C 195 40.13 -20.01 2.59
CA TYR C 195 40.31 -19.80 4.02
C TYR C 195 39.97 -21.09 4.75
N PHE C 196 40.91 -21.58 5.54
CA PHE C 196 40.74 -22.81 6.32
C PHE C 196 40.28 -22.43 7.72
N LYS C 197 39.01 -22.67 8.01
CA LYS C 197 38.39 -22.28 9.28
C LYS C 197 38.26 -23.51 10.16
N ILE C 198 38.70 -23.37 11.41
CA ILE C 198 38.81 -24.48 12.37
C ILE C 198 38.03 -24.13 13.63
N TYR C 199 37.12 -25.02 14.02
CA TYR C 199 36.33 -24.89 15.23
C TYR C 199 36.65 -26.07 16.13
N SER C 200 36.65 -25.86 17.44
CA SER C 200 37.06 -26.90 18.37
C SER C 200 36.21 -26.86 19.63
N LYS C 201 36.17 -28.01 20.31
CA LYS C 201 35.56 -28.13 21.63
C LYS C 201 36.13 -29.36 22.32
N HIS C 202 36.63 -29.18 23.54
CA HIS C 202 37.18 -30.27 24.33
C HIS C 202 36.31 -30.50 25.56
N THR C 203 36.02 -31.77 25.87
CA THR C 203 35.22 -32.05 27.05
C THR C 203 35.61 -33.35 27.74
N PRO C 204 35.60 -33.38 29.07
CA PRO C 204 35.82 -34.64 29.80
C PRO C 204 34.50 -35.39 29.95
N ILE C 205 34.48 -36.63 29.47
CA ILE C 205 33.29 -37.46 29.52
C ILE C 205 33.63 -38.78 30.18
N ILE C 206 32.59 -39.49 30.61
CA ILE C 206 32.74 -40.77 31.28
C ILE C 206 33.11 -41.84 30.25
N VAL C 207 34.06 -42.70 30.61
CA VAL C 207 34.49 -43.79 29.74
C VAL C 207 33.36 -44.81 29.64
N ARG C 208 32.73 -44.88 28.46
CA ARG C 208 31.66 -45.83 28.20
C ARG C 208 31.87 -46.37 26.79
N GLU C 209 32.26 -47.65 26.69
CA GLU C 209 32.44 -48.28 25.38
C GLU C 209 31.14 -48.42 24.56
N PRO C 210 30.00 -48.93 25.08
CA PRO C 210 28.85 -49.12 24.18
C PRO C 210 28.14 -47.84 23.79
N GLU C 211 28.40 -46.71 24.45
CA GLU C 211 27.71 -45.48 24.08
C GLU C 211 28.25 -44.86 22.78
N ASP C 212 29.49 -45.19 22.42
CA ASP C 212 30.19 -44.71 21.22
C ASP C 212 30.21 -43.18 21.23
N LEU C 213 29.59 -42.50 20.27
CA LEU C 213 29.48 -41.05 20.33
C LEU C 213 28.46 -40.67 21.41
N PRO C 214 28.76 -39.69 22.26
CA PRO C 214 27.84 -39.36 23.36
C PRO C 214 26.56 -38.70 22.87
N GLN C 215 25.50 -38.92 23.63
CA GLN C 215 24.18 -38.38 23.32
C GLN C 215 23.95 -37.14 24.18
N GLY C 216 23.85 -35.98 23.53
CA GLY C 216 23.70 -34.74 24.25
C GLY C 216 23.91 -33.56 23.33
N PHE C 217 24.21 -32.41 23.93
CA PHE C 217 24.44 -31.18 23.17
C PHE C 217 25.73 -30.53 23.61
N SER C 218 26.50 -30.05 22.62
CA SER C 218 27.72 -29.30 22.85
C SER C 218 27.88 -28.24 21.78
N ALA C 219 28.61 -27.18 22.10
CA ALA C 219 28.82 -26.06 21.20
C ALA C 219 30.30 -25.89 20.94
N LEU C 220 30.67 -25.81 19.66
CA LEU C 220 32.06 -25.64 19.28
C LEU C 220 32.38 -24.17 19.07
N GLU C 221 33.62 -23.79 19.40
CA GLU C 221 34.04 -22.41 19.31
C GLU C 221 35.17 -22.26 18.30
N PRO C 222 35.22 -21.16 17.55
CA PRO C 222 36.28 -21.01 16.53
C PRO C 222 37.64 -20.73 17.15
N LEU C 223 38.66 -21.43 16.66
CA LEU C 223 40.01 -21.26 17.19
C LEU C 223 41.00 -20.73 16.16
N VAL C 224 41.12 -21.41 15.02
CA VAL C 224 42.17 -21.13 14.04
C VAL C 224 41.52 -20.76 12.72
N ASP C 225 41.97 -19.66 12.13
CA ASP C 225 41.62 -19.29 10.75
C ASP C 225 42.93 -19.27 9.96
N LEU C 226 43.05 -20.20 9.00
CA LEU C 226 44.26 -20.29 8.20
C LEU C 226 44.01 -19.71 6.82
N PRO C 227 44.63 -18.58 6.48
CA PRO C 227 44.48 -18.01 5.12
C PRO C 227 45.49 -18.61 4.13
N ILE C 228 45.31 -19.91 3.85
CA ILE C 228 46.33 -20.62 3.09
C ILE C 228 46.08 -20.53 1.58
N GLY C 229 44.83 -20.54 1.15
CA GLY C 229 44.53 -20.56 -0.28
C GLY C 229 44.95 -21.83 -0.99
N ILE C 230 44.68 -22.99 -0.38
CA ILE C 230 45.24 -24.26 -0.82
C ILE C 230 44.11 -25.17 -1.30
N ASN C 231 44.28 -25.70 -2.52
CA ASN C 231 43.45 -26.76 -3.06
C ASN C 231 43.47 -27.98 -2.14
N ILE C 232 42.31 -28.30 -1.55
CA ILE C 232 42.19 -29.41 -0.61
C ILE C 232 40.98 -30.24 -1.02
N THR C 233 41.20 -31.54 -1.27
CA THR C 233 40.13 -32.47 -1.59
C THR C 233 40.04 -33.67 -0.67
N ARG C 234 41.07 -33.95 0.13
CA ARG C 234 41.08 -35.12 0.99
C ARG C 234 41.99 -34.87 2.19
N PHE C 235 41.92 -35.80 3.15
CA PHE C 235 42.66 -35.66 4.40
C PHE C 235 42.92 -37.04 5.00
N GLN C 236 43.83 -37.04 5.98
CA GLN C 236 44.18 -38.22 6.75
C GLN C 236 44.56 -37.77 8.15
N THR C 237 44.44 -38.69 9.11
CA THR C 237 44.80 -38.41 10.49
C THR C 237 46.13 -39.07 10.83
N LEU C 238 46.72 -38.64 11.94
CA LEU C 238 48.03 -39.12 12.37
C LEU C 238 47.95 -39.73 13.76
N LEU C 239 48.81 -40.71 14.01
CA LEU C 239 48.87 -41.43 15.27
C LEU C 239 50.32 -41.48 15.77
N ALA C 240 50.47 -41.45 17.09
CA ALA C 240 51.78 -41.58 17.72
C ALA C 240 51.90 -42.97 18.32
N LEU C 241 52.92 -43.72 17.88
CA LEU C 241 53.14 -45.08 18.32
C LEU C 241 54.60 -45.29 18.68
N HIS C 242 54.85 -46.27 19.54
CA HIS C 242 56.20 -46.59 19.99
C HIS C 242 56.99 -47.28 18.88
N ALA C 260 40.86 -45.47 22.42
CA ALA C 260 41.10 -44.42 21.44
C ALA C 260 40.35 -44.71 20.14
N ALA C 261 39.33 -43.90 19.86
CA ALA C 261 38.53 -44.05 18.66
C ALA C 261 38.21 -42.68 18.09
N TYR C 262 37.83 -42.64 16.82
CA TYR C 262 37.44 -41.37 16.22
C TYR C 262 36.34 -41.58 15.19
N TYR C 263 35.69 -40.46 14.86
CA TYR C 263 34.50 -40.43 14.02
C TYR C 263 34.65 -39.28 13.04
N VAL C 264 34.32 -39.54 11.77
CA VAL C 264 34.48 -38.58 10.69
C VAL C 264 33.14 -38.38 10.01
N GLY C 265 32.71 -37.12 9.90
CA GLY C 265 31.49 -36.79 9.20
C GLY C 265 31.71 -35.63 8.25
N TYR C 266 30.75 -35.45 7.35
CA TYR C 266 30.83 -34.43 6.31
C TYR C 266 29.73 -33.39 6.51
N LEU C 267 30.09 -32.14 6.26
CA LEU C 267 29.16 -31.03 6.44
C LEU C 267 28.33 -30.79 5.18
N GLN C 268 27.10 -30.32 5.38
CA GLN C 268 26.19 -29.97 4.31
C GLN C 268 25.62 -28.58 4.55
N PRO C 269 25.25 -27.85 3.49
CA PRO C 269 24.60 -26.55 3.69
C PRO C 269 23.19 -26.69 4.26
N ARG C 270 23.01 -26.28 5.52
CA ARG C 270 21.75 -26.43 6.22
C ARG C 270 21.38 -25.14 6.92
N THR C 271 20.08 -24.99 7.17
CA THR C 271 19.54 -23.90 7.96
C THR C 271 19.25 -24.41 9.37
N PHE C 272 19.82 -23.75 10.37
CA PHE C 272 19.71 -24.15 11.76
C PHE C 272 19.06 -23.06 12.59
N LEU C 273 18.31 -23.47 13.59
CA LEU C 273 17.73 -22.57 14.59
C LEU C 273 18.51 -22.76 15.88
N LEU C 274 19.09 -21.67 16.38
CA LEU C 274 19.99 -21.70 17.53
C LEU C 274 19.34 -20.94 18.69
N LYS C 275 19.40 -21.54 19.89
CA LYS C 275 18.82 -20.94 21.09
C LYS C 275 19.95 -20.38 21.96
N TYR C 276 20.02 -19.06 22.05
CA TYR C 276 21.00 -18.37 22.89
C TYR C 276 20.36 -18.06 24.24
N ASN C 277 21.02 -18.47 25.32
CA ASN C 277 20.52 -18.28 26.67
C ASN C 277 20.87 -16.87 27.16
N GLU C 278 20.74 -16.65 28.47
CA GLU C 278 21.11 -15.37 29.06
C GLU C 278 22.61 -15.13 29.00
N ASN C 279 23.40 -16.20 29.14
CA ASN C 279 24.86 -16.09 29.11
C ASN C 279 25.44 -16.12 27.70
N GLY C 280 24.62 -16.40 26.68
CA GLY C 280 25.10 -16.41 25.31
C GLY C 280 25.55 -17.75 24.78
N THR C 281 25.33 -18.84 25.52
CA THR C 281 25.72 -20.17 25.08
C THR C 281 24.59 -20.83 24.33
N ILE C 282 24.93 -21.49 23.21
CA ILE C 282 23.93 -22.20 22.42
C ILE C 282 23.50 -23.45 23.17
N THR C 283 22.29 -23.40 23.75
CA THR C 283 21.80 -24.52 24.53
C THR C 283 21.18 -25.59 23.66
N ASP C 284 20.53 -25.20 22.56
CA ASP C 284 19.85 -26.15 21.71
C ASP C 284 19.79 -25.63 20.28
N ALA C 285 19.59 -26.55 19.35
CA ALA C 285 19.49 -26.22 17.94
C ALA C 285 18.48 -27.15 17.29
N VAL C 286 17.86 -26.66 16.22
CA VAL C 286 16.86 -27.40 15.46
C VAL C 286 17.29 -27.36 13.99
N ASP C 287 17.41 -28.54 13.38
CA ASP C 287 17.72 -28.64 11.96
C ASP C 287 16.42 -28.55 11.17
N CYS C 288 16.32 -27.54 10.31
CA CYS C 288 15.04 -27.23 9.66
C CYS C 288 14.68 -28.23 8.56
N ALA C 289 15.64 -28.95 8.00
CA ALA C 289 15.40 -29.82 6.87
C ALA C 289 15.32 -31.30 7.26
N LEU C 290 15.22 -31.62 8.54
CA LEU C 290 15.25 -33.01 8.95
C LEU C 290 13.87 -33.67 8.83
N ASP C 291 12.89 -33.18 9.57
CA ASP C 291 11.55 -33.74 9.61
C ASP C 291 10.54 -32.62 9.53
N PRO C 292 9.28 -32.92 9.15
CA PRO C 292 8.25 -31.88 9.12
C PRO C 292 7.97 -31.20 10.45
N LEU C 293 8.15 -31.90 11.57
CA LEU C 293 7.98 -31.27 12.88
C LEU C 293 9.04 -30.19 13.12
N SER C 294 10.30 -30.48 12.78
CA SER C 294 11.35 -29.47 12.93
C SER C 294 11.21 -28.37 11.89
N GLU C 295 10.68 -28.68 10.72
CA GLU C 295 10.40 -27.64 9.73
C GLU C 295 9.29 -26.71 10.21
N THR C 296 8.27 -27.27 10.87
CA THR C 296 7.23 -26.44 11.48
C THR C 296 7.79 -25.60 12.62
N LYS C 297 8.72 -26.16 13.40
CA LYS C 297 9.37 -25.40 14.47
C LYS C 297 10.20 -24.25 13.90
N CYS C 298 10.90 -24.48 12.80
CA CYS C 298 11.67 -23.43 12.15
C CYS C 298 10.77 -22.37 11.52
N THR C 299 9.61 -22.78 11.02
CA THR C 299 8.64 -21.82 10.49
C THR C 299 8.07 -20.94 11.58
N LEU C 300 7.69 -21.54 12.71
CA LEU C 300 7.09 -20.81 13.82
C LEU C 300 8.12 -20.07 14.68
N LYS C 301 9.42 -20.31 14.46
CA LYS C 301 10.52 -19.74 15.25
C LYS C 301 10.37 -20.07 16.73
N SER C 302 9.96 -21.30 17.03
CA SER C 302 9.73 -21.75 18.39
C SER C 302 10.22 -23.18 18.53
N PHE C 303 10.37 -23.61 19.78
CA PHE C 303 10.77 -24.98 20.08
C PHE C 303 9.61 -25.85 20.53
N THR C 304 8.46 -25.26 20.85
CA THR C 304 7.25 -25.99 21.17
C THR C 304 6.15 -25.58 20.20
N VAL C 305 5.40 -26.57 19.70
CA VAL C 305 4.41 -26.35 18.66
C VAL C 305 3.07 -26.88 19.18
N GLU C 306 2.04 -26.03 19.14
CA GLU C 306 0.71 -26.42 19.57
C GLU C 306 0.03 -27.28 18.51
N LYS C 307 -1.16 -27.78 18.83
CA LYS C 307 -1.88 -28.64 17.92
C LYS C 307 -2.49 -27.84 16.78
N GLY C 308 -2.81 -28.53 15.69
CA GLY C 308 -3.45 -27.94 14.54
C GLY C 308 -2.69 -28.24 13.27
N ILE C 309 -3.03 -27.47 12.23
CA ILE C 309 -2.44 -27.62 10.91
C ILE C 309 -1.68 -26.33 10.56
N TYR C 310 -0.41 -26.48 10.20
CA TYR C 310 0.47 -25.35 9.93
C TYR C 310 1.00 -25.46 8.50
N GLN C 311 0.87 -24.39 7.72
CA GLN C 311 1.43 -24.37 6.38
C GLN C 311 2.94 -24.17 6.45
N THR C 312 3.66 -24.93 5.64
CA THR C 312 5.12 -24.89 5.60
C THR C 312 5.57 -24.59 4.17
N SER C 313 6.87 -24.75 3.93
CA SER C 313 7.46 -24.45 2.63
C SER C 313 6.95 -25.41 1.56
N ASN C 314 6.81 -24.88 0.35
CA ASN C 314 6.28 -25.65 -0.76
C ASN C 314 7.30 -26.65 -1.27
N PHE C 315 6.82 -27.63 -2.03
CA PHE C 315 7.66 -28.64 -2.66
C PHE C 315 7.67 -28.40 -4.17
N ARG C 316 8.85 -28.58 -4.78
CA ARG C 316 9.01 -28.42 -6.22
C ARG C 316 9.91 -29.52 -6.74
N VAL C 317 9.55 -30.09 -7.87
CA VAL C 317 10.35 -31.15 -8.49
C VAL C 317 11.55 -30.51 -9.19
N GLN C 318 12.74 -30.86 -8.74
CA GLN C 318 13.96 -30.30 -9.33
C GLN C 318 14.21 -30.92 -10.70
N PRO C 319 14.86 -30.19 -11.61
CA PRO C 319 15.21 -30.77 -12.91
C PRO C 319 16.26 -31.87 -12.80
N THR C 320 16.15 -32.85 -13.68
CA THR C 320 17.05 -34.00 -13.68
C THR C 320 18.25 -33.79 -14.59
N GLU C 321 18.01 -33.32 -15.82
CA GLU C 321 19.05 -33.15 -16.83
C GLU C 321 19.03 -31.71 -17.31
N SER C 322 19.93 -31.41 -18.25
CA SER C 322 19.99 -30.12 -18.91
C SER C 322 20.02 -30.34 -20.41
N ILE C 323 19.21 -29.56 -21.12
CA ILE C 323 19.09 -29.63 -22.58
C ILE C 323 19.54 -28.30 -23.15
N VAL C 324 20.48 -28.36 -24.08
CA VAL C 324 20.89 -27.19 -24.86
C VAL C 324 20.55 -27.50 -26.31
N ARG C 325 19.81 -26.60 -26.96
CA ARG C 325 19.38 -26.85 -28.33
C ARG C 325 19.60 -25.61 -29.16
N PHE C 326 20.50 -25.70 -30.13
CA PHE C 326 20.92 -24.61 -31.01
C PHE C 326 20.76 -25.08 -32.44
N PRO C 327 20.59 -24.16 -33.39
CA PRO C 327 20.58 -24.56 -34.80
C PRO C 327 21.92 -25.09 -35.24
N ASN C 328 21.90 -26.02 -36.21
CA ASN C 328 23.10 -26.75 -36.59
C ASN C 328 23.89 -26.04 -37.69
N ILE C 329 24.18 -24.76 -37.49
CA ILE C 329 25.10 -24.05 -38.38
C ILE C 329 26.52 -24.39 -37.97
N THR C 330 27.37 -24.68 -38.97
CA THR C 330 28.73 -25.15 -38.72
C THR C 330 29.78 -24.26 -39.38
N ASN C 331 29.41 -23.05 -39.80
CA ASN C 331 30.32 -22.16 -40.50
C ASN C 331 30.81 -21.08 -39.56
N LEU C 332 32.13 -20.95 -39.42
CA LEU C 332 32.70 -19.87 -38.65
C LEU C 332 32.49 -18.54 -39.37
N CYS C 333 32.29 -17.49 -38.58
CA CYS C 333 31.80 -16.24 -39.15
C CYS C 333 32.97 -15.42 -39.70
N PRO C 334 32.85 -14.90 -40.93
CA PRO C 334 33.94 -14.08 -41.51
C PRO C 334 34.04 -12.66 -40.93
N PHE C 335 34.63 -12.57 -39.73
CA PHE C 335 34.96 -11.28 -39.17
C PHE C 335 36.27 -10.72 -39.70
N ASP C 336 37.08 -11.56 -40.36
CA ASP C 336 38.33 -11.09 -40.93
C ASP C 336 38.08 -10.14 -42.11
N GLU C 337 37.04 -10.41 -42.90
CA GLU C 337 36.69 -9.54 -44.03
C GLU C 337 36.20 -8.17 -43.57
N VAL C 338 35.74 -8.05 -42.34
CA VAL C 338 35.28 -6.77 -41.80
C VAL C 338 36.39 -6.05 -41.04
N PHE C 339 37.16 -6.78 -40.24
CA PHE C 339 38.14 -6.14 -39.36
C PHE C 339 39.54 -6.11 -39.96
N ASN C 340 40.01 -7.23 -40.50
CA ASN C 340 41.37 -7.33 -41.05
C ASN C 340 41.44 -6.90 -42.51
N ALA C 341 40.48 -6.11 -42.99
CA ALA C 341 40.54 -5.57 -44.33
C ALA C 341 41.66 -4.54 -44.45
N THR C 342 42.26 -4.47 -45.63
CA THR C 342 43.39 -3.56 -45.85
C THR C 342 42.94 -2.11 -45.87
N ARG C 343 41.81 -1.83 -46.49
CA ARG C 343 41.28 -0.47 -46.59
C ARG C 343 39.90 -0.41 -45.97
N PHE C 344 39.67 0.61 -45.14
CA PHE C 344 38.37 0.89 -44.56
C PHE C 344 37.73 2.03 -45.33
N ALA C 345 36.44 1.90 -45.64
CA ALA C 345 35.76 2.86 -46.49
C ALA C 345 35.50 4.17 -45.73
N SER C 346 35.08 5.18 -46.49
CA SER C 346 34.81 6.49 -45.94
C SER C 346 33.45 6.51 -45.24
N VAL C 347 33.08 7.68 -44.73
CA VAL C 347 31.85 7.81 -43.96
C VAL C 347 30.62 7.67 -44.86
N TYR C 348 30.61 8.36 -45.99
CA TYR C 348 29.48 8.27 -46.90
C TYR C 348 29.55 7.06 -47.82
N ALA C 349 30.66 6.32 -47.81
CA ALA C 349 30.69 4.97 -48.35
C ALA C 349 30.15 4.03 -47.25
N TRP C 350 28.84 4.08 -47.07
CA TRP C 350 28.16 3.47 -45.93
C TRP C 350 28.08 1.97 -46.17
N ASN C 351 29.17 1.27 -45.86
CA ASN C 351 29.28 -0.16 -46.11
C ASN C 351 28.67 -0.90 -44.93
N ARG C 352 27.46 -1.43 -45.13
CA ARG C 352 26.78 -2.23 -44.12
C ARG C 352 26.99 -3.71 -44.47
N LYS C 353 27.91 -4.35 -43.78
CA LYS C 353 28.15 -5.77 -43.97
C LYS C 353 27.07 -6.56 -43.24
N ARG C 354 26.35 -7.39 -43.98
CA ARG C 354 25.29 -8.21 -43.41
C ARG C 354 25.88 -9.54 -42.95
N ILE C 355 25.57 -9.92 -41.72
CA ILE C 355 26.11 -11.12 -41.09
C ILE C 355 24.92 -12.02 -40.73
N SER C 356 24.92 -13.22 -41.30
CA SER C 356 23.90 -14.23 -41.06
C SER C 356 24.50 -15.59 -41.39
N ASN C 357 23.88 -16.63 -40.82
CA ASN C 357 24.32 -18.03 -40.93
C ASN C 357 25.77 -18.21 -40.50
N CYS C 358 26.09 -17.66 -39.33
CA CYS C 358 27.43 -17.69 -38.77
C CYS C 358 27.45 -18.54 -37.51
N VAL C 359 28.66 -18.83 -37.06
CA VAL C 359 28.93 -19.24 -35.67
C VAL C 359 29.93 -18.21 -35.16
N ALA C 360 29.41 -17.15 -34.55
CA ALA C 360 30.22 -15.98 -34.21
C ALA C 360 30.99 -16.27 -32.93
N ASP C 361 32.24 -16.70 -33.08
CA ASP C 361 33.15 -16.86 -31.95
C ASP C 361 33.81 -15.52 -31.69
N TYR C 362 33.45 -14.88 -30.58
CA TYR C 362 33.94 -13.54 -30.27
C TYR C 362 35.31 -13.55 -29.58
N SER C 363 35.86 -14.73 -29.28
CA SER C 363 37.18 -14.78 -28.67
C SER C 363 38.28 -14.35 -29.63
N VAL C 364 38.13 -14.67 -30.92
CA VAL C 364 39.08 -14.22 -31.94
C VAL C 364 39.04 -12.71 -32.07
N LEU C 365 37.84 -12.13 -32.04
CA LEU C 365 37.69 -10.68 -32.09
C LEU C 365 38.23 -10.01 -30.83
N TYR C 366 38.04 -10.65 -29.68
CA TYR C 366 38.54 -10.11 -28.42
C TYR C 366 40.06 -10.16 -28.36
N ASN C 367 40.68 -11.20 -28.92
CA ASN C 367 42.12 -11.32 -28.97
C ASN C 367 42.72 -10.80 -30.27
N LEU C 368 41.97 -9.99 -31.01
CA LEU C 368 42.50 -9.39 -32.22
C LEU C 368 43.52 -8.31 -31.88
N ALA C 369 44.60 -8.24 -32.67
CA ALA C 369 45.71 -7.35 -32.34
C ALA C 369 45.38 -5.86 -32.46
N PRO C 370 44.76 -5.31 -33.57
CA PRO C 370 44.59 -3.85 -33.60
C PRO C 370 43.48 -3.30 -32.71
N PHE C 371 42.32 -3.94 -32.66
CA PHE C 371 41.14 -3.33 -32.05
C PHE C 371 41.07 -3.63 -30.57
N PHE C 372 40.87 -2.59 -29.75
CA PHE C 372 40.94 -2.71 -28.30
C PHE C 372 39.60 -2.47 -27.61
N THR C 373 38.98 -1.31 -27.83
CA THR C 373 37.79 -0.94 -27.08
C THR C 373 36.59 -1.75 -27.54
N PHE C 374 35.75 -2.15 -26.58
CA PHE C 374 34.68 -3.09 -26.84
C PHE C 374 33.40 -2.63 -26.14
N LYS C 375 33.03 -1.36 -26.33
CA LYS C 375 31.90 -0.79 -25.61
C LYS C 375 30.59 -1.40 -26.11
N CYS C 376 29.66 -1.68 -25.20
CA CYS C 376 28.43 -2.35 -25.59
C CYS C 376 27.24 -1.76 -24.86
N TYR C 377 26.11 -1.65 -25.57
CA TYR C 377 24.86 -1.16 -25.02
C TYR C 377 23.78 -2.21 -25.28
N GLY C 378 23.06 -2.59 -24.22
CA GLY C 378 21.95 -3.50 -24.29
C GLY C 378 22.32 -4.94 -23.97
N VAL C 379 23.57 -5.33 -24.22
CA VAL C 379 24.05 -6.69 -23.96
C VAL C 379 25.36 -6.60 -23.19
N SER C 380 25.71 -7.72 -22.56
CA SER C 380 26.95 -7.88 -21.80
C SER C 380 27.98 -8.65 -22.61
N PRO C 381 29.22 -8.14 -22.66
CA PRO C 381 30.24 -8.75 -23.54
C PRO C 381 30.59 -10.18 -23.18
N THR C 382 30.68 -10.50 -21.89
CA THR C 382 30.91 -11.87 -21.45
C THR C 382 29.75 -12.80 -21.77
N LYS C 383 28.55 -12.26 -21.99
CA LYS C 383 27.42 -13.07 -22.43
C LYS C 383 27.35 -13.18 -23.95
N LEU C 384 28.25 -12.51 -24.68
CA LEU C 384 28.11 -12.42 -26.14
C LEU C 384 28.39 -13.74 -26.85
N ASN C 385 28.98 -14.71 -26.17
CA ASN C 385 29.15 -16.05 -26.74
C ASN C 385 28.01 -17.00 -26.37
N ASP C 386 26.97 -16.51 -25.70
CA ASP C 386 25.91 -17.37 -25.19
C ASP C 386 24.55 -17.10 -25.84
N LEU C 387 24.45 -16.14 -26.73
CA LEU C 387 23.16 -15.71 -27.28
C LEU C 387 23.05 -16.05 -28.76
N CYS C 388 21.83 -15.90 -29.27
CA CYS C 388 21.55 -16.07 -30.69
C CYS C 388 20.86 -14.82 -31.22
N PHE C 389 21.38 -14.31 -32.33
CA PHE C 389 20.85 -13.11 -32.98
C PHE C 389 20.30 -13.50 -34.35
N THR C 390 19.22 -12.83 -34.76
CA THR C 390 18.62 -13.12 -36.06
C THR C 390 19.52 -12.63 -37.19
N ASN C 391 19.99 -11.39 -37.10
CA ASN C 391 20.90 -10.82 -38.09
C ASN C 391 21.81 -9.82 -37.41
N VAL C 392 23.05 -9.75 -37.86
CA VAL C 392 24.02 -8.79 -37.34
C VAL C 392 24.41 -7.87 -38.48
N TYR C 393 24.57 -6.58 -38.20
CA TYR C 393 24.99 -5.64 -39.21
C TYR C 393 26.23 -4.88 -38.73
N ALA C 394 27.26 -4.84 -39.58
CA ALA C 394 28.54 -4.25 -39.24
C ALA C 394 28.77 -3.00 -40.08
N ASP C 395 29.20 -1.92 -39.45
CA ASP C 395 29.54 -0.68 -40.13
C ASP C 395 30.98 -0.31 -39.78
N SER C 396 31.86 -0.33 -40.78
CA SER C 396 33.30 -0.13 -40.58
C SER C 396 33.74 1.15 -41.27
N PHE C 397 34.05 2.17 -40.48
CA PHE C 397 34.39 3.51 -40.95
C PHE C 397 35.73 3.94 -40.37
N VAL C 398 36.20 5.10 -40.83
CA VAL C 398 37.32 5.82 -40.22
C VAL C 398 36.81 7.21 -39.85
N ILE C 399 37.01 7.61 -38.60
CA ILE C 399 36.47 8.87 -38.08
C ILE C 399 37.54 9.56 -37.25
N ARG C 400 37.36 10.87 -37.06
CA ARG C 400 38.23 11.63 -36.17
C ARG C 400 38.00 11.22 -34.73
N GLY C 401 39.09 11.12 -33.95
CA GLY C 401 39.02 10.66 -32.58
C GLY C 401 38.30 11.60 -31.63
N ASP C 402 38.12 12.86 -32.01
CA ASP C 402 37.34 13.78 -31.20
C ASP C 402 35.86 13.39 -31.17
N GLU C 403 35.36 12.85 -32.29
CA GLU C 403 33.95 12.52 -32.43
C GLU C 403 33.67 11.03 -32.30
N VAL C 404 34.64 10.26 -31.79
CA VAL C 404 34.42 8.85 -31.46
C VAL C 404 33.34 8.73 -30.39
N ARG C 405 33.35 9.66 -29.42
CA ARG C 405 32.28 9.75 -28.43
C ARG C 405 30.93 10.08 -29.05
N GLN C 406 30.90 10.66 -30.24
CA GLN C 406 29.64 10.87 -30.95
C GLN C 406 29.09 9.60 -31.57
N ILE C 407 29.87 8.53 -31.63
CA ILE C 407 29.36 7.25 -32.14
C ILE C 407 28.78 6.52 -30.93
N ALA C 408 27.55 6.89 -30.59
CA ALA C 408 26.80 6.46 -29.41
C ALA C 408 25.37 6.95 -29.55
N PRO C 409 24.38 6.27 -28.96
CA PRO C 409 23.01 6.79 -29.01
C PRO C 409 22.84 8.08 -28.23
N GLY C 410 21.97 8.94 -28.74
CA GLY C 410 21.65 10.19 -28.09
C GLY C 410 22.70 11.29 -28.18
N GLN C 411 23.70 11.13 -29.04
CA GLN C 411 24.76 12.12 -29.15
C GLN C 411 24.39 13.21 -30.15
N THR C 412 25.09 14.34 -30.05
CA THR C 412 24.85 15.49 -30.90
C THR C 412 26.17 16.03 -31.42
N GLY C 413 26.24 16.23 -32.72
CA GLY C 413 27.45 16.77 -33.34
C GLY C 413 27.29 16.77 -34.84
N ASN C 414 28.37 17.17 -35.52
CA ASN C 414 28.37 17.14 -36.99
C ASN C 414 28.25 15.72 -37.51
N ILE C 415 29.03 14.80 -36.93
CA ILE C 415 28.98 13.40 -37.36
C ILE C 415 27.63 12.78 -36.98
N ALA C 416 27.20 12.98 -35.74
CA ALA C 416 25.96 12.38 -35.25
C ALA C 416 24.72 12.99 -35.90
N ASP C 417 24.83 14.16 -36.51
CA ASP C 417 23.70 14.76 -37.19
C ASP C 417 23.68 14.43 -38.69
N TYR C 418 24.80 14.62 -39.39
CA TYR C 418 24.79 14.56 -40.83
C TYR C 418 25.56 13.39 -41.42
N ASN C 419 26.19 12.55 -40.60
CA ASN C 419 27.04 11.48 -41.12
C ASN C 419 26.53 10.09 -40.78
N TYR C 420 26.39 9.75 -39.50
CA TYR C 420 26.06 8.39 -39.10
C TYR C 420 25.44 8.46 -37.71
N LYS C 421 24.11 8.36 -37.65
CA LYS C 421 23.37 8.50 -36.41
C LYS C 421 22.90 7.12 -35.93
N LEU C 422 23.08 6.86 -34.65
CA LEU C 422 22.57 5.63 -34.04
C LEU C 422 21.21 5.89 -33.41
N PRO C 423 20.30 4.93 -33.46
CA PRO C 423 19.01 5.10 -32.79
C PRO C 423 19.15 5.04 -31.28
N ASP C 424 18.13 5.55 -30.58
CA ASP C 424 18.16 5.59 -29.12
C ASP C 424 17.97 4.20 -28.50
N ASP C 425 17.36 3.27 -29.23
CA ASP C 425 17.17 1.92 -28.73
C ASP C 425 18.18 0.97 -29.36
N PHE C 426 19.41 1.45 -29.57
CA PHE C 426 20.45 0.67 -30.21
C PHE C 426 20.99 -0.38 -29.25
N THR C 427 20.89 -1.65 -29.65
CA THR C 427 21.41 -2.77 -28.87
C THR C 427 22.55 -3.40 -29.66
N GLY C 428 23.79 -3.08 -29.28
CA GLY C 428 24.92 -3.58 -30.02
C GLY C 428 26.21 -3.20 -29.34
N CYS C 429 27.29 -3.13 -30.13
CA CYS C 429 28.60 -2.82 -29.61
C CYS C 429 29.35 -1.90 -30.57
N VAL C 430 30.26 -1.11 -30.01
CA VAL C 430 31.13 -0.19 -30.74
C VAL C 430 32.57 -0.57 -30.44
N ILE C 431 33.37 -0.75 -31.49
CA ILE C 431 34.77 -1.17 -31.39
C ILE C 431 35.62 -0.14 -32.10
N ALA C 432 36.69 0.32 -31.45
CA ALA C 432 37.52 1.37 -32.02
C ALA C 432 39.00 1.04 -31.84
N TRP C 433 39.80 1.48 -32.82
CA TRP C 433 41.26 1.42 -32.76
C TRP C 433 41.82 2.74 -33.28
N ASN C 434 42.86 3.24 -32.62
CA ASN C 434 43.56 4.43 -33.10
C ASN C 434 44.33 4.06 -34.36
N SER C 435 43.78 4.42 -35.52
CA SER C 435 44.35 4.05 -36.82
C SER C 435 45.31 5.11 -37.36
N ASN C 436 46.01 5.82 -36.47
CA ASN C 436 46.97 6.83 -36.89
C ASN C 436 48.17 6.24 -37.61
N LYS C 437 48.53 4.99 -37.29
CA LYS C 437 49.73 4.39 -37.87
C LYS C 437 49.51 3.99 -39.33
N LEU C 438 48.27 3.77 -39.75
CA LEU C 438 47.99 3.29 -41.09
C LEU C 438 47.15 4.26 -41.91
N ASP C 439 46.05 4.77 -41.36
CA ASP C 439 45.12 5.58 -42.12
C ASP C 439 45.48 7.07 -42.14
N SER C 440 46.60 7.45 -41.54
CA SER C 440 47.12 8.80 -41.64
C SER C 440 48.35 8.79 -42.53
N LYS C 441 48.36 9.70 -43.51
CA LYS C 441 49.44 9.77 -44.49
C LYS C 441 50.11 11.14 -44.42
N VAL C 442 51.23 11.25 -45.13
CA VAL C 442 51.98 12.51 -45.17
C VAL C 442 51.19 13.53 -45.97
N SER C 443 51.09 14.75 -45.42
CA SER C 443 50.32 15.88 -45.96
C SER C 443 48.83 15.58 -46.10
N GLY C 444 48.30 14.67 -45.28
CA GLY C 444 46.87 14.45 -45.21
C GLY C 444 46.38 13.42 -46.21
N ASN C 445 45.32 12.73 -45.82
CA ASN C 445 44.60 11.81 -46.70
C ASN C 445 43.19 12.37 -46.91
N TYR C 446 42.81 12.55 -48.18
CA TYR C 446 41.58 13.23 -48.53
C TYR C 446 40.47 12.27 -48.96
N ASN C 447 40.61 10.97 -48.67
CA ASN C 447 39.61 10.01 -49.10
C ASN C 447 38.35 10.06 -48.26
N TYR C 448 38.43 10.64 -47.05
CA TYR C 448 37.31 10.66 -46.12
C TYR C 448 36.62 12.01 -46.17
N LEU C 449 35.30 12.01 -46.29
CA LEU C 449 34.53 13.23 -46.50
C LEU C 449 33.54 13.44 -45.37
N TYR C 450 33.20 14.71 -45.12
CA TYR C 450 32.32 15.11 -44.04
C TYR C 450 31.45 16.26 -44.52
N ARG C 451 30.16 16.22 -44.18
CA ARG C 451 29.22 17.28 -44.54
C ARG C 451 28.88 18.05 -43.27
N LEU C 452 29.54 19.20 -43.08
CA LEU C 452 29.34 19.98 -41.86
C LEU C 452 28.02 20.76 -41.87
N PHE C 453 27.44 21.00 -43.04
CA PHE C 453 26.21 21.76 -43.14
C PHE C 453 25.23 21.02 -44.04
N ARG C 454 23.96 21.01 -43.64
CA ARG C 454 22.92 20.27 -44.34
C ARG C 454 21.58 20.93 -44.08
N LYS C 455 20.58 20.51 -44.85
CA LYS C 455 19.21 20.99 -44.65
C LYS C 455 18.65 20.52 -43.31
N SER C 456 18.90 19.27 -42.95
CA SER C 456 18.35 18.69 -41.73
C SER C 456 19.23 17.55 -41.27
N ASN C 457 19.01 17.12 -40.03
CA ASN C 457 19.73 15.98 -39.48
C ASN C 457 19.26 14.68 -40.14
N LEU C 458 20.14 13.69 -40.15
CA LEU C 458 19.80 12.39 -40.72
C LEU C 458 19.03 11.55 -39.73
N LYS C 459 18.06 10.79 -40.24
CA LYS C 459 17.43 9.73 -39.48
C LYS C 459 18.44 8.62 -39.24
N PRO C 460 18.29 7.85 -38.15
CA PRO C 460 19.30 6.82 -37.83
C PRO C 460 19.38 5.71 -38.88
N PHE C 461 20.60 5.20 -39.04
CA PHE C 461 20.97 4.18 -40.03
C PHE C 461 20.64 4.61 -41.45
N GLU C 462 20.99 5.86 -41.79
CA GLU C 462 20.79 6.39 -43.13
C GLU C 462 22.10 6.99 -43.63
N ARG C 463 22.16 7.21 -44.95
CA ARG C 463 23.33 7.76 -45.60
C ARG C 463 22.92 8.88 -46.54
N ASP C 464 23.89 9.72 -46.90
CA ASP C 464 23.67 10.82 -47.82
C ASP C 464 24.94 11.03 -48.64
N ILE C 465 24.89 10.70 -49.92
CA ILE C 465 26.05 10.81 -50.81
C ILE C 465 25.86 11.91 -51.85
N SER C 466 24.85 12.76 -51.67
CA SER C 466 24.60 13.84 -52.62
C SER C 466 25.71 14.89 -52.55
N THR C 467 26.28 15.22 -53.71
CA THR C 467 27.40 16.15 -53.80
C THR C 467 26.97 17.54 -54.24
N GLU C 468 25.66 17.81 -54.29
CA GLU C 468 25.17 19.10 -54.72
C GLU C 468 25.45 20.18 -53.69
N ILE C 469 25.60 21.41 -54.17
CA ILE C 469 25.99 22.53 -53.31
C ILE C 469 24.76 23.00 -52.54
N TYR C 470 24.85 22.97 -51.22
CA TYR C 470 23.78 23.45 -50.34
C TYR C 470 23.98 24.93 -50.06
N GLN C 471 22.91 25.71 -50.20
CA GLN C 471 22.93 27.13 -49.90
C GLN C 471 23.00 27.31 -48.39
N ALA C 472 24.19 27.62 -47.88
CA ALA C 472 24.37 27.83 -46.44
C ALA C 472 23.66 29.10 -45.98
N GLY C 473 23.72 30.16 -46.79
CA GLY C 473 23.00 31.38 -46.49
C GLY C 473 21.60 31.38 -47.08
N ASN C 474 20.87 32.45 -46.77
CA ASN C 474 19.50 32.59 -47.29
C ASN C 474 19.47 33.00 -48.74
N LYS C 475 20.57 33.54 -49.28
CA LYS C 475 20.62 33.91 -50.67
C LYS C 475 20.71 32.67 -51.56
N PRO C 476 20.12 32.73 -52.76
CA PRO C 476 20.28 31.60 -53.70
C PRO C 476 21.70 31.49 -54.21
N CYS C 477 22.10 30.26 -54.54
CA CYS C 477 23.44 29.99 -55.02
C CYS C 477 23.49 29.47 -56.45
N ASN C 478 22.40 28.88 -56.95
CA ASN C 478 22.23 28.43 -58.34
C ASN C 478 23.28 27.40 -58.76
N GLY C 479 23.72 26.57 -57.81
CA GLY C 479 24.71 25.56 -58.13
C GLY C 479 26.11 26.07 -58.37
N VAL C 480 26.42 27.26 -57.86
CA VAL C 480 27.74 27.88 -58.06
C VAL C 480 28.40 27.99 -56.69
N ALA C 481 29.65 27.52 -56.60
CA ALA C 481 30.39 27.58 -55.35
C ALA C 481 30.80 29.02 -55.04
N GLY C 482 30.83 29.33 -53.75
CA GLY C 482 31.20 30.68 -53.32
C GLY C 482 30.91 30.86 -51.84
N PHE C 483 30.85 32.14 -51.44
CA PHE C 483 30.54 32.47 -50.05
C PHE C 483 29.07 32.13 -49.77
N ASN C 484 28.85 31.45 -48.64
CA ASN C 484 27.60 30.81 -48.22
C ASN C 484 27.12 29.74 -49.21
N CYS C 485 27.98 29.28 -50.10
CA CYS C 485 27.67 28.25 -51.10
C CYS C 485 28.83 27.27 -51.20
N TYR C 486 29.35 26.84 -50.04
CA TYR C 486 30.54 26.00 -50.02
C TYR C 486 30.23 24.58 -50.49
N PHE C 487 31.28 23.87 -50.88
CA PHE C 487 31.15 22.46 -51.20
C PHE C 487 30.82 21.67 -49.94
N PRO C 488 29.86 20.75 -49.99
CA PRO C 488 29.42 20.09 -48.76
C PRO C 488 30.42 19.09 -48.20
N LEU C 489 31.06 18.30 -49.05
CA LEU C 489 31.91 17.20 -48.59
C LEU C 489 33.35 17.68 -48.46
N ARG C 490 33.70 18.16 -47.26
CA ARG C 490 35.06 18.55 -46.94
C ARG C 490 35.83 17.34 -46.41
N SER C 491 37.08 17.58 -45.99
CA SER C 491 37.93 16.52 -45.49
C SER C 491 38.76 17.04 -44.32
N TYR C 492 39.21 16.10 -43.48
CA TYR C 492 40.04 16.45 -42.33
C TYR C 492 41.52 16.31 -42.61
N SER C 493 41.91 15.49 -43.59
CA SER C 493 43.29 15.30 -44.07
C SER C 493 44.21 14.85 -42.92
N PHE C 494 43.94 13.62 -42.46
CA PHE C 494 44.63 13.05 -41.30
C PHE C 494 46.12 12.86 -41.57
N ARG C 495 46.94 13.28 -40.62
CA ARG C 495 48.38 13.19 -40.66
C ARG C 495 48.89 12.52 -39.39
N PRO C 496 50.04 11.83 -39.47
CA PRO C 496 50.62 11.26 -38.23
C PRO C 496 51.14 12.31 -37.26
N THR C 497 51.34 13.55 -37.69
CA THR C 497 51.82 14.62 -36.82
C THR C 497 50.70 15.32 -36.05
N TYR C 498 49.45 14.90 -36.24
CA TYR C 498 48.34 15.52 -35.54
C TYR C 498 48.32 15.09 -34.08
N GLY C 499 47.51 15.82 -33.29
CA GLY C 499 47.26 15.41 -31.93
C GLY C 499 46.39 14.18 -31.85
N VAL C 500 46.45 13.53 -30.69
CA VAL C 500 45.80 12.23 -30.47
C VAL C 500 44.29 12.33 -30.57
N GLY C 501 43.72 13.48 -30.18
CA GLY C 501 42.30 13.72 -30.39
C GLY C 501 41.93 13.82 -31.85
N HIS C 502 42.81 14.36 -32.69
CA HIS C 502 42.54 14.53 -34.10
C HIS C 502 43.11 13.41 -34.96
N GLN C 503 43.64 12.36 -34.33
CA GLN C 503 44.16 11.22 -35.08
C GLN C 503 43.00 10.41 -35.67
N PRO C 504 43.22 9.77 -36.83
CA PRO C 504 42.17 8.91 -37.39
C PRO C 504 41.98 7.64 -36.58
N TYR C 505 40.74 7.14 -36.56
CA TYR C 505 40.37 5.96 -35.81
C TYR C 505 39.54 5.06 -36.70
N ARG C 506 39.85 3.76 -36.69
CA ARG C 506 39.04 2.75 -37.36
C ARG C 506 37.98 2.28 -36.38
N VAL C 507 36.71 2.42 -36.77
CA VAL C 507 35.58 2.08 -35.91
C VAL C 507 34.70 1.07 -36.62
N VAL C 508 34.24 0.06 -35.88
CA VAL C 508 33.26 -0.90 -36.36
C VAL C 508 32.11 -0.93 -35.37
N VAL C 509 30.90 -0.72 -35.85
CA VAL C 509 29.69 -0.77 -35.05
C VAL C 509 28.93 -2.03 -35.44
N LEU C 510 28.69 -2.89 -34.45
CA LEU C 510 27.90 -4.11 -34.64
C LEU C 510 26.52 -3.86 -34.05
N SER C 511 25.50 -3.99 -34.88
CA SER C 511 24.11 -3.85 -34.45
C SER C 511 23.44 -5.21 -34.50
N PHE C 512 22.84 -5.60 -33.37
CA PHE C 512 22.14 -6.87 -33.25
C PHE C 512 20.64 -6.66 -33.48
N GLU C 513 19.94 -7.77 -33.70
CA GLU C 513 18.48 -7.78 -33.85
C GLU C 513 17.94 -8.88 -32.93
N LEU C 514 17.54 -8.49 -31.72
CA LEU C 514 16.99 -9.43 -30.74
C LEU C 514 15.48 -9.35 -30.80
N LEU C 515 14.89 -10.24 -31.59
CA LEU C 515 13.44 -10.29 -31.79
C LEU C 515 12.94 -11.70 -31.52
N HIS C 516 11.64 -11.90 -31.76
CA HIS C 516 11.03 -13.24 -31.70
C HIS C 516 11.02 -13.88 -33.08
N ALA C 517 12.18 -13.92 -33.71
CA ALA C 517 12.37 -14.38 -35.08
C ALA C 517 13.33 -15.57 -35.09
N PRO C 518 13.32 -16.38 -36.16
CA PRO C 518 14.34 -17.42 -36.30
C PRO C 518 15.75 -16.82 -36.37
N ALA C 519 16.69 -17.48 -35.69
CA ALA C 519 18.03 -16.96 -35.51
C ALA C 519 18.97 -17.58 -36.54
N THR C 520 19.82 -16.74 -37.14
CA THR C 520 20.84 -17.20 -38.07
C THR C 520 22.24 -17.13 -37.49
N VAL C 521 22.52 -16.15 -36.64
CA VAL C 521 23.82 -16.03 -35.99
C VAL C 521 23.69 -16.61 -34.58
N CYS C 522 24.59 -17.51 -34.21
CA CYS C 522 24.56 -18.08 -32.87
C CYS C 522 25.97 -18.25 -32.35
N GLY C 523 26.11 -18.19 -31.03
CA GLY C 523 27.40 -18.37 -30.40
C GLY C 523 27.85 -19.82 -30.44
N PRO C 524 29.14 -20.05 -30.19
CA PRO C 524 29.64 -21.44 -30.20
C PRO C 524 29.18 -22.25 -29.01
N LYS C 525 28.24 -23.15 -29.24
CA LYS C 525 27.70 -24.01 -28.19
C LYS C 525 27.22 -25.30 -28.82
N LYS C 526 27.39 -26.40 -28.10
CA LYS C 526 27.08 -27.73 -28.61
C LYS C 526 25.66 -28.12 -28.19
N SER C 527 24.84 -28.46 -29.17
CA SER C 527 23.47 -28.86 -28.90
C SER C 527 23.41 -30.32 -28.45
N THR C 528 22.54 -30.60 -27.50
CA THR C 528 22.35 -31.94 -26.96
C THR C 528 21.07 -32.55 -27.51
N ASN C 529 20.74 -33.75 -27.03
CA ASN C 529 19.54 -34.44 -27.44
C ASN C 529 18.30 -33.80 -26.80
N LEU C 530 17.14 -34.16 -27.32
CA LEU C 530 15.87 -33.63 -26.83
C LEU C 530 15.18 -34.67 -25.96
N VAL C 531 14.79 -34.27 -24.75
CA VAL C 531 14.10 -35.13 -23.81
C VAL C 531 12.71 -34.54 -23.55
N LYS C 532 11.67 -35.32 -23.79
CA LYS C 532 10.30 -34.89 -23.62
C LYS C 532 9.67 -35.59 -22.42
N ASN C 533 8.62 -34.95 -21.89
CA ASN C 533 7.82 -35.45 -20.77
C ASN C 533 8.66 -35.70 -19.51
N LYS C 534 9.59 -34.79 -19.24
CA LYS C 534 10.40 -34.86 -18.03
C LYS C 534 10.79 -33.44 -17.63
N CYS C 535 10.80 -33.19 -16.32
CA CYS C 535 11.18 -31.89 -15.78
C CYS C 535 12.69 -31.70 -15.96
N VAL C 536 13.06 -30.85 -16.92
CA VAL C 536 14.46 -30.61 -17.26
C VAL C 536 14.70 -29.12 -17.41
N ASN C 537 15.95 -28.72 -17.21
CA ASN C 537 16.42 -27.41 -17.63
C ASN C 537 16.60 -27.40 -19.14
N PHE C 538 16.33 -26.25 -19.76
CA PHE C 538 16.44 -26.15 -21.21
C PHE C 538 17.00 -24.78 -21.60
N ASN C 539 17.62 -24.77 -22.78
CA ASN C 539 18.24 -23.58 -23.36
C ASN C 539 17.94 -23.61 -24.86
N PHE C 540 16.88 -22.91 -25.25
CA PHE C 540 16.44 -22.82 -26.65
C PHE C 540 16.88 -21.46 -27.20
N ASN C 541 17.97 -21.47 -27.98
CA ASN C 541 18.50 -20.29 -28.70
C ASN C 541 18.80 -19.13 -27.75
N GLY C 542 19.42 -19.44 -26.62
CA GLY C 542 19.70 -18.43 -25.61
C GLY C 542 18.56 -18.15 -24.67
N LEU C 543 17.41 -18.79 -24.85
CA LEU C 543 16.27 -18.66 -23.95
C LEU C 543 16.34 -19.78 -22.94
N LYS C 544 16.67 -19.45 -21.69
CA LYS C 544 16.82 -20.45 -20.66
C LYS C 544 15.52 -20.63 -19.88
N GLY C 545 15.37 -21.81 -19.30
CA GLY C 545 14.20 -22.08 -18.47
C GLY C 545 14.28 -23.44 -17.86
N THR C 546 13.25 -23.76 -17.07
CA THR C 546 13.13 -25.06 -16.41
C THR C 546 11.68 -25.51 -16.49
N GLY C 547 11.44 -26.68 -17.05
CA GLY C 547 10.08 -27.14 -17.20
C GLY C 547 10.02 -28.47 -17.91
N VAL C 548 8.82 -28.80 -18.36
CA VAL C 548 8.53 -30.03 -19.09
C VAL C 548 8.18 -29.63 -20.52
N LEU C 549 8.91 -30.20 -21.48
CA LEU C 549 8.68 -29.95 -22.89
C LEU C 549 7.81 -31.06 -23.45
N THR C 550 6.63 -30.71 -23.93
CA THR C 550 5.68 -31.69 -24.44
C THR C 550 5.35 -31.38 -25.90
N GLU C 551 4.94 -32.43 -26.62
CA GLU C 551 4.47 -32.24 -27.99
C GLU C 551 3.13 -31.54 -27.98
N SER C 552 2.93 -30.62 -28.93
CA SER C 552 1.76 -29.77 -28.94
C SER C 552 1.17 -29.74 -30.35
N ASN C 553 -0.12 -29.42 -30.40
CA ASN C 553 -0.86 -29.32 -31.66
C ASN C 553 -1.08 -27.87 -32.07
N LYS C 554 -0.22 -26.96 -31.62
CA LYS C 554 -0.36 -25.55 -31.99
C LYS C 554 0.04 -25.34 -33.45
N LYS C 555 -0.80 -24.61 -34.18
CA LYS C 555 -0.60 -24.36 -35.60
C LYS C 555 0.18 -23.06 -35.75
N PHE C 556 1.50 -23.17 -35.71
CA PHE C 556 2.35 -21.99 -35.84
C PHE C 556 2.36 -21.48 -37.28
N LEU C 557 2.37 -20.16 -37.42
CA LEU C 557 2.61 -19.55 -38.72
C LEU C 557 4.09 -19.75 -39.10
N PRO C 558 4.40 -19.82 -40.41
CA PRO C 558 5.79 -20.09 -40.82
C PRO C 558 6.80 -19.03 -40.41
N PHE C 559 6.38 -17.79 -40.18
CA PHE C 559 7.29 -16.75 -39.72
C PHE C 559 7.39 -16.66 -38.21
N GLN C 560 6.61 -17.45 -37.48
CA GLN C 560 6.57 -17.37 -36.02
C GLN C 560 7.54 -18.37 -35.41
N GLN C 561 8.16 -17.96 -34.29
CA GLN C 561 9.13 -18.78 -33.59
C GLN C 561 8.69 -19.14 -32.17
N PHE C 562 8.28 -18.15 -31.38
CA PHE C 562 7.91 -18.37 -30.00
C PHE C 562 6.44 -18.01 -29.78
N GLY C 563 5.85 -18.59 -28.74
CA GLY C 563 4.47 -18.31 -28.37
C GLY C 563 4.41 -17.74 -26.97
N ARG C 564 3.43 -16.85 -26.75
CA ARG C 564 3.30 -16.17 -25.47
C ARG C 564 1.88 -16.30 -24.94
N ASP C 565 1.78 -16.38 -23.61
CA ASP C 565 0.50 -16.51 -22.91
C ASP C 565 0.00 -15.12 -22.51
N ILE C 566 -0.98 -15.08 -21.59
CA ILE C 566 -1.56 -13.82 -21.14
C ILE C 566 -0.54 -13.01 -20.34
N ALA C 567 0.29 -13.69 -19.55
CA ALA C 567 1.27 -13.04 -18.69
C ALA C 567 2.56 -12.69 -19.43
N ASP C 568 2.59 -12.85 -20.76
CA ASP C 568 3.73 -12.54 -21.64
C ASP C 568 5.00 -13.30 -21.24
N THR C 569 4.83 -14.56 -20.84
CA THR C 569 5.95 -15.48 -20.70
C THR C 569 5.95 -16.45 -21.88
N THR C 570 7.07 -17.13 -22.06
CA THR C 570 7.19 -18.07 -23.17
C THR C 570 6.44 -19.35 -22.84
N ASP C 571 5.49 -19.73 -23.70
CA ASP C 571 4.65 -20.90 -23.51
C ASP C 571 4.89 -21.98 -24.55
N ALA C 572 5.16 -21.60 -25.78
CA ALA C 572 5.45 -22.55 -26.85
C ALA C 572 6.71 -22.11 -27.59
N VAL C 573 7.58 -23.07 -27.87
CA VAL C 573 8.81 -22.81 -28.61
C VAL C 573 8.81 -23.67 -29.87
N ARG C 574 9.65 -23.28 -30.82
CA ARG C 574 9.92 -24.07 -32.00
C ARG C 574 11.34 -24.61 -31.91
N ASP C 575 11.47 -25.92 -32.09
CA ASP C 575 12.78 -26.57 -32.06
C ASP C 575 13.57 -26.13 -33.29
N PRO C 576 14.77 -25.57 -33.13
CA PRO C 576 15.47 -24.99 -34.28
C PRO C 576 16.03 -26.02 -35.26
N GLN C 577 16.33 -27.24 -34.80
CA GLN C 577 16.87 -28.24 -35.72
C GLN C 577 15.77 -28.87 -36.56
N THR C 578 14.82 -29.55 -35.91
CA THR C 578 13.66 -30.10 -36.58
C THR C 578 12.45 -29.24 -36.26
N LEU C 579 11.72 -28.83 -37.29
CA LEU C 579 10.65 -27.84 -37.10
C LEU C 579 9.46 -28.45 -36.38
N GLU C 580 9.52 -28.46 -35.05
CA GLU C 580 8.50 -29.03 -34.19
C GLU C 580 8.14 -28.03 -33.11
N ILE C 581 6.87 -28.05 -32.71
CA ILE C 581 6.35 -27.11 -31.71
C ILE C 581 6.29 -27.82 -30.37
N LEU C 582 6.84 -27.19 -29.34
CA LEU C 582 6.91 -27.77 -28.00
C LEU C 582 6.25 -26.83 -27.00
N ASP C 583 5.37 -27.38 -26.17
CA ASP C 583 4.77 -26.64 -25.07
C ASP C 583 5.64 -26.77 -23.83
N ILE C 584 5.78 -25.66 -23.10
CA ILE C 584 6.56 -25.61 -21.87
C ILE C 584 5.60 -25.54 -20.71
N THR C 585 5.66 -26.53 -19.83
CA THR C 585 4.84 -26.56 -18.64
C THR C 585 5.73 -26.48 -17.41
N PRO C 586 5.40 -25.65 -16.41
CA PRO C 586 6.18 -25.64 -15.17
C PRO C 586 6.08 -26.96 -14.43
N CYS C 587 7.15 -27.30 -13.72
CA CYS C 587 7.25 -28.58 -13.06
C CYS C 587 6.29 -28.65 -11.86
N SER C 588 6.08 -29.88 -11.38
CA SER C 588 5.04 -30.16 -10.39
C SER C 588 5.35 -29.50 -9.05
N PHE C 589 4.33 -28.92 -8.45
CA PHE C 589 4.49 -28.20 -7.19
C PHE C 589 3.17 -28.20 -6.44
N GLY C 590 3.19 -27.59 -5.26
CA GLY C 590 2.00 -27.45 -4.45
C GLY C 590 2.36 -27.08 -3.04
N GLY C 591 1.32 -26.91 -2.23
CA GLY C 591 1.49 -26.54 -0.84
C GLY C 591 1.68 -27.75 0.06
N VAL C 592 2.41 -27.53 1.15
CA VAL C 592 2.68 -28.56 2.15
C VAL C 592 2.15 -28.07 3.49
N SER C 593 1.34 -28.90 4.13
CA SER C 593 0.80 -28.59 5.46
C SER C 593 1.14 -29.71 6.43
N VAL C 594 1.33 -29.34 7.68
CA VAL C 594 1.71 -30.26 8.74
C VAL C 594 0.57 -30.31 9.75
N ILE C 595 -0.04 -31.47 9.90
CA ILE C 595 -1.08 -31.69 10.90
C ILE C 595 -0.42 -32.38 12.09
N THR C 596 -0.44 -31.72 13.24
CA THR C 596 0.21 -32.26 14.41
C THR C 596 -0.65 -32.03 15.65
N PRO C 597 -0.53 -32.90 16.65
CA PRO C 597 -1.04 -32.55 17.99
C PRO C 597 -0.02 -31.70 18.75
N GLY C 598 -0.28 -31.45 20.02
CA GLY C 598 0.67 -30.69 20.82
C GLY C 598 1.96 -31.48 21.03
N THR C 599 3.08 -30.74 21.09
CA THR C 599 4.38 -31.38 21.28
C THR C 599 4.53 -31.97 22.68
N ASN C 600 3.77 -31.45 23.65
CA ASN C 600 3.71 -32.07 24.96
C ASN C 600 2.98 -33.42 24.90
N THR C 601 2.02 -33.55 24.00
CA THR C 601 1.29 -34.81 23.87
C THR C 601 2.14 -35.86 23.16
N SER C 602 2.58 -35.56 21.94
CA SER C 602 3.36 -36.50 21.14
C SER C 602 4.14 -35.73 20.09
N ASN C 603 4.84 -36.47 19.23
CA ASN C 603 5.61 -35.91 18.13
C ASN C 603 5.24 -36.55 16.79
N GLN C 604 4.10 -37.22 16.72
CA GLN C 604 3.66 -37.83 15.47
C GLN C 604 3.04 -36.78 14.56
N VAL C 605 3.39 -36.83 13.28
CA VAL C 605 3.14 -35.76 12.33
C VAL C 605 2.49 -36.36 11.07
N ALA C 606 1.42 -35.74 10.60
CA ALA C 606 0.83 -36.04 9.30
C ALA C 606 1.15 -34.91 8.33
N VAL C 607 1.31 -35.27 7.05
CA VAL C 607 1.69 -34.32 6.01
C VAL C 607 0.61 -34.30 4.93
N LEU C 608 0.09 -33.12 4.62
CA LEU C 608 -0.91 -32.94 3.58
C LEU C 608 -0.27 -32.21 2.41
N TYR C 609 -0.37 -32.80 1.22
CA TYR C 609 0.06 -32.16 -0.03
C TYR C 609 -1.18 -31.61 -0.70
N GLN C 610 -1.24 -30.28 -0.84
CA GLN C 610 -2.45 -29.61 -1.31
C GLN C 610 -2.47 -29.55 -2.83
N GLY C 611 -3.63 -29.91 -3.41
CA GLY C 611 -3.80 -29.83 -4.85
C GLY C 611 -3.10 -30.89 -5.64
N VAL C 612 -2.65 -31.97 -5.00
CA VAL C 612 -1.88 -33.02 -5.66
C VAL C 612 -2.67 -34.32 -5.58
N ASN C 613 -2.83 -34.98 -6.72
CA ASN C 613 -3.40 -36.31 -6.77
C ASN C 613 -2.48 -37.30 -6.04
N CYS C 614 -3.09 -38.26 -5.34
CA CYS C 614 -2.32 -39.24 -4.57
C CYS C 614 -1.54 -40.22 -5.44
N THR C 615 -1.84 -40.30 -6.74
CA THR C 615 -0.96 -41.07 -7.63
C THR C 615 0.32 -40.31 -7.96
N GLU C 616 0.26 -38.98 -7.94
CA GLU C 616 1.41 -38.15 -8.26
C GLU C 616 2.39 -38.01 -7.10
N VAL C 617 1.97 -38.34 -5.89
CA VAL C 617 2.83 -38.23 -4.70
C VAL C 617 3.94 -39.29 -4.66
N PRO C 618 3.74 -40.58 -5.01
CA PRO C 618 4.91 -41.45 -5.17
C PRO C 618 5.83 -41.05 -6.30
N VAL C 619 5.32 -40.37 -7.33
CA VAL C 619 6.20 -39.76 -8.31
C VAL C 619 7.01 -38.63 -7.68
N ALA C 620 6.36 -37.83 -6.82
CA ALA C 620 7.03 -36.76 -6.10
C ALA C 620 7.66 -37.31 -4.81
N ILE C 621 8.66 -38.17 -5.01
CA ILE C 621 9.44 -38.77 -3.94
C ILE C 621 10.90 -38.45 -4.24
N HIS C 622 11.75 -38.62 -3.22
CA HIS C 622 13.14 -38.13 -3.29
C HIS C 622 14.06 -39.04 -4.12
N ALA C 623 13.53 -39.96 -4.92
CA ALA C 623 14.34 -40.56 -5.98
C ALA C 623 14.76 -39.49 -6.99
N ASP C 624 13.85 -38.59 -7.33
CA ASP C 624 14.16 -37.34 -7.99
C ASP C 624 14.15 -36.22 -6.95
N GLN C 625 15.02 -35.23 -7.13
CA GLN C 625 15.24 -34.22 -6.10
C GLN C 625 14.02 -33.30 -5.95
N LEU C 626 13.68 -33.00 -4.69
CA LEU C 626 12.57 -32.14 -4.36
C LEU C 626 13.07 -31.00 -3.47
N THR C 627 12.18 -30.02 -3.24
CA THR C 627 12.50 -28.94 -2.32
C THR C 627 12.67 -29.41 -0.86
N PRO C 628 11.76 -30.21 -0.27
CA PRO C 628 12.10 -30.74 1.07
C PRO C 628 12.98 -31.98 0.98
N THR C 629 13.88 -32.11 1.95
CA THR C 629 14.81 -33.24 1.97
C THR C 629 14.11 -34.52 2.37
N TRP C 630 13.19 -34.45 3.35
CA TRP C 630 12.55 -35.65 3.87
C TRP C 630 11.54 -36.21 2.88
N ARG C 631 11.49 -37.54 2.80
CA ARG C 631 10.48 -38.23 1.99
C ARG C 631 9.93 -39.49 2.66
N VAL C 632 10.36 -39.80 3.89
CA VAL C 632 10.08 -41.08 4.54
C VAL C 632 8.61 -41.27 4.85
N TYR C 633 7.82 -40.20 4.86
CA TYR C 633 6.37 -40.35 5.01
C TYR C 633 5.75 -40.98 3.78
N SER C 634 6.24 -40.62 2.58
CA SER C 634 5.64 -41.03 1.32
C SER C 634 5.70 -42.53 1.08
N THR C 635 6.61 -43.24 1.75
CA THR C 635 6.61 -44.70 1.75
C THR C 635 5.75 -45.19 2.90
N GLY C 636 4.71 -45.95 2.58
CA GLY C 636 3.80 -46.46 3.59
C GLY C 636 2.39 -46.64 3.08
N SER C 637 1.54 -47.25 3.90
CA SER C 637 0.15 -47.53 3.54
C SER C 637 -0.82 -46.48 4.07
N ASN C 638 -0.33 -45.43 4.71
CA ASN C 638 -1.18 -44.40 5.29
C ASN C 638 -1.43 -43.25 4.32
N VAL C 639 -1.93 -43.57 3.13
CA VAL C 639 -2.19 -42.57 2.09
C VAL C 639 -3.69 -42.48 1.88
N PHE C 640 -4.23 -41.26 2.02
CA PHE C 640 -5.65 -41.00 1.84
C PHE C 640 -5.83 -39.84 0.89
N GLN C 641 -6.90 -39.90 0.09
CA GLN C 641 -7.18 -38.90 -0.94
C GLN C 641 -8.37 -38.05 -0.52
N THR C 642 -8.17 -36.73 -0.47
CA THR C 642 -9.21 -35.78 -0.14
C THR C 642 -9.31 -34.74 -1.25
N ARG C 643 -10.41 -33.99 -1.25
CA ARG C 643 -10.56 -32.90 -2.21
C ARG C 643 -9.57 -31.77 -1.96
N ALA C 644 -9.03 -31.67 -0.74
CA ALA C 644 -7.93 -30.77 -0.47
C ALA C 644 -6.61 -31.26 -1.05
N GLY C 645 -6.43 -32.55 -1.23
CA GLY C 645 -5.18 -33.06 -1.75
C GLY C 645 -4.92 -34.49 -1.31
N CYS C 646 -3.72 -34.73 -0.80
CA CYS C 646 -3.31 -36.09 -0.47
C CYS C 646 -2.71 -36.08 0.93
N LEU C 647 -3.33 -36.82 1.84
CA LEU C 647 -2.92 -36.85 3.25
C LEU C 647 -2.10 -38.11 3.51
N ILE C 648 -0.98 -37.93 4.20
CA ILE C 648 -0.02 -39.00 4.45
C ILE C 648 0.27 -39.07 5.94
N GLY C 649 0.11 -40.25 6.53
CA GLY C 649 0.40 -40.46 7.93
C GLY C 649 -0.80 -40.58 8.82
N ALA C 650 -2.01 -40.38 8.30
CA ALA C 650 -3.23 -40.49 9.08
C ALA C 650 -4.11 -41.58 8.49
N GLU C 651 -4.53 -42.51 9.32
CA GLU C 651 -5.41 -43.60 8.89
C GLU C 651 -6.86 -43.12 8.89
N TYR C 652 -7.57 -43.40 7.81
CA TYR C 652 -8.97 -42.98 7.70
C TYR C 652 -9.85 -43.85 8.58
N VAL C 653 -10.72 -43.20 9.36
CA VAL C 653 -11.62 -43.86 10.29
C VAL C 653 -13.04 -43.45 9.94
N ASN C 654 -13.92 -44.44 9.77
CA ASN C 654 -15.31 -44.17 9.40
C ASN C 654 -16.12 -43.54 10.53
N ASN C 655 -15.67 -43.69 11.77
CA ASN C 655 -16.42 -43.14 12.91
C ASN C 655 -16.30 -41.63 12.94
N SER C 656 -17.42 -40.94 12.73
CA SER C 656 -17.44 -39.50 12.66
C SER C 656 -17.50 -38.89 14.05
N TYR C 657 -16.55 -38.02 14.37
CA TYR C 657 -16.54 -37.26 15.61
C TYR C 657 -16.63 -35.77 15.27
N GLU C 658 -16.49 -34.94 16.30
CA GLU C 658 -16.41 -33.50 16.09
C GLU C 658 -15.06 -33.14 15.48
N CYS C 659 -15.02 -31.98 14.82
CA CYS C 659 -13.83 -31.56 14.10
C CYS C 659 -12.78 -31.06 15.08
N ASP C 660 -11.65 -31.76 15.14
CA ASP C 660 -10.53 -31.36 16.00
C ASP C 660 -9.52 -30.52 15.25
N ILE C 661 -8.93 -31.06 14.18
CA ILE C 661 -8.02 -30.33 13.30
C ILE C 661 -8.61 -30.34 11.90
N PRO C 662 -9.15 -29.22 11.40
CA PRO C 662 -9.78 -29.24 10.08
C PRO C 662 -8.75 -29.37 8.96
N ILE C 663 -9.18 -29.97 7.84
CA ILE C 663 -8.34 -30.15 6.67
C ILE C 663 -8.97 -29.54 5.43
N GLY C 664 -10.20 -29.90 5.14
CA GLY C 664 -10.94 -29.35 4.02
C GLY C 664 -11.93 -30.36 3.47
N ALA C 665 -13.02 -29.83 2.90
CA ALA C 665 -14.10 -30.60 2.26
C ALA C 665 -14.71 -31.64 3.19
N GLY C 666 -14.90 -31.27 4.45
CA GLY C 666 -15.52 -32.15 5.42
C GLY C 666 -14.61 -33.19 6.03
N ILE C 667 -13.30 -32.96 6.03
CA ILE C 667 -12.33 -33.89 6.60
C ILE C 667 -11.64 -33.22 7.77
N CYS C 668 -11.56 -33.93 8.89
CA CYS C 668 -10.84 -33.47 10.06
C CYS C 668 -9.91 -34.58 10.53
N ALA C 669 -8.98 -34.21 11.42
CA ALA C 669 -8.00 -35.15 11.93
C ALA C 669 -7.79 -34.91 13.41
N SER C 670 -7.40 -35.95 14.12
CA SER C 670 -7.16 -35.86 15.55
C SER C 670 -6.10 -36.87 15.95
N TYR C 671 -5.69 -36.82 17.22
CA TYR C 671 -4.72 -37.74 17.78
C TYR C 671 -5.44 -38.56 18.85
N GLN C 672 -5.75 -39.82 18.52
CA GLN C 672 -6.59 -40.65 19.37
C GLN C 672 -6.00 -42.05 19.52
N THR C 673 -6.56 -42.78 20.48
CA THR C 673 -6.21 -44.19 20.69
C THR C 673 -7.20 -45.06 19.93
N GLN C 674 -6.95 -45.18 18.62
CA GLN C 674 -7.81 -45.96 17.73
C GLN C 674 -7.16 -47.25 17.27
N THR C 675 -6.04 -47.64 17.86
CA THR C 675 -5.37 -48.89 17.51
C THR C 675 -5.40 -49.86 18.68
N SER C 686 0.03 -46.88 21.34
CA SER C 686 -1.29 -47.24 20.83
C SER C 686 -2.05 -46.01 20.36
N GLN C 687 -1.34 -44.88 20.31
CA GLN C 687 -1.90 -43.61 19.89
C GLN C 687 -1.48 -43.29 18.47
N SER C 688 -2.40 -42.73 17.69
CA SER C 688 -2.09 -42.40 16.30
C SER C 688 -2.98 -41.25 15.83
N ILE C 689 -2.57 -40.65 14.72
CA ILE C 689 -3.35 -39.60 14.06
C ILE C 689 -4.38 -40.26 13.16
N ILE C 690 -5.64 -39.90 13.35
CA ILE C 690 -6.75 -40.46 12.56
C ILE C 690 -7.40 -39.33 11.79
N ALA C 691 -7.96 -39.69 10.63
CA ALA C 691 -8.68 -38.77 9.76
C ALA C 691 -10.11 -39.29 9.62
N TYR C 692 -11.07 -38.38 9.69
CA TYR C 692 -12.48 -38.77 9.67
C TYR C 692 -13.32 -37.66 9.06
N THR C 693 -14.49 -38.05 8.55
CA THR C 693 -15.49 -37.07 8.18
C THR C 693 -16.07 -36.45 9.45
N MET C 694 -16.30 -35.15 9.41
CA MET C 694 -16.81 -34.46 10.59
C MET C 694 -18.29 -34.76 10.81
N SER C 695 -18.69 -34.81 12.07
CA SER C 695 -20.06 -35.10 12.47
C SER C 695 -20.78 -33.80 12.78
N LEU C 696 -21.97 -33.65 12.23
CA LEU C 696 -22.73 -32.42 12.39
C LEU C 696 -23.50 -32.35 13.70
N GLY C 697 -23.62 -33.46 14.41
CA GLY C 697 -24.38 -33.50 15.65
C GLY C 697 -25.23 -34.74 15.76
N ALA C 698 -25.92 -34.90 16.89
CA ALA C 698 -26.78 -36.06 17.09
C ALA C 698 -28.03 -35.93 16.24
N GLU C 699 -28.43 -37.03 15.59
CA GLU C 699 -29.63 -37.05 14.79
C GLU C 699 -30.86 -37.14 15.68
N ASN C 700 -31.89 -36.37 15.36
CA ASN C 700 -33.10 -36.31 16.15
C ASN C 700 -34.31 -36.32 15.24
N SER C 701 -35.44 -36.76 15.77
CA SER C 701 -36.70 -36.80 15.05
C SER C 701 -37.81 -36.35 15.98
N VAL C 702 -38.43 -35.21 15.67
CA VAL C 702 -39.54 -34.72 16.49
C VAL C 702 -40.78 -35.56 16.22
N ALA C 703 -41.41 -36.03 17.28
CA ALA C 703 -42.63 -36.85 17.18
C ALA C 703 -43.82 -35.93 16.91
N TYR C 704 -43.91 -35.46 15.67
CA TYR C 704 -44.94 -34.52 15.29
C TYR C 704 -46.25 -35.25 14.99
N SER C 705 -47.35 -34.70 15.52
CA SER C 705 -48.69 -35.16 15.20
C SER C 705 -49.61 -33.95 15.26
N ASN C 706 -50.76 -34.05 14.58
CA ASN C 706 -51.67 -32.94 14.47
C ASN C 706 -52.70 -32.88 15.60
N ASN C 707 -52.49 -33.66 16.67
CA ASN C 707 -53.29 -33.47 17.87
C ASN C 707 -52.46 -33.60 19.15
N SER C 708 -51.13 -33.54 19.08
CA SER C 708 -50.27 -33.73 20.24
C SER C 708 -49.38 -32.51 20.44
N ILE C 709 -49.29 -32.06 21.69
CA ILE C 709 -48.41 -30.95 22.06
C ILE C 709 -47.61 -31.38 23.29
N ALA C 710 -46.41 -30.83 23.43
CA ALA C 710 -45.54 -31.07 24.56
C ALA C 710 -45.31 -29.75 25.28
N ILE C 711 -45.69 -29.69 26.55
CA ILE C 711 -45.64 -28.48 27.35
C ILE C 711 -44.70 -28.74 28.52
N PRO C 712 -43.70 -27.89 28.76
CA PRO C 712 -42.74 -28.14 29.85
C PRO C 712 -43.39 -27.97 31.22
N THR C 713 -43.03 -28.85 32.15
CA THR C 713 -43.52 -28.79 33.52
C THR C 713 -42.53 -28.18 34.48
N ASN C 714 -41.32 -27.89 33.98
CA ASN C 714 -40.27 -27.34 34.86
C ASN C 714 -39.35 -26.45 34.05
N PHE C 715 -38.46 -25.72 34.73
CA PHE C 715 -37.52 -24.82 34.09
C PHE C 715 -36.14 -24.97 34.71
N THR C 716 -35.22 -24.15 34.23
CA THR C 716 -33.91 -23.97 34.83
C THR C 716 -33.42 -22.57 34.52
N ILE C 717 -32.50 -22.10 35.35
CA ILE C 717 -31.90 -20.78 35.21
C ILE C 717 -30.44 -20.99 34.84
N SER C 718 -30.04 -20.46 33.67
CA SER C 718 -28.69 -20.62 33.17
C SER C 718 -28.05 -19.25 32.98
N VAL C 719 -26.89 -19.04 33.56
CA VAL C 719 -26.15 -17.80 33.40
C VAL C 719 -24.94 -18.10 32.51
N THR C 720 -24.92 -17.51 31.33
CA THR C 720 -23.89 -17.73 30.33
C THR C 720 -22.97 -16.52 30.23
N THR C 721 -21.79 -16.75 29.66
CA THR C 721 -20.74 -15.74 29.60
C THR C 721 -20.45 -15.38 28.15
N GLU C 722 -20.36 -14.08 27.87
CA GLU C 722 -20.05 -13.60 26.53
C GLU C 722 -18.94 -12.56 26.62
N ILE C 723 -17.91 -12.70 25.79
CA ILE C 723 -16.72 -11.86 25.83
C ILE C 723 -16.66 -11.05 24.54
N LEU C 724 -16.54 -9.73 24.66
CA LEU C 724 -16.51 -8.85 23.49
C LEU C 724 -15.36 -7.88 23.60
N PRO C 725 -14.46 -7.82 22.61
CA PRO C 725 -13.42 -6.78 22.62
C PRO C 725 -14.01 -5.40 22.38
N VAL C 726 -13.37 -4.39 22.99
CA VAL C 726 -13.85 -3.01 22.95
C VAL C 726 -12.80 -2.07 22.38
N SER C 727 -11.59 -2.12 22.92
CA SER C 727 -10.50 -1.25 22.47
C SER C 727 -9.23 -2.07 22.34
N MET C 728 -8.30 -1.56 21.54
CA MET C 728 -6.99 -2.18 21.37
C MET C 728 -5.90 -1.22 21.84
N THR C 729 -4.66 -1.60 21.59
CA THR C 729 -3.52 -0.83 22.08
C THR C 729 -3.33 0.45 21.27
N LYS C 730 -3.16 1.57 21.97
CA LYS C 730 -2.88 2.85 21.33
C LYS C 730 -1.38 2.99 21.14
N THR C 731 -0.95 3.11 19.88
CA THR C 731 0.47 3.18 19.55
C THR C 731 0.78 4.48 18.83
N SER C 732 2.07 4.83 18.84
CA SER C 732 2.59 5.99 18.13
C SER C 732 3.98 5.66 17.63
N VAL C 733 4.32 6.20 16.45
CA VAL C 733 5.56 5.87 15.77
C VAL C 733 6.33 7.16 15.49
N ASP C 734 7.60 7.21 15.90
CA ASP C 734 8.51 8.28 15.51
C ASP C 734 9.09 7.94 14.15
N CYS C 735 8.64 8.68 13.13
CA CYS C 735 8.92 8.32 11.74
C CYS C 735 10.40 8.49 11.40
N THR C 736 10.98 9.62 11.78
CA THR C 736 12.38 9.92 11.44
C THR C 736 13.34 8.98 12.16
N MET C 737 13.10 8.73 13.45
CA MET C 737 14.00 7.87 14.20
C MET C 737 13.81 6.40 13.83
N TYR C 738 12.61 6.01 13.41
CA TYR C 738 12.44 4.65 12.91
C TYR C 738 13.11 4.46 11.56
N ILE C 739 12.97 5.42 10.65
CA ILE C 739 13.49 5.25 9.30
C ILE C 739 15.01 5.35 9.29
N CYS C 740 15.57 6.40 9.90
CA CYS C 740 17.01 6.61 9.83
C CYS C 740 17.71 6.38 11.16
N GLY C 741 17.41 7.19 12.17
CA GLY C 741 17.90 6.92 13.51
C GLY C 741 19.25 7.53 13.76
N ASP C 742 19.30 8.65 14.48
CA ASP C 742 20.53 9.36 14.87
C ASP C 742 21.42 9.68 13.68
N SER C 743 20.81 10.13 12.58
CA SER C 743 21.54 10.35 11.33
C SER C 743 21.01 11.62 10.66
N THR C 744 21.80 12.69 10.71
CA THR C 744 21.36 13.98 10.19
C THR C 744 21.30 13.96 8.66
N GLU C 745 22.26 13.30 8.01
CA GLU C 745 22.25 13.20 6.56
C GLU C 745 21.05 12.40 6.04
N CYS C 746 20.73 11.30 6.73
CA CYS C 746 19.54 10.53 6.37
C CYS C 746 18.26 11.29 6.66
N SER C 747 18.24 12.11 7.72
CA SER C 747 17.08 12.95 7.98
C SER C 747 16.90 14.00 6.88
N ASN C 748 18.01 14.59 6.41
CA ASN C 748 17.96 15.55 5.32
C ASN C 748 17.49 14.90 4.02
N LEU C 749 17.92 13.66 3.77
CA LEU C 749 17.42 12.95 2.60
C LEU C 749 15.96 12.53 2.75
N LEU C 750 15.52 12.28 3.99
CA LEU C 750 14.13 11.89 4.23
C LEU C 750 13.19 13.08 4.12
N LEU C 751 13.67 14.30 4.41
CA LEU C 751 12.83 15.48 4.38
C LEU C 751 12.28 15.81 3.00
N GLN C 752 12.98 15.42 1.92
CA GLN C 752 12.53 15.71 0.58
C GLN C 752 11.55 14.67 0.03
N TYR C 753 11.29 13.59 0.77
CA TYR C 753 10.44 12.52 0.25
C TYR C 753 8.96 12.87 0.34
N GLY C 754 8.56 13.65 1.34
CA GLY C 754 7.21 14.16 1.38
C GLY C 754 6.66 14.23 2.79
N SER C 755 5.32 14.40 2.84
CA SER C 755 4.57 14.52 4.08
C SER C 755 4.02 13.18 4.56
N PHE C 756 4.68 12.08 4.18
CA PHE C 756 4.25 10.73 4.51
C PHE C 756 4.26 10.49 6.01
N CYS C 757 5.30 10.97 6.70
CA CYS C 757 5.37 10.84 8.16
C CYS C 757 4.25 11.61 8.84
N THR C 758 3.89 12.78 8.31
CA THR C 758 2.78 13.56 8.84
C THR C 758 1.46 12.82 8.67
N GLN C 759 1.23 12.19 7.51
CA GLN C 759 -0.06 11.52 7.35
C GLN C 759 -0.16 10.21 8.11
N LEU C 760 0.97 9.49 8.31
CA LEU C 760 0.90 8.32 9.20
C LEU C 760 0.72 8.73 10.66
N LYS C 761 1.32 9.86 11.07
CA LYS C 761 1.06 10.39 12.41
C LYS C 761 -0.42 10.77 12.57
N ARG C 762 -1.01 11.35 11.53
CA ARG C 762 -2.43 11.69 11.56
C ARG C 762 -3.32 10.45 11.67
N ALA C 763 -3.00 9.40 10.91
CA ALA C 763 -3.77 8.16 10.96
C ALA C 763 -3.66 7.48 12.32
N LEU C 764 -2.46 7.41 12.88
CA LEU C 764 -2.29 6.78 14.19
C LEU C 764 -2.93 7.60 15.30
N THR C 765 -2.92 8.93 15.18
CA THR C 765 -3.62 9.78 16.15
C THR C 765 -5.13 9.59 16.07
N GLY C 766 -5.66 9.42 14.85
CA GLY C 766 -7.08 9.13 14.71
C GLY C 766 -7.48 7.79 15.32
N ILE C 767 -6.64 6.78 15.14
CA ILE C 767 -6.87 5.47 15.77
C ILE C 767 -6.84 5.57 17.29
N ALA C 768 -5.86 6.32 17.82
CA ALA C 768 -5.74 6.47 19.27
C ALA C 768 -6.90 7.25 19.88
N VAL C 769 -7.46 8.22 19.14
CA VAL C 769 -8.66 8.90 19.61
C VAL C 769 -9.87 7.96 19.55
N GLU C 770 -9.94 7.15 18.49
CA GLU C 770 -11.07 6.24 18.29
C GLU C 770 -11.15 5.16 19.37
N GLN C 771 -10.00 4.72 19.91
CA GLN C 771 -10.02 3.74 20.99
C GLN C 771 -10.67 4.30 22.26
N ASP C 772 -10.31 5.53 22.64
CA ASP C 772 -10.93 6.15 23.81
C ASP C 772 -12.40 6.47 23.56
N LYS C 773 -12.75 6.81 22.31
CA LYS C 773 -14.16 7.00 21.96
C LYS C 773 -14.96 5.71 22.13
N ASN C 774 -14.37 4.58 21.71
CA ASN C 774 -15.03 3.28 21.85
C ASN C 774 -15.22 2.91 23.32
N THR C 775 -14.19 3.13 24.15
CA THR C 775 -14.28 2.81 25.57
C THR C 775 -15.31 3.68 26.28
N GLN C 776 -15.33 4.99 25.96
CA GLN C 776 -16.32 5.89 26.55
C GLN C 776 -17.74 5.55 26.11
N GLU C 777 -17.92 5.20 24.83
CA GLU C 777 -19.24 4.85 24.33
C GLU C 777 -19.76 3.55 24.93
N VAL C 778 -18.88 2.57 25.14
CA VAL C 778 -19.32 1.29 25.72
C VAL C 778 -19.64 1.47 27.20
N PHE C 779 -18.75 2.08 27.97
CA PHE C 779 -18.92 2.03 29.42
C PHE C 779 -19.67 3.22 29.99
N ALA C 780 -19.40 4.44 29.51
CA ALA C 780 -19.98 5.65 30.11
C ALA C 780 -21.39 5.88 29.54
N GLN C 781 -22.31 5.01 29.96
CA GLN C 781 -23.71 5.10 29.54
C GLN C 781 -24.64 5.43 30.70
N VAL C 782 -24.11 5.70 31.88
CA VAL C 782 -24.92 5.96 33.06
C VAL C 782 -24.66 7.39 33.51
N LYS C 783 -25.74 8.10 33.87
CA LYS C 783 -25.63 9.52 34.21
C LYS C 783 -25.00 9.72 35.58
N GLN C 784 -25.41 8.93 36.57
CA GLN C 784 -24.96 9.10 37.94
C GLN C 784 -24.37 7.80 38.45
N ILE C 785 -23.27 7.90 39.18
CA ILE C 785 -22.59 6.72 39.73
C ILE C 785 -23.43 6.25 40.92
N TYR C 786 -24.24 5.22 40.70
CA TYR C 786 -25.03 4.66 41.79
C TYR C 786 -24.17 3.79 42.69
N LYS C 787 -24.59 3.65 43.94
CA LYS C 787 -23.93 2.73 44.86
C LYS C 787 -24.97 1.87 45.56
N THR C 788 -24.55 0.66 45.94
CA THR C 788 -25.42 -0.31 46.57
C THR C 788 -25.59 -0.02 48.06
N PRO C 789 -26.74 -0.38 48.64
CA PRO C 789 -26.90 -0.31 50.10
C PRO C 789 -26.02 -1.33 50.79
N PRO C 790 -25.66 -1.09 52.06
CA PRO C 790 -24.84 -2.08 52.78
C PRO C 790 -25.55 -3.41 53.04
N ILE C 791 -26.89 -3.43 53.05
CA ILE C 791 -27.62 -4.68 53.23
C ILE C 791 -27.58 -5.46 51.92
N LYS C 792 -27.15 -6.72 52.00
CA LYS C 792 -26.94 -7.56 50.83
C LYS C 792 -27.96 -8.69 50.73
N TYR C 793 -29.22 -8.43 51.10
CA TYR C 793 -30.30 -9.41 50.94
C TYR C 793 -31.16 -8.96 49.78
N PHE C 794 -30.80 -9.42 48.58
CA PHE C 794 -31.56 -9.11 47.38
C PHE C 794 -32.50 -10.25 47.02
N GLY C 795 -33.43 -10.53 47.94
CA GLY C 795 -34.39 -11.59 47.76
C GLY C 795 -33.81 -12.99 47.73
N GLY C 796 -32.76 -13.23 48.50
CA GLY C 796 -32.12 -14.53 48.54
C GLY C 796 -31.05 -14.76 47.50
N PHE C 797 -30.88 -13.83 46.55
CA PHE C 797 -29.87 -13.97 45.52
C PHE C 797 -28.52 -13.52 46.03
N ASN C 798 -27.49 -14.30 45.71
CA ASN C 798 -26.12 -14.03 46.19
C ASN C 798 -25.38 -13.26 45.11
N PHE C 799 -25.18 -11.96 45.33
CA PHE C 799 -24.47 -11.11 44.40
C PHE C 799 -23.06 -10.77 44.85
N SER C 800 -22.53 -11.48 45.85
CA SER C 800 -21.24 -11.13 46.44
C SER C 800 -20.07 -11.47 45.52
N GLN C 801 -20.28 -12.34 44.52
CA GLN C 801 -19.20 -12.69 43.61
C GLN C 801 -19.07 -11.72 42.45
N ILE C 802 -20.04 -10.82 42.23
CA ILE C 802 -19.93 -9.81 41.19
C ILE C 802 -19.98 -8.39 41.74
N LEU C 803 -20.42 -8.19 42.99
CA LEU C 803 -20.34 -6.88 43.59
C LEU C 803 -18.90 -6.55 43.95
N PRO C 804 -18.53 -5.27 43.97
CA PRO C 804 -17.13 -4.90 44.26
C PRO C 804 -16.71 -5.25 45.67
N ASP C 805 -15.44 -5.65 45.80
CA ASP C 805 -14.86 -6.00 47.08
C ASP C 805 -13.97 -4.86 47.55
N PRO C 806 -14.30 -4.20 48.66
CA PRO C 806 -13.46 -3.08 49.14
C PRO C 806 -12.14 -3.50 49.76
N SER C 807 -11.89 -4.81 49.94
CA SER C 807 -10.63 -5.25 50.50
C SER C 807 -9.47 -5.01 49.54
N LYS C 808 -9.72 -5.16 48.24
CA LYS C 808 -8.68 -4.89 47.25
C LYS C 808 -8.43 -3.39 47.15
N PRO C 809 -7.19 -2.98 46.82
CA PRO C 809 -6.93 -1.55 46.58
C PRO C 809 -7.69 -0.98 45.39
N SER C 810 -7.94 -1.78 44.36
CA SER C 810 -8.83 -1.41 43.27
C SER C 810 -10.14 -2.14 43.46
N LYS C 811 -11.24 -1.38 43.51
CA LYS C 811 -12.54 -1.94 43.87
C LYS C 811 -13.10 -2.73 42.70
N ARG C 812 -12.62 -3.96 42.56
CA ARG C 812 -13.04 -4.89 41.54
C ARG C 812 -13.56 -6.16 42.19
N SER C 813 -14.47 -6.84 41.51
CA SER C 813 -15.07 -8.05 42.05
C SER C 813 -14.14 -9.25 41.86
N PHE C 814 -14.59 -10.39 42.41
CA PHE C 814 -13.82 -11.62 42.32
C PHE C 814 -13.72 -12.11 40.87
N ILE C 815 -14.81 -12.01 40.12
CA ILE C 815 -14.82 -12.44 38.72
C ILE C 815 -13.96 -11.51 37.87
N GLU C 816 -14.00 -10.19 38.16
CA GLU C 816 -13.15 -9.25 37.44
C GLU C 816 -11.66 -9.48 37.75
N ASP C 817 -11.34 -9.82 39.00
CA ASP C 817 -9.98 -10.17 39.35
C ASP C 817 -9.53 -11.45 38.65
N LEU C 818 -10.43 -12.42 38.53
CA LEU C 818 -10.13 -13.65 37.80
C LEU C 818 -9.88 -13.38 36.32
N LEU C 819 -10.67 -12.50 35.72
CA LEU C 819 -10.48 -12.14 34.31
C LEU C 819 -9.15 -11.40 34.09
N PHE C 820 -8.83 -10.46 34.98
CA PHE C 820 -7.57 -9.73 34.88
C PHE C 820 -6.37 -10.63 35.13
N ASN C 821 -6.52 -11.66 35.96
CA ASN C 821 -5.43 -12.63 36.12
C ASN C 821 -5.32 -13.57 34.93
N LYS C 822 -6.46 -13.95 34.33
CA LYS C 822 -6.43 -14.92 33.25
C LYS C 822 -5.93 -14.33 31.96
N VAL C 823 -6.24 -13.06 31.68
CA VAL C 823 -5.69 -12.41 30.50
C VAL C 823 -4.24 -12.05 30.78
N THR C 824 -3.32 -12.65 30.02
CA THR C 824 -1.89 -12.39 30.16
C THR C 824 -1.54 -11.12 29.39
N LEU C 825 -1.91 -9.98 29.98
CA LEU C 825 -1.72 -8.68 29.35
C LEU C 825 -0.25 -8.30 29.35
N ALA C 826 0.14 -7.56 28.32
CA ALA C 826 1.47 -6.96 28.22
C ALA C 826 1.50 -5.68 29.06
N ASP C 827 2.51 -4.84 28.85
CA ASP C 827 2.62 -3.58 29.58
C ASP C 827 1.51 -2.62 29.17
N ALA C 828 1.50 -2.20 27.89
CA ALA C 828 0.50 -1.31 27.29
C ALA C 828 0.35 -0.01 28.08
N GLY C 829 1.49 0.56 28.46
CA GLY C 829 1.54 1.56 29.50
C GLY C 829 2.41 1.03 30.63
N PHE C 830 2.31 1.63 31.82
CA PHE C 830 3.14 1.30 32.99
C PHE C 830 4.63 1.34 32.64
N ILE C 831 5.02 2.41 31.96
CA ILE C 831 6.37 2.56 31.43
C ILE C 831 7.41 2.71 32.54
N LYS C 832 6.98 3.21 33.70
CA LYS C 832 7.84 3.68 34.81
C LYS C 832 8.74 4.84 34.37
N GLN C 833 8.28 5.57 33.34
CA GLN C 833 8.87 6.82 32.85
C GLN C 833 10.34 6.66 32.46
N TYR C 834 10.61 5.70 31.56
CA TYR C 834 11.85 5.49 30.82
C TYR C 834 13.01 5.01 31.72
N GLY C 835 12.81 4.90 33.03
CA GLY C 835 13.90 4.55 33.93
C GLY C 835 14.37 3.11 33.77
N ASP C 836 13.44 2.17 33.63
CA ASP C 836 13.81 0.77 33.49
C ASP C 836 14.41 0.47 32.11
N CYS C 837 13.98 1.21 31.08
CA CYS C 837 14.57 1.06 29.77
C CYS C 837 15.96 1.69 29.71
N LEU C 838 16.15 2.82 30.40
CA LEU C 838 17.45 3.46 30.43
C LEU C 838 18.45 2.68 31.27
N GLY C 839 17.98 2.04 32.34
CA GLY C 839 18.84 1.17 33.11
C GLY C 839 19.21 -0.07 32.33
N ASP C 840 20.49 -0.45 32.41
CA ASP C 840 21.00 -1.57 31.64
C ASP C 840 20.49 -2.88 32.18
N ILE C 841 20.02 -3.75 31.29
CA ILE C 841 19.45 -5.04 31.68
C ILE C 841 19.88 -6.12 30.70
N ILE C 847 10.67 -5.33 25.25
CA ILE C 847 9.73 -4.32 25.74
C ILE C 847 10.35 -2.94 25.68
N CYS C 848 11.68 -2.87 25.66
CA CYS C 848 12.40 -1.61 25.53
C CYS C 848 13.04 -1.43 24.17
N ALA C 849 13.20 -2.50 23.39
CA ALA C 849 13.73 -2.37 22.03
C ALA C 849 12.77 -1.62 21.12
N GLN C 850 11.46 -1.88 21.28
CA GLN C 850 10.45 -1.13 20.52
C GLN C 850 10.43 0.33 20.91
N LYS C 851 10.68 0.63 22.20
CA LYS C 851 10.86 2.02 22.62
C LYS C 851 12.09 2.63 21.98
N PHE C 852 13.20 1.88 21.93
CA PHE C 852 14.44 2.40 21.37
C PHE C 852 14.39 2.56 19.86
N LYS C 853 13.47 1.89 19.18
CA LYS C 853 13.31 2.07 17.74
C LYS C 853 12.28 3.13 17.38
N GLY C 854 11.70 3.82 18.37
CA GLY C 854 10.77 4.89 18.09
C GLY C 854 9.30 4.50 18.09
N LEU C 855 8.95 3.36 18.67
CA LEU C 855 7.56 2.91 18.76
C LEU C 855 7.14 2.98 20.22
N THR C 856 6.25 3.91 20.53
CA THR C 856 5.77 4.11 21.90
C THR C 856 4.30 3.72 21.99
N VAL C 857 3.86 3.48 23.23
CA VAL C 857 2.49 3.08 23.51
C VAL C 857 1.86 4.14 24.39
N LEU C 858 0.78 4.75 23.90
CA LEU C 858 0.08 5.78 24.66
C LEU C 858 -0.82 5.15 25.73
N PRO C 859 -0.91 5.75 26.91
CA PRO C 859 -1.79 5.19 27.93
C PRO C 859 -3.24 5.52 27.63
N PRO C 860 -4.19 4.68 28.07
CA PRO C 860 -5.60 4.99 27.86
C PRO C 860 -6.06 6.12 28.76
N LEU C 861 -7.13 6.79 28.32
CA LEU C 861 -7.67 7.91 29.08
C LEU C 861 -8.42 7.42 30.33
N LEU C 862 -9.24 6.38 30.18
CA LEU C 862 -10.01 5.85 31.29
C LEU C 862 -9.24 4.70 31.94
N THR C 863 -8.90 4.86 33.22
CA THR C 863 -8.18 3.83 33.93
C THR C 863 -9.10 2.68 34.32
N ASP C 864 -8.48 1.57 34.74
CA ASP C 864 -9.22 0.37 35.12
C ASP C 864 -10.06 0.61 36.35
N GLU C 865 -9.62 1.49 37.26
CA GLU C 865 -10.43 1.86 38.41
C GLU C 865 -11.72 2.56 38.00
N MET C 866 -11.64 3.45 36.99
CA MET C 866 -12.83 4.14 36.52
C MET C 866 -13.74 3.20 35.72
N ILE C 867 -13.16 2.26 34.97
CA ILE C 867 -13.98 1.26 34.29
C ILE C 867 -14.70 0.37 35.30
N ALA C 868 -14.00 0.00 36.39
CA ALA C 868 -14.64 -0.76 37.47
C ALA C 868 -15.70 0.05 38.19
N GLN C 869 -15.52 1.37 38.31
CA GLN C 869 -16.54 2.21 38.91
C GLN C 869 -17.78 2.32 38.02
N TYR C 870 -17.58 2.40 36.70
CA TYR C 870 -18.71 2.36 35.76
C TYR C 870 -19.47 1.05 35.85
N THR C 871 -18.76 -0.09 35.89
CA THR C 871 -19.45 -1.38 36.01
C THR C 871 -20.13 -1.54 37.37
N SER C 872 -19.53 -0.98 38.42
CA SER C 872 -20.15 -1.00 39.74
C SER C 872 -21.43 -0.17 39.77
N ALA C 873 -21.41 1.01 39.13
CA ALA C 873 -22.59 1.85 39.06
C ALA C 873 -23.70 1.19 38.26
N LEU C 874 -23.35 0.53 37.14
CA LEU C 874 -24.33 -0.18 36.34
C LEU C 874 -24.92 -1.37 37.09
N LEU C 875 -24.08 -2.12 37.82
CA LEU C 875 -24.56 -3.25 38.61
C LEU C 875 -25.48 -2.80 39.74
N ALA C 876 -25.08 -1.75 40.46
CA ALA C 876 -25.89 -1.24 41.56
C ALA C 876 -27.22 -0.69 41.07
N GLY C 877 -27.19 0.04 39.95
CA GLY C 877 -28.43 0.55 39.39
C GLY C 877 -29.37 -0.55 38.91
N THR C 878 -28.81 -1.57 38.23
CA THR C 878 -29.63 -2.69 37.75
C THR C 878 -30.24 -3.47 38.89
N ILE C 879 -29.47 -3.75 39.94
CA ILE C 879 -29.98 -4.54 41.07
C ILE C 879 -31.01 -3.73 41.86
N THR C 880 -30.72 -2.45 42.12
CA THR C 880 -31.60 -1.68 42.99
C THR C 880 -32.82 -1.12 42.28
N SER C 881 -32.82 -1.03 40.94
CA SER C 881 -33.92 -0.37 40.27
C SER C 881 -34.45 -1.06 39.02
N GLY C 882 -33.85 -2.17 38.59
CA GLY C 882 -34.32 -2.83 37.38
C GLY C 882 -33.98 -2.06 36.13
N TRP C 883 -34.95 -1.90 35.23
CA TRP C 883 -34.76 -1.20 33.97
C TRP C 883 -35.23 0.26 34.02
N THR C 884 -35.68 0.73 35.18
CA THR C 884 -36.24 2.09 35.27
C THR C 884 -35.16 3.16 35.22
N PHE C 885 -33.95 2.85 35.68
CA PHE C 885 -32.88 3.83 35.68
C PHE C 885 -32.33 4.08 34.28
N GLY C 886 -32.52 3.14 33.35
CA GLY C 886 -32.16 3.39 31.97
C GLY C 886 -33.06 4.41 31.32
N ALA C 887 -34.36 4.37 31.64
CA ALA C 887 -35.31 5.31 31.07
C ALA C 887 -35.25 6.66 31.77
N GLY C 888 -35.54 6.67 33.08
CA GLY C 888 -35.53 7.92 33.81
C GLY C 888 -34.69 7.87 35.08
N ALA C 889 -35.23 8.42 36.17
CA ALA C 889 -34.56 8.33 37.46
C ALA C 889 -34.68 6.93 38.02
N ALA C 890 -33.80 6.60 38.96
CA ALA C 890 -33.77 5.26 39.54
C ALA C 890 -34.96 5.07 40.47
N LEU C 891 -35.86 4.16 40.10
CA LEU C 891 -37.03 3.81 40.89
C LEU C 891 -36.73 2.54 41.64
N GLN C 892 -36.61 2.64 42.97
CA GLN C 892 -36.29 1.47 43.77
C GLN C 892 -37.47 0.49 43.78
N ILE C 893 -37.13 -0.80 43.82
CA ILE C 893 -38.12 -1.87 43.75
C ILE C 893 -37.47 -3.09 44.41
N PRO C 894 -38.21 -3.87 45.19
CA PRO C 894 -37.67 -5.15 45.67
C PRO C 894 -37.34 -6.10 44.53
N PHE C 895 -36.25 -6.85 44.73
CA PHE C 895 -35.71 -7.69 43.67
C PHE C 895 -36.62 -8.86 43.36
N ALA C 896 -37.45 -9.27 44.32
CA ALA C 896 -38.45 -10.31 44.07
C ALA C 896 -39.49 -9.84 43.06
N MET C 897 -40.01 -8.63 43.23
CA MET C 897 -40.98 -8.15 42.24
C MET C 897 -40.31 -7.73 40.93
N GLN C 898 -39.03 -7.34 40.99
CA GLN C 898 -38.30 -7.08 39.75
C GLN C 898 -38.14 -8.36 38.93
N MET C 899 -37.77 -9.46 39.58
CA MET C 899 -37.66 -10.75 38.89
C MET C 899 -39.04 -11.27 38.47
N ALA C 900 -40.09 -10.92 39.22
CA ALA C 900 -41.44 -11.28 38.83
C ALA C 900 -41.86 -10.56 37.55
N TYR C 901 -41.48 -9.30 37.41
CA TYR C 901 -41.79 -8.59 36.16
C TYR C 901 -40.90 -9.06 35.02
N ARG C 902 -39.68 -9.52 35.33
CA ARG C 902 -38.85 -10.17 34.32
C ARG C 902 -39.48 -11.46 33.82
N PHE C 903 -40.08 -12.25 34.72
CA PHE C 903 -40.82 -13.44 34.30
C PHE C 903 -42.09 -13.08 33.52
N ASN C 904 -42.79 -12.02 33.94
CA ASN C 904 -44.00 -11.61 33.24
C ASN C 904 -43.70 -11.04 31.86
N GLY C 905 -42.47 -10.57 31.63
CA GLY C 905 -42.10 -10.12 30.30
C GLY C 905 -41.97 -11.23 29.28
N ILE C 906 -41.68 -12.45 29.72
CA ILE C 906 -41.41 -13.57 28.80
C ILE C 906 -42.60 -14.54 28.70
N GLY C 907 -43.75 -14.18 29.25
CA GLY C 907 -44.93 -14.99 29.10
C GLY C 907 -45.18 -16.00 30.21
N VAL C 908 -44.48 -15.90 31.33
CA VAL C 908 -44.71 -16.75 32.49
C VAL C 908 -45.28 -15.89 33.60
N THR C 909 -46.39 -16.33 34.19
CA THR C 909 -47.05 -15.55 35.23
C THR C 909 -46.22 -15.57 36.51
N GLN C 910 -46.40 -14.53 37.33
CA GLN C 910 -45.53 -14.26 38.46
C GLN C 910 -45.76 -15.18 39.65
N ASN C 911 -46.85 -15.95 39.65
CA ASN C 911 -47.07 -16.94 40.71
C ASN C 911 -46.02 -18.04 40.67
N VAL C 912 -45.46 -18.30 39.50
CA VAL C 912 -44.37 -19.27 39.34
C VAL C 912 -43.15 -18.85 40.15
N LEU C 913 -42.76 -17.57 40.05
CA LEU C 913 -41.65 -17.07 40.86
C LEU C 913 -42.02 -17.02 42.33
N TYR C 914 -43.23 -16.52 42.65
CA TYR C 914 -43.61 -16.36 44.05
C TYR C 914 -43.83 -17.70 44.76
N GLU C 915 -43.96 -18.80 44.02
CA GLU C 915 -43.99 -20.13 44.60
C GLU C 915 -42.70 -20.92 44.43
N ASN C 916 -41.76 -20.45 43.61
CA ASN C 916 -40.50 -21.14 43.39
C ASN C 916 -39.28 -20.25 43.61
N GLN C 917 -39.40 -19.27 44.53
CA GLN C 917 -38.38 -18.23 44.68
C GLN C 917 -37.09 -18.79 45.26
N LYS C 918 -37.20 -19.67 46.27
CA LYS C 918 -36.02 -20.25 46.90
C LYS C 918 -35.27 -21.16 45.93
N LEU C 919 -36.01 -21.95 45.14
CA LEU C 919 -35.40 -22.81 44.14
C LEU C 919 -34.70 -22.00 43.05
N ILE C 920 -35.31 -20.90 42.61
CA ILE C 920 -34.70 -20.07 41.58
C ILE C 920 -33.46 -19.35 42.11
N ALA C 921 -33.49 -18.91 43.37
CA ALA C 921 -32.31 -18.31 43.98
C ALA C 921 -31.18 -19.32 44.12
N ASN C 922 -31.50 -20.55 44.51
CA ASN C 922 -30.48 -21.61 44.62
C ASN C 922 -29.88 -21.94 43.26
N GLN C 923 -30.71 -21.98 42.21
CA GLN C 923 -30.22 -22.24 40.86
C GLN C 923 -29.31 -21.11 40.37
N PHE C 924 -29.67 -19.86 40.69
CA PHE C 924 -28.83 -18.73 40.31
C PHE C 924 -27.48 -18.76 41.03
N ASN C 925 -27.48 -19.09 42.32
CA ASN C 925 -26.22 -19.18 43.06
C ASN C 925 -25.35 -20.33 42.56
N SER C 926 -25.97 -21.46 42.20
CA SER C 926 -25.23 -22.58 41.64
C SER C 926 -24.63 -22.23 40.28
N ALA C 927 -25.36 -21.48 39.46
CA ALA C 927 -24.84 -21.06 38.16
C ALA C 927 -23.69 -20.08 38.31
N ILE C 928 -23.78 -19.16 39.29
CA ILE C 928 -22.69 -18.23 39.56
C ILE C 928 -21.44 -18.96 40.02
N GLY C 929 -21.61 -19.96 40.90
CA GLY C 929 -20.48 -20.77 41.34
C GLY C 929 -19.87 -21.59 40.21
N LYS C 930 -20.72 -22.06 39.28
CA LYS C 930 -20.20 -22.78 38.11
C LYS C 930 -19.40 -21.87 37.19
N ILE C 931 -19.84 -20.63 37.03
CA ILE C 931 -19.06 -19.65 36.25
C ILE C 931 -17.72 -19.36 36.92
N GLN C 932 -17.73 -19.25 38.26
CA GLN C 932 -16.49 -19.05 39.01
C GLN C 932 -15.52 -20.21 38.82
N ASP C 933 -16.02 -21.44 38.91
CA ASP C 933 -15.17 -22.62 38.72
C ASP C 933 -14.66 -22.72 37.29
N SER C 934 -15.51 -22.40 36.30
CA SER C 934 -15.11 -22.46 34.90
C SER C 934 -14.04 -21.41 34.57
N LEU C 935 -14.18 -20.20 35.12
CA LEU C 935 -13.17 -19.17 34.88
C LEU C 935 -11.89 -19.45 35.66
N SER C 936 -12.00 -20.14 36.81
CA SER C 936 -10.80 -20.53 37.54
C SER C 936 -10.04 -21.64 36.83
N SER C 937 -10.76 -22.56 36.19
CA SER C 937 -10.11 -23.71 35.57
C SER C 937 -9.65 -23.41 34.14
N THR C 938 -10.58 -23.07 33.26
CA THR C 938 -10.31 -22.95 31.83
C THR C 938 -9.95 -21.51 31.49
N ALA C 939 -8.85 -21.32 30.78
CA ALA C 939 -8.38 -20.00 30.37
C ALA C 939 -8.56 -19.73 28.88
N SER C 940 -9.28 -20.60 28.17
CA SER C 940 -9.48 -20.45 26.74
C SER C 940 -10.72 -19.65 26.38
N ALA C 941 -11.47 -19.17 27.38
CA ALA C 941 -12.66 -18.37 27.11
C ALA C 941 -12.32 -16.95 26.70
N LEU C 942 -11.13 -16.46 27.09
CA LEU C 942 -10.71 -15.09 26.81
C LEU C 942 -9.81 -15.00 25.58
N GLY C 943 -10.06 -15.86 24.59
CA GLY C 943 -9.23 -15.91 23.41
C GLY C 943 -9.30 -14.66 22.55
N LYS C 944 -10.42 -13.95 22.58
CA LYS C 944 -10.55 -12.74 21.78
C LYS C 944 -9.66 -11.62 22.30
N LEU C 945 -9.68 -11.38 23.62
CA LEU C 945 -8.83 -10.37 24.21
C LEU C 945 -7.36 -10.78 24.15
N GLN C 946 -7.08 -12.06 24.35
CA GLN C 946 -5.71 -12.56 24.24
C GLN C 946 -5.20 -12.42 22.82
N ASP C 947 -6.07 -12.63 21.82
CA ASP C 947 -5.69 -12.44 20.42
C ASP C 947 -5.48 -10.97 20.09
N VAL C 948 -6.23 -10.07 20.73
CA VAL C 948 -6.00 -8.63 20.54
C VAL C 948 -4.59 -8.24 21.02
N VAL C 949 -4.23 -8.71 22.22
CA VAL C 949 -2.90 -8.43 22.77
C VAL C 949 -1.80 -9.07 21.91
N ASN C 950 -2.04 -10.31 21.46
CA ASN C 950 -1.07 -11.02 20.62
C ASN C 950 -0.90 -10.36 19.26
N HIS C 951 -1.99 -9.84 18.69
CA HIS C 951 -1.90 -9.17 17.39
C HIS C 951 -1.11 -7.86 17.50
N ASN C 952 -1.35 -7.08 18.56
CA ASN C 952 -0.59 -5.84 18.74
C ASN C 952 0.89 -6.12 18.97
N ALA C 953 1.20 -7.12 19.82
CA ALA C 953 2.60 -7.47 20.07
C ALA C 953 3.29 -8.03 18.83
N GLN C 954 2.58 -8.85 18.04
CA GLN C 954 3.13 -9.42 16.84
C GLN C 954 3.39 -8.36 15.77
N ALA C 955 2.48 -7.38 15.64
CA ALA C 955 2.69 -6.30 14.69
C ALA C 955 3.88 -5.43 15.08
N LEU C 956 4.02 -5.13 16.38
CA LEU C 956 5.17 -4.33 16.82
C LEU C 956 6.48 -5.10 16.65
N ASN C 957 6.49 -6.40 16.92
CA ASN C 957 7.70 -7.19 16.75
C ASN C 957 8.07 -7.35 15.28
N THR C 958 7.08 -7.46 14.39
CA THR C 958 7.35 -7.50 12.96
C THR C 958 7.93 -6.19 12.46
N LEU C 959 7.38 -5.06 12.94
CA LEU C 959 7.90 -3.75 12.56
C LEU C 959 9.31 -3.52 13.09
N VAL C 960 9.64 -4.09 14.25
CA VAL C 960 11.02 -4.05 14.73
C VAL C 960 11.92 -4.92 13.86
N LYS C 961 11.45 -6.12 13.51
CA LYS C 961 12.23 -7.06 12.71
C LYS C 961 12.48 -6.59 11.28
N GLN C 962 11.67 -5.65 10.78
CA GLN C 962 11.89 -5.17 9.40
C GLN C 962 13.12 -4.29 9.24
N LEU C 963 13.76 -3.87 10.33
CA LEU C 963 14.94 -3.01 10.22
C LEU C 963 16.20 -3.77 9.80
N SER C 964 16.29 -5.06 10.08
CA SER C 964 17.49 -5.82 9.75
C SER C 964 17.54 -6.24 8.28
N SER C 965 16.47 -6.03 7.53
CA SER C 965 16.45 -6.39 6.11
C SER C 965 17.28 -5.40 5.30
N LYS C 966 17.93 -5.93 4.26
CA LYS C 966 18.81 -5.12 3.43
C LYS C 966 18.09 -4.39 2.31
N PHE C 967 16.97 -4.95 1.83
CA PHE C 967 16.15 -4.40 0.73
C PHE C 967 16.96 -4.20 -0.56
N GLY C 968 17.92 -5.08 -0.81
CA GLY C 968 18.76 -4.97 -1.99
C GLY C 968 20.00 -4.12 -1.82
N ALA C 969 20.16 -3.45 -0.68
CA ALA C 969 21.35 -2.65 -0.45
C ALA C 969 22.52 -3.55 -0.05
N ILE C 970 23.71 -2.95 -0.01
CA ILE C 970 24.90 -3.73 0.33
C ILE C 970 24.96 -4.04 1.82
N SER C 971 24.31 -3.22 2.65
CA SER C 971 24.29 -3.43 4.08
C SER C 971 23.06 -2.77 4.67
N SER C 972 22.60 -3.30 5.80
CA SER C 972 21.53 -2.69 6.55
C SER C 972 22.01 -1.65 7.56
N VAL C 973 23.32 -1.44 7.64
CA VAL C 973 23.90 -0.49 8.59
C VAL C 973 24.17 0.83 7.88
N LEU C 974 23.44 1.86 8.28
CA LEU C 974 23.50 3.17 7.63
C LEU C 974 24.85 3.84 7.82
N ASN C 975 25.42 3.72 9.03
CA ASN C 975 26.74 4.27 9.29
C ASN C 975 27.83 3.52 8.54
N ASP C 976 27.64 2.21 8.32
CA ASP C 976 28.59 1.46 7.51
C ASP C 976 28.52 1.87 6.05
N ILE C 977 27.32 2.14 5.53
CA ILE C 977 27.16 2.66 4.18
C ILE C 977 27.83 4.03 4.05
N PHE C 978 27.66 4.87 5.08
CA PHE C 978 28.33 6.17 5.16
C PHE C 978 29.85 6.04 5.12
N SER C 979 30.40 5.18 5.98
CA SER C 979 31.85 5.07 6.10
C SER C 979 32.49 4.32 4.94
N ARG C 980 31.74 3.51 4.19
CA ARG C 980 32.33 2.76 3.09
C ARG C 980 32.12 3.40 1.73
N LEU C 981 30.90 3.77 1.37
CA LEU C 981 30.67 4.23 0.01
C LEU C 981 30.83 5.74 -0.13
N ASP C 982 30.85 6.19 -1.38
CA ASP C 982 30.92 7.61 -1.69
C ASP C 982 29.50 8.19 -1.65
N LYS C 983 29.34 9.46 -2.04
CA LYS C 983 28.10 10.18 -1.78
C LYS C 983 26.96 9.68 -2.67
N VAL C 984 27.21 9.54 -3.98
CA VAL C 984 26.12 9.18 -4.88
C VAL C 984 25.70 7.71 -4.72
N GLU C 985 26.67 6.81 -4.56
CA GLU C 985 26.34 5.40 -4.34
C GLU C 985 25.71 5.20 -2.97
N ALA C 986 26.20 5.95 -1.97
CA ALA C 986 25.60 5.91 -0.64
C ALA C 986 24.16 6.41 -0.68
N GLU C 987 23.89 7.47 -1.47
CA GLU C 987 22.52 7.97 -1.61
C GLU C 987 21.63 6.96 -2.34
N VAL C 988 22.19 6.17 -3.26
CA VAL C 988 21.43 5.10 -3.91
C VAL C 988 21.00 4.05 -2.88
N GLN C 989 21.95 3.60 -2.04
CA GLN C 989 21.60 2.60 -1.03
C GLN C 989 20.65 3.15 0.05
N ILE C 990 20.82 4.42 0.42
CA ILE C 990 19.89 5.06 1.36
C ILE C 990 18.51 5.19 0.75
N ASP C 991 18.42 5.47 -0.55
CA ASP C 991 17.12 5.52 -1.23
C ASP C 991 16.43 4.16 -1.19
N ARG C 992 17.19 3.08 -1.43
CA ARG C 992 16.63 1.74 -1.34
C ARG C 992 16.16 1.41 0.08
N LEU C 993 16.96 1.77 1.08
CA LEU C 993 16.64 1.44 2.47
C LEU C 993 15.43 2.24 2.97
N ILE C 994 15.36 3.53 2.63
CA ILE C 994 14.23 4.35 3.05
C ILE C 994 12.96 3.91 2.33
N THR C 995 13.06 3.51 1.06
CA THR C 995 11.90 2.97 0.35
C THR C 995 11.37 1.70 1.00
N GLY C 996 12.26 0.79 1.37
CA GLY C 996 11.83 -0.43 2.05
C GLY C 996 11.22 -0.19 3.41
N ARG C 997 11.87 0.65 4.23
CA ARG C 997 11.36 0.91 5.58
C ARG C 997 10.06 1.72 5.56
N LEU C 998 9.92 2.65 4.60
CA LEU C 998 8.69 3.41 4.47
C LEU C 998 7.54 2.53 3.99
N GLN C 999 7.81 1.59 3.09
CA GLN C 999 6.77 0.66 2.65
C GLN C 999 6.33 -0.26 3.79
N SER C 1000 7.29 -0.72 4.62
CA SER C 1000 6.95 -1.53 5.79
C SER C 1000 6.10 -0.76 6.79
N LEU C 1001 6.44 0.53 7.00
CA LEU C 1001 5.70 1.33 7.98
C LEU C 1001 4.30 1.67 7.46
N GLN C 1002 4.15 1.89 6.16
CA GLN C 1002 2.82 2.09 5.58
C GLN C 1002 1.98 0.81 5.67
N THR C 1003 2.61 -0.36 5.49
CA THR C 1003 1.90 -1.62 5.67
C THR C 1003 1.41 -1.79 7.10
N TYR C 1004 2.26 -1.43 8.08
CA TYR C 1004 1.86 -1.47 9.49
C TYR C 1004 0.70 -0.53 9.77
N VAL C 1005 0.73 0.68 9.21
CA VAL C 1005 -0.34 1.66 9.41
C VAL C 1005 -1.65 1.17 8.81
N THR C 1006 -1.60 0.58 7.60
CA THR C 1006 -2.82 0.06 6.96
C THR C 1006 -3.42 -1.12 7.73
N GLN C 1007 -2.57 -2.02 8.21
CA GLN C 1007 -3.06 -3.14 9.01
C GLN C 1007 -3.67 -2.68 10.32
N GLN C 1008 -3.07 -1.67 10.96
CA GLN C 1008 -3.65 -1.10 12.17
C GLN C 1008 -4.99 -0.41 11.89
N LEU C 1009 -5.13 0.23 10.73
CA LEU C 1009 -6.41 0.86 10.37
C LEU C 1009 -7.51 -0.18 10.19
N ILE C 1010 -7.21 -1.28 9.50
CA ILE C 1010 -8.23 -2.32 9.29
C ILE C 1010 -8.60 -3.00 10.62
N ARG C 1011 -7.60 -3.27 11.46
CA ARG C 1011 -7.87 -3.87 12.77
C ARG C 1011 -8.65 -2.92 13.67
N ALA C 1012 -8.40 -1.61 13.56
CA ALA C 1012 -9.15 -0.63 14.34
C ALA C 1012 -10.60 -0.54 13.87
N ALA C 1013 -10.84 -0.70 12.57
CA ALA C 1013 -12.22 -0.74 12.06
C ALA C 1013 -12.97 -1.96 12.59
N GLU C 1014 -12.30 -3.13 12.63
CA GLU C 1014 -12.92 -4.33 13.19
C GLU C 1014 -13.21 -4.18 14.69
N ILE C 1015 -12.27 -3.57 15.42
CA ILE C 1015 -12.44 -3.34 16.86
C ILE C 1015 -13.57 -2.34 17.11
N ARG C 1016 -13.72 -1.33 16.25
CA ARG C 1016 -14.82 -0.37 16.39
C ARG C 1016 -16.17 -1.03 16.14
N ALA C 1017 -16.25 -1.94 15.16
CA ALA C 1017 -17.49 -2.69 14.94
C ALA C 1017 -17.84 -3.56 16.15
N SER C 1018 -16.84 -4.22 16.73
CA SER C 1018 -17.07 -5.03 17.93
C SER C 1018 -17.50 -4.16 19.12
N ALA C 1019 -16.93 -2.96 19.23
CA ALA C 1019 -17.28 -2.05 20.32
C ALA C 1019 -18.70 -1.52 20.17
N ASN C 1020 -19.13 -1.25 18.94
CA ASN C 1020 -20.52 -0.83 18.70
C ASN C 1020 -21.49 -1.95 19.04
N LEU C 1021 -21.13 -3.19 18.70
CA LEU C 1021 -21.96 -4.34 19.08
C LEU C 1021 -22.04 -4.49 20.60
N ALA C 1022 -20.91 -4.29 21.30
CA ALA C 1022 -20.90 -4.39 22.76
C ALA C 1022 -21.71 -3.29 23.41
N ALA C 1023 -21.67 -2.07 22.86
CA ALA C 1023 -22.47 -0.97 23.38
C ALA C 1023 -23.97 -1.24 23.18
N THR C 1024 -24.34 -1.79 22.01
CA THR C 1024 -25.73 -2.16 21.77
C THR C 1024 -26.20 -3.24 22.73
N LYS C 1025 -25.36 -4.25 22.98
CA LYS C 1025 -25.70 -5.33 23.90
C LYS C 1025 -25.86 -4.81 25.32
N MET C 1026 -24.98 -3.90 25.74
CA MET C 1026 -25.09 -3.30 27.07
C MET C 1026 -26.37 -2.49 27.23
N SER C 1027 -26.66 -1.63 26.23
CA SER C 1027 -27.83 -0.77 26.32
C SER C 1027 -29.14 -1.54 26.23
N GLU C 1028 -29.16 -2.67 25.54
CA GLU C 1028 -30.41 -3.40 25.36
C GLU C 1028 -30.54 -4.64 26.23
N CYS C 1029 -29.52 -4.98 27.04
CA CYS C 1029 -29.67 -6.14 27.89
C CYS C 1029 -29.35 -5.83 29.35
N VAL C 1030 -28.46 -4.88 29.62
CA VAL C 1030 -28.21 -4.48 30.99
C VAL C 1030 -29.23 -3.44 31.45
N LEU C 1031 -29.54 -2.46 30.60
CA LEU C 1031 -30.47 -1.40 30.91
C LEU C 1031 -31.91 -1.76 30.61
N GLY C 1032 -32.19 -3.02 30.29
CA GLY C 1032 -33.54 -3.43 29.99
C GLY C 1032 -33.63 -4.91 29.77
N GLN C 1033 -34.74 -5.34 29.16
CA GLN C 1033 -34.98 -6.73 28.82
C GLN C 1033 -35.12 -6.86 27.31
N SER C 1034 -34.56 -7.93 26.75
CA SER C 1034 -34.50 -8.14 25.32
C SER C 1034 -35.49 -9.21 24.90
N LYS C 1035 -36.31 -8.90 23.90
CA LYS C 1035 -37.18 -9.87 23.25
C LYS C 1035 -36.58 -10.47 21.99
N ARG C 1036 -35.36 -10.06 21.63
CA ARG C 1036 -34.69 -10.59 20.46
C ARG C 1036 -34.16 -11.99 20.74
N VAL C 1037 -34.38 -12.89 19.79
CA VAL C 1037 -34.02 -14.30 19.97
C VAL C 1037 -32.51 -14.44 19.82
N ASP C 1038 -31.88 -15.06 20.83
CA ASP C 1038 -30.45 -15.39 20.89
C ASP C 1038 -29.54 -14.16 20.82
N PHE C 1039 -30.06 -12.97 21.11
CA PHE C 1039 -29.20 -11.80 21.18
C PHE C 1039 -28.38 -11.78 22.46
N CYS C 1040 -29.01 -12.12 23.59
CA CYS C 1040 -28.34 -12.13 24.89
C CYS C 1040 -28.63 -13.48 25.56
N GLY C 1041 -27.80 -14.48 25.25
CA GLY C 1041 -27.92 -15.79 25.86
C GLY C 1041 -29.00 -16.66 25.24
N LYS C 1042 -28.71 -17.96 25.15
CA LYS C 1042 -29.70 -18.90 24.64
C LYS C 1042 -30.78 -19.15 25.69
N GLY C 1043 -32.03 -19.10 25.24
CA GLY C 1043 -33.17 -19.16 26.15
C GLY C 1043 -33.92 -17.86 26.17
N TYR C 1044 -34.75 -17.70 27.20
CA TYR C 1044 -35.51 -16.47 27.38
C TYR C 1044 -34.73 -15.54 28.31
N HIS C 1045 -34.39 -14.36 27.82
CA HIS C 1045 -33.51 -13.46 28.56
C HIS C 1045 -34.24 -12.84 29.75
N LEU C 1046 -33.56 -12.79 30.89
CA LEU C 1046 -34.09 -12.19 32.10
C LEU C 1046 -33.33 -10.94 32.52
N MET C 1047 -32.02 -11.08 32.76
CA MET C 1047 -31.18 -9.97 33.18
C MET C 1047 -29.81 -10.12 32.53
N SER C 1048 -28.93 -9.15 32.79
CA SER C 1048 -27.56 -9.22 32.34
C SER C 1048 -26.70 -8.38 33.27
N PHE C 1049 -25.46 -8.81 33.48
CA PHE C 1049 -24.54 -8.14 34.38
C PHE C 1049 -23.24 -7.85 33.65
N PRO C 1050 -22.79 -6.59 33.60
CA PRO C 1050 -21.53 -6.28 32.94
C PRO C 1050 -20.32 -6.50 33.85
N GLN C 1051 -19.26 -7.04 33.27
CA GLN C 1051 -18.00 -7.23 33.96
C GLN C 1051 -16.88 -6.70 33.10
N SER C 1052 -15.96 -5.95 33.71
CA SER C 1052 -14.84 -5.40 32.97
C SER C 1052 -13.80 -6.48 32.69
N ALA C 1053 -12.97 -6.21 31.69
CA ALA C 1053 -11.95 -7.14 31.24
C ALA C 1053 -10.83 -6.34 30.59
N PRO C 1054 -9.61 -6.90 30.51
CA PRO C 1054 -8.56 -6.23 29.73
C PRO C 1054 -8.91 -6.19 28.26
N HIS C 1055 -8.99 -4.97 27.72
CA HIS C 1055 -9.28 -4.69 26.31
C HIS C 1055 -10.63 -5.27 25.87
N GLY C 1056 -11.62 -5.22 26.75
CA GLY C 1056 -12.92 -5.74 26.40
C GLY C 1056 -13.87 -5.76 27.58
N VAL C 1057 -15.02 -6.39 27.36
CA VAL C 1057 -16.11 -6.46 28.32
C VAL C 1057 -16.63 -7.89 28.36
N VAL C 1058 -17.23 -8.25 29.50
CA VAL C 1058 -17.76 -9.59 29.73
C VAL C 1058 -19.18 -9.44 30.24
N PHE C 1059 -20.13 -10.07 29.56
CA PHE C 1059 -21.54 -10.05 29.92
C PHE C 1059 -21.94 -11.39 30.52
N LEU C 1060 -22.69 -11.35 31.61
CA LEU C 1060 -23.26 -12.52 32.25
C LEU C 1060 -24.76 -12.50 32.01
N HIS C 1061 -25.20 -13.23 30.98
CA HIS C 1061 -26.59 -13.25 30.58
C HIS C 1061 -27.35 -14.31 31.36
N VAL C 1062 -28.41 -13.90 32.05
CA VAL C 1062 -29.27 -14.83 32.79
C VAL C 1062 -30.45 -15.20 31.91
N THR C 1063 -30.71 -16.49 31.77
CA THR C 1063 -31.74 -16.99 30.86
C THR C 1063 -32.58 -18.05 31.55
N TYR C 1064 -33.82 -18.12 31.10
CA TYR C 1064 -34.83 -19.08 31.53
C TYR C 1064 -34.94 -20.13 30.44
N VAL C 1065 -34.76 -21.40 30.80
CA VAL C 1065 -34.80 -22.48 29.82
C VAL C 1065 -35.79 -23.55 30.29
N PRO C 1066 -36.79 -23.92 29.50
CA PRO C 1066 -37.69 -25.01 29.89
C PRO C 1066 -36.97 -26.35 29.89
N ALA C 1067 -37.27 -27.19 30.89
CA ALA C 1067 -36.45 -28.37 31.16
C ALA C 1067 -37.19 -29.69 30.96
N GLN C 1068 -38.30 -29.92 31.67
CA GLN C 1068 -38.91 -31.25 31.73
C GLN C 1068 -40.28 -31.22 31.08
N GLU C 1069 -40.48 -32.05 30.06
CA GLU C 1069 -41.63 -32.00 29.18
C GLU C 1069 -42.58 -33.15 29.43
N LYS C 1070 -43.77 -33.06 28.83
CA LYS C 1070 -44.80 -34.08 28.95
C LYS C 1070 -45.76 -33.95 27.77
N ASN C 1071 -46.12 -35.09 27.19
CA ASN C 1071 -47.05 -35.10 26.06
C ASN C 1071 -48.48 -34.80 26.52
N PHE C 1072 -49.21 -34.04 25.71
CA PHE C 1072 -50.60 -33.70 26.00
C PHE C 1072 -51.39 -33.65 24.70
N THR C 1073 -52.60 -34.22 24.71
CA THR C 1073 -53.48 -34.08 23.57
C THR C 1073 -54.07 -32.68 23.55
N THR C 1074 -54.17 -32.08 22.37
CA THR C 1074 -54.56 -30.69 22.24
C THR C 1074 -55.64 -30.52 21.19
N ALA C 1075 -56.40 -29.44 21.31
CA ALA C 1075 -57.47 -29.06 20.40
C ALA C 1075 -57.46 -27.56 20.23
N PRO C 1076 -57.85 -27.05 19.05
CA PRO C 1076 -57.83 -25.60 18.86
C PRO C 1076 -58.95 -24.86 19.57
N ALA C 1077 -60.16 -25.43 19.61
CA ALA C 1077 -61.31 -24.75 20.19
C ALA C 1077 -62.25 -25.80 20.75
N ILE C 1078 -63.32 -25.35 21.42
CA ILE C 1078 -64.24 -26.25 22.10
C ILE C 1078 -65.68 -25.88 21.76
N CYS C 1079 -66.47 -26.88 21.33
CA CYS C 1079 -67.91 -26.74 21.23
C CYS C 1079 -68.55 -26.89 22.61
N HIS C 1080 -69.36 -25.91 23.02
CA HIS C 1080 -70.10 -25.98 24.26
C HIS C 1080 -71.59 -26.10 24.05
N ASP C 1081 -72.19 -25.15 23.33
CA ASP C 1081 -73.61 -25.15 22.99
C ASP C 1081 -73.79 -24.77 21.53
N GLY C 1082 -72.88 -25.24 20.69
CA GLY C 1082 -72.77 -24.75 19.33
C GLY C 1082 -71.80 -23.61 19.16
N LYS C 1083 -71.45 -22.92 20.24
CA LYS C 1083 -70.46 -21.86 20.20
C LYS C 1083 -69.05 -22.45 20.13
N ALA C 1084 -68.12 -21.67 19.60
CA ALA C 1084 -66.72 -22.04 19.55
C ALA C 1084 -65.96 -21.22 20.58
N HIS C 1085 -65.51 -21.88 21.65
CA HIS C 1085 -64.71 -21.25 22.68
C HIS C 1085 -63.24 -21.41 22.35
N PHE C 1086 -62.52 -20.28 22.33
CA PHE C 1086 -61.08 -20.18 22.10
C PHE C 1086 -60.40 -19.68 23.37
N PRO C 1087 -59.21 -20.16 23.69
CA PRO C 1087 -58.52 -19.67 24.89
C PRO C 1087 -58.00 -18.25 24.70
N ARG C 1088 -58.00 -17.48 25.79
CA ARG C 1088 -57.44 -16.14 25.76
C ARG C 1088 -55.92 -16.19 25.65
N GLU C 1089 -55.28 -16.82 26.62
CA GLU C 1089 -53.86 -17.16 26.53
C GLU C 1089 -53.66 -18.55 27.12
N GLY C 1090 -52.89 -19.38 26.43
CA GLY C 1090 -52.63 -20.72 26.87
C GLY C 1090 -53.06 -21.76 25.85
N VAL C 1091 -52.92 -23.02 26.25
CA VAL C 1091 -53.14 -24.17 25.37
C VAL C 1091 -54.25 -25.02 25.97
N PHE C 1092 -55.21 -25.41 25.14
CA PHE C 1092 -56.17 -26.43 25.55
C PHE C 1092 -55.48 -27.78 25.58
N VAL C 1093 -55.41 -28.41 26.77
CA VAL C 1093 -54.71 -29.67 26.94
C VAL C 1093 -55.66 -30.71 27.53
N SER C 1094 -55.27 -31.97 27.38
CA SER C 1094 -55.93 -33.10 28.02
C SER C 1094 -54.95 -34.27 28.02
N ASN C 1095 -55.22 -35.26 28.87
CA ASN C 1095 -54.54 -36.54 28.75
C ASN C 1095 -55.45 -37.62 28.17
N GLY C 1096 -56.74 -37.37 28.10
CA GLY C 1096 -57.70 -38.35 27.60
C GLY C 1096 -58.96 -38.37 28.43
N THR C 1097 -58.92 -37.80 29.64
CA THR C 1097 -60.04 -37.84 30.57
C THR C 1097 -60.74 -36.49 30.69
N HIS C 1098 -60.01 -35.44 31.05
CA HIS C 1098 -60.60 -34.12 31.27
C HIS C 1098 -59.80 -33.07 30.50
N TRP C 1099 -60.49 -32.00 30.11
CA TRP C 1099 -59.89 -30.94 29.32
C TRP C 1099 -59.62 -29.73 30.22
N PHE C 1100 -58.39 -29.23 30.18
CA PHE C 1100 -57.98 -28.07 30.95
C PHE C 1100 -57.33 -27.06 30.01
N VAL C 1101 -57.00 -25.88 30.54
CA VAL C 1101 -56.27 -24.87 29.79
C VAL C 1101 -55.04 -24.47 30.60
N THR C 1102 -53.90 -24.37 29.92
CA THR C 1102 -52.63 -24.04 30.52
C THR C 1102 -52.04 -22.78 29.88
N GLN C 1103 -50.85 -22.41 30.34
CA GLN C 1103 -50.01 -21.43 29.67
C GLN C 1103 -48.96 -22.15 28.83
N ARG C 1104 -48.31 -21.39 27.95
CA ARG C 1104 -47.46 -22.00 26.93
C ARG C 1104 -46.12 -22.47 27.50
N ASN C 1105 -45.46 -21.65 28.31
CA ASN C 1105 -44.09 -21.91 28.73
C ASN C 1105 -44.00 -22.61 30.08
N PHE C 1106 -45.12 -22.97 30.68
CA PHE C 1106 -45.13 -23.69 31.95
C PHE C 1106 -46.43 -24.48 32.04
N TYR C 1107 -46.39 -25.58 32.76
CA TYR C 1107 -47.57 -26.43 32.91
C TYR C 1107 -48.32 -26.04 34.17
N GLU C 1108 -49.55 -25.57 34.00
CA GLU C 1108 -50.41 -25.19 35.11
C GLU C 1108 -51.86 -25.30 34.66
N PRO C 1109 -52.49 -26.45 34.91
CA PRO C 1109 -53.84 -26.67 34.38
C PRO C 1109 -54.90 -25.91 35.17
N GLN C 1110 -55.85 -25.35 34.42
CA GLN C 1110 -56.96 -24.61 35.00
C GLN C 1110 -58.25 -25.06 34.33
N ILE C 1111 -59.35 -24.93 35.08
CA ILE C 1111 -60.68 -25.29 34.58
C ILE C 1111 -61.09 -24.33 33.49
N ILE C 1112 -61.59 -24.88 32.38
CA ILE C 1112 -61.96 -24.08 31.21
C ILE C 1112 -63.31 -23.44 31.50
N THR C 1113 -63.29 -22.14 31.81
CA THR C 1113 -64.48 -21.36 32.13
C THR C 1113 -64.66 -20.27 31.08
N THR C 1114 -65.63 -19.39 31.31
CA THR C 1114 -65.87 -18.26 30.42
C THR C 1114 -65.00 -17.05 30.75
N ASP C 1115 -64.26 -17.08 31.86
CA ASP C 1115 -63.36 -15.99 32.20
C ASP C 1115 -62.12 -15.99 31.32
N ASN C 1116 -61.57 -17.18 31.06
CA ASN C 1116 -60.32 -17.33 30.32
C ASN C 1116 -60.53 -17.81 28.88
N THR C 1117 -61.77 -17.86 28.40
CA THR C 1117 -62.07 -18.20 27.03
C THR C 1117 -63.03 -17.18 26.45
N PHE C 1118 -63.03 -17.08 25.12
CA PHE C 1118 -63.94 -16.19 24.42
C PHE C 1118 -64.63 -16.93 23.29
N VAL C 1119 -65.86 -16.50 23.01
CA VAL C 1119 -66.72 -17.15 22.03
C VAL C 1119 -66.57 -16.44 20.69
N SER C 1120 -66.30 -17.22 19.63
CA SER C 1120 -66.20 -16.65 18.29
C SER C 1120 -66.78 -17.63 17.28
N GLY C 1121 -67.90 -17.24 16.67
CA GLY C 1121 -68.51 -18.04 15.62
C GLY C 1121 -69.19 -19.29 16.15
N ASN C 1122 -69.30 -20.28 15.26
CA ASN C 1122 -69.93 -21.55 15.62
C ASN C 1122 -69.01 -22.72 15.30
N CYS C 1123 -69.53 -23.94 15.41
CA CYS C 1123 -68.72 -25.16 15.38
C CYS C 1123 -68.47 -25.68 13.97
N ASP C 1124 -69.12 -25.12 12.95
CA ASP C 1124 -69.08 -25.71 11.62
C ASP C 1124 -67.81 -25.39 10.84
N VAL C 1125 -67.01 -24.43 11.31
CA VAL C 1125 -65.95 -23.85 10.50
C VAL C 1125 -64.56 -24.31 10.96
N VAL C 1126 -64.35 -24.39 12.28
CA VAL C 1126 -63.04 -24.73 12.81
C VAL C 1126 -62.75 -26.21 12.58
N ILE C 1127 -61.55 -26.51 12.07
CA ILE C 1127 -61.14 -27.88 11.80
C ILE C 1127 -60.44 -28.44 13.03
N GLY C 1128 -60.92 -29.58 13.51
CA GLY C 1128 -60.33 -30.22 14.68
C GLY C 1128 -60.92 -29.82 16.01
N ILE C 1129 -62.07 -29.17 16.02
CA ILE C 1129 -62.69 -28.73 17.26
C ILE C 1129 -63.37 -29.92 17.93
N VAL C 1130 -63.14 -30.08 19.23
CA VAL C 1130 -63.76 -31.15 20.00
C VAL C 1130 -64.91 -30.56 20.81
N ASN C 1131 -65.76 -31.43 21.34
CA ASN C 1131 -66.86 -30.99 22.20
C ASN C 1131 -66.48 -31.21 23.66
N ASN C 1132 -66.81 -30.24 24.51
CA ASN C 1132 -66.54 -30.31 25.94
C ASN C 1132 -67.39 -29.26 26.65
N THR C 1133 -67.75 -29.54 27.89
CA THR C 1133 -68.50 -28.58 28.69
C THR C 1133 -67.57 -27.45 29.15
N VAL C 1134 -68.13 -26.25 29.26
CA VAL C 1134 -67.42 -25.07 29.73
C VAL C 1134 -68.11 -24.59 31.00
N TYR C 1135 -67.34 -24.46 32.08
CA TYR C 1135 -67.90 -24.11 33.38
C TYR C 1135 -68.36 -22.66 33.40
N ASP C 1136 -69.48 -22.41 34.07
CA ASP C 1136 -70.02 -21.06 34.24
C ASP C 1136 -69.91 -20.65 35.71
N PRO C 1137 -69.10 -19.66 36.05
CA PRO C 1137 -68.96 -19.28 37.47
C PRO C 1137 -70.16 -18.52 38.02
N LEU C 1138 -70.97 -17.91 37.16
CA LEU C 1138 -72.08 -17.08 37.63
C LEU C 1138 -73.26 -17.91 38.12
N GLN C 1139 -73.45 -19.11 37.56
CA GLN C 1139 -74.63 -19.92 37.87
C GLN C 1139 -74.69 -20.41 39.33
N PRO C 1140 -73.62 -20.96 39.95
CA PRO C 1140 -73.75 -21.30 41.39
C PRO C 1140 -73.96 -20.11 42.30
N GLU C 1141 -73.38 -18.95 41.98
CA GLU C 1141 -73.62 -17.76 42.80
C GLU C 1141 -75.04 -17.22 42.60
N LEU C 1142 -75.61 -17.42 41.41
CA LEU C 1142 -77.01 -17.06 41.19
C LEU C 1142 -77.93 -18.00 41.94
N ASP C 1143 -77.61 -19.30 41.94
CA ASP C 1143 -78.46 -20.29 42.61
C ASP C 1143 -78.24 -20.33 44.12
N SER C 1144 -77.20 -19.69 44.63
CA SER C 1144 -76.95 -19.64 46.06
C SER C 1144 -77.94 -18.72 46.77
C1 NAG D . 38.44 32.68 7.71
C2 NAG D . 38.65 31.17 7.87
C3 NAG D . 38.66 30.80 9.35
C4 NAG D . 39.72 31.59 10.10
C5 NAG D . 39.48 33.09 9.89
C6 NAG D . 40.54 33.95 10.50
C7 NAG D . 37.90 29.39 6.37
C8 NAG D . 36.73 28.73 5.71
N2 NAG D . 37.62 30.43 7.17
O3 NAG D . 38.91 29.39 9.47
O4 NAG D . 39.66 31.30 11.49
O5 NAG D . 39.45 33.39 8.49
O6 NAG D . 40.38 35.32 10.13
O7 NAG D . 39.05 28.99 6.20
C1 NAG D . 40.83 30.55 11.92
C2 NAG D . 40.64 30.15 13.39
C3 NAG D . 41.83 29.31 13.86
C4 NAG D . 42.03 28.11 12.95
C5 NAG D . 42.18 28.57 11.50
C6 NAG D . 42.26 27.44 10.52
C7 NAG D . 39.31 31.74 14.69
C8 NAG D . 39.33 32.97 15.55
N2 NAG D . 40.49 31.33 14.23
O3 NAG D . 41.58 28.87 15.19
O4 NAG D . 43.20 27.39 13.33
O5 NAG D . 41.04 29.36 11.12
O6 NAG D . 41.01 27.18 9.90
O7 NAG D . 38.26 31.14 14.46
C1 NAG E . -37.48 -28.74 38.73
C2 NAG E . -37.95 -29.74 39.78
C3 NAG E . -37.30 -29.45 41.12
C4 NAG E . -35.79 -29.46 40.96
C5 NAG E . -35.40 -28.48 39.86
C6 NAG E . -33.89 -28.48 39.61
C7 NAG E . -40.18 -28.85 40.42
C8 NAG E . -41.15 -29.34 41.46
N2 NAG E . -39.40 -29.79 39.89
O3 NAG E . -37.72 -30.44 42.07
O4 NAG E . -35.15 -29.11 42.19
O5 NAG E . -36.06 -28.78 38.63
O6 NAG E . -33.51 -29.77 39.11
O7 NAG E . -40.14 -27.67 40.12
C1 NAG E . -34.51 -30.26 42.78
C2 NAG E . -33.33 -29.85 43.64
C3 NAG E . -32.65 -31.09 44.17
C4 NAG E . -33.68 -31.92 44.94
C5 NAG E . -34.85 -32.26 44.03
C6 NAG E . -35.93 -33.03 44.77
C7 NAG E . -32.07 -27.82 43.26
C8 NAG E . -31.27 -27.03 42.27
N2 NAG E . -32.37 -29.06 42.89
O3 NAG E . -31.58 -30.73 45.03
O4 NAG E . -33.04 -33.11 45.43
O5 NAG E . -35.41 -31.05 43.54
O6 NAG E . -35.46 -34.33 45.16
O7 NAG E . -32.42 -27.35 44.33
C1 NAG F . 13.70 13.52 -46.68
C2 NAG F . 14.37 14.51 -45.73
C3 NAG F . 13.42 15.67 -45.44
C4 NAG F . 12.97 16.34 -46.73
C5 NAG F . 12.37 15.29 -47.67
C6 NAG F . 12.02 15.83 -49.04
C7 NAG F . 16.03 13.48 -44.24
C8 NAG F . 16.28 12.82 -42.92
N2 NAG F . 14.77 13.86 -44.49
O3 NAG F . 14.10 16.62 -44.61
O4 NAG F . 11.99 17.33 -46.46
O5 NAG F . 13.30 14.21 -47.88
O6 NAG F . 13.00 16.75 -49.49
O7 NAG F . 16.94 13.66 -45.06
C1 NAG F . 12.53 18.66 -46.68
C2 NAG F . 11.38 19.65 -46.88
C3 NAG F . 11.92 21.08 -47.04
C4 NAG F . 12.84 21.44 -45.88
C5 NAG F . 13.94 20.38 -45.73
C6 NAG F . 14.82 20.61 -44.53
C7 NAG F . 10.79 19.18 -49.28
C8 NAG F . 9.66 18.79 -50.18
N2 NAG F . 10.48 19.29 -47.98
O3 NAG F . 10.83 22.00 -47.10
O4 NAG F . 13.45 22.70 -46.12
O5 NAG F . 13.35 19.07 -45.57
O6 NAG F . 14.16 21.39 -43.54
O7 NAG F . 11.93 19.37 -49.72
C1 NAG G . -60.16 -11.78 0.87
C2 NAG G . -61.55 -12.04 0.26
C3 NAG G . -61.62 -13.44 -0.33
C4 NAG G . -60.48 -13.67 -1.32
C5 NAG G . -59.14 -13.37 -0.65
C6 NAG G . -57.97 -13.45 -1.58
C7 NAG G . -63.39 -10.77 1.27
C8 NAG G . -64.42 -10.72 2.36
N2 NAG G . -62.60 -11.84 1.24
O3 NAG G . -62.88 -13.62 -0.98
O4 NAG G . -60.49 -15.02 -1.78
O5 NAG G . -59.16 -12.03 -0.12
O6 NAG G . -57.43 -12.17 -1.87
O7 NAG G . -63.29 -9.86 0.44
C1 NAG G . -60.88 -15.05 -3.17
C2 NAG G . -60.53 -16.42 -3.76
C3 NAG G . -60.97 -16.50 -5.22
C4 NAG G . -62.45 -16.12 -5.36
C5 NAG G . -62.72 -14.77 -4.71
C6 NAG G . -64.19 -14.40 -4.68
C7 NAG G . -58.60 -17.75 -3.01
C8 NAG G . -57.11 -17.87 -2.99
N2 NAG G . -59.10 -16.69 -3.65
O3 NAG G . -60.75 -17.81 -5.71
O4 NAG G . -62.77 -16.05 -6.75
O5 NAG G . -62.29 -14.80 -3.33
O6 NAG G . -64.91 -15.22 -3.77
O7 NAG G . -59.33 -18.57 -2.47
C1 BMA G . -63.68 -17.09 -7.13
C2 BMA G . -64.17 -16.78 -8.56
C3 BMA G . -65.08 -17.91 -9.06
C4 BMA G . -64.41 -19.29 -8.91
C5 BMA G . -63.92 -19.49 -7.45
C6 BMA G . -63.18 -20.78 -7.24
O2 BMA G . -63.09 -16.68 -9.45
O3 BMA G . -65.47 -17.69 -10.42
O4 BMA G . -65.31 -20.32 -9.26
O5 BMA G . -63.06 -18.39 -7.10
O6 BMA G . -63.98 -21.86 -7.72
C1 MAN G . -66.81 -17.17 -10.46
C2 MAN G . -67.43 -17.56 -11.82
C3 MAN G . -66.79 -16.73 -12.95
C4 MAN G . -66.82 -15.22 -12.63
C5 MAN G . -66.16 -14.97 -11.27
C6 MAN G . -66.22 -13.51 -10.84
O2 MAN G . -68.83 -17.26 -11.87
O3 MAN G . -67.41 -16.98 -14.21
O4 MAN G . -66.13 -14.50 -13.64
O5 MAN G . -66.84 -15.75 -10.26
O6 MAN G . -65.31 -13.33 -9.76
C1 NAG H . -47.78 -29.79 -3.15
C2 NAG H . -48.90 -30.68 -3.64
C3 NAG H . -48.35 -31.76 -4.57
C4 NAG H . -47.46 -31.18 -5.67
C5 NAG H . -46.44 -30.20 -5.08
C6 NAG H . -45.69 -29.40 -6.13
C7 NAG H . -50.66 -30.71 -1.93
C8 NAG H . -51.28 -31.48 -0.80
N2 NAG H . -49.62 -31.28 -2.54
O3 NAG H . -49.43 -32.48 -5.15
O4 NAG H . -46.80 -32.27 -6.30
O5 NAG H . -47.09 -29.24 -4.24
O6 NAG H . -46.50 -28.33 -6.63
O7 NAG H . -51.09 -29.61 -2.27
C1 NAG H . -46.82 -32.43 -7.75
C2 NAG H . -48.03 -31.80 -8.49
C3 NAG H . -47.82 -31.80 -10.02
C4 NAG H . -46.46 -31.21 -10.38
C5 NAG H . -45.36 -31.96 -9.66
C6 NAG H . -43.99 -31.43 -9.93
C7 NAG H . -49.67 -33.70 -8.34
C8 NAG H . -51.05 -34.05 -7.87
N2 NAG H . -49.30 -32.42 -8.13
O3 NAG H . -48.86 -31.06 -10.63
O4 NAG H . -46.26 -31.30 -11.79
O5 NAG H . -45.57 -31.85 -8.24
O6 NAG H . -42.97 -32.27 -9.40
O7 NAG H . -48.92 -34.54 -8.84
C1 NAG I . 44.85 31.34 -30.81
C2 NAG I . 44.15 31.14 -32.17
C3 NAG I . 45.18 31.14 -33.30
C4 NAG I . 46.05 32.40 -33.24
C5 NAG I . 46.68 32.52 -31.85
C6 NAG I . 47.45 33.81 -31.68
C7 NAG I . 42.21 29.78 -32.82
C8 NAG I . 41.56 28.43 -32.73
N2 NAG I . 43.38 29.90 -32.18
O3 NAG I . 44.51 31.08 -34.56
O4 NAG I . 47.08 32.33 -34.21
O5 NAG I . 45.65 32.53 -30.84
O6 NAG I . 47.66 34.11 -30.30
O7 NAG I . 41.70 30.71 -33.44
C1 NAG J . 13.04 -11.56 -64.67
C2 NAG J . 13.51 -12.42 -65.85
C3 NAG J . 14.77 -13.20 -65.46
C4 NAG J . 15.84 -12.26 -64.94
C5 NAG J . 15.30 -11.40 -63.81
C6 NAG J . 16.28 -10.35 -63.34
C7 NAG J . 11.67 -13.07 -67.34
C8 NAG J . 10.64 -14.10 -67.66
N2 NAG J . 12.46 -13.32 -66.29
O3 NAG J . 15.25 -13.92 -66.60
O4 NAG J . 16.96 -13.01 -64.46
O5 NAG J . 14.12 -10.69 -64.25
O6 NAG J . 16.42 -9.30 -64.31
O7 NAG J . 11.80 -12.04 -68.01
C1 NAG K . -74.81 -1.82 9.56
C2 NAG K . -75.56 -2.78 10.50
C3 NAG K . -77.04 -2.87 10.14
C4 NAG K . -77.67 -1.48 10.15
C5 NAG K . -76.99 -0.68 9.05
C6 NAG K . -77.51 0.74 8.93
C7 NAG K . -74.81 -4.77 11.71
C8 NAG K . -74.19 -6.13 11.61
N2 NAG K . -74.97 -4.11 10.54
O3 NAG K . -77.71 -3.70 11.11
O4 NAG K . -79.07 -1.56 9.89
O5 NAG K . -75.59 -0.59 9.36
O6 NAG K . -77.40 1.49 10.13
O7 NAG K . -75.15 -4.29 12.78
C1 NAG L . -7.26 -24.25 -36.51
C2 NAG L . -6.91 -25.24 -35.39
C3 NAG L . -7.33 -26.66 -35.80
C4 NAG L . -8.81 -26.69 -36.18
C5 NAG L . -9.12 -25.63 -37.24
C6 NAG L . -10.59 -25.52 -37.55
C7 NAG L . -4.98 -25.05 -33.86
C8 NAG L . -5.97 -24.92 -32.74
N2 NAG L . -5.48 -25.20 -35.09
O3 NAG L . -7.08 -27.55 -34.73
O4 NAG L . -9.17 -27.97 -36.67
O5 NAG L . -8.69 -24.34 -36.80
O6 NAG L . -11.12 -24.27 -37.12
O7 NAG L . -3.77 -25.04 -33.66
C1 NAG M . -13.68 10.92 -49.76
C2 NAG M . -15.07 10.84 -49.12
C3 NAG M . -16.13 11.34 -50.09
C4 NAG M . -15.78 12.74 -50.59
C5 NAG M . -14.36 12.77 -51.16
C6 NAG M . -13.90 14.16 -51.54
C7 NAG M . -15.31 9.09 -47.41
C8 NAG M . -15.66 7.66 -47.13
N2 NAG M . -15.38 9.48 -48.69
O3 NAG M . -17.39 11.36 -49.44
O4 NAG M . -16.70 13.15 -51.59
O5 NAG M . -13.42 12.27 -50.20
O6 NAG M . -12.68 14.13 -52.25
O7 NAG M . -14.97 9.86 -46.51
C1 NAG N . 28.15 6.42 -57.52
C2 NAG N . 27.96 7.69 -58.34
C3 NAG N . 29.28 8.48 -58.42
C4 NAG N . 29.84 8.72 -57.01
C5 NAG N . 29.96 7.41 -56.25
C6 NAG N . 30.39 7.59 -54.81
C7 NAG N . 26.63 8.19 -60.34
C8 NAG N . 26.23 7.73 -61.71
N2 NAG N . 27.47 7.40 -59.68
O3 NAG N . 29.07 9.72 -59.08
O4 NAG N . 31.13 9.33 -57.11
O5 NAG N . 28.68 6.74 -56.22
O6 NAG N . 31.74 7.99 -54.73
O7 NAG N . 26.21 9.24 -59.87
C1 NAG O . 14.39 42.17 -28.82
C2 NAG O . 14.78 43.44 -29.59
C3 NAG O . 13.97 44.63 -29.08
C4 NAG O . 12.48 44.32 -29.13
C5 NAG O . 12.18 43.02 -28.37
C6 NAG O . 10.73 42.60 -28.47
C7 NAG O . 16.95 44.09 -30.51
C8 NAG O . 18.41 44.32 -30.22
N2 NAG O . 16.21 43.70 -29.48
O3 NAG O . 14.26 45.76 -29.88
O4 NAG O . 11.75 45.40 -28.54
O5 NAG O . 12.97 41.96 -28.91
O6 NAG O . 10.10 43.19 -29.61
O7 NAG O . 16.48 44.26 -31.63
C1 NAG P . -41.51 20.61 -22.00
C2 NAG P . -41.19 20.93 -23.46
C3 NAG P . -40.84 22.41 -23.62
C4 NAG P . -41.94 23.29 -23.04
C5 NAG P . -42.23 22.89 -21.59
C6 NAG P . -43.40 23.64 -20.99
C7 NAG P . -40.32 18.99 -24.68
C8 NAG P . -39.08 18.24 -25.11
N2 NAG P . -40.11 20.08 -23.96
O3 NAG P . -40.65 22.70 -25.00
O4 NAG P . -41.54 24.65 -23.07
O5 NAG P . -42.56 21.49 -21.53
O6 NAG P . -44.13 22.82 -20.11
O7 NAG P . -41.44 18.60 -24.98
C1 NAG Q . -74.63 13.38 25.60
C2 NAG Q . -74.94 14.64 24.76
C3 NAG Q . -74.78 15.91 25.61
C4 NAG Q . -75.60 15.80 26.88
C5 NAG Q . -75.26 14.53 27.64
C6 NAG Q . -76.12 14.31 28.86
C7 NAG Q . -72.81 14.79 23.42
C8 NAG Q . -72.29 14.86 22.01
N2 NAG Q . -74.15 14.72 23.52
O3 NAG Q . -75.19 17.04 24.85
O4 NAG Q . -75.35 16.92 27.72
O5 NAG Q . -75.45 13.39 26.79
O6 NAG Q . -77.43 13.86 28.50
O7 NAG Q . -72.06 14.81 24.39
C1 NAG R . -52.49 -12.23 58.31
C2 NAG R . -51.54 -11.78 59.43
C3 NAG R . -50.77 -12.97 60.01
C4 NAG R . -51.74 -14.07 60.44
C5 NAG R . -52.66 -14.44 59.28
C6 NAG R . -53.72 -15.45 59.66
C7 NAG R . -49.69 -10.75 58.05
C8 NAG R . -48.91 -9.49 57.84
N2 NAG R . -50.63 -10.71 59.02
O3 NAG R . -50.01 -12.54 61.14
O4 NAG R . -51.01 -15.22 60.85
O5 NAG R . -53.35 -13.27 58.81
O6 NAG R . -54.77 -15.49 58.72
O7 NAG R . -49.49 -11.76 57.37
C1 NAG S . -55.10 6.79 52.17
C2 NAG S . -55.25 7.82 53.30
C3 NAG S . -56.64 7.76 53.91
C4 NAG S . -57.71 7.90 52.83
C5 NAG S . -57.49 6.87 51.73
C6 NAG S . -58.44 7.04 50.57
C7 NAG S . -53.14 8.37 54.43
C8 NAG S . -52.19 8.01 55.53
N2 NAG S . -54.23 7.61 54.32
O3 NAG S . -56.78 8.79 54.89
O4 NAG S . -59.00 7.72 53.41
O5 NAG S . -56.17 6.99 51.21
O6 NAG S . -58.36 8.34 50.02
O7 NAG S . -52.92 9.32 53.67
C1 NAG T . -37.96 8.08 49.18
C2 NAG T . -37.73 9.51 48.66
C3 NAG T . -36.24 9.76 48.47
C4 NAG T . -35.49 9.49 49.77
C5 NAG T . -35.79 8.07 50.26
C6 NAG T . -35.18 7.77 51.61
C7 NAG T . -39.30 10.72 47.21
C8 NAG T . -39.93 10.80 45.86
N2 NAG T . -38.44 9.72 47.41
O3 NAG T . -36.04 11.11 48.08
O4 NAG T . -34.09 9.62 49.57
O5 NAG T . -37.21 7.89 50.40
O6 NAG T . -35.97 6.84 52.34
O7 NAG T . -39.55 11.54 48.09
C1 NAG U . -46.82 26.77 15.51
C2 NAG U . -48.18 27.47 15.38
C3 NAG U . -48.05 28.72 14.52
C4 NAG U . -46.94 29.64 15.05
C5 NAG U . -45.63 28.85 15.18
C6 NAG U . -44.53 29.65 15.83
C7 NAG U . -50.14 26.00 15.55
C8 NAG U . -51.09 25.10 14.81
N2 NAG U . -49.17 26.57 14.82
O3 NAG U . -49.29 29.42 14.52
O4 NAG U . -46.74 30.73 14.17
O5 NAG U . -45.85 27.69 16.01
O6 NAG U . -43.41 28.83 16.13
O7 NAG U . -50.25 26.21 16.75
C1 NAG V . -46.63 17.83 35.44
C2 NAG V . -47.50 18.88 36.14
C3 NAG V . -47.65 20.13 35.29
C4 NAG V . -46.28 20.65 34.85
C5 NAG V . -45.52 19.54 34.13
C6 NAG V . -44.11 19.95 33.73
C7 NAG V . -49.08 17.71 37.63
C8 NAG V . -50.49 17.22 37.80
N2 NAG V . -48.81 18.34 36.48
O3 NAG V . -48.34 21.13 36.02
O4 NAG V . -46.44 21.75 33.95
O5 NAG V . -45.38 18.42 35.02
O6 NAG V . -43.55 19.04 32.82
O7 NAG V . -48.23 17.56 38.50
C1 NAG W . -36.42 -7.26 54.70
C2 NAG W . -37.49 -8.10 55.40
C3 NAG W . -37.18 -8.24 56.89
C4 NAG W . -35.77 -8.79 57.09
C5 NAG W . -34.76 -7.93 56.35
C6 NAG W . -33.36 -8.48 56.39
C7 NAG W . -39.84 -8.20 54.70
C8 NAG W . -41.13 -7.44 54.58
N2 NAG W . -38.81 -7.52 55.22
O3 NAG W . -38.13 -9.12 57.50
O4 NAG W . -35.44 -8.82 58.47
O5 NAG W . -35.12 -7.84 54.96
O6 NAG W . -33.31 -9.83 55.92
O7 NAG W . -39.74 -9.36 54.34
C1 NAG X . 11.10 9.61 38.84
C2 NAG X . 10.04 8.60 39.29
C3 NAG X . 10.01 8.47 40.81
C4 NAG X . 11.39 8.17 41.36
C5 NAG X . 12.40 9.22 40.86
C6 NAG X . 13.82 8.92 41.27
C7 NAG X . 7.78 8.07 38.45
C8 NAG X . 6.48 8.63 37.96
N2 NAG X . 8.72 8.97 38.78
O3 NAG X . 9.10 7.45 41.20
O4 NAG X . 11.37 8.18 42.77
O5 NAG X . 12.38 9.26 39.43
O6 NAG X . 13.88 7.89 42.26
O7 NAG X . 7.98 6.87 38.53
C1 NAG Y . -3.68 44.83 -3.98
C2 NAG Y . -4.56 45.12 -2.77
C3 NAG Y . -5.86 45.77 -3.20
C4 NAG Y . -5.59 47.01 -4.04
C5 NAG Y . -4.64 46.69 -5.20
C6 NAG Y . -4.20 47.91 -5.96
C7 NAG Y . -4.23 43.64 -0.83
C8 NAG Y . -4.61 42.34 -0.18
N2 NAG Y . -4.82 43.90 -2.00
O3 NAG Y . -6.63 46.11 -2.05
O4 NAG Y . -6.81 47.53 -4.56
O5 NAG Y . -3.45 46.05 -4.71
O6 NAG Y . -4.02 49.02 -5.10
O7 NAG Y . -3.42 44.41 -0.33
C1 NAG Z . 20.31 -29.83 -39.43
C2 NAG Z . 19.83 -31.27 -39.19
C3 NAG Z . 18.82 -31.69 -40.27
C4 NAG Z . 17.69 -30.67 -40.39
C5 NAG Z . 18.28 -29.27 -40.60
C6 NAG Z . 17.23 -28.18 -40.66
C7 NAG Z . 21.41 -32.74 -38.02
C8 NAG Z . 22.58 -33.67 -38.18
N2 NAG Z . 20.94 -32.19 -39.16
O3 NAG Z . 18.29 -32.97 -39.96
O4 NAG Z . 16.85 -31.00 -41.48
O5 NAG Z . 19.17 -28.95 -39.53
O6 NAG Z . 15.94 -28.71 -40.91
O7 NAG Z . 20.91 -32.49 -36.93
C1 NAG AA . 41.85 -26.37 -6.62
C2 NAG AA . 42.15 -27.19 -7.88
C3 NAG AA . 40.84 -27.67 -8.50
C4 NAG AA . 40.00 -28.44 -7.48
C5 NAG AA . 39.80 -27.59 -6.21
C6 NAG AA . 39.09 -28.35 -5.12
C7 NAG AA . 44.21 -26.64 -9.13
C8 NAG AA . 44.87 -27.78 -8.39
N2 NAG AA . 42.92 -26.42 -8.83
O3 NAG AA . 41.12 -28.50 -9.62
O4 NAG AA . 38.75 -28.77 -8.04
O5 NAG AA . 41.07 -27.17 -5.69
O6 NAG AA . 38.29 -29.40 -5.65
O7 NAG AA . 44.82 -25.95 -9.94
C1 NAG BA . 23.88 -45.63 8.31
C2 NAG BA . 24.13 -46.67 7.21
C3 NAG BA . 23.25 -47.90 7.44
C4 NAG BA . 23.44 -48.45 8.84
C5 NAG BA . 23.20 -47.35 9.88
C6 NAG BA . 23.48 -47.78 11.29
C7 NAG BA . 24.87 -45.66 5.10
C8 NAG BA . 24.44 -45.11 3.77
N2 NAG BA . 23.89 -46.11 5.89
O3 NAG BA . 23.58 -48.90 6.48
O4 NAG BA . 22.52 -49.52 9.09
O5 NAG BA . 24.08 -46.24 9.60
O6 NAG BA . 23.20 -46.75 12.22
O7 NAG BA . 26.05 -45.68 5.45
C1 NAG CA . -15.41 -47.84 6.07
C2 NAG CA . -14.42 -48.96 6.42
C3 NAG CA . -13.96 -49.67 5.14
C4 NAG CA . -15.16 -50.15 4.34
C5 NAG CA . -16.11 -48.98 4.06
C6 NAG CA . -17.39 -49.41 3.37
C7 NAG CA . -13.15 -48.57 8.47
C8 NAG CA . -11.89 -47.99 9.06
N2 NAG CA . -13.27 -48.45 7.15
O3 NAG CA . -13.15 -50.78 5.49
O4 NAG CA . -14.73 -50.71 3.09
O5 NAG CA . -16.50 -48.37 5.30
O6 NAG CA . -18.48 -49.46 4.29
O7 NAG CA . -13.99 -49.13 9.16
C1 NAG DA . -44.36 -38.19 23.27
C2 NAG DA . -43.09 -38.46 24.08
C3 NAG DA . -41.95 -38.90 23.15
C4 NAG DA . -42.38 -40.08 22.30
C5 NAG DA . -43.66 -39.74 21.53
C6 NAG DA . -44.21 -40.91 20.75
C7 NAG DA . -42.56 -37.29 26.18
C8 NAG DA . -42.14 -36.00 26.80
N2 NAG DA . -42.69 -37.29 24.85
O3 NAG DA . -40.81 -39.26 23.93
O4 NAG DA . -41.35 -40.41 21.37
O5 NAG DA . -44.69 -39.34 22.46
O6 NAG DA . -45.13 -41.66 21.52
O7 NAG DA . -42.76 -38.30 26.85
C1 NAG EA . -53.72 -35.71 10.88
C2 NAG EA . -55.01 -35.45 10.08
C3 NAG EA . -55.48 -36.74 9.37
C4 NAG EA . -54.34 -37.35 8.56
C5 NAG EA . -53.12 -37.56 9.43
C6 NAG EA . -51.92 -38.07 8.67
C7 NAG EA . -56.68 -35.38 11.95
C8 NAG EA . -57.74 -34.52 12.57
N2 NAG EA . -56.07 -34.85 10.87
O3 NAG EA . -56.57 -36.43 8.53
O4 NAG EA . -54.76 -38.59 8.01
O5 NAG EA . -52.72 -36.31 10.03
O6 NAG EA . -51.82 -37.46 7.40
O7 NAG EA . -56.40 -36.48 12.41
C1 NAG FA . -68.48 -34.01 19.73
C2 NAG FA . -69.79 -33.51 19.11
C3 NAG FA . -69.83 -33.84 17.61
C4 NAG FA . -68.56 -33.33 16.93
C5 NAG FA . -67.31 -33.82 17.65
C6 NAG FA . -66.03 -33.30 17.07
C7 NAG FA . -72.11 -33.45 19.94
C8 NAG FA . -73.18 -34.22 20.66
N2 NAG FA . -70.95 -34.10 19.79
O3 NAG FA . -70.97 -33.25 17.01
O4 NAG FA . -68.53 -33.78 15.58
O5 NAG FA . -67.36 -33.43 19.03
O6 NAG FA . -66.26 -32.55 15.88
O7 NAG FA . -72.28 -32.32 19.52
C1 NAG GA . -55.24 -36.88 33.72
C2 NAG GA . -56.04 -35.60 33.93
C3 NAG GA . -56.66 -35.59 35.34
C4 NAG GA . -57.48 -36.86 35.57
C5 NAG GA . -56.64 -38.10 35.26
C6 NAG GA . -57.44 -39.38 35.34
C7 NAG GA . -55.22 -33.72 32.60
C8 NAG GA . -54.28 -32.55 32.54
N2 NAG GA . -55.20 -34.43 33.73
O3 NAG GA . -57.49 -34.45 35.49
O4 NAG GA . -57.92 -36.91 36.91
O5 NAG GA . -56.11 -38.03 33.92
O6 NAG GA . -57.54 -39.85 36.68
O7 NAG GA . -55.95 -34.00 31.65
C1 NAG HA . -6.37 -39.10 -9.22
C2 NAG HA . -7.86 -38.79 -9.39
C3 NAG HA . -8.64 -40.07 -9.66
C4 NAG HA . -8.05 -40.83 -10.84
C5 NAG HA . -6.56 -41.07 -10.62
C6 NAG HA . -5.87 -41.70 -11.81
C7 NAG HA . -8.47 -36.79 -8.10
C8 NAG HA . -9.04 -36.27 -6.81
N2 NAG HA . -8.39 -38.12 -8.21
O3 NAG HA . -10.00 -39.76 -9.92
O4 NAG HA . -8.71 -42.08 -11.00
O5 NAG HA . -5.90 -39.82 -10.38
O6 NAG HA . -5.57 -40.74 -12.81
O7 NAG HA . -8.10 -36.04 -9.00
#